data_9I4X
#
_entry.id   9I4X
#
_cell.length_a   1.00
_cell.length_b   1.00
_cell.length_c   1.00
_cell.angle_alpha   90.00
_cell.angle_beta   90.00
_cell.angle_gamma   90.00
#
_symmetry.space_group_name_H-M   'P 1'
#
loop_
_entity.id
_entity.type
_entity.pdbx_description
1 polymer 'Cytochrome b'
2 polymer 'Cytochrome c1, heme protein'
3 polymer 'Putative ubiquinol cytochrome c oxidoreductase'
4 polymer 'Putative peptidase M16 family potein'
5 polymer Alpha-MPP
6 polymer 'Putative ubiquinol-cytochrome c reductase hinge protein'
7 polymer 'Ubiquinol-cytochrome c reductase'
8 polymer 'QCR8, TGGT1_227910'
9 polymer 'Ubiquinol-cytochrome C family reductase UQCRX/QCR9-like protein'
10 polymer 'Transmembrane protein'
11 polymer 'Transmembrane protein'
12 polymer 'Transmembrane protein'
13 non-polymer CARDIOLIPIN
14 non-polymer 2-[trans-4-(4-chlorophenyl)cyclohexyl]-3-hydroxynaphthalene-1,4-dione
15 non-polymer 6-chloranyl-7-methoxy-2-methyl-3-[4-[4-(trifluoromethyloxy)phenoxy]phenyl]-1~{H}-quinolin-4-one
16 non-polymer 'PROTOPORPHYRIN IX CONTAINING FE'
17 non-polymer 'HEME C'
18 non-polymer 'FE2/S2 (INORGANIC) CLUSTER'
19 non-polymer 1,2-DIACYL-SN-GLYCERO-3-PHOSPHOCHOLINE
20 non-polymer 'ZINC ION'
21 water water
#
loop_
_entity_poly.entity_id
_entity_poly.type
_entity_poly.pdbx_seq_one_letter_code
_entity_poly.pdbx_strand_id
1 'polypeptide(L)'
;MVSRTLSLFMSLFRAHLVFYRCALNLNSSYNFGFLVAMTFVLQIITGITLAFRYTSEASCAFASVQHLVREVAAGWEFRM
LHATTASFVFLCILIHMTRGLYNWSYSYLTTAWMSGLVLYLLTIATAFLGYVLPWGQMSFWGATVITNLLSPIPYLVPWL
LGGYYVSDVTLKRFFVLHFILPFIGCIIIVLHIFYLHLNGSSNPAGIDTALKVAFYPHMLMTDAKCLSYLIGLIFLQAAF
GLMELSHPDNSIPVNRFVTPLHIVPEWYFLAYYAVLKVIPSKTGGLLVFMSSLINLGLLSEIRALNTRMLIRQQFMTRNV
VSGWVIIWVYSMIFLIIIGSAIPQATYILYGRLATILYLTTGLVLCLY
;
A,a
2 'polypeptide(L)'
;MGGGGGGALNKLFPGYKDKIWMKVPVQWRQQMIQHWNKSYEKQVYSESVALNRTFQARNQLVLDRLKPSGAYRLPAVDYK
RQLSRGTLVEGADFYLPTAQEQQRLARHFEPYSEQEQEERRKFRFQSISVYLAVALGASFVHDYFYQRRPVAWCLEKEPP
HPPSYPFWFKSLFHSHDIPSVRRGYEVYRKVCATCHSMEQLHFRHLVGEVLPEKRVKQIAAEYDVTDGPNDQGEMYTRPG
ILGDAFPSPYPNEEAARYANGGAYPPDLSLITAARHFGPDYLMALLGGYRDPPEGVELRPGLYWNVWFPGNAIAMPPPLM
DEMIDYEDGTPCNISQMSKDVVNFLTWATEPTADERKLYGLKCVSAIAIGTVLMTLWWRFYWAMYATRRIDFGKLKYL
;
B,b
3 'polypeptide(L)'
;MRHLARCASRRAVKWTERDSPVANFLRSSSCCPFQLLQASRAKIQRLRTSERFRLRSAQKLAPTRFPPFTHGPLFFSLPS
RLTVPSSLRSLSAFSAPLSLPFRGTMAFLSSPLFAAKASLAARVHALGCSTTSLTSPLAARALAASSLSLFSVSPRRHFS
VHSHNIRPDKHELPASEVPLYYNRFDQADHPSLWQLEEEQQRKHLDQEVTDVSQLVEPVSSPHQTEGWFKRLRYWHYKET
AEPTFPRTPDLSKGELAAGATVTRTSVWHDPNEPAIVSVSRFAPDNFRAVGFAENVPNPESTNSDSHPDFREYRLGPGSV
DRRPFVYFMSASYFFITASMMRSFLCKWVHYWWVSRDMLAAGTTEVDLRPIQEGMTAVFKWRGKPVFVRHRTAEDIAKAQ
ADDALIGTMKDPQLDSERCPRPQWLINIGVCTHLGCIPTDGGNYGGWFCPCHGSHYDTSGRIRLGPAPSNLELPPTVFLD
DHTVKLG
;
C,c
4 'polypeptide(L)'
;MMFRFLPRVASGASSLSVSQRRLRASFSSSLQSRGFFSAAPAAATAGVSPLARSVDAAIPEEAFNQPPTLTTTLPNGIRV
ATQRLPFHQTATVGVWIDSGSRYDTKETNGAAHFLEHMTFKGTKRRSRIQLEQEIENMGAHLNAYTSREQTVYYAKAFKK
DIPQCVDILSDILLNSTIDEEAVQMEKHVILREMEEVERQTEEVIFDRLHTTAFRDSPLGYTILGPEENIRNMTREHILE
YINRNYTSDRMVVAAAGDVDHKELTALVEKHFAGLPQPKRSKIILPTEKPFFCGSELLHRNDDMGPTAHVAVGFEGVPWK
SPDAVTFMLMQAIVGSYRKHDEGIVPGKVSANATVRNVCNKMTVGCADMFSAFNTCYSDTGLFGFYAQCDEVALEHCVME
IMFGITSLSYAVTDEEVERAKAQLKTQLLGHLDSTTAVAEDIGRQMLAYGRRMPLAEFLKRLEVIDAEEVKRVAWKYLHD
AEVAVAGLGPLFGMPQLINLRRATFWLRY
;
D,d
5 'polypeptide(L)'
;MNASILFRRNAPGVSTCLRRRCLRPAALAAASASGVSTPASGVWTPAFQRTEKRFLSGAALQPKAGPAPEYRRVPFVKED
MEKVMEEVPEFKYYYVGKENTKGNVYEGIPLDQSILEPADLRDYVPPHSNIQYSKLDNGLRIASMDRGGLTASLGLFVHA
GTRFEDVTNFGVTHMIQNLAFASTAHLSLLRTVKTIEVLGANAGCVVGREHLVYSAECLRSHMPLLVPMLTGNVLFPRFL
PWELKACKEKLIMARKRLEHMPDQMVSELLHTTAWHNNTLGHKLHCTERSLGHYNPDVIRHYMLQHFSPENMVFVGVNVN
HDELCTWLMRAFVDYNAIPPSKRTVASPVYTGGDVRLETPSPHAHMAIAFETPGGWNGGDLVAYSVLQTILGGGGAFSTG
GPGKGMYTRLYLNVLNQNEWVESAMAFNTQYTDSGIFGLYMLADPTKSANAVKVMAEQFGKMGSVTKEELQRAKNSLKSS
IFMNLECRGIVMEDVGRQLLMSNRVISPQEFCTAIDAVTEADIKRVVDAMYKKPPTVVAYGDVSTVPHYEEVRAALRAAG
VGK
;
E,e
6 'polypeptide(L)'
;MSYPYYCEFFVKFPNYIPPKDPAERLVDPRQKLEPGCTARCSLWVNEYDACTKRVRARTDNKGNCSGQYEELHVCIDRCV
AKDIFKYLK
;
F,f
7 'polypeptide(L)'
;MAQFHREIGKLFASYSNKITANSPVQYVPSPPTKGKVRRALSSALMPVWFKFFRGPLDRWNLAVMAKYLRDHGLMYDDLY
SDKEPVFARALELLPPDIQAARFRRLMRGTYLNHLRLYLPVHEQNYDPFIPYMAPYVEEAKFQLQEEEELLGYHMWEGVW
YSGGVTGFGDKEPGEHFLVALPNLYGAGGSPMQAGGKHFSSHAASAARARLATLAQKRLEEAMQQRERQSVSQN
;
G,g
8 'polypeptide(L)'
;MAASRLCQYLAGRGQTGLLSLSAPRLGAPKFERKMLGSYPVSPEFEMVWRDRLTAHGGYIQQTISPYQLKFIYPFWHTFF
ARCWCKCSAYAWPWVWPGLITFGLVKKMNHDVEEDIRDHYWY
;
H,h
9 'polypeptide(L)'
;MHFSGVFLRTSRVFLASESSAAGSKVAKSLPGIRFGNPWRDDYPEWIWKSLRVSRKDKDMFAPFFKLLNATKLYEYCLKD
NRRYCMFVMGVGLVSSWMWSEWWNSVWRRINKGKLYNDVPYVYPEEDE
;
I,i
10 'polypeptide(L)' MSRAVYAKLWASTAQYTQRRHYAWYQIWSRVIPWSVPWGIFAMWMVFPAMPVEYRQALTFGIWQKPNIGTHGPDPADAKK J,j
11 'polypeptide(L)'
;MATHNCLRQTAAQMLGQNANVFRFFSKSAPSRPSGNVALESVKNAAVAETETFAGRANVAAGTGKLEGSLLPPPHIPGIR
RAPREPASPKMAGMEGRMPVRLPPEGSRFRQYVDPRADVYFPLTAVLVTLGPLYMFSKAFF
;
K,k
12 'polypeptide(L)'
;MNCPNLPAPEEFVVPVFSAGPPVGKNCFHCGIRLRRGHSSPTYSFPPYCVTMSYGNGTVLMPIVRRVFIGALVGIYAYAA
TDVVLIPGYAQLMQKWKKGSSTPAHGGGH
;
L,l
#
# COMPACT_ATOMS: atom_id res chain seq x y z
N PHE A 9 3.75 -8.35 2.61
CA PHE A 9 2.59 -9.02 2.05
C PHE A 9 1.92 -9.89 3.12
N MET A 10 2.64 -10.10 4.23
CA MET A 10 2.06 -10.81 5.37
C MET A 10 0.97 -9.98 6.05
N SER A 11 1.20 -8.68 6.19
CA SER A 11 0.22 -7.78 6.81
C SER A 11 -1.09 -7.80 6.04
N LEU A 12 -1.01 -7.80 4.70
CA LEU A 12 -2.20 -7.95 3.87
C LEU A 12 -2.86 -9.31 4.10
N PHE A 13 -2.05 -10.37 4.17
CA PHE A 13 -2.58 -11.69 4.44
C PHE A 13 -3.43 -11.68 5.70
N ARG A 14 -2.91 -11.07 6.77
CA ARG A 14 -3.63 -11.00 8.03
C ARG A 14 -4.88 -10.13 7.92
N ALA A 15 -4.78 -9.00 7.22
CA ALA A 15 -5.93 -8.11 7.13
C ALA A 15 -7.10 -8.77 6.41
N HIS A 16 -6.82 -9.54 5.35
CA HIS A 16 -7.91 -10.03 4.51
C HIS A 16 -8.34 -11.46 4.81
N LEU A 17 -7.47 -12.32 5.36
CA LEU A 17 -7.84 -13.72 5.55
C LEU A 17 -7.80 -14.18 7.01
N VAL A 18 -7.58 -13.28 7.96
CA VAL A 18 -7.56 -13.67 9.37
C VAL A 18 -8.43 -12.75 10.23
N PHE A 19 -8.24 -11.44 10.12
CA PHE A 19 -9.00 -10.48 10.92
C PHE A 19 -10.25 -9.97 10.22
N TYR A 20 -10.43 -10.30 8.95
CA TYR A 20 -11.61 -9.87 8.19
C TYR A 20 -12.88 -10.40 8.84
N ARG A 21 -13.87 -9.54 8.98
CA ARG A 21 -15.07 -9.83 9.76
C ARG A 21 -16.28 -9.97 8.85
N CYS A 22 -16.96 -11.11 8.98
CA CYS A 22 -18.06 -11.58 8.16
C CYS A 22 -19.36 -11.48 8.95
N ALA A 23 -20.46 -11.91 8.34
CA ALA A 23 -21.71 -12.02 9.08
C ALA A 23 -21.86 -13.42 9.65
N LEU A 24 -22.53 -13.49 10.81
CA LEU A 24 -22.65 -14.74 11.54
C LEU A 24 -23.34 -15.83 10.73
N ASN A 25 -24.30 -15.45 9.89
CA ASN A 25 -25.19 -16.40 9.24
C ASN A 25 -24.77 -16.73 7.81
N LEU A 26 -23.46 -16.74 7.53
CA LEU A 26 -22.97 -17.19 6.24
C LEU A 26 -22.88 -18.72 6.26
N ASN A 27 -23.77 -19.37 5.50
CA ASN A 27 -23.83 -20.82 5.44
C ASN A 27 -23.00 -21.33 4.27
N SER A 28 -23.11 -22.62 3.97
CA SER A 28 -22.21 -23.23 2.99
C SER A 28 -22.31 -22.58 1.63
N SER A 29 -23.47 -22.03 1.26
CA SER A 29 -23.63 -21.51 -0.09
C SER A 29 -22.65 -20.40 -0.40
N TYR A 30 -21.97 -19.85 0.61
CA TYR A 30 -20.98 -18.81 0.42
C TYR A 30 -19.55 -19.35 0.42
N ASN A 31 -19.38 -20.67 0.30
CA ASN A 31 -18.05 -21.29 0.33
C ASN A 31 -17.56 -21.71 -1.05
N PHE A 32 -18.34 -21.51 -2.10
CA PHE A 32 -18.00 -22.12 -3.37
C PHE A 32 -16.99 -21.32 -4.19
N GLY A 33 -16.85 -20.02 -3.93
CA GLY A 33 -15.75 -19.26 -4.51
C GLY A 33 -14.37 -19.82 -4.18
N PHE A 34 -14.11 -19.91 -2.87
CA PHE A 34 -12.90 -20.57 -2.39
C PHE A 34 -12.68 -21.88 -3.11
N LEU A 35 -13.75 -22.65 -3.31
CA LEU A 35 -13.65 -23.96 -3.93
C LEU A 35 -13.20 -23.86 -5.40
N VAL A 36 -13.76 -22.91 -6.15
CA VAL A 36 -13.35 -22.81 -7.55
C VAL A 36 -11.89 -22.36 -7.63
N ALA A 37 -11.48 -21.46 -6.74
CA ALA A 37 -10.07 -21.08 -6.69
C ALA A 37 -9.18 -22.29 -6.46
N MET A 38 -9.57 -23.16 -5.54
CA MET A 38 -8.76 -24.33 -5.23
C MET A 38 -8.69 -25.28 -6.41
N THR A 39 -9.80 -25.48 -7.10
CA THR A 39 -9.75 -26.30 -8.30
C THR A 39 -8.85 -25.68 -9.36
N PHE A 40 -8.76 -24.35 -9.38
CA PHE A 40 -7.83 -23.67 -10.28
C PHE A 40 -6.38 -24.00 -9.94
N VAL A 41 -5.99 -23.80 -8.68
CA VAL A 41 -4.62 -24.10 -8.25
C VAL A 41 -4.26 -25.54 -8.55
N LEU A 42 -5.18 -26.45 -8.24
CA LEU A 42 -4.95 -27.87 -8.43
C LEU A 42 -4.80 -28.22 -9.91
N GLN A 43 -5.69 -27.66 -10.73
CA GLN A 43 -5.63 -27.87 -12.17
C GLN A 43 -4.32 -27.32 -12.75
N ILE A 44 -3.80 -26.24 -12.16
CA ILE A 44 -2.51 -25.69 -12.60
C ILE A 44 -1.38 -26.66 -12.30
N ILE A 45 -1.35 -27.21 -11.08
CA ILE A 45 -0.30 -28.19 -10.76
C ILE A 45 -0.31 -29.34 -11.76
N THR A 46 -1.50 -29.94 -11.96
CA THR A 46 -1.55 -31.11 -12.85
C THR A 46 -1.27 -30.73 -14.30
N GLY A 47 -1.78 -29.59 -14.76
CA GLY A 47 -1.35 -29.04 -16.02
C GLY A 47 0.15 -29.04 -16.23
N ILE A 48 0.88 -28.35 -15.35
CA ILE A 48 2.31 -28.21 -15.56
C ILE A 48 2.97 -29.58 -15.62
N THR A 49 2.60 -30.50 -14.73
CA THR A 49 3.27 -31.79 -14.76
C THR A 49 2.83 -32.66 -15.94
N LEU A 50 1.69 -32.36 -16.56
CA LEU A 50 1.33 -33.02 -17.82
C LEU A 50 2.13 -32.45 -18.99
N ALA A 51 2.45 -31.16 -18.95
CA ALA A 51 3.17 -30.54 -20.05
C ALA A 51 4.56 -31.14 -20.24
N PHE A 52 5.15 -31.67 -19.16
CA PHE A 52 6.51 -32.19 -19.24
C PHE A 52 6.65 -33.39 -20.16
N ARG A 53 5.53 -34.06 -20.51
CA ARG A 53 5.60 -35.28 -21.31
C ARG A 53 4.65 -35.28 -22.51
N TYR A 54 3.96 -34.18 -22.77
CA TYR A 54 3.03 -34.09 -23.88
C TYR A 54 3.76 -33.69 -25.16
N THR A 55 3.28 -34.20 -26.30
CA THR A 55 3.83 -33.89 -27.61
C THR A 55 2.81 -33.09 -28.42
N SER A 56 3.25 -31.96 -28.96
CA SER A 56 2.39 -31.08 -29.75
C SER A 56 2.65 -31.28 -31.24
N GLU A 57 2.34 -32.48 -31.72
CA GLU A 57 2.45 -32.79 -33.15
C GLU A 57 1.22 -33.58 -33.59
N ALA A 58 0.63 -33.17 -34.71
CA ALA A 58 -0.58 -33.84 -35.19
C ALA A 58 -0.32 -35.30 -35.52
N SER A 59 0.90 -35.63 -35.96
CA SER A 59 1.26 -37.00 -36.29
C SER A 59 1.28 -37.91 -35.07
N CYS A 60 1.49 -37.36 -33.86
CA CYS A 60 1.78 -38.23 -32.72
C CYS A 60 1.25 -37.73 -31.37
N ALA A 61 0.42 -36.68 -31.32
CA ALA A 61 -0.13 -36.20 -30.05
C ALA A 61 -0.86 -37.33 -29.30
N PHE A 62 -1.77 -38.00 -29.99
CA PHE A 62 -2.60 -39.05 -29.42
C PHE A 62 -1.77 -40.10 -28.69
N ALA A 63 -0.80 -40.68 -29.40
CA ALA A 63 0.08 -41.67 -28.78
C ALA A 63 0.90 -41.05 -27.66
N SER A 64 1.16 -39.74 -27.72
CA SER A 64 1.85 -39.09 -26.62
C SER A 64 1.02 -39.16 -25.34
N VAL A 65 -0.29 -38.93 -25.46
CA VAL A 65 -1.14 -39.02 -24.27
C VAL A 65 -1.25 -40.47 -23.82
N GLN A 66 -1.25 -41.42 -24.76
CA GLN A 66 -1.34 -42.82 -24.34
C GLN A 66 -0.07 -43.29 -23.63
N HIS A 67 1.08 -42.72 -24.00
CA HIS A 67 2.33 -43.13 -23.36
C HIS A 67 2.33 -42.82 -21.87
N LEU A 68 1.83 -41.64 -21.48
CA LEU A 68 1.71 -41.32 -20.07
C LEU A 68 0.97 -42.42 -19.31
N VAL A 69 -0.17 -42.85 -19.85
CA VAL A 69 -1.00 -43.82 -19.14
C VAL A 69 -0.31 -45.18 -19.10
N ARG A 70 0.33 -45.59 -20.20
CA ARG A 70 0.80 -46.96 -20.27
C ARG A 70 2.17 -47.17 -19.64
N GLU A 71 3.13 -46.27 -19.86
CA GLU A 71 4.54 -46.56 -19.59
C GLU A 71 5.19 -45.68 -18.54
N VAL A 72 4.43 -44.81 -17.86
CA VAL A 72 5.01 -43.86 -16.91
C VAL A 72 4.47 -44.14 -15.52
N ALA A 73 5.36 -44.07 -14.52
CA ALA A 73 4.92 -44.25 -13.15
C ALA A 73 3.94 -43.16 -12.74
N ALA A 74 2.83 -43.57 -12.15
CA ALA A 74 1.74 -42.67 -11.77
C ALA A 74 1.25 -41.84 -12.95
N GLY A 75 1.65 -42.24 -14.17
CA GLY A 75 1.20 -41.54 -15.37
C GLY A 75 -0.30 -41.34 -15.45
N TRP A 76 -1.06 -42.38 -15.09
CA TRP A 76 -2.51 -42.35 -15.26
C TRP A 76 -3.17 -41.34 -14.33
N GLU A 77 -2.61 -41.19 -13.13
CA GLU A 77 -3.25 -40.42 -12.08
C GLU A 77 -3.36 -38.95 -12.45
N PHE A 78 -2.30 -38.36 -13.00
CA PHE A 78 -2.35 -36.92 -13.31
C PHE A 78 -3.31 -36.63 -14.45
N ARG A 79 -3.28 -37.46 -15.49
CA ARG A 79 -4.23 -37.27 -16.58
C ARG A 79 -5.66 -37.32 -16.08
N MET A 80 -5.98 -38.31 -15.24
CA MET A 80 -7.37 -38.47 -14.82
C MET A 80 -7.78 -37.39 -13.82
N LEU A 81 -6.89 -36.97 -12.92
CA LEU A 81 -7.21 -35.85 -12.05
C LEU A 81 -7.47 -34.60 -12.87
N HIS A 82 -6.63 -34.34 -13.87
CA HIS A 82 -6.82 -33.17 -14.72
C HIS A 82 -8.14 -33.23 -15.46
N ALA A 83 -8.48 -34.41 -16.01
CA ALA A 83 -9.73 -34.55 -16.74
C ALA A 83 -10.94 -34.34 -15.84
N THR A 84 -10.91 -34.90 -14.62
CA THR A 84 -12.10 -34.89 -13.79
C THR A 84 -12.28 -33.56 -13.06
N THR A 85 -11.19 -32.89 -12.68
CA THR A 85 -11.32 -31.63 -11.96
C THR A 85 -11.98 -30.54 -12.80
N ALA A 86 -11.92 -30.65 -14.12
CA ALA A 86 -12.58 -29.67 -14.99
C ALA A 86 -14.08 -29.63 -14.73
N SER A 87 -14.71 -30.81 -14.66
CA SER A 87 -16.13 -30.88 -14.38
C SER A 87 -16.47 -30.17 -13.08
N PHE A 88 -15.64 -30.34 -12.06
CA PHE A 88 -15.89 -29.68 -10.78
C PHE A 88 -15.67 -28.18 -10.87
N VAL A 89 -14.68 -27.73 -11.66
CA VAL A 89 -14.55 -26.31 -11.92
C VAL A 89 -15.89 -25.75 -12.37
N PHE A 90 -16.47 -26.36 -13.40
CA PHE A 90 -17.69 -25.80 -13.98
C PHE A 90 -18.89 -25.94 -13.04
N LEU A 91 -19.01 -27.08 -12.37
CA LEU A 91 -20.12 -27.28 -11.44
C LEU A 91 -20.09 -26.24 -10.33
N CYS A 92 -18.92 -26.04 -9.73
CA CYS A 92 -18.78 -25.04 -8.67
C CYS A 92 -19.06 -23.64 -9.20
N ILE A 93 -18.62 -23.32 -10.43
CA ILE A 93 -18.89 -21.99 -10.97
C ILE A 93 -20.39 -21.78 -11.13
N LEU A 94 -21.11 -22.80 -11.61
CA LEU A 94 -22.53 -22.63 -11.84
C LEU A 94 -23.28 -22.47 -10.52
N ILE A 95 -22.93 -23.25 -9.49
CA ILE A 95 -23.53 -23.03 -8.18
C ILE A 95 -23.23 -21.61 -7.70
N HIS A 96 -21.99 -21.16 -7.91
CA HIS A 96 -21.55 -19.85 -7.45
C HIS A 96 -22.30 -18.72 -8.14
N MET A 97 -22.57 -18.88 -9.44
CA MET A 97 -23.37 -17.90 -10.17
C MET A 97 -24.82 -17.89 -9.70
N THR A 98 -25.42 -19.08 -9.62
CA THR A 98 -26.84 -19.15 -9.27
C THR A 98 -27.09 -18.59 -7.88
N ARG A 99 -26.15 -18.75 -6.96
CA ARG A 99 -26.32 -18.17 -5.63
C ARG A 99 -26.55 -16.67 -5.72
N GLY A 100 -25.87 -16.00 -6.65
CA GLY A 100 -25.88 -14.56 -6.65
C GLY A 100 -26.98 -14.03 -7.54
N LEU A 101 -27.45 -14.85 -8.49
CA LEU A 101 -28.73 -14.57 -9.12
C LEU A 101 -29.86 -14.68 -8.11
N TYR A 102 -29.82 -15.71 -7.26
CA TYR A 102 -30.84 -15.91 -6.24
C TYR A 102 -30.89 -14.75 -5.26
N ASN A 103 -29.73 -14.28 -4.82
CA ASN A 103 -29.68 -13.22 -3.82
C ASN A 103 -29.76 -11.80 -4.39
N TRP A 104 -29.65 -11.63 -5.70
CA TRP A 104 -29.47 -10.31 -6.32
C TRP A 104 -28.21 -9.63 -5.77
N SER A 105 -27.11 -10.37 -5.79
CA SER A 105 -25.82 -9.86 -5.32
C SER A 105 -25.39 -8.65 -6.13
N TYR A 106 -25.67 -8.66 -7.42
CA TYR A 106 -25.23 -7.62 -8.35
C TYR A 106 -25.85 -6.25 -8.06
N SER A 107 -26.76 -6.15 -7.10
CA SER A 107 -27.36 -4.85 -6.79
C SER A 107 -26.29 -3.85 -6.40
N TYR A 108 -25.34 -4.26 -5.55
CA TYR A 108 -24.30 -3.38 -5.07
C TYR A 108 -22.90 -3.89 -5.37
N LEU A 109 -22.72 -5.18 -5.65
CA LEU A 109 -21.44 -5.74 -6.05
C LEU A 109 -21.32 -5.70 -7.58
N THR A 110 -21.39 -4.47 -8.09
CA THR A 110 -21.46 -4.20 -9.52
C THR A 110 -20.21 -4.71 -10.25
N THR A 111 -19.05 -4.14 -9.92
CA THR A 111 -17.82 -4.50 -10.62
C THR A 111 -17.39 -5.93 -10.32
N ALA A 112 -17.68 -6.44 -9.13
CA ALA A 112 -17.42 -7.86 -8.88
C ALA A 112 -18.19 -8.72 -9.85
N TRP A 113 -19.46 -8.40 -10.10
CA TRP A 113 -20.27 -9.18 -11.02
C TRP A 113 -19.69 -9.11 -12.44
N MET A 114 -19.28 -7.92 -12.88
CA MET A 114 -18.63 -7.82 -14.18
C MET A 114 -17.37 -8.69 -14.25
N SER A 115 -16.53 -8.61 -13.23
CA SER A 115 -15.30 -9.40 -13.21
C SER A 115 -15.60 -10.88 -13.28
N GLY A 116 -16.55 -11.35 -12.47
CA GLY A 116 -17.08 -12.69 -12.59
C GLY A 116 -17.40 -13.12 -14.00
N LEU A 117 -18.15 -12.29 -14.73
CA LEU A 117 -18.48 -12.67 -16.10
C LEU A 117 -17.23 -12.84 -16.94
N VAL A 118 -16.26 -11.94 -16.78
CA VAL A 118 -15.03 -12.04 -17.56
C VAL A 118 -14.29 -13.35 -17.22
N LEU A 119 -14.28 -13.70 -15.94
CA LEU A 119 -13.62 -14.94 -15.52
C LEU A 119 -14.30 -16.16 -16.12
N TYR A 120 -15.63 -16.13 -16.19
CA TYR A 120 -16.35 -17.25 -16.79
C TYR A 120 -16.03 -17.39 -18.27
N LEU A 121 -15.93 -16.26 -18.98
CA LEU A 121 -15.53 -16.31 -20.39
C LEU A 121 -14.13 -16.89 -20.53
N LEU A 122 -13.20 -16.44 -19.69
CA LEU A 122 -11.85 -17.00 -19.69
C LEU A 122 -11.89 -18.51 -19.50
N THR A 123 -12.69 -18.98 -18.56
CA THR A 123 -12.75 -20.41 -18.26
C THR A 123 -13.30 -21.21 -19.44
N ILE A 124 -14.36 -20.72 -20.08
CA ILE A 124 -14.87 -21.39 -21.27
C ILE A 124 -13.77 -21.53 -22.31
N ALA A 125 -13.06 -20.43 -22.59
CA ALA A 125 -12.01 -20.47 -23.60
C ALA A 125 -10.93 -21.48 -23.23
N THR A 126 -10.47 -21.43 -21.98
CA THR A 126 -9.44 -22.33 -21.52
C THR A 126 -9.86 -23.78 -21.70
N ALA A 127 -11.05 -24.13 -21.21
CA ALA A 127 -11.52 -25.50 -21.33
C ALA A 127 -11.56 -25.94 -22.80
N PHE A 128 -12.14 -25.11 -23.67
CA PHE A 128 -12.30 -25.57 -25.04
C PHE A 128 -10.95 -25.77 -25.71
N LEU A 129 -9.97 -24.90 -25.43
CA LEU A 129 -8.64 -25.11 -25.97
C LEU A 129 -8.05 -26.41 -25.46
N GLY A 130 -8.16 -26.66 -24.15
CA GLY A 130 -7.74 -27.95 -23.63
C GLY A 130 -8.36 -29.14 -24.34
N TYR A 131 -9.65 -29.03 -24.67
CA TYR A 131 -10.40 -30.15 -25.22
C TYR A 131 -9.87 -30.62 -26.57
N VAL A 132 -9.09 -29.79 -27.26
CA VAL A 132 -8.55 -30.17 -28.56
C VAL A 132 -7.22 -30.91 -28.46
N LEU A 133 -6.51 -30.78 -27.36
CA LEU A 133 -5.12 -31.23 -27.30
C LEU A 133 -4.94 -32.74 -27.37
N PRO A 134 -5.83 -33.58 -26.80
CA PRO A 134 -5.63 -35.02 -26.96
C PRO A 134 -5.76 -35.52 -28.40
N TRP A 135 -6.40 -34.75 -29.28
CA TRP A 135 -6.35 -34.99 -30.73
C TRP A 135 -6.99 -36.34 -31.10
N GLY A 136 -8.28 -36.47 -30.77
CA GLY A 136 -9.11 -37.52 -31.29
C GLY A 136 -10.20 -36.97 -32.21
N GLN A 137 -11.07 -37.87 -32.64
CA GLN A 137 -12.13 -37.49 -33.58
C GLN A 137 -12.93 -36.30 -33.07
N MET A 138 -13.44 -36.40 -31.85
CA MET A 138 -14.27 -35.34 -31.29
C MET A 138 -13.49 -34.03 -31.23
N SER A 139 -12.20 -34.10 -30.91
CA SER A 139 -11.39 -32.88 -30.85
C SER A 139 -11.32 -32.19 -32.20
N PHE A 140 -10.95 -32.95 -33.24
CA PHE A 140 -10.81 -32.38 -34.57
C PHE A 140 -12.12 -31.78 -35.06
N TRP A 141 -13.21 -32.54 -34.96
CA TRP A 141 -14.47 -32.05 -35.52
C TRP A 141 -15.08 -30.94 -34.66
N GLY A 142 -14.89 -30.97 -33.35
CA GLY A 142 -15.26 -29.83 -32.53
C GLY A 142 -14.54 -28.55 -32.93
N ALA A 143 -13.22 -28.65 -33.13
CA ALA A 143 -12.48 -27.48 -33.56
C ALA A 143 -12.99 -26.98 -34.90
N THR A 144 -13.23 -27.90 -35.83
CA THR A 144 -13.80 -27.52 -37.13
C THR A 144 -15.09 -26.73 -36.95
N VAL A 145 -16.00 -27.25 -36.13
CA VAL A 145 -17.31 -26.60 -35.97
C VAL A 145 -17.15 -25.21 -35.37
N ILE A 146 -16.42 -25.10 -34.27
CA ILE A 146 -16.38 -23.79 -33.61
C ILE A 146 -15.63 -22.78 -34.47
N THR A 147 -14.63 -23.21 -35.23
CA THR A 147 -13.95 -22.26 -36.11
C THR A 147 -14.83 -21.83 -37.26
N ASN A 148 -15.65 -22.74 -37.79
CA ASN A 148 -16.62 -22.34 -38.80
C ASN A 148 -17.68 -21.41 -38.23
N LEU A 149 -17.94 -21.50 -36.93
CA LEU A 149 -19.02 -20.70 -36.35
C LEU A 149 -18.65 -19.21 -36.31
N LEU A 150 -17.37 -18.88 -36.17
CA LEU A 150 -16.92 -17.50 -36.13
C LEU A 150 -16.41 -17.02 -37.49
N SER A 151 -16.98 -17.56 -38.57
CA SER A 151 -16.61 -17.26 -39.95
C SER A 151 -17.02 -15.89 -40.49
N PRO A 152 -18.06 -15.20 -39.94
CA PRO A 152 -18.61 -14.05 -40.66
C PRO A 152 -17.60 -13.08 -41.28
N ILE A 153 -16.39 -13.00 -40.74
CA ILE A 153 -15.39 -12.02 -41.19
C ILE A 153 -14.39 -12.73 -42.11
N PRO A 154 -14.08 -12.18 -43.28
CA PRO A 154 -13.08 -12.82 -44.15
C PRO A 154 -11.71 -13.03 -43.51
N TYR A 155 -11.11 -14.17 -43.85
CA TYR A 155 -9.70 -14.45 -43.61
C TYR A 155 -9.34 -14.59 -42.14
N LEU A 156 -10.26 -14.25 -41.24
CA LEU A 156 -9.98 -14.36 -39.82
C LEU A 156 -9.82 -15.81 -39.40
N VAL A 157 -10.54 -16.71 -40.05
CA VAL A 157 -10.58 -18.12 -39.66
C VAL A 157 -9.36 -18.86 -40.19
N PRO A 158 -8.98 -18.72 -41.46
CA PRO A 158 -7.69 -19.30 -41.87
C PRO A 158 -6.52 -18.71 -41.10
N TRP A 159 -6.61 -17.45 -40.69
CA TRP A 159 -5.53 -16.82 -39.91
C TRP A 159 -5.44 -17.43 -38.52
N LEU A 160 -6.57 -17.53 -37.82
CA LEU A 160 -6.56 -18.09 -36.47
C LEU A 160 -6.22 -19.56 -36.49
N LEU A 161 -6.71 -20.29 -37.50
CA LEU A 161 -6.31 -21.68 -37.69
C LEU A 161 -4.82 -21.76 -38.00
N GLY A 162 -4.35 -20.95 -38.93
CA GLY A 162 -2.97 -20.94 -39.35
C GLY A 162 -2.78 -21.54 -40.72
N GLY A 163 -3.85 -21.69 -41.49
CA GLY A 163 -3.94 -22.77 -42.46
C GLY A 163 -5.37 -22.84 -42.96
N TYR A 164 -5.53 -23.60 -44.05
CA TYR A 164 -6.85 -23.75 -44.64
C TYR A 164 -7.75 -24.71 -43.87
N TYR A 165 -7.18 -25.50 -42.97
CA TYR A 165 -7.95 -26.46 -42.19
C TYR A 165 -7.21 -26.72 -40.89
N VAL A 166 -7.89 -27.37 -39.96
CA VAL A 166 -7.30 -27.66 -38.66
C VAL A 166 -6.05 -28.50 -38.87
N SER A 167 -4.95 -28.09 -38.25
CA SER A 167 -3.63 -28.56 -38.63
C SER A 167 -2.73 -28.67 -37.40
N ASP A 168 -1.52 -29.17 -37.63
CA ASP A 168 -0.50 -29.22 -36.58
C ASP A 168 -0.15 -27.82 -36.07
N VAL A 169 -0.14 -26.83 -36.97
CA VAL A 169 0.07 -25.45 -36.56
C VAL A 169 -1.00 -25.03 -35.57
N THR A 170 -2.24 -25.42 -35.85
CA THR A 170 -3.35 -25.13 -34.94
C THR A 170 -3.11 -25.76 -33.58
N LEU A 171 -2.65 -27.03 -33.56
CA LEU A 171 -2.36 -27.69 -32.30
C LEU A 171 -1.29 -26.94 -31.52
N LYS A 172 -0.20 -26.55 -32.20
CA LYS A 172 0.89 -25.87 -31.51
C LYS A 172 0.39 -24.59 -30.83
N ARG A 173 -0.36 -23.77 -31.56
CA ARG A 173 -0.79 -22.51 -30.95
C ARG A 173 -1.89 -22.72 -29.92
N PHE A 174 -2.75 -23.72 -30.10
CA PHE A 174 -3.72 -24.04 -29.04
C PHE A 174 -3.01 -24.45 -27.76
N PHE A 175 -1.94 -25.25 -27.89
CA PHE A 175 -1.20 -25.69 -26.71
C PHE A 175 -0.59 -24.49 -25.98
N VAL A 176 0.03 -23.58 -26.72
CA VAL A 176 0.64 -22.42 -26.07
C VAL A 176 -0.44 -21.55 -25.41
N LEU A 177 -1.57 -21.34 -26.09
CA LEU A 177 -2.63 -20.51 -25.54
C LEU A 177 -3.23 -21.14 -24.28
N HIS A 178 -3.44 -22.46 -24.31
CA HIS A 178 -3.94 -23.17 -23.14
C HIS A 178 -2.95 -23.09 -21.99
N PHE A 179 -1.66 -23.07 -22.31
CA PHE A 179 -0.65 -22.80 -21.29
C PHE A 179 -0.87 -21.45 -20.65
N ILE A 180 -1.10 -20.42 -21.45
CA ILE A 180 -1.01 -19.06 -20.94
C ILE A 180 -2.28 -18.63 -20.21
N LEU A 181 -3.45 -18.93 -20.76
CA LEU A 181 -4.67 -18.29 -20.26
C LEU A 181 -4.92 -18.46 -18.76
N PRO A 182 -4.76 -19.64 -18.17
CA PRO A 182 -5.03 -19.78 -16.72
C PRO A 182 -4.37 -18.72 -15.84
N PHE A 183 -3.13 -18.36 -16.14
CA PHE A 183 -2.42 -17.38 -15.32
C PHE A 183 -3.04 -15.99 -15.46
N ILE A 184 -3.51 -15.65 -16.65
CA ILE A 184 -4.30 -14.42 -16.81
C ILE A 184 -5.55 -14.50 -15.94
N GLY A 185 -6.26 -15.63 -15.99
CA GLY A 185 -7.19 -15.98 -14.94
C GLY A 185 -6.82 -15.55 -13.53
N CYS A 186 -5.64 -16.00 -13.07
CA CYS A 186 -5.21 -15.68 -11.70
C CYS A 186 -5.17 -14.17 -11.47
N ILE A 187 -4.59 -13.44 -12.42
CA ILE A 187 -4.52 -11.98 -12.28
C ILE A 187 -5.93 -11.40 -12.14
N ILE A 188 -6.85 -11.84 -13.00
CA ILE A 188 -8.21 -11.33 -12.91
C ILE A 188 -8.88 -11.73 -11.60
N ILE A 189 -8.46 -12.85 -11.02
CA ILE A 189 -9.00 -13.24 -9.71
C ILE A 189 -8.61 -12.22 -8.66
N VAL A 190 -7.35 -11.78 -8.68
CA VAL A 190 -6.94 -10.74 -7.74
C VAL A 190 -7.80 -9.50 -7.91
N LEU A 191 -8.05 -9.12 -9.17
CA LEU A 191 -8.91 -7.96 -9.44
C LEU A 191 -10.32 -8.17 -8.87
N HIS A 192 -10.89 -9.35 -9.14
CA HIS A 192 -12.18 -9.76 -8.59
C HIS A 192 -12.25 -9.51 -7.10
N ILE A 193 -11.27 -10.05 -6.35
CA ILE A 193 -11.31 -9.95 -4.91
C ILE A 193 -11.15 -8.52 -4.45
N PHE A 194 -10.37 -7.71 -5.18
CA PHE A 194 -10.30 -6.29 -4.85
C PHE A 194 -11.69 -5.66 -4.84
N TYR A 195 -12.42 -5.82 -5.95
CA TYR A 195 -13.76 -5.24 -5.99
C TYR A 195 -14.64 -5.81 -4.88
N LEU A 196 -14.53 -7.10 -4.61
CA LEU A 196 -15.37 -7.70 -3.59
C LEU A 196 -15.13 -7.05 -2.23
N HIS A 197 -13.90 -7.15 -1.72
CA HIS A 197 -13.64 -6.64 -0.37
C HIS A 197 -13.74 -5.12 -0.30
N LEU A 198 -13.77 -4.42 -1.43
CA LEU A 198 -14.10 -3.00 -1.41
C LEU A 198 -15.48 -2.78 -0.80
N ASN A 199 -16.42 -3.67 -1.06
CA ASN A 199 -17.81 -3.53 -0.61
C ASN A 199 -18.08 -4.35 0.64
N GLY A 200 -17.86 -5.65 0.58
CA GLY A 200 -18.22 -6.56 1.65
C GLY A 200 -19.37 -7.44 1.23
N SER A 201 -19.36 -8.69 1.69
CA SER A 201 -20.31 -9.67 1.20
C SER A 201 -21.72 -9.40 1.73
N SER A 202 -22.68 -10.01 1.06
CA SER A 202 -24.08 -9.95 1.44
C SER A 202 -24.45 -11.11 2.36
N ASN A 203 -25.59 -10.97 3.03
CA ASN A 203 -26.14 -12.03 3.84
C ASN A 203 -27.10 -12.89 3.00
N PRO A 204 -27.39 -14.10 3.46
CA PRO A 204 -28.56 -14.81 2.91
C PRO A 204 -29.87 -14.11 3.20
N ALA A 205 -29.95 -13.38 4.31
CA ALA A 205 -31.16 -12.65 4.67
C ALA A 205 -31.31 -11.34 3.90
N GLY A 206 -30.25 -10.89 3.24
CA GLY A 206 -30.27 -9.58 2.60
C GLY A 206 -30.63 -8.42 3.50
N ILE A 207 -30.11 -8.38 4.72
CA ILE A 207 -30.17 -7.20 5.56
C ILE A 207 -28.76 -6.75 5.89
N ASP A 208 -28.66 -5.53 6.43
CA ASP A 208 -27.42 -5.00 6.96
C ASP A 208 -27.42 -5.22 8.47
N THR A 209 -26.30 -5.72 8.99
CA THR A 209 -26.26 -6.14 10.38
C THR A 209 -24.90 -5.84 11.00
N ALA A 210 -24.92 -5.58 12.31
CA ALA A 210 -23.71 -5.37 13.08
C ALA A 210 -23.23 -6.63 13.78
N LEU A 211 -23.98 -7.73 13.71
CA LEU A 211 -23.60 -8.99 14.35
C LEU A 211 -22.57 -9.70 13.48
N LYS A 212 -21.39 -9.11 13.40
CA LYS A 212 -20.28 -9.64 12.63
C LYS A 212 -19.37 -10.48 13.51
N VAL A 213 -18.55 -11.31 12.86
CA VAL A 213 -17.63 -12.20 13.55
C VAL A 213 -16.42 -12.43 12.66
N ALA A 214 -15.26 -12.63 13.27
CA ALA A 214 -14.05 -12.70 12.46
C ALA A 214 -13.95 -14.04 11.74
N PHE A 215 -13.07 -14.05 10.73
CA PHE A 215 -12.99 -15.12 9.74
C PHE A 215 -12.21 -16.32 10.25
N TYR A 216 -11.01 -16.09 10.80
CA TYR A 216 -10.04 -17.17 11.00
C TYR A 216 -10.62 -18.36 11.73
N PRO A 217 -11.24 -18.21 12.88
CA PRO A 217 -11.71 -19.41 13.59
C PRO A 217 -12.98 -20.00 13.02
N HIS A 218 -14.02 -19.18 12.79
CA HIS A 218 -15.31 -19.77 12.46
C HIS A 218 -15.38 -20.15 10.97
N MET A 219 -15.21 -19.18 10.05
CA MET A 219 -15.49 -19.49 8.65
C MET A 219 -14.38 -20.29 7.97
N LEU A 220 -13.15 -20.12 8.43
CA LEU A 220 -12.03 -20.87 7.88
C LEU A 220 -12.26 -22.38 8.01
N MET A 221 -12.86 -22.80 9.13
CA MET A 221 -13.09 -24.23 9.35
C MET A 221 -14.16 -24.78 8.41
N THR A 222 -15.19 -23.98 8.12
CA THR A 222 -16.18 -24.41 7.14
C THR A 222 -15.57 -24.54 5.75
N ASP A 223 -14.77 -23.56 5.36
CA ASP A 223 -14.01 -23.68 4.11
C ASP A 223 -13.24 -25.00 4.08
N ALA A 224 -12.53 -25.30 5.16
CA ALA A 224 -11.73 -26.53 5.22
C ALA A 224 -12.60 -27.78 5.09
N LYS A 225 -13.76 -27.79 5.77
CA LYS A 225 -14.65 -28.94 5.72
C LYS A 225 -15.11 -29.22 4.29
N CYS A 226 -15.64 -28.19 3.64
CA CYS A 226 -16.07 -28.36 2.26
C CYS A 226 -14.91 -28.79 1.37
N LEU A 227 -13.71 -28.26 1.64
CA LEU A 227 -12.53 -28.64 0.86
C LEU A 227 -12.27 -30.13 0.99
N SER A 228 -12.39 -30.67 2.20
CA SER A 228 -12.27 -32.11 2.39
C SER A 228 -13.28 -32.88 1.53
N TYR A 229 -14.55 -32.46 1.58
CA TYR A 229 -15.56 -33.15 0.78
C TYR A 229 -15.19 -33.16 -0.70
N LEU A 230 -14.75 -32.01 -1.21
CA LEU A 230 -14.47 -31.90 -2.64
C LEU A 230 -13.29 -32.76 -3.05
N ILE A 231 -12.22 -32.75 -2.24
CA ILE A 231 -11.07 -33.60 -2.54
C ILE A 231 -11.49 -35.07 -2.56
N GLY A 232 -12.20 -35.50 -1.51
CA GLY A 232 -12.88 -36.79 -1.54
C GLY A 232 -13.56 -37.15 -2.84
N LEU A 233 -14.52 -36.32 -3.25
CA LEU A 233 -15.35 -36.65 -4.41
C LEU A 233 -14.52 -36.71 -5.69
N ILE A 234 -13.60 -35.76 -5.86
CA ILE A 234 -12.74 -35.80 -7.04
C ILE A 234 -12.00 -37.13 -7.09
N PHE A 235 -11.43 -37.56 -5.97
CA PHE A 235 -10.67 -38.81 -6.01
C PHE A 235 -11.59 -40.01 -6.25
N LEU A 236 -12.78 -40.00 -5.66
CA LEU A 236 -13.73 -41.09 -5.88
C LEU A 236 -13.98 -41.27 -7.38
N GLN A 237 -14.44 -40.20 -8.04
CA GLN A 237 -14.75 -40.29 -9.46
C GLN A 237 -13.50 -40.59 -10.29
N ALA A 238 -12.36 -40.02 -9.91
CA ALA A 238 -11.14 -40.20 -10.69
C ALA A 238 -10.64 -41.63 -10.65
N ALA A 239 -10.69 -42.26 -9.48
CA ALA A 239 -10.12 -43.59 -9.33
C ALA A 239 -11.08 -44.69 -9.77
N PHE A 240 -12.39 -44.52 -9.56
CA PHE A 240 -13.32 -45.62 -9.84
C PHE A 240 -14.18 -45.44 -11.07
N GLY A 241 -14.36 -44.21 -11.56
CA GLY A 241 -15.21 -43.97 -12.70
C GLY A 241 -16.67 -44.34 -12.48
N LEU A 242 -17.38 -43.53 -11.69
CA LEU A 242 -18.79 -43.79 -11.43
C LEU A 242 -19.69 -43.28 -12.56
N MET A 243 -19.38 -42.10 -13.11
CA MET A 243 -20.21 -41.45 -14.11
C MET A 243 -19.47 -41.33 -15.42
N GLU A 244 -20.20 -41.44 -16.52
CA GLU A 244 -19.64 -41.30 -17.86
C GLU A 244 -19.66 -39.82 -18.27
N LEU A 245 -18.78 -39.06 -17.63
CA LEU A 245 -18.75 -37.62 -17.85
C LEU A 245 -18.33 -37.29 -19.28
N SER A 246 -17.35 -38.02 -19.81
CA SER A 246 -16.84 -37.78 -21.16
C SER A 246 -17.21 -38.92 -22.08
N HIS A 247 -17.63 -38.57 -23.30
CA HIS A 247 -18.05 -39.56 -24.26
C HIS A 247 -16.87 -40.39 -24.74
N PRO A 248 -17.11 -41.62 -25.20
CA PRO A 248 -15.99 -42.49 -25.63
C PRO A 248 -15.34 -42.07 -26.93
N ASP A 249 -15.97 -41.22 -27.73
CA ASP A 249 -15.60 -41.07 -29.13
C ASP A 249 -14.31 -40.27 -29.33
N ASN A 250 -13.77 -39.64 -28.29
CA ASN A 250 -12.44 -39.04 -28.38
C ASN A 250 -11.33 -40.08 -28.29
N SER A 251 -11.68 -41.34 -28.10
CA SER A 251 -10.72 -42.44 -28.02
C SER A 251 -10.30 -42.95 -29.39
N ILE A 252 -10.88 -42.43 -30.46
CA ILE A 252 -10.62 -42.90 -31.81
C ILE A 252 -9.69 -41.90 -32.49
N PRO A 253 -8.64 -42.35 -33.20
CA PRO A 253 -7.82 -41.42 -33.98
C PRO A 253 -8.64 -40.59 -34.96
N VAL A 254 -8.07 -39.44 -35.32
CA VAL A 254 -8.74 -38.49 -36.21
C VAL A 254 -8.79 -39.04 -37.63
N ASN A 255 -9.88 -38.73 -38.33
CA ASN A 255 -9.98 -38.92 -39.78
C ASN A 255 -10.58 -37.64 -40.35
N ARG A 256 -9.88 -37.04 -41.32
CA ARG A 256 -10.28 -35.74 -41.84
C ARG A 256 -11.44 -35.82 -42.83
N PHE A 257 -11.85 -37.02 -43.24
CA PHE A 257 -12.88 -37.18 -44.26
C PHE A 257 -14.07 -38.01 -43.79
N VAL A 258 -14.19 -38.26 -42.49
CA VAL A 258 -15.31 -39.03 -41.95
C VAL A 258 -15.64 -38.53 -40.55
N THR A 259 -16.90 -38.14 -40.34
CA THR A 259 -17.36 -37.71 -39.03
C THR A 259 -17.74 -38.90 -38.17
N PRO A 260 -17.79 -38.71 -36.84
CA PRO A 260 -18.35 -39.75 -35.97
C PRO A 260 -19.87 -39.78 -36.07
N LEU A 261 -20.43 -40.98 -35.97
CA LEU A 261 -21.85 -41.17 -36.26
C LEU A 261 -22.76 -40.60 -35.17
N HIS A 262 -22.27 -40.41 -33.95
CA HIS A 262 -23.03 -39.81 -32.87
C HIS A 262 -22.15 -38.81 -32.14
N ILE A 263 -22.73 -37.69 -31.74
CA ILE A 263 -21.97 -36.54 -31.28
C ILE A 263 -22.59 -36.01 -29.99
N VAL A 264 -21.75 -35.86 -28.96
CA VAL A 264 -22.16 -35.33 -27.66
C VAL A 264 -20.98 -34.56 -27.07
N PRO A 265 -21.03 -33.23 -27.02
CA PRO A 265 -19.99 -32.49 -26.30
C PRO A 265 -19.90 -32.83 -24.83
N GLU A 266 -18.88 -32.29 -24.19
CA GLU A 266 -18.78 -32.32 -22.73
C GLU A 266 -19.99 -31.62 -22.12
N TRP A 267 -20.43 -32.12 -20.97
CA TRP A 267 -21.74 -31.73 -20.45
C TRP A 267 -21.85 -30.21 -20.31
N TYR A 268 -20.78 -29.56 -19.83
CA TYR A 268 -20.80 -28.12 -19.64
C TYR A 268 -20.93 -27.33 -20.94
N PHE A 269 -20.99 -28.01 -22.09
CA PHE A 269 -21.24 -27.35 -23.36
C PHE A 269 -22.54 -27.77 -24.02
N LEU A 270 -23.36 -28.61 -23.37
CA LEU A 270 -24.49 -29.18 -24.07
C LEU A 270 -25.58 -28.15 -24.34
N ALA A 271 -25.89 -27.30 -23.36
CA ALA A 271 -26.94 -26.31 -23.57
C ALA A 271 -26.66 -25.47 -24.82
N TYR A 272 -25.45 -24.92 -24.91
CA TYR A 272 -25.07 -24.20 -26.12
C TYR A 272 -25.35 -25.05 -27.36
N TYR A 273 -24.86 -26.29 -27.36
CA TYR A 273 -25.10 -27.19 -28.48
C TYR A 273 -26.59 -27.26 -28.81
N ALA A 274 -27.44 -27.38 -27.79
CA ALA A 274 -28.87 -27.45 -28.03
C ALA A 274 -29.35 -26.29 -28.88
N VAL A 275 -28.89 -25.08 -28.56
CA VAL A 275 -29.31 -23.90 -29.34
C VAL A 275 -28.92 -24.09 -30.79
N LEU A 276 -27.66 -24.48 -31.05
CA LEU A 276 -27.21 -24.63 -32.42
C LEU A 276 -28.02 -25.68 -33.17
N LYS A 277 -28.77 -26.52 -32.46
CA LYS A 277 -29.59 -27.53 -33.12
C LYS A 277 -30.95 -27.00 -33.56
N VAL A 278 -31.49 -25.98 -32.87
CA VAL A 278 -32.91 -25.67 -32.99
C VAL A 278 -33.20 -24.35 -33.69
N ILE A 279 -32.27 -23.40 -33.68
CA ILE A 279 -32.50 -22.11 -34.34
C ILE A 279 -32.12 -22.25 -35.80
N PRO A 280 -32.97 -21.81 -36.75
CA PRO A 280 -32.66 -22.08 -38.16
C PRO A 280 -31.46 -21.32 -38.70
N SER A 281 -31.43 -20.00 -38.51
CA SER A 281 -30.36 -19.18 -39.05
C SER A 281 -29.11 -19.31 -38.18
N LYS A 282 -27.96 -19.52 -38.82
CA LYS A 282 -26.72 -19.66 -38.05
C LYS A 282 -26.38 -18.38 -37.31
N THR A 283 -26.58 -17.24 -37.96
CA THR A 283 -26.33 -15.96 -37.30
C THR A 283 -27.28 -15.77 -36.12
N GLY A 284 -28.54 -16.19 -36.26
CA GLY A 284 -29.43 -16.15 -35.10
C GLY A 284 -28.86 -16.93 -33.95
N GLY A 285 -28.34 -18.13 -34.25
CA GLY A 285 -27.62 -18.92 -33.28
C GLY A 285 -26.61 -18.11 -32.50
N LEU A 286 -25.62 -17.59 -33.21
CA LEU A 286 -24.55 -16.86 -32.55
C LEU A 286 -25.09 -15.65 -31.77
N LEU A 287 -26.10 -14.98 -32.33
CA LEU A 287 -26.65 -13.80 -31.69
C LEU A 287 -27.36 -14.15 -30.39
N VAL A 288 -27.88 -15.36 -30.26
CA VAL A 288 -28.51 -15.75 -28.99
C VAL A 288 -27.48 -15.75 -27.87
N PHE A 289 -26.32 -16.35 -28.10
CA PHE A 289 -25.25 -16.31 -27.11
C PHE A 289 -24.86 -14.87 -26.80
N MET A 290 -24.62 -14.07 -27.84
CA MET A 290 -24.20 -12.69 -27.60
C MET A 290 -25.25 -11.94 -26.77
N SER A 291 -26.52 -12.11 -27.12
CA SER A 291 -27.62 -11.40 -26.46
C SER A 291 -27.76 -11.81 -25.00
N SER A 292 -27.71 -13.12 -24.73
CA SER A 292 -27.84 -13.59 -23.35
C SER A 292 -26.70 -13.09 -22.49
N LEU A 293 -25.47 -13.13 -23.01
CA LEU A 293 -24.34 -12.60 -22.24
C LEU A 293 -24.48 -11.10 -22.01
N ILE A 294 -24.95 -10.36 -23.01
CA ILE A 294 -25.17 -8.93 -22.83
C ILE A 294 -26.24 -8.68 -21.78
N ASN A 295 -27.29 -9.50 -21.76
CA ASN A 295 -28.32 -9.34 -20.74
C ASN A 295 -27.75 -9.56 -19.35
N LEU A 296 -26.93 -10.59 -19.18
CA LEU A 296 -26.31 -10.81 -17.88
C LEU A 296 -25.44 -9.63 -17.49
N GLY A 297 -24.63 -9.12 -18.43
CA GLY A 297 -23.87 -7.91 -18.15
C GLY A 297 -24.73 -6.75 -17.69
N LEU A 298 -25.92 -6.62 -18.29
CA LEU A 298 -26.78 -5.47 -17.99
C LEU A 298 -27.24 -5.43 -16.54
N LEU A 299 -27.20 -6.56 -15.84
CA LEU A 299 -27.68 -6.59 -14.46
C LEU A 299 -26.79 -5.78 -13.52
N SER A 300 -25.59 -5.40 -13.97
CA SER A 300 -24.64 -4.71 -13.09
C SER A 300 -25.17 -3.36 -12.63
N GLU A 301 -26.04 -2.73 -13.42
CA GLU A 301 -26.57 -1.40 -13.10
C GLU A 301 -28.09 -1.42 -13.07
N ILE A 302 -28.65 -2.46 -12.43
CA ILE A 302 -30.10 -2.60 -12.35
C ILE A 302 -30.75 -1.50 -11.51
N ARG A 303 -29.99 -0.86 -10.61
CA ARG A 303 -30.57 0.20 -9.79
C ARG A 303 -31.03 1.38 -10.61
N ALA A 304 -30.49 1.56 -11.81
CA ALA A 304 -30.77 2.71 -12.64
C ALA A 304 -31.97 2.51 -13.53
N LEU A 305 -32.35 1.28 -13.81
CA LEU A 305 -33.44 0.95 -14.71
C LEU A 305 -34.82 1.22 -14.10
N ASN A 306 -34.89 1.86 -12.95
CA ASN A 306 -36.16 2.12 -12.28
C ASN A 306 -35.92 3.14 -11.18
N THR A 307 -36.99 3.83 -10.79
CA THR A 307 -36.91 4.86 -9.77
C THR A 307 -37.46 4.42 -8.42
N ARG A 308 -37.99 3.21 -8.33
CA ARG A 308 -38.32 2.64 -7.02
C ARG A 308 -37.05 2.17 -6.33
N MET A 309 -36.95 2.44 -5.03
CA MET A 309 -35.77 2.08 -4.27
C MET A 309 -35.75 0.56 -4.06
N LEU A 310 -34.59 -0.04 -4.27
CA LEU A 310 -34.45 -1.48 -4.43
C LEU A 310 -34.12 -2.16 -3.11
N ILE A 311 -34.57 -3.42 -3.00
CA ILE A 311 -34.23 -4.28 -1.87
C ILE A 311 -33.70 -5.59 -2.41
N ARG A 312 -32.92 -6.28 -1.58
CA ARG A 312 -32.30 -7.54 -1.98
C ARG A 312 -33.15 -8.77 -1.65
N GLN A 313 -34.11 -8.64 -0.76
CA GLN A 313 -35.02 -9.74 -0.45
C GLN A 313 -35.94 -10.01 -1.65
N GLN A 314 -35.83 -11.21 -2.22
CA GLN A 314 -36.71 -11.62 -3.31
C GLN A 314 -37.90 -12.44 -2.84
N PHE A 315 -38.03 -12.68 -1.53
CA PHE A 315 -39.18 -13.36 -0.94
C PHE A 315 -39.57 -14.60 -1.73
N MET A 316 -38.60 -15.48 -1.95
CA MET A 316 -38.83 -16.72 -2.68
C MET A 316 -39.17 -17.89 -1.78
N THR A 317 -39.07 -17.74 -0.47
CA THR A 317 -39.42 -18.82 0.45
C THR A 317 -40.92 -18.91 0.63
N ARG A 318 -41.47 -20.12 0.49
CA ARG A 318 -42.89 -20.43 0.59
C ARG A 318 -43.71 -19.85 -0.54
N ASN A 319 -43.07 -19.33 -1.59
CA ASN A 319 -43.77 -18.53 -2.60
C ASN A 319 -44.22 -19.42 -3.75
N VAL A 320 -45.53 -19.44 -3.98
CA VAL A 320 -46.09 -20.20 -5.09
C VAL A 320 -45.65 -19.65 -6.44
N VAL A 321 -45.23 -18.38 -6.49
CA VAL A 321 -44.77 -17.79 -7.74
C VAL A 321 -43.36 -18.25 -8.11
N SER A 322 -42.61 -18.78 -7.16
CA SER A 322 -41.21 -19.21 -7.39
C SER A 322 -40.40 -17.95 -7.74
N GLY A 323 -39.46 -18.05 -8.67
CA GLY A 323 -38.67 -16.91 -9.08
C GLY A 323 -38.02 -17.18 -10.42
N TRP A 324 -37.68 -16.09 -11.11
CA TRP A 324 -37.19 -16.21 -12.48
C TRP A 324 -35.89 -17.01 -12.54
N VAL A 325 -35.08 -16.96 -11.49
CA VAL A 325 -33.81 -17.69 -11.49
C VAL A 325 -34.07 -19.20 -11.48
N ILE A 326 -35.08 -19.64 -10.73
CA ILE A 326 -35.40 -21.06 -10.67
C ILE A 326 -35.91 -21.55 -12.03
N ILE A 327 -36.78 -20.78 -12.67
CA ILE A 327 -37.24 -21.13 -14.01
C ILE A 327 -36.07 -21.15 -14.98
N TRP A 328 -35.13 -20.22 -14.83
CA TRP A 328 -33.93 -20.21 -15.65
C TRP A 328 -33.14 -21.51 -15.49
N VAL A 329 -32.94 -21.93 -14.24
CA VAL A 329 -32.18 -23.15 -13.97
C VAL A 329 -32.87 -24.36 -14.60
N TYR A 330 -34.18 -24.47 -14.41
CA TYR A 330 -34.88 -25.64 -14.94
C TYR A 330 -34.90 -25.62 -16.47
N SER A 331 -35.05 -24.45 -17.07
CA SER A 331 -34.95 -24.33 -18.52
C SER A 331 -33.57 -24.76 -19.02
N MET A 332 -32.53 -24.35 -18.31
CA MET A 332 -31.17 -24.72 -18.70
C MET A 332 -30.95 -26.22 -18.61
N ILE A 333 -31.47 -26.84 -17.54
CA ILE A 333 -31.36 -28.30 -17.41
C ILE A 333 -32.10 -28.99 -18.53
N PHE A 334 -33.31 -28.50 -18.85
CA PHE A 334 -34.06 -29.06 -19.96
C PHE A 334 -33.28 -28.95 -21.26
N LEU A 335 -32.60 -27.83 -21.46
CA LEU A 335 -31.79 -27.67 -22.66
C LEU A 335 -30.63 -28.65 -22.68
N ILE A 336 -30.03 -28.93 -21.53
CA ILE A 336 -29.00 -29.96 -21.47
C ILE A 336 -29.56 -31.30 -21.91
N ILE A 337 -30.73 -31.66 -21.36
CA ILE A 337 -31.39 -32.90 -21.76
C ILE A 337 -31.53 -32.97 -23.27
N ILE A 338 -32.03 -31.90 -23.88
CA ILE A 338 -32.30 -31.96 -25.32
C ILE A 338 -31.01 -31.92 -26.13
N GLY A 339 -30.04 -31.10 -25.73
CA GLY A 339 -28.69 -31.22 -26.22
C GLY A 339 -28.25 -32.65 -26.40
N SER A 340 -28.45 -33.47 -25.37
CA SER A 340 -27.90 -34.83 -25.42
C SER A 340 -28.53 -35.71 -26.50
N ALA A 341 -29.76 -35.44 -26.93
CA ALA A 341 -30.46 -36.40 -27.77
C ALA A 341 -30.19 -36.16 -29.26
N ILE A 342 -30.71 -37.08 -30.08
CA ILE A 342 -30.53 -37.03 -31.53
C ILE A 342 -31.34 -35.88 -32.10
N PRO A 343 -31.07 -35.45 -33.33
CA PRO A 343 -31.92 -34.43 -33.98
C PRO A 343 -33.20 -35.06 -34.50
N GLN A 344 -34.33 -34.70 -33.90
CA GLN A 344 -35.62 -35.16 -34.37
C GLN A 344 -36.66 -34.08 -34.09
N ALA A 345 -37.69 -34.05 -34.93
CA ALA A 345 -38.65 -32.95 -34.93
C ALA A 345 -39.19 -32.65 -33.54
N THR A 346 -39.58 -33.69 -32.78
CA THR A 346 -40.20 -33.46 -31.48
C THR A 346 -39.21 -32.90 -30.48
N TYR A 347 -37.98 -33.45 -30.47
CA TYR A 347 -36.94 -32.87 -29.64
C TYR A 347 -36.72 -31.41 -29.99
N ILE A 348 -36.75 -31.07 -31.29
CA ILE A 348 -36.56 -29.70 -31.71
C ILE A 348 -37.72 -28.82 -31.24
N LEU A 349 -38.94 -29.36 -31.26
CA LEU A 349 -40.10 -28.58 -30.85
C LEU A 349 -40.00 -28.22 -29.37
N TYR A 350 -39.76 -29.21 -28.52
CA TYR A 350 -39.61 -28.90 -27.10
C TYR A 350 -38.34 -28.10 -26.85
N GLY A 351 -37.30 -28.32 -27.65
CA GLY A 351 -36.16 -27.41 -27.68
C GLY A 351 -36.54 -25.96 -27.85
N ARG A 352 -37.37 -25.66 -28.84
CA ARG A 352 -37.74 -24.27 -29.09
C ARG A 352 -38.57 -23.71 -27.95
N LEU A 353 -39.47 -24.52 -27.40
CA LEU A 353 -40.20 -24.09 -26.20
C LEU A 353 -39.22 -23.71 -25.08
N ALA A 354 -38.27 -24.61 -24.78
CA ALA A 354 -37.31 -24.36 -23.71
C ALA A 354 -36.44 -23.16 -24.01
N THR A 355 -36.06 -22.98 -25.28
CA THR A 355 -35.23 -21.86 -25.67
C THR A 355 -35.95 -20.54 -25.43
N ILE A 356 -37.23 -20.47 -25.81
CA ILE A 356 -38.00 -19.26 -25.56
C ILE A 356 -38.07 -18.98 -24.08
N LEU A 357 -38.29 -20.02 -23.26
CA LEU A 357 -38.30 -19.81 -21.81
C LEU A 357 -36.95 -19.27 -21.32
N TYR A 358 -35.86 -19.87 -21.80
CA TYR A 358 -34.52 -19.48 -21.34
C TYR A 358 -34.22 -18.04 -21.69
N LEU A 359 -34.62 -17.59 -22.88
CA LEU A 359 -34.36 -16.20 -23.28
C LEU A 359 -35.25 -15.23 -22.51
N THR A 360 -36.55 -15.54 -22.42
CA THR A 360 -37.48 -14.61 -21.80
C THR A 360 -37.18 -14.41 -20.32
N THR A 361 -36.91 -15.50 -19.60
CA THR A 361 -36.71 -15.39 -18.17
C THR A 361 -35.40 -14.67 -17.84
N GLY A 362 -34.49 -14.56 -18.80
CA GLY A 362 -33.31 -13.74 -18.63
C GLY A 362 -33.61 -12.28 -18.90
N LEU A 363 -34.34 -12.00 -19.97
CA LEU A 363 -34.76 -10.63 -20.24
C LEU A 363 -35.50 -10.03 -19.06
N VAL A 364 -36.36 -10.82 -18.41
CA VAL A 364 -37.33 -10.28 -17.45
C VAL A 364 -36.71 -9.88 -16.12
N LEU A 365 -35.46 -10.24 -15.85
CA LEU A 365 -34.86 -9.90 -14.56
C LEU A 365 -34.78 -8.40 -14.32
N CYS A 366 -34.88 -7.58 -15.37
CA CYS A 366 -34.67 -6.15 -15.27
C CYS A 366 -35.94 -5.37 -14.94
N LEU A 367 -37.09 -6.03 -14.78
CA LEU A 367 -38.39 -5.38 -14.86
C LEU A 367 -39.02 -5.08 -13.51
N TYR A 368 -38.26 -5.14 -12.42
CA TYR A 368 -38.83 -4.84 -11.11
C TYR A 368 -39.51 -3.47 -11.10
N GLU B 156 -31.81 -41.79 -39.53
CA GLU B 156 -31.06 -42.33 -38.39
C GLU B 156 -32.01 -42.65 -37.24
N LYS B 157 -31.52 -43.41 -36.26
CA LYS B 157 -32.33 -43.86 -35.14
C LYS B 157 -31.48 -43.93 -33.89
N GLU B 158 -32.16 -43.91 -32.74
CA GLU B 158 -31.50 -44.22 -31.48
C GLU B 158 -31.28 -45.73 -31.40
N PRO B 159 -30.04 -46.22 -31.33
CA PRO B 159 -29.82 -47.65 -31.18
C PRO B 159 -30.22 -48.14 -29.81
N PRO B 160 -30.60 -49.41 -29.67
CA PRO B 160 -30.95 -49.95 -28.35
C PRO B 160 -29.73 -50.01 -27.44
N HIS B 161 -30.02 -50.25 -26.14
CA HIS B 161 -29.00 -50.35 -25.11
C HIS B 161 -28.81 -51.82 -24.69
N PRO B 162 -27.57 -52.30 -24.52
CA PRO B 162 -27.38 -53.72 -24.20
C PRO B 162 -27.79 -54.03 -22.77
N PRO B 163 -28.04 -55.30 -22.46
CA PRO B 163 -28.19 -55.72 -21.06
C PRO B 163 -26.86 -55.72 -20.32
N SER B 164 -26.96 -55.61 -18.99
CA SER B 164 -25.81 -55.65 -18.11
C SER B 164 -25.46 -57.09 -17.75
N TYR B 165 -24.26 -57.55 -18.16
CA TYR B 165 -23.76 -58.86 -17.77
C TYR B 165 -22.95 -58.74 -16.48
N PRO B 166 -22.95 -59.77 -15.63
CA PRO B 166 -22.17 -59.70 -14.37
C PRO B 166 -20.72 -60.13 -14.55
N PHE B 167 -19.96 -59.35 -15.31
CA PHE B 167 -18.52 -59.56 -15.38
C PHE B 167 -17.91 -59.36 -14.01
N TRP B 168 -16.90 -60.17 -13.68
CA TRP B 168 -16.35 -60.14 -12.33
C TRP B 168 -15.81 -58.76 -11.97
N PHE B 169 -15.32 -58.01 -12.95
CA PHE B 169 -14.60 -56.77 -12.65
C PHE B 169 -15.51 -55.58 -12.34
N LYS B 170 -16.74 -55.58 -12.82
CA LYS B 170 -17.54 -54.35 -12.75
C LYS B 170 -18.08 -54.07 -11.35
N SER B 171 -17.58 -54.75 -10.33
CA SER B 171 -17.80 -54.34 -8.96
C SER B 171 -16.68 -53.41 -8.51
N LEU B 172 -16.96 -52.65 -7.46
CA LEU B 172 -16.01 -51.65 -7.00
C LEU B 172 -14.83 -52.24 -6.24
N PHE B 173 -14.97 -53.46 -5.69
CA PHE B 173 -13.92 -54.09 -4.92
C PHE B 173 -13.19 -55.20 -5.68
N HIS B 174 -13.61 -55.52 -6.90
CA HIS B 174 -13.09 -56.67 -7.60
C HIS B 174 -12.00 -56.29 -8.59
N SER B 175 -11.09 -57.21 -8.82
CA SER B 175 -10.02 -57.06 -9.80
C SER B 175 -10.47 -57.67 -11.14
N HIS B 176 -9.53 -57.81 -12.06
CA HIS B 176 -9.75 -58.65 -13.22
C HIS B 176 -9.61 -60.11 -12.83
N ASP B 177 -10.03 -60.99 -13.74
CA ASP B 177 -10.13 -62.42 -13.48
C ASP B 177 -9.14 -63.10 -14.43
N ILE B 178 -7.96 -63.40 -13.93
CA ILE B 178 -6.79 -63.63 -14.78
C ILE B 178 -6.93 -64.88 -15.65
N PRO B 179 -7.47 -66.00 -15.15
CA PRO B 179 -7.66 -67.15 -16.06
C PRO B 179 -8.50 -66.80 -17.28
N SER B 180 -9.56 -66.03 -17.09
CA SER B 180 -10.36 -65.56 -18.21
C SER B 180 -9.51 -64.72 -19.17
N VAL B 181 -8.58 -63.93 -18.62
CA VAL B 181 -7.73 -63.09 -19.46
C VAL B 181 -6.79 -63.96 -20.29
N ARG B 182 -6.21 -64.98 -19.68
CA ARG B 182 -5.37 -65.91 -20.44
C ARG B 182 -6.15 -66.52 -21.60
N ARG B 183 -7.35 -67.02 -21.31
CA ARG B 183 -8.14 -67.66 -22.34
C ARG B 183 -8.54 -66.67 -23.43
N GLY B 184 -8.87 -65.44 -23.04
CA GLY B 184 -9.21 -64.42 -24.02
C GLY B 184 -8.04 -64.09 -24.93
N TYR B 185 -6.83 -64.02 -24.36
CA TYR B 185 -5.64 -63.80 -25.17
C TYR B 185 -5.46 -64.92 -26.17
N GLU B 186 -5.67 -66.17 -25.73
CA GLU B 186 -5.54 -67.29 -26.65
C GLU B 186 -6.55 -67.18 -27.79
N VAL B 187 -7.80 -66.83 -27.48
CA VAL B 187 -8.80 -66.61 -28.52
C VAL B 187 -8.33 -65.53 -29.49
N TYR B 188 -7.90 -64.40 -28.95
CA TYR B 188 -7.48 -63.28 -29.79
C TYR B 188 -6.39 -63.71 -30.75
N ARG B 189 -5.37 -64.41 -30.25
CA ARG B 189 -4.30 -64.85 -31.12
C ARG B 189 -4.82 -65.78 -32.21
N LYS B 190 -5.63 -66.78 -31.83
CA LYS B 190 -6.04 -67.78 -32.81
C LYS B 190 -7.09 -67.28 -33.78
N VAL B 191 -7.87 -66.24 -33.44
CA VAL B 191 -8.97 -65.82 -34.30
C VAL B 191 -8.89 -64.34 -34.68
N CYS B 192 -9.09 -63.46 -33.70
CA CYS B 192 -9.38 -62.06 -34.01
C CYS B 192 -8.17 -61.33 -34.57
N ALA B 193 -6.95 -61.81 -34.30
CA ALA B 193 -5.75 -61.20 -34.84
C ALA B 193 -5.59 -61.46 -36.34
N THR B 194 -6.57 -62.11 -36.97
CA THR B 194 -6.50 -62.33 -38.40
C THR B 194 -6.67 -61.03 -39.17
N CYS B 195 -7.51 -60.12 -38.67
CA CYS B 195 -7.80 -58.87 -39.37
C CYS B 195 -7.64 -57.62 -38.51
N HIS B 196 -7.61 -57.74 -37.18
CA HIS B 196 -7.46 -56.58 -36.31
C HIS B 196 -6.01 -56.42 -35.88
N SER B 197 -5.74 -55.29 -35.22
CA SER B 197 -4.42 -54.97 -34.72
C SER B 197 -4.54 -54.37 -33.33
N MET B 198 -3.45 -54.50 -32.56
CA MET B 198 -3.31 -53.81 -31.28
C MET B 198 -1.90 -53.21 -31.29
N GLU B 199 -1.79 -52.02 -31.87
CA GLU B 199 -0.49 -51.39 -32.08
C GLU B 199 0.14 -50.89 -30.78
N GLN B 200 -0.65 -50.73 -29.72
CA GLN B 200 -0.15 -50.17 -28.48
C GLN B 200 0.39 -51.22 -27.52
N LEU B 201 0.23 -52.51 -27.81
CA LEU B 201 0.62 -53.57 -26.90
C LEU B 201 1.99 -54.13 -27.23
N HIS B 202 2.80 -54.34 -26.21
CA HIS B 202 4.08 -55.03 -26.33
C HIS B 202 4.08 -56.23 -25.39
N PHE B 203 4.87 -57.24 -25.76
CA PHE B 203 4.92 -58.46 -24.94
C PHE B 203 5.38 -58.16 -23.52
N ARG B 204 6.20 -57.12 -23.33
CA ARG B 204 6.57 -56.70 -21.98
C ARG B 204 5.37 -56.66 -21.05
N HIS B 205 4.19 -56.33 -21.59
CA HIS B 205 3.02 -56.09 -20.77
C HIS B 205 2.45 -57.35 -20.16
N LEU B 206 2.77 -58.53 -20.69
CA LEU B 206 2.14 -59.76 -20.25
C LEU B 206 2.87 -60.44 -19.09
N VAL B 207 4.14 -60.17 -18.89
CA VAL B 207 4.93 -60.90 -17.89
C VAL B 207 4.56 -60.38 -16.51
N GLY B 208 4.19 -61.30 -15.62
CA GLY B 208 3.93 -60.99 -14.23
C GLY B 208 2.49 -60.57 -13.98
N GLU B 209 1.85 -59.98 -14.99
CA GLU B 209 0.47 -59.53 -14.90
C GLU B 209 -0.51 -60.61 -15.36
N VAL B 210 -0.13 -61.39 -16.37
CA VAL B 210 -1.00 -62.41 -16.95
C VAL B 210 -0.27 -63.74 -17.02
N LEU B 211 0.93 -63.73 -17.58
CA LEU B 211 1.68 -64.93 -17.90
C LEU B 211 3.06 -64.88 -17.26
N PRO B 212 3.71 -66.03 -17.11
CA PRO B 212 5.12 -66.03 -16.70
C PRO B 212 6.05 -65.66 -17.85
N GLU B 213 7.20 -65.10 -17.47
CA GLU B 213 8.12 -64.51 -18.44
C GLU B 213 8.55 -65.53 -19.49
N LYS B 214 8.93 -66.73 -19.06
CA LYS B 214 9.43 -67.76 -19.97
C LYS B 214 8.44 -68.03 -21.10
N ARG B 215 7.17 -68.22 -20.75
CA ARG B 215 6.15 -68.49 -21.75
C ARG B 215 5.99 -67.31 -22.70
N VAL B 216 6.08 -66.09 -22.18
CA VAL B 216 5.90 -64.92 -23.03
C VAL B 216 7.03 -64.80 -24.03
N LYS B 217 8.26 -65.09 -23.60
CA LYS B 217 9.37 -65.13 -24.54
C LYS B 217 9.12 -66.17 -25.63
N GLN B 218 8.64 -67.35 -25.23
CA GLN B 218 8.36 -68.37 -26.24
C GLN B 218 7.24 -67.95 -27.20
N ILE B 219 6.26 -67.20 -26.71
CA ILE B 219 5.22 -66.68 -27.61
C ILE B 219 5.83 -65.71 -28.61
N ALA B 220 6.59 -64.73 -28.10
CA ALA B 220 7.18 -63.74 -28.99
C ALA B 220 8.07 -64.38 -30.04
N ALA B 221 8.71 -65.50 -29.71
CA ALA B 221 9.59 -66.15 -30.69
C ALA B 221 8.86 -66.72 -31.89
N GLU B 222 7.53 -66.82 -31.85
CA GLU B 222 6.80 -67.43 -32.96
C GLU B 222 6.69 -66.53 -34.18
N TYR B 223 7.00 -65.24 -34.06
CA TYR B 223 6.77 -64.27 -35.12
C TYR B 223 8.09 -63.81 -35.73
N ASP B 224 8.05 -63.51 -37.03
CA ASP B 224 9.12 -62.78 -37.69
C ASP B 224 8.81 -61.29 -37.62
N VAL B 225 9.78 -60.52 -37.14
CA VAL B 225 9.67 -59.08 -36.97
C VAL B 225 10.79 -58.43 -37.77
N THR B 226 10.46 -57.34 -38.46
CA THR B 226 11.40 -56.69 -39.36
C THR B 226 12.27 -55.70 -38.59
N ASP B 227 13.53 -55.60 -39.02
CA ASP B 227 14.52 -54.78 -38.31
C ASP B 227 15.61 -54.39 -39.30
N GLY B 228 16.42 -53.42 -38.88
CA GLY B 228 17.52 -52.94 -39.69
C GLY B 228 17.66 -51.43 -39.59
N PRO B 229 18.42 -50.82 -40.51
CA PRO B 229 19.20 -51.43 -41.60
C PRO B 229 20.45 -52.14 -41.12
N ASN B 230 21.05 -52.99 -41.96
CA ASN B 230 22.30 -53.67 -41.62
C ASN B 230 23.48 -52.89 -42.22
N ASP B 231 24.65 -53.53 -42.21
CA ASP B 231 25.86 -52.88 -42.71
C ASP B 231 25.72 -52.45 -44.16
N GLN B 232 24.94 -53.19 -44.95
CA GLN B 232 24.74 -52.89 -46.36
C GLN B 232 23.54 -51.97 -46.60
N GLY B 233 22.94 -51.46 -45.53
CA GLY B 233 21.73 -50.66 -45.63
C GLY B 233 20.48 -51.41 -46.03
N GLU B 234 20.47 -52.74 -45.92
CA GLU B 234 19.29 -53.53 -46.21
C GLU B 234 18.53 -53.84 -44.92
N MET B 235 17.24 -54.12 -45.08
CA MET B 235 16.40 -54.55 -43.97
C MET B 235 16.34 -56.08 -43.93
N TYR B 236 15.97 -56.61 -42.77
CA TYR B 236 15.96 -58.05 -42.58
C TYR B 236 14.86 -58.41 -41.57
N THR B 237 14.68 -59.72 -41.36
CA THR B 237 13.71 -60.23 -40.41
C THR B 237 14.41 -61.07 -39.35
N ARG B 238 13.89 -61.01 -38.13
CA ARG B 238 14.45 -61.71 -36.99
C ARG B 238 13.31 -62.26 -36.14
N PRO B 239 13.59 -63.20 -35.24
CA PRO B 239 12.56 -63.64 -34.30
C PRO B 239 12.23 -62.55 -33.29
N GLY B 240 10.94 -62.39 -33.03
CA GLY B 240 10.49 -61.40 -32.08
C GLY B 240 11.10 -61.59 -30.70
N ILE B 241 11.16 -60.49 -29.96
CA ILE B 241 11.70 -60.47 -28.61
C ILE B 241 10.68 -59.81 -27.69
N LEU B 242 10.96 -59.87 -26.39
CA LEU B 242 10.03 -59.38 -25.38
C LEU B 242 9.72 -57.91 -25.56
N GLY B 243 10.64 -57.16 -26.15
CA GLY B 243 10.49 -55.72 -26.29
C GLY B 243 9.67 -55.24 -27.47
N ASP B 244 9.16 -56.14 -28.30
CA ASP B 244 8.50 -55.76 -29.54
C ASP B 244 6.99 -55.69 -29.37
N ALA B 245 6.38 -54.84 -30.18
CA ALA B 245 4.94 -54.67 -30.19
C ALA B 245 4.28 -55.84 -30.91
N PHE B 246 2.98 -55.99 -30.68
CA PHE B 246 2.24 -57.06 -31.35
C PHE B 246 2.31 -56.86 -32.86
N PRO B 247 2.32 -57.95 -33.63
CA PRO B 247 2.32 -57.82 -35.08
C PRO B 247 0.94 -57.47 -35.61
N SER B 248 0.92 -57.01 -36.85
CA SER B 248 -0.31 -56.58 -37.51
C SER B 248 -0.44 -57.25 -38.86
N PRO B 249 -1.68 -57.54 -39.29
CA PRO B 249 -1.86 -58.31 -40.53
C PRO B 249 -1.75 -57.50 -41.82
N TYR B 250 -1.88 -56.18 -41.77
CA TYR B 250 -1.83 -55.38 -42.99
C TYR B 250 -0.80 -54.27 -42.86
N PRO B 251 -0.12 -53.93 -43.96
CA PRO B 251 0.90 -52.87 -43.89
C PRO B 251 0.34 -51.45 -43.81
N ASN B 252 -0.88 -51.22 -44.26
CA ASN B 252 -1.46 -49.87 -44.23
C ASN B 252 -2.97 -49.99 -44.31
N GLU B 253 -3.65 -48.89 -44.01
CA GLU B 253 -5.11 -48.88 -44.00
C GLU B 253 -5.67 -49.23 -45.38
N GLU B 254 -5.00 -48.79 -46.44
CA GLU B 254 -5.51 -49.07 -47.78
C GLU B 254 -5.55 -50.56 -48.06
N ALA B 255 -4.49 -51.29 -47.68
CA ALA B 255 -4.51 -52.74 -47.88
C ALA B 255 -5.57 -53.40 -47.02
N ALA B 256 -5.75 -52.91 -45.79
CA ALA B 256 -6.78 -53.47 -44.92
C ALA B 256 -8.15 -53.33 -45.54
N ARG B 257 -8.45 -52.14 -46.07
CA ARG B 257 -9.73 -51.93 -46.75
C ARG B 257 -9.83 -52.80 -48.00
N TYR B 258 -8.72 -52.97 -48.72
CA TYR B 258 -8.72 -53.77 -49.93
C TYR B 258 -9.07 -55.23 -49.63
N ALA B 259 -8.63 -55.73 -48.47
CA ALA B 259 -8.90 -57.12 -48.12
C ALA B 259 -10.29 -57.31 -47.50
N ASN B 260 -10.91 -56.26 -46.98
CA ASN B 260 -12.18 -56.35 -46.27
C ASN B 260 -13.27 -55.57 -46.98
N GLY B 261 -13.28 -55.66 -48.31
CA GLY B 261 -14.37 -55.10 -49.11
C GLY B 261 -14.64 -53.63 -48.90
N GLY B 262 -13.69 -52.87 -48.37
CA GLY B 262 -13.79 -51.44 -48.26
C GLY B 262 -13.84 -50.94 -46.83
N ALA B 263 -14.29 -51.78 -45.91
CA ALA B 263 -14.39 -51.40 -44.51
C ALA B 263 -13.06 -51.58 -43.80
N TYR B 264 -12.86 -50.80 -42.74
CA TYR B 264 -11.60 -50.78 -42.03
C TYR B 264 -11.74 -51.44 -40.67
N PRO B 265 -11.03 -52.54 -40.40
CA PRO B 265 -11.09 -53.14 -39.06
C PRO B 265 -10.34 -52.30 -38.04
N PRO B 266 -11.05 -51.76 -37.04
CA PRO B 266 -10.44 -50.82 -36.09
C PRO B 266 -9.41 -51.51 -35.20
N ASP B 267 -8.46 -50.71 -34.73
CA ASP B 267 -7.46 -51.20 -33.80
C ASP B 267 -8.08 -51.33 -32.41
N LEU B 268 -7.85 -52.46 -31.76
CA LEU B 268 -8.56 -52.85 -30.56
C LEU B 268 -7.85 -52.45 -29.28
N SER B 269 -6.82 -51.59 -29.36
CA SER B 269 -6.04 -51.26 -28.18
C SER B 269 -6.84 -50.51 -27.13
N LEU B 270 -7.99 -49.93 -27.49
CA LEU B 270 -8.81 -49.18 -26.55
C LEU B 270 -10.30 -49.42 -26.78
N ILE B 271 -10.66 -50.62 -27.24
CA ILE B 271 -11.96 -50.78 -27.89
C ILE B 271 -13.11 -50.61 -26.90
N THR B 272 -12.97 -51.13 -25.67
CA THR B 272 -14.08 -51.02 -24.72
C THR B 272 -14.24 -49.61 -24.19
N ALA B 273 -13.20 -48.78 -24.26
CA ALA B 273 -13.30 -47.38 -23.90
C ALA B 273 -13.74 -46.52 -25.07
N ALA B 274 -13.91 -47.11 -26.26
CA ALA B 274 -14.27 -46.39 -27.47
C ALA B 274 -15.68 -46.74 -27.96
N ARG B 275 -16.52 -47.29 -27.09
CA ARG B 275 -17.90 -47.62 -27.44
C ARG B 275 -18.77 -47.41 -26.21
N HIS B 276 -20.08 -47.29 -26.44
CA HIS B 276 -21.02 -47.12 -25.34
C HIS B 276 -21.30 -48.46 -24.69
N PHE B 277 -21.28 -48.49 -23.36
CA PHE B 277 -21.48 -49.68 -22.56
C PHE B 277 -20.40 -50.72 -22.76
N GLY B 278 -19.31 -50.36 -23.46
CA GLY B 278 -18.09 -51.11 -23.47
C GLY B 278 -18.28 -52.61 -23.62
N PRO B 279 -17.89 -53.36 -22.58
CA PRO B 279 -17.93 -54.83 -22.65
C PRO B 279 -19.32 -55.40 -22.80
N ASP B 280 -20.35 -54.78 -22.22
CA ASP B 280 -21.70 -55.27 -22.45
C ASP B 280 -22.07 -55.12 -23.92
N TYR B 281 -21.69 -53.99 -24.54
CA TYR B 281 -21.94 -53.84 -25.96
C TYR B 281 -21.19 -54.89 -26.78
N LEU B 282 -19.93 -55.15 -26.43
CA LEU B 282 -19.15 -56.12 -27.21
C LEU B 282 -19.71 -57.52 -27.05
N MET B 283 -20.07 -57.89 -25.81
CA MET B 283 -20.69 -59.19 -25.55
C MET B 283 -21.99 -59.33 -26.33
N ALA B 284 -22.81 -58.28 -26.35
CA ALA B 284 -24.05 -58.32 -27.11
C ALA B 284 -23.78 -58.43 -28.61
N LEU B 285 -22.79 -57.67 -29.10
CA LEU B 285 -22.50 -57.65 -30.53
C LEU B 285 -22.08 -59.03 -31.01
N LEU B 286 -21.23 -59.71 -30.24
CA LEU B 286 -20.77 -61.03 -30.68
C LEU B 286 -21.90 -62.06 -30.71
N GLY B 287 -22.95 -61.87 -29.91
CA GLY B 287 -24.15 -62.68 -29.99
C GLY B 287 -25.13 -62.30 -31.09
N GLY B 288 -24.96 -61.12 -31.70
CA GLY B 288 -26.05 -60.45 -32.38
C GLY B 288 -26.42 -60.89 -33.78
N TYR B 289 -25.75 -61.88 -34.37
CA TYR B 289 -26.00 -62.21 -35.78
C TYR B 289 -27.28 -63.00 -35.96
N ARG B 290 -28.12 -62.56 -36.91
CA ARG B 290 -29.42 -63.14 -37.13
C ARG B 290 -29.83 -62.98 -38.59
N ASP B 291 -30.87 -63.71 -38.99
CA ASP B 291 -31.38 -63.62 -40.34
C ASP B 291 -32.10 -62.29 -40.57
N PRO B 292 -32.15 -61.82 -41.82
CA PRO B 292 -32.83 -60.56 -42.09
C PRO B 292 -34.32 -60.63 -41.76
N PRO B 293 -34.93 -59.50 -41.42
CA PRO B 293 -36.37 -59.40 -41.24
C PRO B 293 -37.09 -59.32 -42.59
N GLU B 294 -38.41 -59.50 -42.52
CA GLU B 294 -39.23 -59.38 -43.72
C GLU B 294 -39.13 -57.97 -44.29
N GLY B 295 -38.87 -57.88 -45.59
CA GLY B 295 -38.80 -56.60 -46.27
C GLY B 295 -37.43 -55.97 -46.34
N VAL B 296 -36.38 -56.71 -45.97
CA VAL B 296 -35.01 -56.20 -45.98
C VAL B 296 -34.10 -57.23 -46.60
N GLU B 297 -33.18 -56.77 -47.45
CA GLU B 297 -32.16 -57.62 -48.02
C GLU B 297 -30.85 -56.85 -48.09
N LEU B 298 -29.75 -57.54 -47.83
CA LEU B 298 -28.42 -56.94 -47.74
C LEU B 298 -27.56 -57.41 -48.90
N ARG B 299 -26.75 -56.49 -49.45
CA ARG B 299 -25.89 -56.82 -50.57
C ARG B 299 -24.78 -57.77 -50.13
N PRO B 300 -24.21 -58.53 -51.07
CA PRO B 300 -23.22 -59.54 -50.69
C PRO B 300 -22.05 -58.95 -49.93
N GLY B 301 -21.42 -59.80 -49.13
CA GLY B 301 -20.47 -59.33 -48.12
C GLY B 301 -21.03 -58.28 -47.17
N LEU B 302 -22.23 -58.49 -46.67
CA LEU B 302 -22.78 -57.67 -45.59
C LEU B 302 -23.77 -58.51 -44.81
N TYR B 303 -23.82 -58.31 -43.50
CA TYR B 303 -24.53 -59.20 -42.59
C TYR B 303 -25.44 -58.41 -41.66
N TRP B 304 -26.47 -59.09 -41.17
CA TRP B 304 -27.45 -58.51 -40.27
C TRP B 304 -27.11 -58.87 -38.83
N ASN B 305 -27.05 -57.85 -37.97
CA ASN B 305 -26.76 -58.03 -36.56
C ASN B 305 -27.66 -57.11 -35.75
N VAL B 306 -28.35 -57.67 -34.75
CA VAL B 306 -29.40 -56.93 -34.05
C VAL B 306 -28.88 -55.92 -33.03
N TRP B 307 -27.57 -55.88 -32.80
CA TRP B 307 -27.00 -54.93 -31.85
C TRP B 307 -26.08 -53.90 -32.49
N PHE B 308 -25.62 -54.13 -33.71
CA PHE B 308 -24.82 -53.14 -34.41
C PHE B 308 -25.70 -51.98 -34.85
N PRO B 309 -25.23 -50.73 -34.76
CA PRO B 309 -26.07 -49.61 -35.18
C PRO B 309 -26.41 -49.74 -36.66
N GLY B 310 -27.64 -49.34 -37.00
CA GLY B 310 -28.19 -49.61 -38.31
C GLY B 310 -28.27 -51.06 -38.74
N ASN B 311 -27.90 -51.98 -37.86
CA ASN B 311 -28.23 -53.40 -38.00
C ASN B 311 -27.46 -54.15 -39.08
N ALA B 312 -26.77 -53.46 -39.97
CA ALA B 312 -26.01 -54.09 -41.04
C ALA B 312 -24.52 -53.84 -40.82
N ILE B 313 -23.75 -54.92 -40.78
CA ILE B 313 -22.35 -54.87 -40.38
C ILE B 313 -21.52 -55.64 -41.39
N ALA B 314 -20.26 -55.23 -41.54
CA ALA B 314 -19.37 -55.84 -42.52
C ALA B 314 -18.59 -57.03 -41.96
N MET B 315 -18.52 -57.19 -40.65
CA MET B 315 -17.77 -58.30 -40.07
C MET B 315 -18.61 -59.57 -40.15
N PRO B 316 -18.07 -60.67 -40.67
CA PRO B 316 -18.83 -61.91 -40.74
C PRO B 316 -19.19 -62.41 -39.35
N PRO B 317 -20.07 -63.40 -39.24
CA PRO B 317 -20.28 -64.06 -37.95
C PRO B 317 -18.96 -64.53 -37.35
N PRO B 318 -18.68 -64.15 -36.08
CA PRO B 318 -17.30 -64.20 -35.56
C PRO B 318 -16.86 -65.52 -34.94
N LEU B 319 -17.78 -66.28 -34.34
CA LEU B 319 -17.38 -67.36 -33.44
C LEU B 319 -18.03 -68.68 -33.85
N MET B 320 -17.34 -69.77 -33.52
CA MET B 320 -17.71 -71.11 -33.92
C MET B 320 -17.17 -72.09 -32.89
N ASP B 321 -17.98 -73.07 -32.51
CA ASP B 321 -17.65 -73.93 -31.38
C ASP B 321 -16.41 -74.77 -31.68
N GLU B 322 -15.55 -74.89 -30.66
CA GLU B 322 -14.29 -75.64 -30.78
C GLU B 322 -13.48 -75.18 -31.98
N MET B 323 -13.66 -73.92 -32.41
CA MET B 323 -12.74 -73.33 -33.35
C MET B 323 -11.38 -73.08 -32.70
N ILE B 324 -11.33 -73.07 -31.37
CA ILE B 324 -10.10 -72.93 -30.60
C ILE B 324 -10.17 -73.89 -29.43
N ASP B 325 -9.07 -74.00 -28.70
CA ASP B 325 -9.00 -74.91 -27.56
C ASP B 325 -8.24 -74.25 -26.42
N TYR B 326 -8.52 -74.71 -25.21
CA TYR B 326 -8.01 -74.11 -23.99
C TYR B 326 -7.01 -75.05 -23.32
N GLU B 327 -6.01 -74.46 -22.66
CA GLU B 327 -4.99 -75.25 -21.99
C GLU B 327 -5.35 -75.60 -20.55
N ASP B 328 -6.24 -74.85 -19.89
CA ASP B 328 -6.66 -75.23 -18.54
C ASP B 328 -7.68 -76.35 -18.54
N GLY B 329 -8.36 -76.59 -19.66
CA GLY B 329 -9.31 -77.69 -19.80
C GLY B 329 -10.73 -77.24 -20.03
N THR B 330 -11.00 -75.95 -19.96
CA THR B 330 -12.37 -75.45 -20.05
C THR B 330 -12.96 -75.80 -21.42
N PRO B 331 -14.25 -76.14 -21.47
CA PRO B 331 -14.87 -76.43 -22.76
C PRO B 331 -15.10 -75.18 -23.59
N CYS B 332 -15.00 -75.34 -24.91
CA CYS B 332 -15.06 -74.23 -25.84
C CYS B 332 -16.43 -74.15 -26.50
N ASN B 333 -17.02 -72.96 -26.47
CA ASN B 333 -18.24 -72.65 -27.20
C ASN B 333 -18.33 -71.14 -27.34
N ILE B 334 -19.20 -70.69 -28.25
CA ILE B 334 -19.17 -69.29 -28.65
C ILE B 334 -19.45 -68.37 -27.46
N SER B 335 -20.36 -68.79 -26.56
CA SER B 335 -20.64 -67.98 -25.38
C SER B 335 -19.40 -67.85 -24.50
N GLN B 336 -18.73 -68.97 -24.23
CA GLN B 336 -17.54 -68.96 -23.39
C GLN B 336 -16.45 -68.12 -24.03
N MET B 337 -16.23 -68.31 -25.34
CA MET B 337 -15.22 -67.51 -26.04
C MET B 337 -15.56 -66.03 -25.97
N SER B 338 -16.84 -65.69 -26.11
CA SER B 338 -17.26 -64.29 -25.98
C SER B 338 -16.83 -63.74 -24.63
N LYS B 339 -17.20 -64.44 -23.55
CA LYS B 339 -16.87 -63.94 -22.22
C LYS B 339 -15.36 -63.75 -22.06
N ASP B 340 -14.58 -64.76 -22.45
CA ASP B 340 -13.15 -64.70 -22.21
C ASP B 340 -12.47 -63.63 -23.04
N VAL B 341 -12.83 -63.49 -24.32
CA VAL B 341 -12.17 -62.48 -25.13
C VAL B 341 -12.59 -61.08 -24.69
N VAL B 342 -13.84 -60.89 -24.25
CA VAL B 342 -14.23 -59.59 -23.75
C VAL B 342 -13.44 -59.25 -22.48
N ASN B 343 -13.23 -60.25 -21.62
CA ASN B 343 -12.38 -60.03 -20.44
C ASN B 343 -10.99 -59.58 -20.86
N PHE B 344 -10.39 -60.29 -21.83
CA PHE B 344 -9.03 -59.97 -22.25
C PHE B 344 -8.95 -58.55 -22.81
N LEU B 345 -9.91 -58.17 -23.67
CA LEU B 345 -9.87 -56.85 -24.27
C LEU B 345 -10.11 -55.76 -23.24
N THR B 346 -10.99 -56.02 -22.27
CA THR B 346 -11.20 -55.04 -21.20
C THR B 346 -9.92 -54.82 -20.41
N TRP B 347 -9.20 -55.90 -20.11
CA TRP B 347 -7.91 -55.73 -19.44
C TRP B 347 -6.96 -54.93 -20.31
N ALA B 348 -6.82 -55.32 -21.58
CA ALA B 348 -5.88 -54.65 -22.47
C ALA B 348 -6.21 -53.17 -22.65
N THR B 349 -7.45 -52.77 -22.42
CA THR B 349 -7.81 -51.36 -22.58
C THR B 349 -7.11 -50.48 -21.55
N GLU B 350 -6.88 -50.99 -20.35
CA GLU B 350 -6.09 -50.29 -19.34
C GLU B 350 -5.52 -51.27 -18.33
N PRO B 351 -4.31 -51.80 -18.56
CA PRO B 351 -3.74 -52.75 -17.59
C PRO B 351 -3.57 -52.20 -16.19
N THR B 352 -3.54 -50.89 -16.00
CA THR B 352 -3.36 -50.28 -14.68
C THR B 352 -4.64 -50.29 -13.86
N ALA B 353 -5.67 -51.02 -14.26
CA ALA B 353 -6.96 -50.92 -13.58
C ALA B 353 -6.86 -51.32 -12.12
N ASP B 354 -6.28 -52.49 -11.84
CA ASP B 354 -6.28 -53.01 -10.48
C ASP B 354 -5.44 -52.12 -9.56
N GLU B 355 -4.29 -51.67 -10.03
CA GLU B 355 -3.51 -50.68 -9.29
C GLU B 355 -4.36 -49.46 -8.96
N ARG B 356 -5.06 -48.93 -9.97
CA ARG B 356 -5.89 -47.75 -9.79
C ARG B 356 -6.93 -47.97 -8.71
N LYS B 357 -7.63 -49.11 -8.76
CA LYS B 357 -8.72 -49.35 -7.81
C LYS B 357 -8.21 -49.59 -6.40
N LEU B 358 -7.14 -50.38 -6.26
CA LEU B 358 -6.59 -50.65 -4.94
C LEU B 358 -6.06 -49.38 -4.29
N TYR B 359 -5.45 -48.50 -5.08
CA TYR B 359 -5.04 -47.21 -4.53
C TYR B 359 -6.26 -46.35 -4.16
N GLY B 360 -7.25 -46.31 -5.06
CA GLY B 360 -8.49 -45.62 -4.76
C GLY B 360 -9.07 -45.95 -3.40
N LEU B 361 -9.11 -47.23 -3.07
CA LEU B 361 -9.77 -47.64 -1.82
C LEU B 361 -9.11 -46.98 -0.61
N LYS B 362 -7.80 -47.14 -0.49
CA LYS B 362 -7.06 -46.49 0.60
C LYS B 362 -7.30 -45.00 0.62
N CYS B 363 -7.20 -44.35 -0.55
CA CYS B 363 -7.34 -42.90 -0.60
C CYS B 363 -8.70 -42.46 -0.07
N VAL B 364 -9.78 -43.04 -0.61
CA VAL B 364 -11.12 -42.60 -0.24
C VAL B 364 -11.41 -42.88 1.22
N SER B 365 -11.01 -44.05 1.71
CA SER B 365 -11.24 -44.39 3.11
C SER B 365 -10.60 -43.35 4.03
N ALA B 366 -9.31 -43.09 3.81
CA ALA B 366 -8.61 -42.15 4.68
C ALA B 366 -9.22 -40.76 4.59
N ILE B 367 -9.61 -40.34 3.38
CA ILE B 367 -10.18 -39.02 3.21
C ILE B 367 -11.51 -38.90 3.93
N ALA B 368 -12.32 -39.96 3.93
CA ALA B 368 -13.58 -39.93 4.67
C ALA B 368 -13.34 -39.80 6.17
N ILE B 369 -12.36 -40.53 6.70
CA ILE B 369 -12.04 -40.41 8.12
C ILE B 369 -11.64 -38.96 8.45
N GLY B 370 -10.70 -38.42 7.68
CA GLY B 370 -10.51 -36.98 7.62
C GLY B 370 -11.76 -36.12 7.70
N THR B 371 -12.73 -36.41 6.85
CA THR B 371 -13.93 -35.59 6.77
C THR B 371 -14.68 -35.60 8.09
N VAL B 372 -14.76 -36.77 8.72
CA VAL B 372 -15.41 -36.86 10.04
C VAL B 372 -14.69 -35.98 11.05
N LEU B 373 -13.36 -36.08 11.07
CA LEU B 373 -12.59 -35.30 12.03
C LEU B 373 -12.78 -33.80 11.82
N MET B 374 -12.76 -33.37 10.56
CA MET B 374 -12.91 -31.94 10.28
C MET B 374 -14.32 -31.46 10.60
N THR B 375 -15.33 -32.31 10.38
CA THR B 375 -16.69 -31.96 10.79
C THR B 375 -16.76 -31.70 12.29
N LEU B 376 -16.14 -32.59 13.07
CA LEU B 376 -16.12 -32.38 14.52
C LEU B 376 -15.42 -31.08 14.87
N TRP B 377 -14.28 -30.80 14.23
CA TRP B 377 -13.55 -29.57 14.54
C TRP B 377 -14.37 -28.33 14.19
N TRP B 378 -15.10 -28.37 13.08
CA TRP B 378 -15.93 -27.22 12.70
C TRP B 378 -17.05 -27.00 13.71
N ARG B 379 -17.74 -28.07 14.12
CA ARG B 379 -18.81 -27.90 15.11
C ARG B 379 -18.27 -27.38 16.43
N PHE B 380 -17.04 -27.77 16.78
CA PHE B 380 -16.41 -27.30 18.02
C PHE B 380 -16.47 -25.78 18.11
N TYR B 381 -16.25 -25.09 16.99
CA TYR B 381 -16.31 -23.64 16.98
C TYR B 381 -17.70 -23.10 16.69
N TRP B 382 -18.52 -23.87 15.96
CA TRP B 382 -19.91 -23.46 15.76
C TRP B 382 -20.62 -23.21 17.10
N ALA B 383 -20.40 -24.10 18.06
CA ALA B 383 -21.24 -24.11 19.25
C ALA B 383 -21.03 -22.90 20.14
N MET B 384 -19.86 -22.26 20.09
CA MET B 384 -19.59 -21.17 21.04
C MET B 384 -20.34 -19.90 20.68
N TYR B 385 -20.60 -19.67 19.39
CA TYR B 385 -21.40 -18.53 18.97
C TYR B 385 -22.86 -18.89 18.75
N ALA B 386 -23.17 -20.16 18.46
CA ALA B 386 -24.57 -20.56 18.36
C ALA B 386 -25.28 -20.48 19.69
N THR B 387 -24.55 -20.61 20.80
CA THR B 387 -25.13 -20.62 22.14
C THR B 387 -24.93 -19.32 22.89
N ARG B 388 -24.44 -18.28 22.24
CA ARG B 388 -24.15 -17.02 22.91
C ARG B 388 -25.44 -16.30 23.32
N ARG B 389 -25.31 -15.45 24.34
CA ARG B 389 -26.40 -14.62 24.82
C ARG B 389 -26.01 -13.15 24.64
N ILE B 390 -26.93 -12.35 24.12
CA ILE B 390 -26.77 -10.91 24.02
C ILE B 390 -28.02 -10.25 24.58
N ASP B 391 -27.82 -9.32 25.52
CA ASP B 391 -28.92 -8.62 26.17
C ASP B 391 -28.82 -7.14 25.88
N PHE B 392 -29.97 -6.48 25.82
CA PHE B 392 -30.05 -5.04 25.60
C PHE B 392 -30.67 -4.39 26.82
N GLY B 393 -29.99 -3.38 27.35
CA GLY B 393 -30.50 -2.63 28.48
C GLY B 393 -29.99 -3.14 29.82
N LYS B 394 -30.38 -4.35 30.20
CA LYS B 394 -29.96 -4.90 31.48
C LYS B 394 -29.79 -6.41 31.36
N LEU B 395 -29.07 -6.98 32.33
CA LEU B 395 -28.73 -8.39 32.34
C LEU B 395 -29.94 -9.21 32.77
N LYS B 396 -30.24 -10.27 32.00
CA LYS B 396 -31.36 -11.16 32.32
C LYS B 396 -30.91 -12.36 33.14
N TYR B 397 -30.00 -13.16 32.58
CA TYR B 397 -29.61 -14.44 33.17
C TYR B 397 -28.10 -14.54 33.23
N LEU B 398 -27.64 -15.51 34.00
CA LEU B 398 -26.22 -15.65 34.31
C LEU B 398 -25.86 -17.12 34.53
N SER C 160 17.29 2.69 10.31
CA SER C 160 17.42 2.04 9.02
C SER C 160 17.75 0.56 9.17
N VAL C 161 17.99 -0.11 8.04
CA VAL C 161 18.31 -1.54 8.04
C VAL C 161 19.77 -1.82 8.35
N HIS C 162 20.56 -0.81 8.68
CA HIS C 162 22.01 -0.96 8.77
C HIS C 162 22.46 -0.98 10.23
N SER C 163 23.27 -1.96 10.56
CA SER C 163 23.85 -2.09 11.89
C SER C 163 25.06 -1.18 12.04
N HIS C 164 25.50 -1.00 13.28
CA HIS C 164 26.84 -0.55 13.57
C HIS C 164 27.68 -1.76 13.98
N ASN C 165 28.99 -1.54 14.09
CA ASN C 165 29.93 -2.62 14.33
C ASN C 165 30.86 -2.29 15.48
N ILE C 166 30.33 -1.72 16.56
CA ILE C 166 31.11 -1.45 17.75
C ILE C 166 31.37 -2.79 18.45
N ARG C 167 32.63 -3.21 18.46
CA ARG C 167 33.01 -4.47 19.08
C ARG C 167 34.50 -4.42 19.42
N PRO C 168 34.95 -5.25 20.35
CA PRO C 168 36.39 -5.36 20.61
C PRO C 168 37.08 -6.10 19.48
N ASP C 169 38.34 -5.73 19.24
CA ASP C 169 39.08 -6.20 18.09
C ASP C 169 40.55 -6.31 18.47
N LYS C 170 41.21 -7.37 18.01
CA LYS C 170 42.60 -7.61 18.34
C LYS C 170 43.58 -7.23 17.23
N HIS C 171 43.07 -6.92 16.03
CA HIS C 171 43.92 -6.37 14.99
C HIS C 171 43.96 -4.85 14.98
N GLU C 172 43.01 -4.19 15.63
CA GLU C 172 42.84 -2.75 15.56
C GLU C 172 42.69 -2.21 16.97
N LEU C 173 43.75 -1.55 17.47
CA LEU C 173 43.72 -1.02 18.82
C LEU C 173 42.79 0.19 18.89
N PRO C 174 42.23 0.48 20.06
CA PRO C 174 41.27 1.58 20.17
C PRO C 174 41.92 2.94 19.91
N ALA C 175 41.05 3.92 19.64
CA ALA C 175 41.52 5.24 19.23
C ALA C 175 42.17 6.03 20.36
N SER C 176 41.88 5.70 21.62
CA SER C 176 42.69 6.26 22.70
C SER C 176 44.10 5.68 22.69
N GLU C 177 44.31 4.54 22.05
CA GLU C 177 45.62 3.92 22.00
C GLU C 177 46.39 4.32 20.75
N VAL C 178 45.77 4.16 19.58
CA VAL C 178 46.41 4.44 18.30
C VAL C 178 45.45 5.21 17.41
N PRO C 179 45.38 6.53 17.47
CA PRO C 179 44.51 7.25 16.54
C PRO C 179 45.15 7.31 15.15
N LEU C 180 44.32 7.12 14.14
CA LEU C 180 44.79 7.20 12.76
C LEU C 180 44.84 8.64 12.25
N TYR C 181 44.10 9.55 12.88
CA TYR C 181 44.18 10.96 12.50
C TYR C 181 45.30 11.65 13.26
N TYR C 182 45.61 12.87 12.82
CA TYR C 182 46.69 13.67 13.39
C TYR C 182 46.19 14.28 14.70
N ASN C 183 46.78 13.84 15.82
CA ASN C 183 46.18 14.06 17.13
C ASN C 183 46.79 15.30 17.81
N ARG C 184 46.44 16.45 17.24
CA ARG C 184 46.73 17.74 17.86
C ARG C 184 45.51 18.65 17.70
N PHE C 185 44.95 19.10 18.82
CA PHE C 185 43.76 19.92 18.82
C PHE C 185 43.93 21.09 19.79
N ASP C 186 43.47 22.26 19.37
CA ASP C 186 43.32 23.40 20.26
C ASP C 186 42.00 23.32 21.00
N GLN C 187 41.96 23.97 22.16
CA GLN C 187 40.84 23.90 23.07
C GLN C 187 40.46 25.30 23.53
N ALA C 188 39.16 25.59 23.56
CA ALA C 188 38.66 26.87 24.04
C ALA C 188 37.89 26.72 25.34
N ASP C 189 37.87 27.80 26.11
CA ASP C 189 37.06 27.88 27.33
C ASP C 189 35.58 27.99 27.03
N HIS C 190 35.20 28.41 25.84
CA HIS C 190 33.81 28.60 25.45
C HIS C 190 33.77 28.65 23.93
N PRO C 191 32.91 27.89 23.26
CA PRO C 191 32.99 27.83 21.80
C PRO C 191 32.72 29.16 21.10
N SER C 192 32.04 30.11 21.75
CA SER C 192 31.85 31.42 21.14
C SER C 192 33.17 32.02 20.69
N LEU C 193 34.24 31.78 21.44
CA LEU C 193 35.53 32.36 21.09
C LEU C 193 35.99 31.96 19.69
N TRP C 194 35.52 30.84 19.15
CA TRP C 194 35.92 30.45 17.81
C TRP C 194 35.52 31.49 16.77
N GLN C 195 34.55 32.36 17.08
CA GLN C 195 34.24 33.47 16.18
C GLN C 195 35.49 34.31 15.93
N LEU C 196 36.17 34.70 17.01
CA LEU C 196 37.26 35.66 16.89
C LEU C 196 38.30 35.21 15.89
N GLU C 197 38.73 33.95 15.98
CA GLU C 197 39.80 33.47 15.12
C GLU C 197 39.45 33.57 13.64
N GLU C 198 38.15 33.45 13.29
CA GLU C 198 37.80 33.53 11.88
C GLU C 198 38.04 34.91 11.30
N GLU C 199 38.14 35.95 12.15
CA GLU C 199 38.41 37.30 11.71
C GLU C 199 39.77 37.81 12.17
N GLN C 200 40.70 36.90 12.45
CA GLN C 200 42.07 37.28 12.82
C GLN C 200 43.14 36.44 12.13
N GLN C 201 42.82 35.25 11.63
CA GLN C 201 43.82 34.42 10.97
C GLN C 201 43.99 34.81 9.51
N ARG C 202 45.07 34.34 8.92
CA ARG C 202 45.25 34.34 7.48
C ARG C 202 44.69 33.04 6.90
N LYS C 203 44.46 33.05 5.60
CA LYS C 203 43.88 31.90 4.90
C LYS C 203 44.66 31.65 3.60
N HIS C 204 44.87 30.37 3.28
CA HIS C 204 45.64 30.02 2.09
C HIS C 204 44.89 30.32 0.80
N LEU C 205 43.56 30.34 0.85
CA LEU C 205 42.76 30.58 -0.34
C LEU C 205 42.58 32.06 -0.64
N ASP C 206 43.06 32.96 0.22
CA ASP C 206 43.07 34.39 -0.05
C ASP C 206 44.30 34.83 -0.82
N GLN C 207 45.21 33.91 -1.14
CA GLN C 207 46.52 34.25 -1.67
C GLN C 207 46.77 33.48 -2.96
N GLU C 208 47.61 34.05 -3.81
CA GLU C 208 47.74 33.60 -5.19
C GLU C 208 48.85 32.56 -5.33
N VAL C 209 48.53 31.49 -6.07
CA VAL C 209 49.52 30.54 -6.57
C VAL C 209 49.16 30.21 -8.01
N THR C 210 50.16 29.76 -8.77
CA THR C 210 49.99 29.54 -10.19
C THR C 210 50.35 28.14 -10.66
N ASP C 211 51.18 27.40 -9.93
CA ASP C 211 51.62 26.07 -10.35
C ASP C 211 51.30 25.04 -9.27
N VAL C 212 51.12 23.79 -9.72
CA VAL C 212 50.77 22.70 -8.82
C VAL C 212 51.86 22.50 -7.77
N SER C 213 53.11 22.81 -8.11
CA SER C 213 54.20 22.59 -7.18
C SER C 213 54.20 23.58 -6.01
N GLN C 214 53.37 24.61 -6.05
CA GLN C 214 53.32 25.60 -4.98
C GLN C 214 52.23 25.32 -3.96
N LEU C 215 51.41 24.30 -4.18
CA LEU C 215 50.32 24.00 -3.27
C LEU C 215 50.86 23.53 -1.92
N VAL C 216 50.22 23.99 -0.83
CA VAL C 216 50.73 23.69 0.49
C VAL C 216 50.75 22.19 0.72
N GLU C 217 51.69 21.74 1.56
CA GLU C 217 51.85 20.31 1.76
C GLU C 217 51.04 19.83 2.97
N PRO C 218 50.37 18.68 2.85
CA PRO C 218 49.58 18.17 3.98
C PRO C 218 50.40 18.03 5.25
N VAL C 219 49.72 18.23 6.39
CA VAL C 219 50.37 18.14 7.69
C VAL C 219 50.54 16.68 8.11
N SER C 220 49.59 15.82 7.74
CA SER C 220 49.59 14.44 8.16
C SER C 220 50.54 13.61 7.29
N SER C 221 51.09 12.56 7.89
CA SER C 221 52.11 11.76 7.25
C SER C 221 51.49 10.75 6.27
N PRO C 222 52.18 10.46 5.17
CA PRO C 222 51.70 9.40 4.27
C PRO C 222 51.77 8.01 4.87
N HIS C 223 52.56 7.81 5.91
CA HIS C 223 52.95 6.47 6.37
C HIS C 223 52.12 6.10 7.59
N GLN C 224 50.98 5.45 7.34
CA GLN C 224 50.05 5.14 8.42
C GLN C 224 49.63 3.67 8.45
N THR C 225 48.94 3.22 7.41
CA THR C 225 48.33 1.90 7.38
C THR C 225 49.19 0.93 6.60
N GLU C 226 49.31 -0.29 7.11
CA GLU C 226 50.17 -1.31 6.52
C GLU C 226 49.43 -2.63 6.46
N GLY C 227 49.91 -3.51 5.59
CA GLY C 227 49.44 -4.87 5.54
C GLY C 227 49.30 -5.41 4.12
N TRP C 228 49.16 -6.73 4.02
CA TRP C 228 49.13 -7.39 2.73
C TRP C 228 47.88 -7.00 1.95
N PHE C 229 48.09 -6.61 0.69
CA PHE C 229 47.00 -6.35 -0.25
C PHE C 229 46.11 -5.18 0.18
N LYS C 230 46.66 -4.22 0.91
CA LYS C 230 45.91 -3.02 1.29
C LYS C 230 46.30 -1.89 0.34
N ARG C 231 45.41 -1.62 -0.63
CA ARG C 231 45.63 -0.53 -1.57
C ARG C 231 45.64 0.81 -0.85
N LEU C 232 44.54 1.14 -0.17
CA LEU C 232 44.40 2.43 0.48
C LEU C 232 45.27 2.48 1.73
N ARG C 233 46.12 3.50 1.82
CA ARG C 233 47.12 3.59 2.87
C ARG C 233 46.79 4.63 3.93
N TYR C 234 45.63 5.28 3.84
CA TYR C 234 45.30 6.38 4.75
C TYR C 234 43.83 6.32 5.14
N TRP C 235 43.57 6.37 6.45
CA TRP C 235 42.22 6.37 6.98
C TRP C 235 42.18 7.27 8.21
N HIS C 236 40.98 7.55 8.69
CA HIS C 236 40.80 8.38 9.88
C HIS C 236 40.12 7.65 11.03
N TYR C 237 38.92 7.11 10.85
CA TYR C 237 38.04 6.75 11.95
C TYR C 237 37.75 5.25 11.96
N LYS C 238 37.61 4.72 13.18
CA LYS C 238 37.33 3.31 13.40
C LYS C 238 36.43 3.17 14.62
N GLU C 239 35.72 2.05 14.69
CA GLU C 239 34.72 1.82 15.74
C GLU C 239 35.06 0.62 16.63
N THR C 240 36.33 0.25 16.72
CA THR C 240 36.75 -0.72 17.73
C THR C 240 36.51 -0.15 19.12
N ALA C 241 36.08 -1.00 20.03
CA ALA C 241 35.50 -0.57 21.29
C ALA C 241 36.56 -0.23 22.34
N GLU C 242 36.17 0.66 23.25
CA GLU C 242 37.07 1.12 24.30
C GLU C 242 37.06 0.17 25.49
N PRO C 243 38.15 0.11 26.24
CA PRO C 243 38.18 -0.70 27.46
C PRO C 243 37.54 0.01 28.65
N THR C 244 37.55 -0.69 29.79
CA THR C 244 37.00 -0.12 31.01
C THR C 244 37.82 1.08 31.49
N PHE C 245 39.14 1.00 31.38
CA PHE C 245 40.04 2.05 31.85
C PHE C 245 40.88 2.57 30.69
N PRO C 246 40.45 3.67 30.06
CA PRO C 246 41.12 4.15 28.84
C PRO C 246 42.47 4.78 29.13
N ARG C 247 43.26 4.91 28.06
CA ARG C 247 44.52 5.62 28.12
C ARG C 247 44.28 7.11 28.31
N THR C 248 44.99 7.71 29.26
CA THR C 248 44.77 9.11 29.59
C THR C 248 45.34 10.01 28.49
N PRO C 249 44.56 10.91 27.93
CA PRO C 249 45.13 11.91 27.01
C PRO C 249 46.14 12.79 27.72
N ASP C 250 47.20 13.17 26.99
CA ASP C 250 48.17 14.14 27.47
C ASP C 250 47.82 15.47 26.82
N LEU C 251 47.17 16.35 27.57
CA LEU C 251 46.79 17.65 27.05
C LEU C 251 48.00 18.55 26.78
N SER C 252 49.15 18.24 27.37
CA SER C 252 50.35 19.03 27.12
C SER C 252 50.78 18.91 25.66
N LYS C 253 50.47 17.79 25.02
CA LYS C 253 50.78 17.56 23.62
C LYS C 253 49.60 17.86 22.71
N GLY C 254 48.57 18.51 23.23
CA GLY C 254 47.35 18.79 22.48
C GLY C 254 46.63 17.57 21.95
N GLU C 255 46.61 16.49 22.71
CA GLU C 255 45.84 15.32 22.31
C GLU C 255 44.35 15.53 22.62
N LEU C 256 43.51 14.81 21.89
CA LEU C 256 42.07 14.94 22.03
C LEU C 256 41.54 14.17 23.23
N ALA C 257 40.59 14.78 23.93
CA ALA C 257 39.84 14.13 25.01
C ALA C 257 38.36 14.21 24.67
N ALA C 258 37.74 13.04 24.47
CA ALA C 258 36.35 13.01 24.03
C ALA C 258 35.71 11.70 24.43
N GLY C 259 34.39 11.75 24.60
CA GLY C 259 33.61 10.63 25.10
C GLY C 259 34.22 9.81 26.21
N ALA C 260 34.55 8.55 25.94
CA ALA C 260 35.01 7.65 27.00
C ALA C 260 36.11 8.28 27.83
N THR C 261 37.07 8.94 27.18
CA THR C 261 38.25 9.46 27.86
C THR C 261 37.95 10.66 28.75
N VAL C 262 36.73 11.19 28.69
CA VAL C 262 36.28 12.18 29.67
C VAL C 262 35.57 11.51 30.83
N THR C 263 34.81 10.45 30.52
CA THR C 263 33.97 9.81 31.52
C THR C 263 34.79 8.89 32.43
N ARG C 264 35.69 8.11 31.85
CA ARG C 264 36.44 7.09 32.56
C ARG C 264 37.90 7.47 32.71
N THR C 265 38.17 8.74 32.98
CA THR C 265 39.53 9.23 33.15
C THR C 265 39.49 10.50 34.00
N SER C 266 40.65 10.83 34.59
CA SER C 266 40.82 12.00 35.43
C SER C 266 41.25 13.24 34.65
N VAL C 267 41.13 13.21 33.32
CA VAL C 267 41.81 14.20 32.48
C VAL C 267 41.31 15.61 32.77
N TRP C 268 40.03 15.76 33.08
CA TRP C 268 39.43 17.09 33.24
C TRP C 268 39.69 17.72 34.59
N HIS C 269 40.48 17.08 35.45
CA HIS C 269 40.67 17.54 36.82
C HIS C 269 41.67 18.69 36.88
N ASP C 270 41.37 19.70 37.70
CA ASP C 270 42.27 20.83 37.91
C ASP C 270 42.30 21.17 39.40
N PRO C 271 43.48 21.34 39.99
CA PRO C 271 43.54 21.71 41.42
C PRO C 271 42.87 23.02 41.78
N ASN C 272 42.88 24.01 40.89
CA ASN C 272 42.53 25.38 41.26
C ASN C 272 41.06 25.72 41.05
N GLU C 273 40.28 24.81 40.49
CA GLU C 273 38.98 25.14 39.91
C GLU C 273 37.91 24.17 40.40
N PRO C 274 36.70 24.66 40.65
CA PRO C 274 35.57 23.75 40.90
C PRO C 274 35.41 22.73 39.79
N ALA C 275 34.88 21.57 40.16
CA ALA C 275 34.71 20.49 39.20
C ALA C 275 33.64 20.83 38.16
N ILE C 276 32.56 21.48 38.59
CA ILE C 276 31.46 21.80 37.67
C ILE C 276 31.95 22.77 36.59
N VAL C 277 32.83 23.68 36.96
CA VAL C 277 33.44 24.59 35.98
C VAL C 277 34.41 23.82 35.10
N SER C 278 35.19 22.91 35.69
CA SER C 278 36.25 22.24 34.95
C SER C 278 35.69 21.33 33.85
N VAL C 279 34.64 20.56 34.16
CA VAL C 279 34.07 19.66 33.16
C VAL C 279 33.47 20.40 31.98
N SER C 280 33.12 21.68 32.14
CA SER C 280 32.39 22.38 31.11
C SER C 280 33.19 22.58 29.83
N ARG C 281 34.51 22.43 29.90
CA ARG C 281 35.39 22.70 28.77
C ARG C 281 35.62 21.49 27.88
N PHE C 282 34.97 20.37 28.15
CA PHE C 282 35.28 19.11 27.46
C PHE C 282 34.12 18.60 26.63
N ALA C 283 33.18 19.47 26.28
CA ALA C 283 32.21 19.14 25.25
C ALA C 283 32.90 19.16 23.89
N PRO C 284 32.38 18.42 22.91
CA PRO C 284 33.08 18.30 21.63
C PRO C 284 33.15 19.60 20.83
N ASP C 285 32.36 20.61 21.18
CA ASP C 285 32.45 21.90 20.50
C ASP C 285 33.66 22.70 20.93
N ASN C 286 34.27 22.37 22.08
CA ASN C 286 35.39 23.13 22.62
C ASN C 286 36.72 22.75 22.00
N PHE C 287 36.75 21.79 21.09
CA PHE C 287 37.98 21.33 20.46
C PHE C 287 37.94 21.60 18.96
N ARG C 288 39.06 22.09 18.42
CA ARG C 288 39.21 22.23 16.98
C ARG C 288 40.65 21.93 16.58
N ALA C 289 40.81 21.19 15.49
CA ALA C 289 42.13 20.77 15.06
C ALA C 289 43.04 21.97 14.79
N VAL C 290 44.34 21.68 14.66
CA VAL C 290 45.31 22.69 14.25
C VAL C 290 45.27 22.82 12.73
N GLY C 291 45.19 24.06 12.25
CA GLY C 291 45.08 24.33 10.84
C GLY C 291 43.66 24.53 10.38
N PHE C 292 42.70 24.49 11.31
CA PHE C 292 41.29 24.47 10.94
C PHE C 292 40.88 25.77 10.26
N ALA C 293 41.17 26.90 10.91
CA ALA C 293 40.77 28.19 10.37
C ALA C 293 41.47 28.52 9.06
N GLU C 294 42.61 27.90 8.79
CA GLU C 294 43.44 28.24 7.65
C GLU C 294 43.12 27.44 6.39
N ASN C 295 42.57 26.22 6.53
CA ASN C 295 42.44 25.31 5.41
C ASN C 295 41.01 24.94 5.04
N VAL C 296 40.06 25.04 5.95
CA VAL C 296 38.72 24.49 5.73
C VAL C 296 37.96 25.41 4.79
N PRO C 297 37.56 24.95 3.59
CA PRO C 297 36.86 25.83 2.66
C PRO C 297 35.41 26.08 3.08
N ASN C 298 34.88 27.21 2.61
CA ASN C 298 33.48 27.58 2.82
C ASN C 298 32.99 28.29 1.57
N PRO C 299 32.45 27.54 0.61
CA PRO C 299 32.10 28.14 -0.69
C PRO C 299 31.08 29.27 -0.59
N GLU C 300 31.11 30.13 -1.60
CA GLU C 300 30.09 31.16 -1.80
C GLU C 300 29.10 30.81 -2.91
N SER C 301 29.46 29.90 -3.80
CA SER C 301 28.60 29.50 -4.90
C SER C 301 29.04 28.12 -5.37
N THR C 302 28.15 27.45 -6.11
CA THR C 302 28.53 26.22 -6.78
C THR C 302 29.31 26.47 -8.05
N ASN C 303 29.27 27.69 -8.58
CA ASN C 303 29.88 28.02 -9.86
C ASN C 303 31.20 28.73 -9.63
N SER C 304 32.24 28.27 -10.33
CA SER C 304 33.51 28.96 -10.34
C SER C 304 33.49 30.06 -11.38
N ASP C 305 34.07 31.21 -11.03
CA ASP C 305 34.09 32.34 -11.95
C ASP C 305 34.89 32.05 -13.21
N SER C 306 35.64 30.95 -13.24
CA SER C 306 36.43 30.56 -14.41
C SER C 306 35.69 29.62 -15.34
N HIS C 307 34.40 29.38 -15.10
CA HIS C 307 33.59 28.50 -15.93
C HIS C 307 32.36 29.25 -16.43
N PRO C 308 31.80 28.82 -17.57
CA PRO C 308 30.62 29.50 -18.11
C PRO C 308 29.29 29.04 -17.54
N ASP C 309 28.46 30.00 -17.13
CA ASP C 309 27.08 29.79 -16.72
C ASP C 309 26.13 30.29 -17.82
N PHE C 310 24.84 30.42 -17.47
CA PHE C 310 23.84 30.72 -18.48
C PHE C 310 24.04 32.07 -19.15
N ARG C 311 24.82 32.97 -18.55
CA ARG C 311 24.92 34.34 -19.07
C ARG C 311 25.49 34.40 -20.48
N GLU C 312 26.34 33.44 -20.84
CA GLU C 312 26.94 33.43 -22.17
C GLU C 312 26.17 32.57 -23.15
N TYR C 313 25.05 31.97 -22.72
CA TYR C 313 24.25 31.11 -23.57
C TYR C 313 22.80 31.57 -23.67
N ARG C 314 22.38 32.52 -22.85
CA ARG C 314 21.01 33.00 -22.87
C ARG C 314 20.70 33.71 -24.19
N LEU C 315 19.53 33.42 -24.75
CA LEU C 315 19.04 34.08 -25.95
C LEU C 315 18.29 35.34 -25.54
N GLY C 316 18.84 36.49 -25.89
CA GLY C 316 18.37 37.76 -25.36
C GLY C 316 17.37 38.48 -26.24
N PRO C 317 17.19 39.77 -25.98
CA PRO C 317 16.42 40.59 -26.92
C PRO C 317 16.89 40.45 -28.36
N GLY C 318 15.93 40.38 -29.27
CA GLY C 318 16.20 40.32 -30.68
C GLY C 318 16.15 38.92 -31.25
N SER C 319 15.99 37.93 -30.38
CA SER C 319 16.07 36.53 -30.76
C SER C 319 14.77 36.05 -31.39
N VAL C 320 14.88 34.93 -32.09
CA VAL C 320 13.74 34.29 -32.73
C VAL C 320 12.92 33.53 -31.70
N ASP C 321 11.74 33.08 -32.09
CA ASP C 321 10.98 32.14 -31.29
C ASP C 321 11.33 30.72 -31.74
N ARG C 322 11.52 29.84 -30.76
CA ARG C 322 12.00 28.49 -31.02
C ARG C 322 10.99 27.39 -30.72
N ARG C 323 9.78 27.72 -30.27
CA ARG C 323 8.76 26.70 -30.08
C ARG C 323 8.53 25.86 -31.33
N PRO C 324 8.34 26.46 -32.52
CA PRO C 324 8.20 25.63 -33.73
C PRO C 324 9.30 24.61 -33.89
N PHE C 325 10.55 25.02 -33.69
CA PHE C 325 11.68 24.11 -33.90
C PHE C 325 11.65 22.97 -32.90
N VAL C 326 11.41 23.28 -31.63
CA VAL C 326 11.39 22.26 -30.59
C VAL C 326 10.31 21.21 -30.88
N TYR C 327 9.09 21.68 -31.15
CA TYR C 327 8.00 20.75 -31.36
C TYR C 327 8.14 20.00 -32.68
N PHE C 328 8.76 20.62 -33.69
CA PHE C 328 9.06 19.91 -34.93
C PHE C 328 10.06 18.79 -34.70
N MET C 329 11.11 19.08 -33.91
CA MET C 329 12.08 18.06 -33.52
C MET C 329 11.36 16.84 -32.94
N SER C 330 10.51 17.07 -31.95
CA SER C 330 9.89 15.95 -31.26
C SER C 330 8.84 15.25 -32.11
N ALA C 331 8.10 16.00 -32.95
CA ALA C 331 7.16 15.37 -33.87
C ALA C 331 7.88 14.48 -34.86
N SER C 332 9.05 14.92 -35.34
CA SER C 332 9.84 14.09 -36.24
C SER C 332 10.23 12.78 -35.58
N TYR C 333 10.79 12.88 -34.38
CA TYR C 333 11.11 11.67 -33.63
C TYR C 333 9.91 10.73 -33.58
N PHE C 334 8.74 11.27 -33.25
CA PHE C 334 7.57 10.42 -33.05
C PHE C 334 7.09 9.79 -34.34
N PHE C 335 7.17 10.49 -35.48
CA PHE C 335 6.62 9.85 -36.68
C PHE C 335 7.55 8.74 -37.18
N ILE C 336 8.87 8.90 -37.01
CA ILE C 336 9.73 7.75 -37.28
C ILE C 336 9.38 6.59 -36.35
N THR C 337 9.22 6.91 -35.06
CA THR C 337 8.89 5.89 -34.07
C THR C 337 7.63 5.12 -34.47
N ALA C 338 6.60 5.83 -34.89
CA ALA C 338 5.32 5.20 -35.22
C ALA C 338 5.44 4.32 -36.45
N SER C 339 6.17 4.79 -37.47
CA SER C 339 6.37 3.94 -38.64
C SER C 339 7.02 2.62 -38.24
N MET C 340 8.08 2.69 -37.42
CA MET C 340 8.74 1.46 -36.99
C MET C 340 7.81 0.55 -36.20
N MET C 341 7.01 1.13 -35.31
CA MET C 341 6.08 0.34 -34.50
C MET C 341 5.05 -0.38 -35.38
N ARG C 342 4.48 0.35 -36.34
CA ARG C 342 3.52 -0.25 -37.26
C ARG C 342 4.15 -1.39 -38.04
N SER C 343 5.40 -1.21 -38.48
CA SER C 343 6.09 -2.28 -39.19
C SER C 343 6.20 -3.52 -38.30
N PHE C 344 6.55 -3.32 -37.04
CA PHE C 344 6.68 -4.46 -36.12
C PHE C 344 5.37 -5.22 -35.98
N LEU C 345 4.28 -4.49 -35.73
CA LEU C 345 2.99 -5.15 -35.57
C LEU C 345 2.59 -5.86 -36.86
N CYS C 346 2.86 -5.25 -38.01
CA CYS C 346 2.49 -5.88 -39.28
C CYS C 346 3.24 -7.20 -39.46
N LYS C 347 4.54 -7.20 -39.19
CA LYS C 347 5.30 -8.44 -39.30
C LYS C 347 4.77 -9.50 -38.33
N TRP C 348 4.47 -9.09 -37.09
CA TRP C 348 3.99 -10.06 -36.11
C TRP C 348 2.65 -10.65 -36.52
N VAL C 349 1.73 -9.82 -37.02
CA VAL C 349 0.47 -10.34 -37.55
C VAL C 349 0.74 -11.31 -38.70
N HIS C 350 1.57 -10.88 -39.67
CA HIS C 350 1.81 -11.70 -40.85
C HIS C 350 2.38 -13.05 -40.48
N TYR C 351 3.12 -13.11 -39.36
CA TYR C 351 3.76 -14.34 -38.95
C TYR C 351 2.77 -15.43 -38.53
N TRP C 352 1.53 -15.08 -38.21
CA TRP C 352 0.50 -16.06 -37.91
C TRP C 352 -0.22 -16.57 -39.16
N TRP C 353 0.08 -16.02 -40.33
CA TRP C 353 -0.59 -16.37 -41.57
C TRP C 353 -0.04 -17.69 -42.12
N VAL C 354 -0.76 -18.25 -43.10
CA VAL C 354 -0.44 -19.58 -43.61
C VAL C 354 0.92 -19.59 -44.30
N SER C 355 1.60 -20.74 -44.24
CA SER C 355 2.97 -20.84 -44.70
C SER C 355 3.04 -20.95 -46.23
N ARG C 356 4.25 -20.75 -46.76
CA ARG C 356 4.48 -20.69 -48.19
C ARG C 356 4.57 -22.07 -48.85
N ASP C 357 4.54 -23.16 -48.07
CA ASP C 357 4.51 -24.50 -48.66
C ASP C 357 3.11 -24.97 -49.02
N MET C 358 2.06 -24.37 -48.46
CA MET C 358 0.72 -24.95 -48.60
C MET C 358 0.14 -24.69 -49.99
N LEU C 359 -0.16 -23.43 -50.29
CA LEU C 359 -0.49 -22.96 -51.64
C LEU C 359 -1.82 -23.46 -52.19
N ALA C 360 -2.37 -24.55 -51.65
CA ALA C 360 -3.70 -25.05 -51.98
C ALA C 360 -3.96 -25.24 -53.49
N ALA C 361 -2.92 -25.27 -54.31
CA ALA C 361 -3.12 -25.44 -55.75
C ALA C 361 -3.21 -26.92 -56.12
N GLY C 362 -3.83 -27.20 -57.26
CA GLY C 362 -3.90 -28.55 -57.79
C GLY C 362 -5.16 -28.79 -58.58
N THR C 363 -5.13 -29.87 -59.37
CA THR C 363 -6.30 -30.36 -60.10
C THR C 363 -6.20 -31.88 -60.17
N THR C 364 -7.34 -32.53 -60.40
CA THR C 364 -7.35 -33.98 -60.46
C THR C 364 -8.33 -34.46 -61.53
N GLU C 365 -8.27 -35.75 -61.84
CA GLU C 365 -9.18 -36.38 -62.80
C GLU C 365 -9.68 -37.70 -62.24
N VAL C 366 -10.86 -38.11 -62.72
CA VAL C 366 -11.55 -39.29 -62.21
C VAL C 366 -12.03 -40.13 -63.39
N ASP C 367 -11.78 -41.44 -63.31
CA ASP C 367 -12.32 -42.41 -64.26
C ASP C 367 -13.64 -42.95 -63.72
N LEU C 368 -14.66 -42.97 -64.58
CA LEU C 368 -16.02 -43.27 -64.17
C LEU C 368 -16.53 -44.63 -64.66
N ARG C 369 -15.68 -45.43 -65.29
CA ARG C 369 -16.11 -46.75 -65.74
C ARG C 369 -16.59 -47.65 -64.61
N PRO C 370 -15.87 -47.78 -63.49
CA PRO C 370 -16.23 -48.81 -62.50
C PRO C 370 -17.50 -48.52 -61.71
N ILE C 371 -18.11 -47.35 -61.84
CA ILE C 371 -19.23 -46.98 -60.97
C ILE C 371 -20.49 -47.73 -61.37
N GLN C 372 -21.35 -47.97 -60.38
CA GLN C 372 -22.62 -48.67 -60.57
C GLN C 372 -23.78 -47.77 -60.20
N GLU C 373 -24.94 -48.05 -60.78
CA GLU C 373 -26.12 -47.23 -60.54
C GLU C 373 -26.51 -47.27 -59.06
N GLY C 374 -26.93 -46.12 -58.54
CA GLY C 374 -27.33 -46.03 -57.15
C GLY C 374 -26.19 -45.92 -56.18
N MET C 375 -24.95 -45.99 -56.65
CA MET C 375 -23.77 -45.92 -55.82
C MET C 375 -23.27 -44.49 -55.70
N THR C 376 -22.64 -44.18 -54.57
CA THR C 376 -21.96 -42.92 -54.36
C THR C 376 -20.48 -43.18 -54.13
N ALA C 377 -19.63 -42.58 -54.97
CA ALA C 377 -18.20 -42.61 -54.79
C ALA C 377 -17.73 -41.28 -54.20
N VAL C 378 -16.60 -41.34 -53.49
CA VAL C 378 -16.07 -40.20 -52.76
C VAL C 378 -14.61 -40.03 -53.13
N PHE C 379 -14.19 -38.79 -53.33
CA PHE C 379 -12.84 -38.47 -53.76
C PHE C 379 -12.32 -37.26 -52.99
N LYS C 380 -11.02 -37.03 -53.13
CA LYS C 380 -10.28 -36.01 -52.39
C LYS C 380 -9.92 -34.87 -53.33
N TRP C 381 -10.20 -33.63 -52.93
CA TRP C 381 -9.96 -32.49 -53.81
C TRP C 381 -9.74 -31.23 -52.98
N ARG C 382 -8.58 -30.61 -53.15
CA ARG C 382 -8.23 -29.36 -52.49
C ARG C 382 -8.61 -29.36 -51.01
N GLY C 383 -8.35 -30.48 -50.34
CA GLY C 383 -8.48 -30.58 -48.91
C GLY C 383 -9.87 -30.93 -48.43
N LYS C 384 -10.82 -31.12 -49.34
CA LYS C 384 -12.22 -31.35 -49.02
C LYS C 384 -12.71 -32.58 -49.76
N PRO C 385 -13.81 -33.18 -49.31
CA PRO C 385 -14.34 -34.34 -50.03
C PRO C 385 -15.33 -33.95 -51.11
N VAL C 386 -15.36 -34.77 -52.16
CA VAL C 386 -16.23 -34.56 -53.31
C VAL C 386 -16.99 -35.85 -53.57
N PHE C 387 -18.31 -35.73 -53.72
CA PHE C 387 -19.17 -36.87 -54.03
C PHE C 387 -19.48 -36.91 -55.52
N VAL C 388 -19.38 -38.11 -56.09
CA VAL C 388 -19.82 -38.41 -57.44
C VAL C 388 -20.82 -39.56 -57.36
N ARG C 389 -22.03 -39.34 -57.86
CA ARG C 389 -23.10 -40.32 -57.75
C ARG C 389 -23.70 -40.59 -59.13
N HIS C 390 -23.91 -41.88 -59.42
CA HIS C 390 -24.56 -42.32 -60.65
C HIS C 390 -26.02 -42.57 -60.32
N ARG C 391 -26.84 -41.54 -60.53
CA ARG C 391 -28.23 -41.58 -60.06
C ARG C 391 -29.07 -42.57 -60.88
N THR C 392 -30.03 -43.19 -60.21
CA THR C 392 -31.03 -44.00 -60.88
C THR C 392 -32.09 -43.09 -61.52
N ALA C 393 -32.90 -43.70 -62.38
CA ALA C 393 -34.02 -42.95 -62.96
C ALA C 393 -34.95 -42.43 -61.89
N GLU C 394 -35.14 -43.21 -60.81
CA GLU C 394 -36.02 -42.77 -59.74
C GLU C 394 -35.40 -41.65 -58.91
N ASP C 395 -34.09 -41.65 -58.73
CA ASP C 395 -33.44 -40.51 -58.10
C ASP C 395 -33.70 -39.24 -58.91
N ILE C 396 -33.51 -39.33 -60.23
CA ILE C 396 -33.77 -38.21 -61.13
C ILE C 396 -35.22 -37.74 -60.98
N ALA C 397 -36.15 -38.70 -60.95
CA ALA C 397 -37.57 -38.36 -60.85
C ALA C 397 -37.88 -37.70 -59.52
N LYS C 398 -37.26 -38.18 -58.43
CA LYS C 398 -37.44 -37.53 -57.13
C LYS C 398 -36.98 -36.09 -57.19
N ALA C 399 -35.81 -35.84 -57.79
CA ALA C 399 -35.30 -34.48 -57.89
C ALA C 399 -36.25 -33.61 -58.72
N GLN C 400 -36.75 -34.13 -59.83
CA GLN C 400 -37.55 -33.33 -60.74
C GLN C 400 -38.96 -33.10 -60.22
N ALA C 401 -39.49 -34.02 -59.40
CA ALA C 401 -40.82 -33.83 -58.84
C ALA C 401 -40.87 -32.62 -57.91
N ASP C 402 -39.77 -32.30 -57.24
CA ASP C 402 -39.74 -31.17 -56.32
C ASP C 402 -39.44 -29.85 -57.03
N ASP C 403 -39.24 -29.86 -58.35
CA ASP C 403 -39.14 -28.60 -59.08
C ASP C 403 -40.45 -27.84 -59.06
N ALA C 404 -41.57 -28.56 -58.90
CA ALA C 404 -42.87 -27.89 -58.80
C ALA C 404 -43.03 -27.13 -57.49
N LEU C 405 -42.23 -27.46 -56.48
CA LEU C 405 -42.29 -26.80 -55.17
C LEU C 405 -41.11 -25.87 -54.95
N ILE C 406 -40.49 -25.38 -56.02
CA ILE C 406 -39.31 -24.53 -55.88
C ILE C 406 -39.65 -23.26 -55.11
N GLY C 407 -40.87 -22.75 -55.27
CA GLY C 407 -41.41 -21.72 -54.39
C GLY C 407 -40.98 -21.81 -52.94
N THR C 408 -40.97 -23.01 -52.39
CA THR C 408 -40.85 -23.22 -50.95
C THR C 408 -39.41 -23.30 -50.46
N MET C 409 -38.44 -23.37 -51.38
CA MET C 409 -37.08 -23.72 -50.99
C MET C 409 -36.32 -22.51 -50.46
N LYS C 410 -35.32 -22.79 -49.62
CA LYS C 410 -34.45 -21.76 -49.08
C LYS C 410 -33.42 -21.27 -50.08
N ASP C 411 -33.09 -22.08 -51.08
CA ASP C 411 -32.05 -21.74 -52.06
C ASP C 411 -32.46 -22.34 -53.40
N PRO C 412 -33.40 -21.71 -54.09
CA PRO C 412 -34.04 -22.38 -55.23
C PRO C 412 -33.09 -22.57 -56.40
N GLN C 413 -33.13 -23.78 -56.97
CA GLN C 413 -32.41 -24.10 -58.19
C GLN C 413 -33.04 -25.34 -58.82
N LEU C 414 -32.97 -25.42 -60.14
CA LEU C 414 -33.53 -26.54 -60.87
C LEU C 414 -32.48 -27.62 -61.09
N ASP C 415 -32.94 -28.86 -61.20
CA ASP C 415 -32.03 -30.00 -61.21
C ASP C 415 -31.10 -29.98 -62.42
N SER C 416 -31.60 -29.53 -63.59
CA SER C 416 -30.81 -29.66 -64.80
C SER C 416 -29.50 -28.86 -64.71
N GLU C 417 -29.49 -27.77 -63.95
CA GLU C 417 -28.24 -27.04 -63.76
C GLU C 417 -27.24 -27.86 -62.98
N ARG C 418 -27.71 -28.60 -61.98
CA ARG C 418 -26.81 -29.33 -61.09
C ARG C 418 -26.33 -30.64 -61.70
N CYS C 419 -26.99 -31.15 -62.73
CA CYS C 419 -26.59 -32.37 -63.43
C CYS C 419 -26.54 -32.05 -64.92
N PRO C 420 -25.49 -31.37 -65.37
CA PRO C 420 -25.36 -31.13 -66.83
C PRO C 420 -25.51 -32.40 -67.63
N ARG C 421 -24.98 -33.52 -67.12
CA ARG C 421 -25.40 -34.83 -67.55
C ARG C 421 -26.36 -35.38 -66.50
N PRO C 422 -27.63 -35.63 -66.85
CA PRO C 422 -28.64 -35.89 -65.82
C PRO C 422 -28.31 -37.04 -64.88
N GLN C 423 -27.68 -38.11 -65.39
CA GLN C 423 -27.45 -39.30 -64.57
C GLN C 423 -26.24 -39.16 -63.66
N TRP C 424 -25.46 -38.08 -63.78
CA TRP C 424 -24.26 -37.88 -62.98
C TRP C 424 -24.48 -36.68 -62.05
N LEU C 425 -24.32 -36.90 -60.75
CA LEU C 425 -24.44 -35.86 -59.74
C LEU C 425 -23.09 -35.67 -59.08
N ILE C 426 -22.66 -34.42 -58.93
CA ILE C 426 -21.36 -34.10 -58.37
C ILE C 426 -21.52 -32.96 -57.38
N ASN C 427 -20.92 -33.10 -56.20
CA ASN C 427 -20.98 -32.03 -55.21
C ASN C 427 -19.70 -32.02 -54.38
N ILE C 428 -19.47 -30.90 -53.71
CA ILE C 428 -18.51 -30.85 -52.60
C ILE C 428 -19.17 -31.48 -51.38
N GLY C 429 -18.52 -32.51 -50.84
CA GLY C 429 -19.05 -33.25 -49.71
C GLY C 429 -19.07 -32.59 -48.34
N VAL C 430 -19.55 -31.36 -48.22
CA VAL C 430 -19.43 -30.62 -46.97
C VAL C 430 -20.73 -29.87 -46.67
N CYS C 431 -21.13 -29.91 -45.40
CA CYS C 431 -22.32 -29.20 -44.96
C CYS C 431 -22.08 -27.70 -44.95
N THR C 432 -22.98 -26.97 -45.58
CA THR C 432 -22.88 -25.51 -45.68
C THR C 432 -23.21 -24.81 -44.38
N HIS C 433 -23.61 -25.54 -43.34
CA HIS C 433 -23.94 -24.91 -42.07
C HIS C 433 -22.68 -24.58 -41.27
N LEU C 434 -21.93 -25.59 -40.85
CA LEU C 434 -20.71 -25.35 -40.09
C LEU C 434 -19.58 -26.30 -40.46
N GLY C 435 -19.72 -27.12 -41.51
CA GLY C 435 -18.58 -27.79 -42.11
C GLY C 435 -18.55 -29.28 -41.93
N CYS C 436 -19.48 -29.85 -41.17
CA CYS C 436 -19.54 -31.30 -41.03
C CYS C 436 -19.78 -31.95 -42.38
N ILE C 437 -19.63 -33.27 -42.42
CA ILE C 437 -19.76 -34.06 -43.64
C ILE C 437 -21.09 -34.79 -43.58
N PRO C 438 -22.04 -34.51 -44.48
CA PRO C 438 -23.33 -35.22 -44.44
C PRO C 438 -23.18 -36.71 -44.70
N THR C 439 -24.07 -37.49 -44.08
CA THR C 439 -24.11 -38.93 -44.21
C THR C 439 -25.19 -39.37 -45.18
N ASP C 440 -25.19 -40.65 -45.52
CA ASP C 440 -26.19 -41.20 -46.41
C ASP C 440 -27.56 -41.21 -45.74
N GLY C 441 -28.59 -40.86 -46.51
CA GLY C 441 -29.96 -40.99 -46.05
C GLY C 441 -30.78 -39.72 -45.99
N GLY C 442 -31.30 -39.45 -44.80
CA GLY C 442 -32.26 -38.38 -44.57
C GLY C 442 -33.62 -38.65 -45.19
N ASN C 443 -34.52 -37.68 -44.99
CA ASN C 443 -35.91 -37.84 -45.35
C ASN C 443 -36.14 -37.77 -46.86
N TYR C 444 -35.23 -37.17 -47.61
CA TYR C 444 -35.42 -36.94 -49.04
C TYR C 444 -34.47 -37.76 -49.89
N GLY C 445 -34.10 -38.95 -49.41
CA GLY C 445 -33.22 -39.86 -50.12
C GLY C 445 -31.88 -39.28 -50.52
N GLY C 446 -31.52 -38.14 -49.95
CA GLY C 446 -30.22 -37.56 -50.26
C GLY C 446 -29.19 -37.79 -49.18
N TRP C 447 -28.89 -36.75 -48.41
CA TRP C 447 -27.87 -36.83 -47.37
C TRP C 447 -28.38 -36.14 -46.11
N PHE C 448 -27.81 -36.54 -44.97
CA PHE C 448 -28.22 -36.04 -43.67
C PHE C 448 -26.98 -35.76 -42.83
N CYS C 449 -26.92 -34.57 -42.23
CA CYS C 449 -25.76 -34.15 -41.44
C CYS C 449 -26.02 -34.42 -39.97
N PRO C 450 -25.15 -35.15 -39.27
CA PRO C 450 -25.45 -35.52 -37.89
C PRO C 450 -25.20 -34.43 -36.86
N CYS C 451 -24.48 -33.37 -37.22
CA CYS C 451 -24.06 -32.38 -36.24
C CYS C 451 -25.20 -31.46 -35.82
N HIS C 452 -26.10 -31.10 -36.75
CA HIS C 452 -27.29 -30.36 -36.35
C HIS C 452 -28.54 -30.73 -37.13
N GLY C 453 -28.49 -31.69 -38.04
CA GLY C 453 -29.68 -32.28 -38.60
C GLY C 453 -30.19 -31.71 -39.90
N SER C 454 -29.31 -31.27 -40.79
CA SER C 454 -29.74 -30.78 -42.09
C SER C 454 -29.93 -31.92 -43.07
N HIS C 455 -30.90 -31.76 -43.97
CA HIS C 455 -31.23 -32.76 -44.98
C HIS C 455 -30.99 -32.20 -46.37
N TYR C 456 -30.56 -33.08 -47.28
CA TYR C 456 -30.38 -32.73 -48.68
C TYR C 456 -31.08 -33.78 -49.53
N ASP C 457 -31.55 -33.36 -50.70
CA ASP C 457 -32.32 -34.23 -51.57
C ASP C 457 -31.40 -35.02 -52.50
N THR C 458 -31.99 -35.74 -53.47
CA THR C 458 -31.23 -36.52 -54.44
C THR C 458 -30.55 -35.65 -55.49
N SER C 459 -30.57 -34.33 -55.34
CA SER C 459 -29.83 -33.45 -56.22
C SER C 459 -28.82 -32.57 -55.48
N GLY C 460 -28.86 -32.53 -54.15
CA GLY C 460 -27.94 -31.76 -53.36
C GLY C 460 -28.57 -30.57 -52.67
N ARG C 461 -29.86 -30.35 -52.86
CA ARG C 461 -30.51 -29.12 -52.42
C ARG C 461 -30.96 -29.25 -50.97
N ILE C 462 -30.85 -28.14 -50.24
CA ILE C 462 -31.17 -28.11 -48.82
C ILE C 462 -32.67 -28.01 -48.67
N ARG C 463 -33.29 -29.06 -48.11
CA ARG C 463 -34.74 -29.10 -47.93
C ARG C 463 -35.17 -28.79 -46.50
N LEU C 464 -34.38 -29.16 -45.50
CA LEU C 464 -34.79 -29.02 -44.11
C LEU C 464 -33.55 -28.88 -43.23
N GLY C 465 -33.68 -28.04 -42.21
CA GLY C 465 -32.63 -27.84 -41.24
C GLY C 465 -31.93 -26.49 -41.38
N PRO C 466 -30.95 -26.25 -40.51
CA PRO C 466 -30.32 -24.93 -40.35
C PRO C 466 -29.35 -24.53 -41.44
N ALA C 467 -29.04 -25.39 -42.41
CA ALA C 467 -28.03 -25.03 -43.38
C ALA C 467 -28.61 -24.03 -44.39
N PRO C 468 -27.87 -22.95 -44.71
CA PRO C 468 -28.43 -21.83 -45.47
C PRO C 468 -28.39 -21.99 -46.99
N SER C 469 -27.72 -23.00 -47.54
CA SER C 469 -27.63 -23.11 -48.99
C SER C 469 -27.42 -24.57 -49.39
N ASN C 470 -27.61 -24.83 -50.68
CA ASN C 470 -27.41 -26.14 -51.25
C ASN C 470 -25.94 -26.52 -51.23
N LEU C 471 -25.67 -27.81 -51.45
CA LEU C 471 -24.29 -28.27 -51.55
C LEU C 471 -23.60 -27.60 -52.72
N GLU C 472 -22.39 -27.11 -52.49
CA GLU C 472 -21.71 -26.25 -53.44
C GLU C 472 -21.16 -27.04 -54.62
N LEU C 473 -21.34 -26.52 -55.82
CA LEU C 473 -20.88 -27.17 -57.03
C LEU C 473 -19.39 -26.89 -57.24
N PRO C 474 -18.56 -27.91 -57.45
CA PRO C 474 -17.15 -27.66 -57.72
C PRO C 474 -16.91 -27.30 -59.17
N PRO C 475 -15.86 -26.52 -59.46
CA PRO C 475 -15.54 -26.22 -60.86
C PRO C 475 -15.05 -27.45 -61.61
N THR C 476 -15.84 -27.93 -62.57
CA THR C 476 -15.63 -29.26 -63.11
C THR C 476 -15.98 -29.29 -64.59
N VAL C 477 -15.43 -30.30 -65.28
CA VAL C 477 -15.69 -30.54 -66.69
C VAL C 477 -15.69 -32.04 -66.93
N PHE C 478 -16.61 -32.51 -67.79
CA PHE C 478 -16.58 -33.88 -68.27
C PHE C 478 -15.57 -33.97 -69.41
N LEU C 479 -14.43 -34.62 -69.17
CA LEU C 479 -13.44 -34.77 -70.24
C LEU C 479 -13.93 -35.76 -71.30
N ASP C 480 -14.46 -36.90 -70.86
CA ASP C 480 -14.92 -37.94 -71.78
C ASP C 480 -16.30 -38.39 -71.34
N ASP C 481 -16.87 -39.34 -72.11
CA ASP C 481 -18.10 -39.97 -71.66
C ASP C 481 -17.94 -40.57 -70.28
N HIS C 482 -16.70 -40.93 -69.92
CA HIS C 482 -16.43 -41.74 -68.75
C HIS C 482 -15.25 -41.19 -67.95
N THR C 483 -15.03 -39.88 -67.98
CA THR C 483 -13.95 -39.28 -67.20
C THR C 483 -14.24 -37.79 -66.97
N VAL C 484 -13.93 -37.34 -65.76
CA VAL C 484 -14.23 -35.98 -65.30
C VAL C 484 -12.94 -35.32 -64.79
N LYS C 485 -12.91 -33.99 -64.84
CA LYS C 485 -11.80 -33.18 -64.34
C LYS C 485 -12.28 -32.24 -63.25
N LEU C 486 -11.53 -32.18 -62.15
CA LEU C 486 -11.83 -31.31 -61.01
C LEU C 486 -10.75 -30.25 -60.90
N GLY C 487 -11.17 -28.98 -60.86
CA GLY C 487 -10.28 -27.86 -60.72
C GLY C 487 -9.86 -27.25 -62.05
N VAL D 48 42.13 -12.56 43.04
CA VAL D 48 43.29 -11.69 42.85
C VAL D 48 42.83 -10.24 42.70
N SER D 49 42.10 -9.97 41.63
CA SER D 49 41.70 -8.60 41.33
C SER D 49 40.75 -8.07 42.41
N PRO D 50 40.88 -6.80 42.80
CA PRO D 50 39.92 -6.23 43.77
C PRO D 50 38.48 -6.29 43.32
N LEU D 51 38.22 -6.34 42.01
CA LEU D 51 36.84 -6.40 41.53
C LEU D 51 36.15 -7.70 41.90
N ALA D 52 36.90 -8.68 42.40
CA ALA D 52 36.33 -9.94 42.89
C ALA D 52 36.36 -10.05 44.40
N ARG D 53 36.65 -8.96 45.12
CA ARG D 53 36.73 -8.96 46.58
C ARG D 53 35.52 -8.29 47.23
N SER D 54 34.45 -8.05 46.48
CA SER D 54 33.37 -7.23 46.97
C SER D 54 32.62 -7.91 48.12
N VAL D 55 32.03 -7.07 48.98
CA VAL D 55 31.22 -7.58 50.08
C VAL D 55 29.99 -8.30 49.53
N ASP D 56 29.68 -9.45 50.11
CA ASP D 56 28.53 -10.25 49.70
C ASP D 56 27.68 -10.54 50.93
N ALA D 57 26.47 -9.98 50.95
CA ALA D 57 25.48 -10.30 51.97
C ALA D 57 24.12 -10.29 51.29
N ALA D 58 23.64 -11.46 50.89
CA ALA D 58 22.33 -11.53 50.25
C ALA D 58 21.24 -11.08 51.21
N ILE D 59 21.24 -11.62 52.42
CA ILE D 59 20.26 -11.30 53.46
C ILE D 59 20.98 -10.57 54.57
N PRO D 60 20.60 -9.33 54.89
CA PRO D 60 21.26 -8.62 55.98
C PRO D 60 20.99 -9.26 57.33
N GLU D 61 21.86 -8.93 58.29
CA GLU D 61 21.71 -9.44 59.64
C GLU D 61 20.40 -8.98 60.28
N GLU D 62 19.94 -7.78 59.92
CA GLU D 62 18.69 -7.27 60.49
C GLU D 62 17.51 -8.17 60.19
N ALA D 63 17.56 -8.95 59.10
CA ALA D 63 16.46 -9.87 58.80
C ALA D 63 16.30 -10.91 59.88
N PHE D 64 17.37 -11.24 60.60
CA PHE D 64 17.33 -12.21 61.68
C PHE D 64 17.14 -11.56 63.04
N ASN D 65 17.63 -10.33 63.23
CA ASN D 65 17.51 -9.63 64.50
C ASN D 65 16.21 -8.84 64.53
N GLN D 66 15.11 -9.55 64.71
CA GLN D 66 13.79 -8.95 64.81
C GLN D 66 13.11 -9.42 66.08
N PRO D 67 12.23 -8.60 66.67
CA PRO D 67 11.59 -8.99 67.91
C PRO D 67 10.60 -10.12 67.69
N PRO D 68 10.37 -10.96 68.70
CA PRO D 68 9.50 -12.13 68.51
C PRO D 68 8.02 -11.78 68.41
N THR D 69 7.29 -12.70 67.77
CA THR D 69 5.83 -12.66 67.73
C THR D 69 5.30 -13.70 68.72
N LEU D 70 4.56 -13.22 69.72
CA LEU D 70 4.08 -14.06 70.81
C LEU D 70 2.62 -14.44 70.59
N THR D 71 2.31 -15.70 70.87
CA THR D 71 1.03 -16.31 70.54
C THR D 71 0.48 -17.07 71.73
N THR D 72 -0.83 -17.06 71.89
CA THR D 72 -1.44 -17.91 72.92
C THR D 72 -2.93 -18.13 72.62
N THR D 73 -3.39 -19.34 72.91
CA THR D 73 -4.77 -19.75 72.67
C THR D 73 -5.51 -19.87 74.00
N LEU D 74 -6.64 -19.18 74.11
CA LEU D 74 -7.43 -19.23 75.32
C LEU D 74 -8.31 -20.48 75.34
N PRO D 75 -8.83 -20.86 76.51
CA PRO D 75 -9.64 -22.09 76.60
C PRO D 75 -10.80 -22.16 75.62
N ASN D 76 -11.49 -21.04 75.38
CA ASN D 76 -12.64 -21.06 74.49
C ASN D 76 -12.27 -21.11 73.02
N GLY D 77 -10.97 -21.05 72.70
CA GLY D 77 -10.51 -21.16 71.33
C GLY D 77 -10.04 -19.86 70.71
N ILE D 78 -10.22 -18.73 71.38
CA ILE D 78 -9.74 -17.46 70.84
C ILE D 78 -8.22 -17.43 70.87
N ARG D 79 -7.63 -16.85 69.83
CA ARG D 79 -6.20 -16.75 69.67
C ARG D 79 -5.76 -15.29 69.79
N VAL D 80 -4.65 -15.07 70.50
CA VAL D 80 -4.09 -13.74 70.70
C VAL D 80 -2.66 -13.72 70.16
N ALA D 81 -2.33 -12.66 69.42
CA ALA D 81 -1.00 -12.47 68.86
C ALA D 81 -0.50 -11.05 69.08
N THR D 82 0.82 -10.95 69.29
CA THR D 82 1.44 -9.66 69.61
C THR D 82 2.88 -9.62 69.11
N GLN D 83 3.35 -8.40 68.86
CA GLN D 83 4.76 -8.11 68.62
C GLN D 83 5.04 -6.72 69.19
N ARG D 84 6.12 -6.58 69.96
CA ARG D 84 6.46 -5.31 70.57
C ARG D 84 7.58 -4.64 69.78
N LEU D 85 7.40 -3.35 69.49
CA LEU D 85 8.33 -2.57 68.69
C LEU D 85 8.87 -1.42 69.52
N PRO D 86 10.13 -1.45 69.97
CA PRO D 86 10.58 -0.39 70.89
C PRO D 86 10.52 1.03 70.34
N PHE D 87 10.60 1.20 69.01
CA PHE D 87 10.74 2.53 68.42
C PHE D 87 9.41 3.18 68.10
N HIS D 88 8.35 2.84 68.83
CA HIS D 88 7.03 3.44 68.63
C HIS D 88 6.45 3.84 69.97
N GLN D 89 5.62 4.89 69.94
CA GLN D 89 4.98 5.40 71.15
C GLN D 89 3.55 4.93 71.32
N THR D 90 2.83 4.71 70.24
CA THR D 90 1.44 4.29 70.31
C THR D 90 1.34 2.78 70.08
N ALA D 91 0.10 2.29 69.96
CA ALA D 91 -0.16 0.91 69.57
C ALA D 91 -1.44 0.83 68.75
N THR D 92 -1.53 -0.26 68.00
CA THR D 92 -2.73 -0.66 67.29
C THR D 92 -3.24 -1.97 67.89
N VAL D 93 -4.56 -2.07 68.08
CA VAL D 93 -5.16 -3.31 68.53
C VAL D 93 -6.47 -3.52 67.78
N GLY D 94 -6.68 -4.74 67.30
CA GLY D 94 -7.99 -5.09 66.80
C GLY D 94 -8.32 -6.56 66.73
N VAL D 95 -9.48 -6.82 66.13
CA VAL D 95 -10.04 -8.15 65.94
C VAL D 95 -10.10 -8.45 64.45
N TRP D 96 -9.67 -9.66 64.09
CA TRP D 96 -9.74 -10.18 62.74
C TRP D 96 -10.61 -11.43 62.74
N ILE D 97 -11.61 -11.45 61.86
CA ILE D 97 -12.64 -12.47 61.85
C ILE D 97 -12.64 -13.18 60.51
N ASP D 98 -12.74 -14.50 60.55
CA ASP D 98 -12.67 -15.35 59.36
C ASP D 98 -14.08 -15.54 58.77
N SER D 99 -14.70 -14.44 58.40
CA SER D 99 -16.00 -14.50 57.75
C SER D 99 -16.19 -13.27 56.86
N GLY D 100 -17.01 -13.45 55.83
CA GLY D 100 -17.32 -12.37 54.93
C GLY D 100 -18.50 -12.70 54.04
N SER D 101 -18.54 -12.10 52.86
CA SER D 101 -19.66 -12.30 51.97
C SER D 101 -19.70 -13.70 51.37
N ARG D 102 -18.60 -14.44 51.42
CA ARG D 102 -18.64 -15.82 50.94
C ARG D 102 -19.50 -16.71 51.82
N TYR D 103 -19.90 -16.24 53.00
CA TYR D 103 -20.68 -17.02 53.95
C TYR D 103 -22.10 -16.51 54.09
N ASP D 104 -22.54 -15.61 53.21
CA ASP D 104 -23.96 -15.35 53.04
C ASP D 104 -24.62 -16.54 52.34
N THR D 105 -25.94 -16.61 52.43
CA THR D 105 -26.71 -17.53 51.64
C THR D 105 -27.39 -16.76 50.51
N LYS D 106 -27.60 -17.45 49.40
CA LYS D 106 -28.02 -16.77 48.18
C LYS D 106 -29.31 -15.99 48.37
N GLU D 107 -30.12 -16.34 49.37
CA GLU D 107 -31.36 -15.63 49.62
C GLU D 107 -31.14 -14.31 50.34
N THR D 108 -30.08 -14.21 51.14
CA THR D 108 -29.82 -13.02 51.96
C THR D 108 -28.50 -12.34 51.58
N ASN D 109 -27.93 -12.70 50.44
CA ASN D 109 -26.70 -12.10 49.94
C ASN D 109 -26.72 -10.59 50.10
N GLY D 110 -25.80 -10.07 50.91
CA GLY D 110 -25.78 -8.67 51.31
C GLY D 110 -25.98 -8.45 52.80
N ALA D 111 -26.25 -9.52 53.57
CA ALA D 111 -26.41 -9.37 55.01
C ALA D 111 -25.09 -9.06 55.72
N ALA D 112 -24.01 -9.74 55.32
CA ALA D 112 -22.70 -9.50 55.92
C ALA D 112 -22.38 -8.00 55.94
N HIS D 113 -22.54 -7.37 54.78
CA HIS D 113 -22.18 -5.97 54.65
C HIS D 113 -23.14 -5.07 55.43
N PHE D 114 -24.40 -5.49 55.56
CA PHE D 114 -25.36 -4.73 56.36
C PHE D 114 -24.97 -4.74 57.83
N LEU D 115 -24.48 -5.88 58.31
CA LEU D 115 -24.07 -5.98 59.71
C LEU D 115 -22.93 -5.03 60.02
N GLU D 116 -22.02 -4.84 59.07
CA GLU D 116 -20.95 -3.85 59.28
C GLU D 116 -21.51 -2.47 59.65
N HIS D 117 -22.61 -2.06 59.02
CA HIS D 117 -23.24 -0.79 59.39
C HIS D 117 -23.97 -0.91 60.73
N MET D 118 -24.66 -2.03 60.94
CA MET D 118 -25.49 -2.15 62.14
C MET D 118 -24.66 -2.09 63.41
N THR D 119 -23.44 -2.61 63.39
CA THR D 119 -22.67 -2.69 64.62
C THR D 119 -22.33 -1.32 65.22
N PHE D 120 -22.49 -0.24 64.46
CA PHE D 120 -22.23 1.10 64.97
C PHE D 120 -23.49 1.85 65.37
N LYS D 121 -24.64 1.17 65.38
CA LYS D 121 -25.91 1.84 65.63
C LYS D 121 -26.31 1.87 67.09
N GLY D 122 -25.66 1.12 67.98
CA GLY D 122 -26.04 1.08 69.38
C GLY D 122 -25.99 -0.32 69.96
N THR D 123 -25.74 -0.40 71.26
CA THR D 123 -25.59 -1.65 71.99
C THR D 123 -26.47 -1.63 73.23
N LYS D 124 -26.48 -2.76 73.94
CA LYS D 124 -27.29 -2.89 75.14
C LYS D 124 -26.82 -1.96 76.27
N ARG D 125 -25.57 -1.53 76.25
CA ARG D 125 -25.03 -0.71 77.33
C ARG D 125 -24.96 0.77 77.00
N ARG D 126 -24.84 1.14 75.72
CA ARG D 126 -24.62 2.52 75.34
C ARG D 126 -25.45 2.85 74.09
N SER D 127 -26.02 4.06 74.09
CA SER D 127 -26.80 4.54 72.96
C SER D 127 -25.87 4.99 71.83
N ARG D 128 -26.47 5.34 70.69
CA ARG D 128 -25.67 5.78 69.56
C ARG D 128 -24.90 7.06 69.89
N ILE D 129 -25.57 8.03 70.52
CA ILE D 129 -24.89 9.27 70.89
C ILE D 129 -23.76 8.98 71.87
N GLN D 130 -24.03 8.14 72.87
CA GLN D 130 -23.00 7.76 73.83
C GLN D 130 -21.85 7.04 73.13
N LEU D 131 -22.17 6.12 72.22
CA LEU D 131 -21.10 5.38 71.53
C LEU D 131 -20.23 6.32 70.71
N GLU D 132 -20.84 7.23 69.95
CA GLU D 132 -20.04 8.13 69.12
C GLU D 132 -19.18 9.04 69.99
N GLN D 133 -19.75 9.60 71.06
CA GLN D 133 -18.96 10.48 71.90
C GLN D 133 -17.85 9.73 72.61
N GLU D 134 -18.05 8.44 72.90
CA GLU D 134 -17.00 7.64 73.52
C GLU D 134 -15.97 7.13 72.52
N ILE D 135 -16.29 7.15 71.22
CA ILE D 135 -15.24 7.05 70.21
C ILE D 135 -14.40 8.32 70.21
N GLU D 136 -15.06 9.47 70.16
CA GLU D 136 -14.36 10.72 69.88
C GLU D 136 -13.56 11.23 71.08
N ASN D 137 -14.11 11.12 72.30
CA ASN D 137 -13.45 11.72 73.45
C ASN D 137 -12.12 11.06 73.80
N MET D 138 -11.81 9.89 73.24
CA MET D 138 -10.52 9.27 73.45
C MET D 138 -9.42 9.92 72.61
N GLY D 139 -9.78 10.71 71.61
CA GLY D 139 -8.83 11.14 70.60
C GLY D 139 -8.16 10.00 69.88
N ALA D 140 -8.92 8.95 69.55
CA ALA D 140 -8.40 7.75 68.93
C ALA D 140 -8.91 7.61 67.49
N HIS D 141 -8.52 6.52 66.83
CA HIS D 141 -9.07 6.09 65.54
C HIS D 141 -9.71 4.72 65.69
N LEU D 142 -10.82 4.54 64.98
CA LEU D 142 -11.52 3.27 64.88
C LEU D 142 -11.94 3.04 63.44
N ASN D 143 -11.57 1.88 62.89
CA ASN D 143 -11.86 1.53 61.52
C ASN D 143 -12.45 0.13 61.45
N ALA D 144 -13.19 -0.12 60.38
CA ALA D 144 -13.69 -1.45 60.08
C ALA D 144 -13.86 -1.63 58.58
N TYR D 145 -13.90 -2.90 58.17
CA TYR D 145 -14.29 -3.23 56.81
C TYR D 145 -14.52 -4.73 56.70
N THR D 146 -15.15 -5.14 55.59
CA THR D 146 -15.42 -6.54 55.31
C THR D 146 -15.08 -6.85 53.86
N SER D 147 -14.89 -8.13 53.59
CA SER D 147 -14.46 -8.59 52.27
C SER D 147 -15.12 -9.94 52.00
N ARG D 148 -14.66 -10.63 50.96
CA ARG D 148 -15.25 -11.91 50.58
C ARG D 148 -15.01 -12.98 51.63
N GLU D 149 -13.81 -13.01 52.23
CA GLU D 149 -13.47 -14.03 53.19
C GLU D 149 -13.07 -13.52 54.57
N GLN D 150 -12.85 -12.22 54.76
CA GLN D 150 -12.35 -11.71 56.02
C GLN D 150 -13.07 -10.43 56.41
N THR D 151 -13.15 -10.20 57.72
CA THR D 151 -13.74 -9.00 58.28
C THR D 151 -12.82 -8.46 59.37
N VAL D 152 -12.70 -7.14 59.48
CA VAL D 152 -11.66 -6.53 60.29
C VAL D 152 -12.22 -5.33 61.04
N TYR D 153 -11.85 -5.23 62.33
CA TYR D 153 -12.09 -4.05 63.13
C TYR D 153 -10.79 -3.72 63.87
N TYR D 154 -10.41 -2.43 63.92
CA TYR D 154 -9.25 -2.11 64.74
C TYR D 154 -9.23 -0.64 65.13
N ALA D 155 -8.41 -0.35 66.13
CA ALA D 155 -8.25 1.00 66.65
C ALA D 155 -6.78 1.31 66.90
N LYS D 156 -6.50 2.61 66.99
CA LYS D 156 -5.19 3.12 67.38
C LYS D 156 -5.32 3.89 68.70
N ALA D 157 -4.36 3.70 69.60
CA ALA D 157 -4.34 4.50 70.81
C ALA D 157 -2.97 4.42 71.49
N PHE D 158 -2.77 5.33 72.43
CA PHE D 158 -1.68 5.19 73.39
C PHE D 158 -1.92 3.99 74.29
N LYS D 159 -0.85 3.50 74.92
CA LYS D 159 -0.96 2.26 75.68
C LYS D 159 -2.04 2.36 76.76
N LYS D 160 -2.09 3.48 77.48
CA LYS D 160 -2.96 3.57 78.64
C LYS D 160 -4.42 3.38 78.30
N ASP D 161 -4.81 3.49 77.03
CA ASP D 161 -6.20 3.36 76.63
C ASP D 161 -6.49 2.07 75.88
N ILE D 162 -5.56 1.11 75.86
CA ILE D 162 -5.85 -0.18 75.26
C ILE D 162 -7.00 -0.89 75.97
N PRO D 163 -7.07 -0.93 77.31
CA PRO D 163 -8.21 -1.59 77.95
C PRO D 163 -9.54 -1.09 77.40
N GLN D 164 -9.78 0.23 77.52
CA GLN D 164 -11.03 0.80 77.02
C GLN D 164 -11.31 0.32 75.60
N CYS D 165 -10.34 0.45 74.70
CA CYS D 165 -10.55 0.03 73.33
C CYS D 165 -11.08 -1.39 73.28
N VAL D 166 -10.38 -2.33 73.92
CA VAL D 166 -10.84 -3.72 73.91
C VAL D 166 -12.30 -3.76 74.31
N ASP D 167 -12.61 -3.16 75.47
CA ASP D 167 -13.99 -3.12 75.93
C ASP D 167 -14.90 -2.70 74.78
N ILE D 168 -14.68 -1.51 74.23
CA ILE D 168 -15.53 -1.02 73.15
C ILE D 168 -15.66 -2.08 72.07
N LEU D 169 -14.53 -2.55 71.55
CA LEU D 169 -14.59 -3.54 70.48
C LEU D 169 -15.53 -4.67 70.89
N SER D 170 -15.24 -5.31 72.02
CA SER D 170 -16.07 -6.43 72.43
C SER D 170 -17.54 -6.03 72.40
N ASP D 171 -17.85 -4.91 73.05
CA ASP D 171 -19.24 -4.46 73.10
C ASP D 171 -19.86 -4.53 71.71
N ILE D 172 -19.31 -3.77 70.77
CA ILE D 172 -20.00 -3.61 69.50
C ILE D 172 -20.02 -4.92 68.72
N LEU D 173 -19.12 -5.84 69.03
CA LEU D 173 -19.14 -7.13 68.34
C LEU D 173 -20.16 -8.08 68.96
N LEU D 174 -20.38 -7.99 70.26
CA LEU D 174 -21.14 -9.01 70.97
C LEU D 174 -22.55 -8.57 71.34
N ASN D 175 -22.78 -7.27 71.49
CA ASN D 175 -23.97 -6.79 72.19
C ASN D 175 -24.68 -5.67 71.43
N SER D 176 -24.62 -5.66 70.11
CA SER D 176 -25.30 -4.63 69.34
C SER D 176 -26.78 -4.97 69.19
N THR D 177 -27.62 -3.95 69.36
CA THR D 177 -29.07 -4.10 69.21
C THR D 177 -29.44 -3.78 67.78
N ILE D 178 -29.83 -4.80 67.02
CA ILE D 178 -30.19 -4.63 65.61
C ILE D 178 -31.68 -4.34 65.59
N ASP D 179 -32.02 -3.07 65.77
CA ASP D 179 -33.42 -2.65 65.80
C ASP D 179 -33.98 -2.58 64.38
N GLU D 180 -35.21 -3.07 64.23
CA GLU D 180 -35.84 -3.09 62.92
C GLU D 180 -36.06 -1.68 62.39
N GLU D 181 -36.46 -0.75 63.25
CA GLU D 181 -36.70 0.62 62.84
C GLU D 181 -35.39 1.39 62.61
N ALA D 182 -34.24 0.74 62.78
CA ALA D 182 -32.96 1.26 62.32
C ALA D 182 -32.44 0.54 61.09
N VAL D 183 -32.77 -0.74 60.97
CA VAL D 183 -32.49 -1.49 59.74
C VAL D 183 -33.24 -0.86 58.58
N GLN D 184 -34.48 -0.47 58.81
CA GLN D 184 -35.30 0.12 57.76
C GLN D 184 -34.81 1.51 57.36
N MET D 185 -33.92 2.12 58.14
CA MET D 185 -33.34 3.41 57.76
C MET D 185 -31.96 3.27 57.11
N GLU D 186 -31.14 2.32 57.56
CA GLU D 186 -29.83 2.16 56.94
C GLU D 186 -29.91 1.81 55.47
N LYS D 187 -31.09 1.42 54.98
CA LYS D 187 -31.25 1.09 53.57
C LYS D 187 -30.97 2.30 52.69
N HIS D 188 -31.38 3.49 53.13
CA HIS D 188 -31.07 4.70 52.38
C HIS D 188 -29.57 4.83 52.13
N VAL D 189 -28.79 4.73 53.20
CA VAL D 189 -27.35 4.95 53.12
C VAL D 189 -26.70 3.87 52.27
N ILE D 190 -27.15 2.61 52.42
CA ILE D 190 -26.53 1.55 51.65
C ILE D 190 -26.85 1.69 50.16
N LEU D 191 -28.07 2.12 49.83
CA LEU D 191 -28.39 2.33 48.43
C LEU D 191 -27.57 3.47 47.83
N ARG D 192 -27.36 4.55 48.58
CA ARG D 192 -26.51 5.62 48.09
C ARG D 192 -25.06 5.14 47.95
N GLU D 193 -24.60 4.31 48.87
CA GLU D 193 -23.26 3.73 48.78
C GLU D 193 -23.09 2.92 47.50
N MET D 194 -24.08 2.09 47.18
CA MET D 194 -24.05 1.33 45.93
C MET D 194 -24.05 2.27 44.72
N GLU D 195 -24.90 3.30 44.77
CA GLU D 195 -24.94 4.29 43.70
C GLU D 195 -23.55 4.84 43.42
N GLU D 196 -22.83 5.23 44.48
CA GLU D 196 -21.48 5.75 44.27
C GLU D 196 -20.54 4.67 43.77
N VAL D 197 -20.66 3.45 44.29
CA VAL D 197 -19.71 2.40 43.91
C VAL D 197 -19.75 2.15 42.41
N GLU D 198 -20.92 2.31 41.78
CA GLU D 198 -20.94 2.03 40.35
C GLU D 198 -20.10 3.01 39.52
N ARG D 199 -19.58 4.09 40.13
CA ARG D 199 -18.80 5.08 39.39
C ARG D 199 -17.30 4.86 39.45
N GLN D 200 -16.82 3.92 40.27
CA GLN D 200 -15.40 3.64 40.43
C GLN D 200 -15.09 2.41 39.58
N THR D 201 -14.57 2.64 38.38
CA THR D 201 -14.64 1.64 37.32
C THR D 201 -13.78 0.41 37.61
N GLU D 202 -12.61 0.60 38.23
CA GLU D 202 -11.73 -0.53 38.51
C GLU D 202 -12.43 -1.57 39.38
N GLU D 203 -13.14 -1.11 40.42
CA GLU D 203 -13.80 -2.03 41.33
C GLU D 203 -14.94 -2.77 40.65
N VAL D 204 -15.72 -2.09 39.80
CA VAL D 204 -16.80 -2.78 39.11
C VAL D 204 -16.22 -3.82 38.15
N ILE D 205 -15.09 -3.50 37.52
CA ILE D 205 -14.44 -4.45 36.63
C ILE D 205 -14.03 -5.70 37.40
N PHE D 206 -13.42 -5.53 38.57
CA PHE D 206 -12.98 -6.70 39.33
C PHE D 206 -14.16 -7.50 39.86
N ASP D 207 -15.21 -6.83 40.32
CA ASP D 207 -16.42 -7.52 40.75
C ASP D 207 -16.99 -8.37 39.62
N ARG D 208 -17.07 -7.80 38.41
CA ARG D 208 -17.64 -8.54 37.29
C ARG D 208 -16.71 -9.67 36.85
N LEU D 209 -15.40 -9.51 37.04
CA LEU D 209 -14.50 -10.63 36.80
C LEU D 209 -14.79 -11.78 37.75
N HIS D 210 -15.00 -11.48 39.04
CA HIS D 210 -15.38 -12.51 39.98
C HIS D 210 -16.72 -13.13 39.60
N THR D 211 -17.66 -12.31 39.14
CA THR D 211 -18.97 -12.80 38.76
C THR D 211 -18.87 -13.81 37.62
N THR D 212 -18.09 -13.48 36.58
CA THR D 212 -18.00 -14.37 35.43
C THR D 212 -17.06 -15.55 35.68
N ALA D 213 -16.16 -15.47 36.65
CA ALA D 213 -15.21 -16.56 36.87
C ALA D 213 -15.76 -17.64 37.79
N PHE D 214 -16.53 -17.26 38.81
CA PHE D 214 -16.97 -18.20 39.84
C PHE D 214 -18.49 -18.34 39.85
N ARG D 215 -19.08 -18.62 38.69
CA ARG D 215 -20.53 -18.65 38.57
C ARG D 215 -21.18 -19.56 39.62
N ASP D 216 -20.53 -20.68 39.94
CA ASP D 216 -21.16 -21.74 40.71
C ASP D 216 -20.91 -21.64 42.21
N SER D 217 -20.32 -20.56 42.70
CA SER D 217 -19.79 -20.52 44.05
C SER D 217 -20.13 -19.21 44.73
N PRO D 218 -20.20 -19.19 46.07
CA PRO D 218 -20.41 -17.93 46.79
C PRO D 218 -19.25 -16.95 46.68
N LEU D 219 -18.14 -17.31 46.04
CA LEU D 219 -17.14 -16.30 45.70
C LEU D 219 -17.68 -15.31 44.68
N GLY D 220 -18.56 -15.78 43.79
CA GLY D 220 -19.23 -14.90 42.86
C GLY D 220 -19.93 -13.72 43.49
N TYR D 221 -20.48 -13.89 44.69
CA TYR D 221 -21.30 -12.85 45.29
C TYR D 221 -20.53 -11.55 45.42
N THR D 222 -21.20 -10.44 45.14
CA THR D 222 -20.65 -9.13 45.46
C THR D 222 -20.87 -8.84 46.95
N ILE D 223 -20.04 -7.93 47.48
CA ILE D 223 -20.09 -7.62 48.91
C ILE D 223 -21.36 -6.84 49.25
N LEU D 224 -21.81 -5.96 48.34
CA LEU D 224 -22.96 -5.12 48.64
C LEU D 224 -24.29 -5.87 48.56
N GLY D 225 -24.38 -6.85 47.66
CA GLY D 225 -25.63 -7.53 47.39
C GLY D 225 -26.52 -6.78 46.41
N PRO D 226 -27.36 -7.53 45.69
CA PRO D 226 -28.33 -6.88 44.79
C PRO D 226 -29.16 -5.78 45.41
N GLU D 227 -29.83 -5.03 44.53
CA GLU D 227 -30.72 -3.94 44.94
C GLU D 227 -31.92 -4.47 45.71
N GLU D 228 -32.62 -5.45 45.13
CA GLU D 228 -33.83 -5.95 45.76
C GLU D 228 -33.53 -6.55 47.13
N ASN D 229 -32.32 -7.06 47.33
CA ASN D 229 -31.95 -7.58 48.64
C ASN D 229 -31.71 -6.45 49.63
N ILE D 230 -31.13 -5.34 49.18
CA ILE D 230 -30.99 -4.19 50.06
C ILE D 230 -32.36 -3.71 50.51
N ARG D 231 -33.35 -3.75 49.61
CA ARG D 231 -34.68 -3.30 50.01
C ARG D 231 -35.38 -4.33 50.89
N ASN D 232 -35.16 -5.62 50.65
CA ASN D 232 -35.84 -6.67 51.39
C ASN D 232 -35.15 -7.07 52.69
N MET D 233 -34.01 -6.48 53.01
CA MET D 233 -33.25 -6.92 54.18
C MET D 233 -34.09 -6.79 55.45
N THR D 234 -33.83 -7.68 56.41
CA THR D 234 -34.68 -7.86 57.57
C THR D 234 -33.81 -8.26 58.76
N ARG D 235 -34.22 -7.83 59.95
CA ARG D 235 -33.44 -8.10 61.17
C ARG D 235 -33.08 -9.57 61.30
N GLU D 236 -34.05 -10.45 61.06
CA GLU D 236 -33.82 -11.86 61.29
C GLU D 236 -32.69 -12.40 60.41
N HIS D 237 -32.56 -11.87 59.18
CA HIS D 237 -31.46 -12.28 58.33
C HIS D 237 -30.11 -11.95 58.96
N ILE D 238 -29.98 -10.72 59.47
CA ILE D 238 -28.71 -10.29 60.07
C ILE D 238 -28.39 -11.14 61.29
N LEU D 239 -29.38 -11.35 62.16
CA LEU D 239 -29.14 -12.15 63.36
C LEU D 239 -28.80 -13.59 62.99
N GLU D 240 -29.38 -14.12 61.91
CA GLU D 240 -29.05 -15.47 61.46
C GLU D 240 -27.61 -15.56 60.99
N TYR D 241 -27.14 -14.51 60.32
CA TYR D 241 -25.74 -14.49 59.92
C TYR D 241 -24.84 -14.51 61.15
N ILE D 242 -25.11 -13.63 62.12
CA ILE D 242 -24.31 -13.60 63.33
C ILE D 242 -24.26 -14.99 63.95
N ASN D 243 -25.43 -15.52 64.33
CA ASN D 243 -25.47 -16.76 65.09
C ASN D 243 -24.97 -17.95 64.29
N ARG D 244 -24.67 -17.79 63.00
CA ARG D 244 -24.06 -18.88 62.25
C ARG D 244 -22.56 -18.70 62.02
N ASN D 245 -22.02 -17.49 62.10
CA ASN D 245 -20.62 -17.27 61.76
C ASN D 245 -19.74 -16.75 62.90
N TYR D 246 -20.30 -16.03 63.87
CA TYR D 246 -19.48 -15.46 64.95
C TYR D 246 -19.26 -16.51 66.04
N THR D 247 -18.32 -17.41 65.77
CA THR D 247 -17.90 -18.40 66.76
C THR D 247 -16.43 -18.20 67.10
N SER D 248 -16.05 -18.71 68.28
CA SER D 248 -14.75 -18.38 68.86
C SER D 248 -13.59 -18.89 68.02
N ASP D 249 -13.75 -20.02 67.33
CA ASP D 249 -12.65 -20.55 66.53
C ASP D 249 -12.26 -19.62 65.39
N ARG D 250 -13.14 -18.71 64.98
CA ARG D 250 -12.95 -17.90 63.79
C ARG D 250 -12.34 -16.54 64.07
N MET D 251 -12.14 -16.17 65.33
CA MET D 251 -11.68 -14.84 65.70
C MET D 251 -10.26 -14.90 66.22
N VAL D 252 -9.46 -13.87 65.89
CA VAL D 252 -8.16 -13.66 66.50
C VAL D 252 -8.06 -12.19 66.88
N VAL D 253 -7.32 -11.94 67.95
CA VAL D 253 -7.02 -10.60 68.42
C VAL D 253 -5.55 -10.35 68.21
N ALA D 254 -5.22 -9.23 67.56
CA ALA D 254 -3.82 -8.90 67.32
C ALA D 254 -3.52 -7.49 67.78
N ALA D 255 -2.26 -7.28 68.17
CA ALA D 255 -1.79 -5.93 68.44
C ALA D 255 -0.36 -5.73 67.93
N ALA D 256 0.05 -4.47 67.92
CA ALA D 256 1.45 -4.12 67.67
C ALA D 256 1.75 -2.73 68.19
N GLY D 257 3.00 -2.54 68.62
CA GLY D 257 3.45 -1.24 69.09
C GLY D 257 4.00 -1.37 70.49
N ASP D 258 3.57 -0.49 71.40
CA ASP D 258 3.96 -0.58 72.81
C ASP D 258 2.90 -1.40 73.55
N VAL D 259 3.02 -2.72 73.44
CA VAL D 259 2.05 -3.64 74.01
C VAL D 259 2.77 -4.79 74.71
N ASP D 260 2.11 -5.29 75.76
CA ASP D 260 2.58 -6.42 76.55
C ASP D 260 1.61 -7.58 76.34
N HIS D 261 2.15 -8.75 76.01
CA HIS D 261 1.30 -9.89 75.67
C HIS D 261 0.43 -10.32 76.85
N LYS D 262 0.97 -10.27 78.05
CA LYS D 262 0.24 -10.75 79.23
C LYS D 262 -1.04 -9.95 79.45
N GLU D 263 -0.93 -8.63 79.49
CA GLU D 263 -2.09 -7.80 79.77
C GLU D 263 -3.15 -7.95 78.68
N LEU D 264 -2.72 -8.03 77.42
CA LEU D 264 -3.67 -8.20 76.33
C LEU D 264 -4.41 -9.52 76.44
N THR D 265 -3.68 -10.61 76.75
CA THR D 265 -4.33 -11.90 76.92
C THR D 265 -5.34 -11.85 78.05
N ALA D 266 -4.97 -11.22 79.17
CA ALA D 266 -5.89 -11.10 80.30
C ALA D 266 -7.12 -10.30 79.92
N LEU D 267 -6.95 -9.20 79.19
CA LEU D 267 -8.10 -8.39 78.79
C LEU D 267 -9.04 -9.18 77.90
N VAL D 268 -8.50 -9.92 76.93
CA VAL D 268 -9.35 -10.73 76.06
C VAL D 268 -10.10 -11.77 76.88
N GLU D 269 -9.40 -12.43 77.80
CA GLU D 269 -10.07 -13.37 78.69
C GLU D 269 -11.19 -12.70 79.47
N LYS D 270 -10.98 -11.45 79.87
CA LYS D 270 -11.97 -10.74 80.67
C LYS D 270 -13.22 -10.41 79.86
N HIS D 271 -13.05 -9.96 78.62
CA HIS D 271 -14.18 -9.41 77.87
C HIS D 271 -14.85 -10.39 76.92
N PHE D 272 -14.11 -11.27 76.24
CA PHE D 272 -14.69 -12.18 75.25
C PHE D 272 -15.09 -13.52 75.84
N ALA D 273 -15.43 -13.56 77.14
CA ALA D 273 -15.89 -14.80 77.74
C ALA D 273 -17.27 -15.19 77.23
N GLY D 274 -18.05 -14.25 76.69
CA GLY D 274 -19.39 -14.51 76.25
C GLY D 274 -19.52 -15.01 74.82
N LEU D 275 -18.44 -15.07 74.07
CA LEU D 275 -18.53 -15.49 72.68
C LEU D 275 -18.82 -16.98 72.60
N PRO D 276 -19.78 -17.40 71.78
CA PRO D 276 -20.14 -18.83 71.75
C PRO D 276 -19.10 -19.67 71.04
N GLN D 277 -19.11 -20.96 71.37
CA GLN D 277 -18.18 -21.93 70.82
C GLN D 277 -18.82 -22.68 69.65
N PRO D 278 -18.01 -23.26 68.77
CA PRO D 278 -18.57 -23.96 67.60
C PRO D 278 -19.31 -25.22 68.00
N LYS D 279 -20.09 -25.73 67.06
CA LYS D 279 -20.89 -26.93 67.27
C LYS D 279 -20.02 -28.17 67.32
N PRO D 286 -18.24 -32.75 53.41
CA PRO D 286 -17.22 -31.70 53.36
C PRO D 286 -17.36 -30.72 52.18
N THR D 287 -16.68 -29.57 52.30
CA THR D 287 -16.67 -28.56 51.26
C THR D 287 -15.70 -28.97 50.13
N GLU D 288 -15.92 -28.41 48.94
CA GLU D 288 -15.14 -28.77 47.77
C GLU D 288 -14.65 -27.52 47.04
N LYS D 289 -13.66 -27.74 46.18
CA LYS D 289 -12.94 -26.63 45.55
C LYS D 289 -13.87 -25.84 44.62
N PRO D 290 -13.87 -24.51 44.70
CA PRO D 290 -14.67 -23.73 43.76
C PRO D 290 -14.26 -23.96 42.32
N PHE D 291 -15.26 -24.10 41.45
CA PHE D 291 -15.02 -24.33 40.04
C PHE D 291 -14.81 -23.00 39.32
N PHE D 292 -13.85 -22.98 38.40
CA PHE D 292 -13.46 -21.78 37.68
C PHE D 292 -13.94 -21.91 36.24
N CYS D 293 -14.77 -20.96 35.81
CA CYS D 293 -15.36 -21.00 34.48
C CYS D 293 -14.62 -20.05 33.55
N GLY D 294 -14.37 -20.51 32.32
CA GLY D 294 -13.76 -19.67 31.32
C GLY D 294 -14.79 -18.98 30.45
N SER D 295 -15.09 -17.74 30.74
CA SER D 295 -16.10 -17.00 30.00
C SER D 295 -15.76 -15.52 29.96
N GLU D 296 -16.51 -14.80 29.12
CA GLU D 296 -16.41 -13.35 28.97
C GLU D 296 -17.72 -12.70 29.39
N LEU D 297 -17.61 -11.42 29.79
CA LEU D 297 -18.78 -10.63 30.15
C LEU D 297 -18.48 -9.18 29.77
N LEU D 298 -18.97 -8.77 28.60
CA LEU D 298 -18.61 -7.51 27.98
C LEU D 298 -19.80 -6.56 27.95
N HIS D 299 -19.58 -5.33 28.41
CA HIS D 299 -20.58 -4.26 28.37
C HIS D 299 -20.16 -3.23 27.33
N ARG D 300 -20.72 -3.33 26.13
CA ARG D 300 -20.41 -2.40 25.05
C ARG D 300 -21.17 -1.09 25.24
N ASN D 301 -20.47 0.03 25.08
CA ASN D 301 -21.03 1.34 25.36
C ASN D 301 -20.19 2.37 24.62
N ASP D 302 -20.79 3.06 23.65
CA ASP D 302 -20.08 4.06 22.85
C ASP D 302 -20.41 5.48 23.27
N ASP D 303 -21.14 5.68 24.36
CA ASP D 303 -21.49 7.00 24.85
C ASP D 303 -20.84 7.31 26.20
N MET D 304 -19.56 6.93 26.36
CA MET D 304 -18.83 7.24 27.57
C MET D 304 -17.37 7.61 27.29
N GLY D 305 -17.09 8.09 26.08
CA GLY D 305 -15.78 8.54 25.69
C GLY D 305 -14.87 7.43 25.15
N PRO D 306 -13.62 7.80 24.88
CA PRO D 306 -12.73 7.01 24.01
C PRO D 306 -12.00 5.86 24.69
N THR D 307 -12.15 5.70 26.00
CA THR D 307 -11.31 4.82 26.77
C THR D 307 -12.03 3.51 27.09
N ALA D 308 -11.32 2.40 26.92
CA ALA D 308 -11.82 1.07 27.22
C ALA D 308 -11.07 0.48 28.40
N HIS D 309 -11.81 -0.20 29.27
CA HIS D 309 -11.30 -0.84 30.46
C HIS D 309 -11.46 -2.35 30.35
N VAL D 310 -10.43 -3.09 30.77
CA VAL D 310 -10.44 -4.56 30.62
C VAL D 310 -9.73 -5.19 31.80
N ALA D 311 -10.18 -6.40 32.16
CA ALA D 311 -9.48 -7.27 33.11
C ALA D 311 -9.52 -8.71 32.61
N VAL D 312 -8.38 -9.39 32.77
CA VAL D 312 -8.23 -10.79 32.38
C VAL D 312 -7.70 -11.58 33.57
N GLY D 313 -8.22 -12.79 33.74
CA GLY D 313 -7.86 -13.61 34.89
C GLY D 313 -7.62 -15.07 34.53
N PHE D 314 -6.74 -15.68 35.33
CA PHE D 314 -6.37 -17.09 35.34
C PHE D 314 -6.64 -17.67 36.72
N GLU D 315 -6.68 -18.99 36.80
CA GLU D 315 -6.83 -19.69 38.06
C GLU D 315 -5.52 -19.71 38.83
N GLY D 316 -5.58 -19.39 40.12
CA GLY D 316 -4.41 -19.27 40.98
C GLY D 316 -4.25 -20.45 41.91
N VAL D 317 -3.63 -20.18 43.07
CA VAL D 317 -3.37 -21.22 44.06
C VAL D 317 -3.75 -20.71 45.44
N PRO D 318 -3.98 -21.60 46.39
CA PRO D 318 -4.40 -21.18 47.74
C PRO D 318 -3.27 -20.48 48.51
N TRP D 319 -3.65 -19.92 49.66
CA TRP D 319 -2.68 -19.31 50.55
C TRP D 319 -1.53 -20.25 50.87
N LYS D 320 -1.86 -21.47 51.31
CA LYS D 320 -0.88 -22.39 51.87
C LYS D 320 -0.11 -23.17 50.82
N SER D 321 -0.36 -22.95 49.53
CA SER D 321 0.29 -23.74 48.51
C SER D 321 1.79 -23.49 48.52
N PRO D 322 2.62 -24.51 48.26
CA PRO D 322 4.06 -24.26 48.17
C PRO D 322 4.44 -23.21 47.14
N ASP D 323 3.72 -23.14 46.02
CA ASP D 323 4.09 -22.27 44.91
C ASP D 323 3.59 -20.84 45.11
N ALA D 324 2.90 -20.56 46.21
CA ALA D 324 2.37 -19.22 46.44
C ALA D 324 3.44 -18.16 46.23
N VAL D 325 4.62 -18.37 46.80
CA VAL D 325 5.70 -17.38 46.69
C VAL D 325 6.05 -17.14 45.24
N THR D 326 6.23 -18.22 44.47
CA THR D 326 6.52 -18.07 43.06
C THR D 326 5.46 -17.23 42.37
N PHE D 327 4.19 -17.43 42.73
CA PHE D 327 3.14 -16.60 42.15
C PHE D 327 3.35 -15.14 42.52
N MET D 328 3.63 -14.86 43.79
CA MET D 328 3.96 -13.50 44.19
C MET D 328 5.08 -12.93 43.35
N LEU D 329 6.02 -13.76 42.91
CA LEU D 329 7.12 -13.28 42.10
C LEU D 329 6.68 -13.04 40.66
N MET D 330 5.86 -13.94 40.10
CA MET D 330 5.48 -13.78 38.71
C MET D 330 4.70 -12.49 38.51
N GLN D 331 3.82 -12.16 39.44
CA GLN D 331 3.10 -10.88 39.39
C GLN D 331 4.07 -9.72 39.25
N ALA D 332 5.23 -9.80 39.91
CA ALA D 332 6.20 -8.71 39.84
C ALA D 332 6.99 -8.73 38.54
N ILE D 333 7.18 -9.92 37.95
CA ILE D 333 7.95 -10.00 36.71
C ILE D 333 7.22 -9.31 35.57
N VAL D 334 5.89 -9.31 35.60
CA VAL D 334 5.11 -8.64 34.56
C VAL D 334 4.91 -7.17 34.89
N GLY D 335 4.69 -6.86 36.17
CA GLY D 335 4.66 -5.49 36.65
C GLY D 335 3.59 -4.61 36.05
N SER D 336 3.89 -3.31 36.00
CA SER D 336 2.88 -2.30 35.73
C SER D 336 3.48 -1.13 34.95
N TYR D 337 2.60 -0.22 34.53
CA TYR D 337 2.99 0.95 33.78
C TYR D 337 1.86 1.98 33.78
N ARG D 338 2.26 3.26 33.80
CA ARG D 338 1.36 4.40 33.66
C ARG D 338 2.00 5.39 32.70
N LYS D 339 1.22 5.89 31.74
CA LYS D 339 1.73 6.87 30.79
C LYS D 339 1.85 8.26 31.41
N HIS D 340 1.03 8.57 32.42
CA HIS D 340 1.03 9.91 33.00
C HIS D 340 2.23 10.16 33.91
N ASP D 341 2.56 9.17 34.75
CA ASP D 341 3.53 9.35 35.82
C ASP D 341 4.44 8.13 35.82
N GLU D 342 5.77 8.38 35.74
CA GLU D 342 6.69 7.37 35.20
C GLU D 342 7.97 7.18 35.99
N GLY D 343 8.18 7.94 37.07
CA GLY D 343 9.47 7.92 37.76
C GLY D 343 10.56 8.62 36.93
N ILE D 344 11.75 8.02 36.86
CA ILE D 344 12.86 8.62 36.14
C ILE D 344 13.33 7.78 34.96
N VAL D 345 12.81 6.58 34.77
CA VAL D 345 13.20 5.70 33.68
C VAL D 345 12.18 5.86 32.56
N PRO D 346 12.58 6.25 31.36
CA PRO D 346 11.64 6.18 30.23
C PRO D 346 11.20 4.75 29.95
N GLY D 347 9.90 4.59 29.68
CA GLY D 347 9.39 3.29 29.33
C GLY D 347 10.07 2.65 28.13
N LYS D 348 10.55 3.46 27.19
CA LYS D 348 11.11 2.91 25.96
C LYS D 348 12.49 2.29 26.18
N VAL D 349 13.08 2.46 27.36
CA VAL D 349 14.40 1.91 27.68
C VAL D 349 14.35 1.08 28.97
N SER D 350 13.15 0.85 29.50
CA SER D 350 13.04 0.18 30.78
C SER D 350 13.60 -1.23 30.72
N ALA D 351 14.02 -1.72 31.88
CA ALA D 351 14.51 -3.09 32.00
C ALA D 351 13.38 -4.10 31.89
N ASN D 352 12.16 -3.71 32.21
CA ASN D 352 10.99 -4.57 32.07
C ASN D 352 10.62 -4.68 30.60
N ALA D 353 10.68 -5.89 30.05
CA ALA D 353 10.48 -6.07 28.62
C ALA D 353 9.04 -5.85 28.20
N THR D 354 8.08 -6.14 29.10
CA THR D 354 6.68 -5.96 28.76
C THR D 354 6.35 -4.47 28.62
N VAL D 355 6.76 -3.68 29.60
CA VAL D 355 6.62 -2.23 29.50
C VAL D 355 7.28 -1.71 28.23
N ARG D 356 8.50 -2.18 27.97
CA ARG D 356 9.24 -1.72 26.80
C ARG D 356 8.48 -2.02 25.50
N ASN D 357 7.95 -3.24 25.39
CA ASN D 357 7.23 -3.60 24.17
C ASN D 357 5.94 -2.79 24.03
N VAL D 358 5.26 -2.50 25.13
CA VAL D 358 4.03 -1.72 25.06
C VAL D 358 4.31 -0.29 24.64
N CYS D 359 5.38 0.31 25.19
CA CYS D 359 5.65 1.73 24.95
C CYS D 359 6.19 2.01 23.57
N ASN D 360 6.65 1.00 22.83
CA ASN D 360 7.22 1.18 21.50
C ASN D 360 6.26 0.81 20.38
N LYS D 361 5.00 0.50 20.70
CA LYS D 361 4.07 0.02 19.69
C LYS D 361 3.63 1.16 18.79
N MET D 362 3.80 0.98 17.48
CA MET D 362 3.48 1.99 16.48
C MET D 362 4.19 3.32 16.78
N THR D 363 5.26 3.27 17.57
CA THR D 363 6.09 4.42 17.92
C THR D 363 5.40 5.39 18.88
N VAL D 364 4.11 5.21 19.11
CA VAL D 364 3.37 6.09 19.99
C VAL D 364 3.03 5.39 21.30
N GLY D 365 2.99 4.07 21.30
CA GLY D 365 2.67 3.27 22.48
C GLY D 365 1.17 3.18 22.74
N CYS D 366 0.75 2.01 23.19
CA CYS D 366 -0.63 1.55 23.05
C CYS D 366 -1.36 1.38 24.37
N ALA D 367 -0.95 2.05 25.45
CA ALA D 367 -1.72 1.89 26.67
C ALA D 367 -1.64 3.13 27.54
N ASP D 368 -2.75 3.40 28.23
CA ASP D 368 -2.79 4.41 29.27
C ASP D 368 -2.31 3.85 30.60
N MET D 369 -2.73 2.64 30.95
CA MET D 369 -2.28 2.07 32.21
C MET D 369 -2.45 0.56 32.15
N PHE D 370 -1.51 -0.17 32.77
CA PHE D 370 -1.74 -1.59 32.99
C PHE D 370 -1.03 -2.02 34.26
N SER D 371 -1.59 -3.04 34.91
CA SER D 371 -1.05 -3.51 36.19
C SER D 371 -1.49 -4.95 36.41
N ALA D 372 -0.54 -5.80 36.81
CA ALA D 372 -0.88 -7.18 37.10
C ALA D 372 -1.20 -7.35 38.58
N PHE D 373 -1.80 -8.50 38.90
CA PHE D 373 -2.33 -8.75 40.24
C PHE D 373 -2.35 -10.24 40.50
N ASN D 374 -2.27 -10.59 41.78
CA ASN D 374 -2.41 -11.95 42.27
C ASN D 374 -3.17 -11.91 43.58
N THR D 375 -4.21 -12.73 43.70
CA THR D 375 -5.03 -12.78 44.89
C THR D 375 -5.20 -14.24 45.30
N CYS D 376 -4.99 -14.51 46.58
CA CYS D 376 -5.06 -15.87 47.12
C CYS D 376 -6.20 -15.93 48.13
N TYR D 377 -6.96 -17.02 48.07
CA TYR D 377 -8.07 -17.27 48.99
C TYR D 377 -7.79 -18.54 49.78
N SER D 378 -8.74 -18.91 50.65
CA SER D 378 -8.50 -20.06 51.51
C SER D 378 -8.29 -21.34 50.73
N ASP D 379 -9.00 -21.50 49.61
CA ASP D 379 -8.92 -22.73 48.83
C ASP D 379 -8.68 -22.51 47.34
N THR D 380 -8.52 -21.27 46.87
CA THR D 380 -8.28 -21.01 45.46
C THR D 380 -7.76 -19.58 45.31
N GLY D 381 -7.35 -19.25 44.08
CA GLY D 381 -6.90 -17.91 43.78
C GLY D 381 -7.29 -17.39 42.40
N LEU D 382 -6.87 -16.15 42.15
CA LEU D 382 -6.95 -15.49 40.85
C LEU D 382 -5.60 -14.87 40.51
N PHE D 383 -5.25 -14.87 39.22
CA PHE D 383 -4.00 -14.27 38.75
C PHE D 383 -4.24 -13.59 37.41
N GLY D 384 -3.86 -12.32 37.28
CA GLY D 384 -4.11 -11.69 36.00
C GLY D 384 -3.68 -10.26 35.87
N PHE D 385 -4.40 -9.47 35.06
CA PHE D 385 -4.07 -8.07 34.90
C PHE D 385 -5.29 -7.23 34.57
N TYR D 386 -5.15 -5.92 34.80
CA TYR D 386 -6.15 -4.91 34.49
C TYR D 386 -5.50 -3.83 33.62
N ALA D 387 -6.27 -3.28 32.68
CA ALA D 387 -5.74 -2.29 31.76
C ALA D 387 -6.77 -1.24 31.35
N GLN D 388 -6.24 -0.08 30.95
CA GLN D 388 -6.97 1.04 30.35
C GLN D 388 -6.25 1.47 29.08
N CYS D 389 -7.01 1.63 27.97
CA CYS D 389 -6.39 2.06 26.72
C CYS D 389 -7.43 2.63 25.75
N ASP D 390 -6.93 3.20 24.66
CA ASP D 390 -7.74 3.87 23.65
C ASP D 390 -8.54 2.86 22.82
N GLU D 391 -9.65 3.34 22.25
CA GLU D 391 -10.54 2.49 21.47
C GLU D 391 -9.78 1.69 20.41
N VAL D 392 -8.89 2.35 19.67
CA VAL D 392 -8.21 1.72 18.54
C VAL D 392 -6.94 1.00 18.97
N ALA D 393 -6.48 1.20 20.20
CA ALA D 393 -5.29 0.55 20.72
C ALA D 393 -5.59 -0.72 21.50
N LEU D 394 -6.86 -0.97 21.81
CA LEU D 394 -7.25 -2.04 22.72
C LEU D 394 -6.63 -3.39 22.34
N GLU D 395 -6.65 -3.72 21.05
CA GLU D 395 -6.21 -5.05 20.62
C GLU D 395 -4.74 -5.29 21.00
N HIS D 396 -3.86 -4.42 20.53
CA HIS D 396 -2.46 -4.49 20.94
C HIS D 396 -2.33 -4.34 22.44
N CYS D 397 -3.07 -3.37 23.01
CA CYS D 397 -3.06 -3.12 24.44
C CYS D 397 -3.18 -4.40 25.25
N VAL D 398 -3.94 -5.38 24.75
CA VAL D 398 -4.22 -6.61 25.47
C VAL D 398 -3.27 -7.73 25.06
N MET D 399 -3.02 -7.87 23.76
CA MET D 399 -2.24 -9.01 23.30
C MET D 399 -0.77 -8.86 23.67
N GLU D 400 -0.26 -7.63 23.80
CA GLU D 400 1.11 -7.47 24.29
C GLU D 400 1.26 -8.08 25.67
N ILE D 401 0.32 -7.81 26.57
CA ILE D 401 0.44 -8.28 27.94
C ILE D 401 0.19 -9.78 28.01
N MET D 402 -0.70 -10.31 27.17
CA MET D 402 -0.83 -11.77 27.12
C MET D 402 0.48 -12.41 26.66
N PHE D 403 1.15 -11.80 25.69
CA PHE D 403 2.47 -12.29 25.27
C PHE D 403 3.46 -12.23 26.42
N GLY D 404 3.48 -11.12 27.13
CA GLY D 404 4.16 -11.02 28.41
C GLY D 404 4.02 -12.23 29.30
N ILE D 405 2.77 -12.52 29.68
CA ILE D 405 2.51 -13.58 30.64
C ILE D 405 2.89 -14.94 30.06
N THR D 406 2.70 -15.14 28.76
CA THR D 406 3.07 -16.43 28.16
C THR D 406 4.59 -16.60 28.08
N SER D 407 5.35 -15.51 28.08
CA SER D 407 6.81 -15.63 28.07
C SER D 407 7.32 -16.35 29.31
N LEU D 408 6.62 -16.21 30.45
CA LEU D 408 7.09 -16.78 31.70
C LEU D 408 7.33 -18.28 31.60
N SER D 409 6.75 -18.96 30.63
CA SER D 409 6.84 -20.40 30.51
C SER D 409 7.85 -20.86 29.45
N TYR D 410 8.49 -19.93 28.75
CA TYR D 410 9.36 -20.30 27.65
C TYR D 410 10.75 -19.66 27.71
N ALA D 411 10.85 -18.38 28.08
CA ALA D 411 12.02 -17.60 27.69
C ALA D 411 12.53 -16.62 28.73
N VAL D 412 11.98 -16.61 29.95
CA VAL D 412 12.44 -15.65 30.94
C VAL D 412 13.84 -15.99 31.40
N THR D 413 14.59 -14.96 31.81
CA THR D 413 16.00 -15.10 32.17
C THR D 413 16.25 -14.39 33.49
N ASP D 414 17.42 -14.67 34.09
CA ASP D 414 17.66 -14.35 35.48
C ASP D 414 17.90 -12.87 35.74
N GLU D 415 18.35 -12.12 34.74
CA GLU D 415 18.33 -10.66 34.87
C GLU D 415 16.95 -10.19 35.29
N GLU D 416 15.92 -10.65 34.58
CA GLU D 416 14.55 -10.24 34.87
C GLU D 416 14.10 -10.75 36.24
N VAL D 417 14.42 -12.00 36.56
CA VAL D 417 14.02 -12.58 37.84
C VAL D 417 14.60 -11.77 38.99
N GLU D 418 15.87 -11.36 38.87
CA GLU D 418 16.50 -10.63 39.95
C GLU D 418 16.00 -9.19 40.04
N ARG D 419 15.74 -8.56 38.90
CA ARG D 419 15.08 -7.26 38.92
C ARG D 419 13.76 -7.35 39.67
N ALA D 420 12.96 -8.38 39.35
CA ALA D 420 11.66 -8.54 39.97
C ALA D 420 11.78 -8.83 41.46
N LYS D 421 12.73 -9.67 41.85
CA LYS D 421 12.99 -9.90 43.27
C LYS D 421 13.29 -8.59 43.98
N ALA D 422 14.18 -7.79 43.39
CA ALA D 422 14.54 -6.52 44.01
C ALA D 422 13.33 -5.63 44.22
N GLN D 423 12.52 -5.47 43.18
CA GLN D 423 11.34 -4.61 43.29
C GLN D 423 10.32 -5.16 44.28
N LEU D 424 10.08 -6.47 44.24
CA LEU D 424 9.13 -7.10 45.16
C LEU D 424 9.57 -6.91 46.61
N LYS D 425 10.86 -7.15 46.88
CA LYS D 425 11.37 -6.95 48.23
C LYS D 425 11.22 -5.50 48.65
N THR D 426 11.61 -4.56 47.78
CA THR D 426 11.45 -3.16 48.10
C THR D 426 10.01 -2.88 48.52
N GLN D 427 9.06 -3.29 47.69
CA GLN D 427 7.64 -3.04 47.98
C GLN D 427 7.25 -3.63 49.34
N LEU D 428 7.31 -4.95 49.46
CA LEU D 428 6.77 -5.62 50.64
C LEU D 428 7.49 -5.17 51.91
N LEU D 429 8.81 -5.26 51.93
CA LEU D 429 9.54 -4.83 53.11
C LEU D 429 9.40 -3.33 53.35
N GLY D 430 8.96 -2.57 52.35
CA GLY D 430 8.79 -1.14 52.52
C GLY D 430 7.48 -0.77 53.17
N HIS D 431 6.46 -1.61 53.03
CA HIS D 431 5.19 -1.29 53.68
C HIS D 431 5.27 -1.42 55.20
N LEU D 432 5.94 -2.45 55.70
CA LEU D 432 5.84 -2.85 57.10
C LEU D 432 6.66 -1.89 57.98
N ASP D 433 6.14 -0.68 58.13
CA ASP D 433 6.78 0.36 58.92
C ASP D 433 5.98 0.75 60.15
N SER D 434 4.68 0.99 60.01
CA SER D 434 3.87 1.52 61.10
C SER D 434 3.18 0.39 61.87
N THR D 435 2.63 0.76 63.02
CA THR D 435 1.96 -0.21 63.87
C THR D 435 0.76 -0.83 63.19
N THR D 436 0.00 -0.04 62.42
CA THR D 436 -1.17 -0.56 61.75
C THR D 436 -0.80 -1.63 60.73
N ALA D 437 0.22 -1.35 59.91
CA ALA D 437 0.65 -2.33 58.93
C ALA D 437 1.08 -3.63 59.60
N VAL D 438 1.79 -3.53 60.72
CA VAL D 438 2.28 -4.71 61.42
C VAL D 438 1.12 -5.50 62.01
N ALA D 439 0.18 -4.82 62.66
CA ALA D 439 -0.95 -5.51 63.25
C ALA D 439 -1.80 -6.19 62.18
N GLU D 440 -2.05 -5.48 61.08
CA GLU D 440 -2.76 -6.07 59.94
C GLU D 440 -2.05 -7.31 59.42
N ASP D 441 -0.73 -7.24 59.30
CA ASP D 441 0.03 -8.39 58.83
C ASP D 441 -0.05 -9.56 59.80
N ILE D 442 0.09 -9.27 61.10
CA ILE D 442 -0.05 -10.31 62.12
C ILE D 442 -1.38 -11.04 61.94
N GLY D 443 -2.48 -10.28 61.98
CA GLY D 443 -3.79 -10.90 61.91
C GLY D 443 -4.02 -11.64 60.61
N ARG D 444 -3.63 -11.03 59.48
CA ARG D 444 -3.82 -11.65 58.18
C ARG D 444 -3.10 -12.99 58.11
N GLN D 445 -1.84 -13.02 58.53
CA GLN D 445 -1.09 -14.27 58.48
C GLN D 445 -1.62 -15.28 59.49
N MET D 446 -2.09 -14.80 60.65
CA MET D 446 -2.66 -15.70 61.64
C MET D 446 -3.88 -16.43 61.08
N LEU D 447 -4.73 -15.71 60.34
CA LEU D 447 -5.89 -16.36 59.75
C LEU D 447 -5.51 -17.23 58.55
N ALA D 448 -4.55 -16.77 57.74
CA ALA D 448 -4.26 -17.48 56.50
C ALA D 448 -3.43 -18.74 56.71
N TYR D 449 -2.50 -18.73 57.67
CA TYR D 449 -1.56 -19.83 57.85
C TYR D 449 -1.68 -20.55 59.18
N GLY D 450 -2.40 -19.99 60.16
CA GLY D 450 -2.33 -20.46 61.52
C GLY D 450 -1.10 -20.01 62.28
N ARG D 451 -0.31 -19.12 61.70
CA ARG D 451 0.92 -18.61 62.32
C ARG D 451 1.26 -17.29 61.68
N ARG D 452 2.35 -16.69 62.14
CA ARG D 452 2.99 -15.59 61.44
C ARG D 452 4.38 -16.02 60.99
N MET D 453 4.67 -15.79 59.71
CA MET D 453 5.95 -16.16 59.12
C MET D 453 6.96 -15.04 59.33
N PRO D 454 8.09 -15.28 59.99
CA PRO D 454 9.05 -14.20 60.22
C PRO D 454 9.81 -13.83 58.96
N LEU D 455 10.36 -12.61 58.96
CA LEU D 455 10.95 -12.04 57.76
C LEU D 455 12.04 -12.95 57.18
N ALA D 456 12.90 -13.49 58.05
CA ALA D 456 14.00 -14.31 57.57
C ALA D 456 13.51 -15.48 56.75
N GLU D 457 12.40 -16.09 57.16
CA GLU D 457 11.87 -17.24 56.43
C GLU D 457 11.42 -16.83 55.03
N PHE D 458 10.69 -15.72 54.94
CA PHE D 458 10.24 -15.24 53.63
C PHE D 458 11.42 -14.96 52.73
N LEU D 459 12.44 -14.27 53.24
CA LEU D 459 13.60 -13.95 52.42
C LEU D 459 14.35 -15.20 51.99
N LYS D 460 14.51 -16.17 52.91
CA LYS D 460 15.23 -17.39 52.57
C LYS D 460 14.49 -18.19 51.50
N ARG D 461 13.15 -18.22 51.57
CA ARG D 461 12.39 -18.96 50.56
C ARG D 461 12.37 -18.21 49.23
N LEU D 462 12.42 -16.87 49.27
CA LEU D 462 12.44 -16.10 48.04
C LEU D 462 13.78 -16.21 47.33
N GLU D 463 14.87 -16.27 48.10
CA GLU D 463 16.21 -16.25 47.52
C GLU D 463 16.41 -17.38 46.52
N VAL D 464 15.97 -18.60 46.86
CA VAL D 464 16.37 -19.79 46.12
C VAL D 464 15.57 -20.02 44.85
N ILE D 465 14.60 -19.16 44.55
CA ILE D 465 13.85 -19.27 43.30
C ILE D 465 14.69 -18.71 42.17
N ASP D 466 14.91 -19.51 41.13
CA ASP D 466 15.63 -19.06 39.94
C ASP D 466 14.69 -19.06 38.73
N ALA D 467 15.27 -18.89 37.54
CA ALA D 467 14.47 -18.82 36.32
C ALA D 467 13.80 -20.16 36.00
N GLU D 468 14.54 -21.26 36.15
CA GLU D 468 13.96 -22.56 35.80
C GLU D 468 12.77 -22.90 36.70
N GLU D 469 12.78 -22.41 37.94
CA GLU D 469 11.66 -22.65 38.85
C GLU D 469 10.42 -21.89 38.43
N VAL D 470 10.58 -20.62 38.04
CA VAL D 470 9.48 -19.83 37.51
C VAL D 470 8.94 -20.47 36.25
N LYS D 471 9.85 -20.90 35.37
CA LYS D 471 9.51 -21.55 34.11
C LYS D 471 8.90 -22.92 34.31
N ARG D 472 9.03 -23.51 35.51
CA ARG D 472 8.34 -24.74 35.85
C ARG D 472 6.93 -24.45 36.34
N VAL D 473 6.79 -23.54 37.31
CA VAL D 473 5.47 -23.26 37.87
C VAL D 473 4.53 -22.71 36.80
N ALA D 474 5.00 -21.74 36.01
CA ALA D 474 4.14 -21.22 34.95
C ALA D 474 3.68 -22.34 34.03
N TRP D 475 4.61 -23.20 33.61
CA TRP D 475 4.25 -24.34 32.78
C TRP D 475 3.24 -25.23 33.48
N LYS D 476 3.23 -25.22 34.82
CA LYS D 476 2.30 -26.05 35.56
C LYS D 476 0.89 -25.47 35.57
N TYR D 477 0.75 -24.16 35.73
CA TYR D 477 -0.57 -23.56 35.95
C TYR D 477 -1.07 -22.65 34.83
N LEU D 478 -0.20 -22.00 34.06
CA LEU D 478 -0.63 -20.95 33.16
C LEU D 478 -0.58 -21.33 31.69
N HIS D 479 0.26 -22.29 31.31
CA HIS D 479 0.38 -22.66 29.90
C HIS D 479 -0.84 -23.48 29.49
N ASP D 480 -1.54 -23.00 28.45
CA ASP D 480 -2.68 -23.71 27.88
C ASP D 480 -3.80 -23.86 28.91
N ALA D 481 -4.18 -22.74 29.50
CA ALA D 481 -5.19 -22.72 30.55
C ALA D 481 -6.43 -21.99 30.08
N GLU D 482 -7.45 -22.00 30.94
CA GLU D 482 -8.67 -21.24 30.74
C GLU D 482 -8.51 -19.84 31.32
N VAL D 483 -9.18 -18.88 30.70
CA VAL D 483 -9.11 -17.49 31.14
C VAL D 483 -10.53 -16.92 31.18
N ALA D 484 -10.70 -15.93 32.06
CA ALA D 484 -11.96 -15.21 32.19
C ALA D 484 -11.73 -13.73 31.91
N VAL D 485 -12.72 -13.07 31.33
CA VAL D 485 -12.56 -11.74 30.77
C VAL D 485 -13.72 -10.87 31.19
N ALA D 486 -13.43 -9.60 31.49
CA ALA D 486 -14.48 -8.61 31.71
C ALA D 486 -14.02 -7.27 31.16
N GLY D 487 -14.98 -6.47 30.67
CA GLY D 487 -14.63 -5.21 30.05
C GLY D 487 -15.77 -4.23 30.01
N LEU D 488 -15.43 -2.97 29.75
CA LEU D 488 -16.40 -1.90 29.68
C LEU D 488 -15.90 -0.81 28.74
N GLY D 489 -16.82 -0.32 27.90
CA GLY D 489 -16.56 0.84 27.07
C GLY D 489 -16.55 0.58 25.58
N PRO D 490 -15.79 1.39 24.84
CA PRO D 490 -15.73 1.23 23.38
C PRO D 490 -15.06 -0.05 22.93
N LEU D 491 -15.77 -1.19 23.05
CA LEU D 491 -15.17 -2.49 22.83
C LEU D 491 -15.32 -3.00 21.40
N PHE D 492 -15.40 -2.12 20.41
CA PHE D 492 -15.43 -2.62 19.04
C PHE D 492 -14.14 -3.33 18.67
N GLY D 493 -13.01 -2.81 19.16
CA GLY D 493 -11.71 -3.43 18.94
C GLY D 493 -11.53 -4.80 19.57
N MET D 494 -12.36 -5.12 20.55
CA MET D 494 -12.01 -6.13 21.54
C MET D 494 -11.72 -7.48 20.88
N PRO D 495 -10.70 -8.21 21.33
CA PRO D 495 -10.45 -9.54 20.77
C PRO D 495 -11.49 -10.56 21.18
N GLN D 496 -11.52 -11.66 20.44
CA GLN D 496 -12.39 -12.78 20.78
C GLN D 496 -11.89 -13.48 22.02
N LEU D 497 -12.81 -14.18 22.69
CA LEU D 497 -12.41 -15.05 23.79
C LEU D 497 -11.44 -16.11 23.32
N ILE D 498 -11.70 -16.69 22.15
CA ILE D 498 -10.86 -17.77 21.65
C ILE D 498 -9.47 -17.24 21.31
N ASN D 499 -9.36 -15.97 20.89
CA ASN D 499 -8.05 -15.37 20.68
C ASN D 499 -7.24 -15.35 21.96
N LEU D 500 -7.83 -14.81 23.03
CA LEU D 500 -7.16 -14.77 24.32
C LEU D 500 -6.80 -16.16 24.81
N ARG D 501 -7.64 -17.15 24.53
CA ARG D 501 -7.37 -18.49 25.03
C ARG D 501 -6.27 -19.19 24.24
N ARG D 502 -6.28 -19.07 22.91
CA ARG D 502 -5.19 -19.63 22.11
C ARG D 502 -3.90 -18.84 22.26
N ALA D 503 -3.95 -17.63 22.84
CA ALA D 503 -2.73 -16.89 23.12
C ALA D 503 -1.85 -17.57 24.17
N THR D 504 -2.44 -18.40 25.05
CA THR D 504 -1.73 -18.91 26.21
C THR D 504 -0.62 -19.88 25.85
N PHE D 505 -0.58 -20.37 24.61
CA PHE D 505 0.53 -21.16 24.11
C PHE D 505 1.11 -20.51 22.87
N TRP D 506 2.39 -20.78 22.61
CA TRP D 506 3.06 -20.35 21.39
C TRP D 506 3.28 -21.55 20.48
N LEU D 507 3.02 -21.36 19.20
CA LEU D 507 3.32 -22.40 18.22
C LEU D 507 4.79 -22.45 17.87
N ARG D 508 5.49 -21.31 17.90
CA ARG D 508 6.94 -21.35 17.94
C ARG D 508 7.36 -22.12 19.18
N TYR D 509 8.33 -23.01 19.02
CA TYR D 509 8.68 -23.93 20.08
C TYR D 509 7.50 -24.88 20.30
N PRO E 67 18.97 26.10 70.60
CA PRO E 67 20.29 25.45 70.63
C PRO E 67 20.51 24.53 69.44
N ALA E 68 21.62 24.73 68.72
CA ALA E 68 21.93 23.90 67.59
C ALA E 68 22.65 22.63 68.05
N PRO E 69 22.53 21.54 67.30
CA PRO E 69 23.21 20.30 67.71
C PRO E 69 24.72 20.42 67.62
N GLU E 70 25.41 19.63 68.43
CA GLU E 70 26.87 19.62 68.49
C GLU E 70 27.36 18.62 67.47
N TYR E 71 27.63 19.10 66.26
CA TYR E 71 28.04 18.22 65.17
C TYR E 71 29.40 17.60 65.45
N ARG E 72 29.54 16.31 65.13
CA ARG E 72 30.82 15.64 65.24
C ARG E 72 31.60 15.80 63.94
N ARG E 73 32.91 16.06 64.05
CA ARG E 73 33.73 16.30 62.88
C ARG E 73 34.04 14.99 62.16
N VAL E 74 34.09 15.06 60.84
CA VAL E 74 34.52 13.95 59.99
C VAL E 74 35.68 14.43 59.13
N PRO E 75 36.92 14.06 59.46
CA PRO E 75 38.04 14.57 58.68
C PRO E 75 38.26 13.81 57.37
N PHE E 76 38.80 14.53 56.40
CA PHE E 76 39.18 13.91 55.14
C PHE E 76 40.43 13.05 55.31
N VAL E 77 40.42 11.89 54.68
CA VAL E 77 41.56 10.98 54.67
C VAL E 77 41.64 10.34 53.30
N LYS E 78 42.85 10.11 52.81
CA LYS E 78 43.07 9.52 51.51
C LYS E 78 43.60 8.11 51.67
N GLU E 79 43.08 7.19 50.86
CA GLU E 79 43.26 5.77 51.07
C GLU E 79 43.62 5.10 49.74
N ASP E 80 44.12 3.87 49.86
CA ASP E 80 44.45 3.06 48.68
C ASP E 80 43.17 2.50 48.09
N MET E 81 42.94 2.80 46.81
CA MET E 81 41.68 2.38 46.18
C MET E 81 41.53 0.88 46.16
N GLU E 82 42.63 0.14 46.00
CA GLU E 82 42.53 -1.32 45.93
C GLU E 82 42.22 -1.96 47.28
N LYS E 83 42.29 -1.21 48.38
CA LYS E 83 41.76 -1.66 49.66
C LYS E 83 40.34 -1.16 49.92
N VAL E 84 40.01 0.04 49.42
CA VAL E 84 38.65 0.53 49.52
C VAL E 84 37.72 -0.33 48.69
N MET E 85 38.24 -0.96 47.63
CA MET E 85 37.45 -1.85 46.81
C MET E 85 37.08 -3.14 47.50
N GLU E 86 37.66 -3.43 48.66
CA GLU E 86 37.21 -4.58 49.43
C GLU E 86 36.01 -4.26 50.31
N GLU E 87 35.59 -3.00 50.39
CA GLU E 87 34.43 -2.60 51.15
C GLU E 87 33.24 -2.23 50.27
N VAL E 88 33.37 -2.36 48.96
CA VAL E 88 32.27 -2.02 48.04
C VAL E 88 31.28 -3.18 48.02
N PRO E 89 29.97 -2.91 48.11
CA PRO E 89 29.01 -4.00 47.92
C PRO E 89 29.15 -4.70 46.59
N GLU E 90 28.75 -5.97 46.57
CA GLU E 90 28.69 -6.74 45.33
C GLU E 90 27.49 -6.31 44.51
N PHE E 91 27.68 -6.23 43.20
CA PHE E 91 26.65 -5.80 42.28
C PHE E 91 26.84 -6.51 40.95
N LYS E 92 25.74 -6.98 40.37
CA LYS E 92 25.77 -7.72 39.12
C LYS E 92 24.71 -7.17 38.17
N TYR E 93 25.09 -7.08 36.90
CA TYR E 93 24.18 -6.67 35.83
C TYR E 93 24.02 -7.73 34.76
N TYR E 94 25.04 -8.54 34.53
CA TYR E 94 24.92 -9.75 33.72
C TYR E 94 24.93 -10.96 34.63
N TYR E 95 24.27 -12.02 34.19
CA TYR E 95 24.31 -13.32 34.86
C TYR E 95 24.76 -14.33 33.81
N VAL E 96 26.08 -14.45 33.63
CA VAL E 96 26.66 -15.43 32.73
C VAL E 96 26.69 -16.76 33.48
N GLY E 97 25.70 -17.61 33.22
CA GLY E 97 25.55 -18.82 33.98
C GLY E 97 25.34 -18.55 35.46
N LYS E 98 25.24 -19.62 36.24
CA LYS E 98 25.07 -19.52 37.69
C LYS E 98 25.87 -20.62 38.37
N GLU E 99 26.47 -20.27 39.50
CA GLU E 99 27.39 -21.17 40.19
C GLU E 99 26.65 -22.21 41.03
N ASN E 100 25.52 -21.83 41.61
CA ASN E 100 24.74 -22.71 42.48
C ASN E 100 23.77 -23.53 41.65
N THR E 101 23.82 -24.85 41.80
CA THR E 101 22.98 -25.77 41.03
C THR E 101 21.88 -26.42 41.85
N LYS E 102 21.77 -26.10 43.14
CA LYS E 102 20.87 -26.85 44.01
C LYS E 102 19.40 -26.52 43.78
N GLY E 103 19.10 -25.39 43.15
CA GLY E 103 17.72 -25.07 42.82
C GLY E 103 16.88 -24.69 44.03
N ASN E 104 15.58 -24.86 43.87
CA ASN E 104 14.63 -24.55 44.95
C ASN E 104 14.73 -25.62 46.00
N VAL E 105 15.44 -25.32 47.09
CA VAL E 105 15.71 -26.30 48.13
C VAL E 105 14.52 -26.53 49.05
N TYR E 106 13.47 -25.71 48.95
CA TYR E 106 12.26 -25.88 49.75
C TYR E 106 11.07 -26.29 48.89
N GLU E 107 11.32 -27.07 47.84
CA GLU E 107 10.25 -27.44 46.93
C GLU E 107 9.29 -28.42 47.60
N GLY E 108 8.00 -28.13 47.53
CA GLY E 108 6.98 -29.02 48.04
C GLY E 108 6.67 -28.87 49.51
N ILE E 109 7.26 -27.89 50.19
CA ILE E 109 7.00 -27.66 51.61
C ILE E 109 5.88 -26.63 51.72
N PRO E 110 4.75 -26.95 52.36
CA PRO E 110 3.67 -25.98 52.54
C PRO E 110 4.14 -24.77 53.32
N LEU E 111 3.38 -23.67 53.17
CA LEU E 111 3.76 -22.40 53.77
C LEU E 111 3.36 -22.29 55.24
N ASP E 112 2.61 -23.25 55.78
CA ASP E 112 2.31 -23.30 57.20
C ASP E 112 3.23 -24.27 57.93
N GLN E 113 4.32 -24.67 57.27
CA GLN E 113 5.33 -25.56 57.83
C GLN E 113 6.68 -24.86 57.73
N SER E 114 7.29 -24.59 58.89
CA SER E 114 8.49 -23.77 58.94
C SER E 114 9.68 -24.48 58.30
N ILE E 115 10.65 -23.68 57.84
CA ILE E 115 11.87 -24.24 57.25
C ILE E 115 13.12 -23.63 57.88
N LEU E 116 12.95 -22.90 58.98
CA LEU E 116 14.10 -22.31 59.67
C LEU E 116 14.82 -23.36 60.50
N GLU E 117 16.15 -23.30 60.47
CA GLU E 117 17.02 -24.11 61.33
C GLU E 117 17.31 -23.36 62.62
N PRO E 118 17.70 -24.06 63.69
CA PRO E 118 18.00 -23.32 64.93
C PRO E 118 19.20 -22.41 64.82
N ALA E 119 20.03 -22.57 63.78
CA ALA E 119 21.14 -21.63 63.61
C ALA E 119 20.65 -20.22 63.31
N ASP E 120 19.48 -20.07 62.70
CA ASP E 120 19.01 -18.77 62.24
C ASP E 120 18.13 -18.08 63.27
N LEU E 121 18.16 -18.53 64.52
CA LEU E 121 17.48 -17.84 65.61
C LEU E 121 18.45 -16.88 66.27
N ARG E 122 17.90 -15.83 66.87
CA ARG E 122 18.70 -14.80 67.53
C ARG E 122 18.01 -14.35 68.79
N ASP E 123 18.77 -13.73 69.68
CA ASP E 123 18.25 -13.06 70.86
C ASP E 123 18.27 -11.56 70.59
N TYR E 124 17.10 -10.94 70.62
CA TYR E 124 16.92 -9.62 70.05
C TYR E 124 17.62 -8.54 70.87
N VAL E 125 18.36 -7.67 70.19
CA VAL E 125 18.98 -6.49 70.78
C VAL E 125 18.49 -5.29 69.97
N PRO E 126 17.79 -4.32 70.58
CA PRO E 126 17.35 -3.16 69.80
C PRO E 126 18.52 -2.32 69.36
N PRO E 127 18.40 -1.60 68.23
CA PRO E 127 19.30 -0.49 67.96
C PRO E 127 18.90 0.74 68.79
N HIS E 128 19.77 1.75 68.75
CA HIS E 128 19.53 3.02 69.43
C HIS E 128 19.15 4.07 68.39
N SER E 129 18.07 4.80 68.65
CA SER E 129 17.37 5.55 67.61
C SER E 129 17.27 7.05 67.91
N ASN E 130 18.19 7.60 68.70
CA ASN E 130 18.31 9.04 68.76
C ASN E 130 19.18 9.53 67.61
N ILE E 131 18.87 10.74 67.13
CA ILE E 131 19.53 11.24 65.92
C ILE E 131 21.01 11.44 66.18
N GLN E 132 21.83 11.12 65.18
CA GLN E 132 23.26 11.37 65.24
C GLN E 132 23.63 12.45 64.23
N TYR E 133 24.44 13.42 64.67
CA TYR E 133 24.75 14.63 63.92
C TYR E 133 26.25 14.73 63.64
N SER E 134 26.60 14.97 62.38
CA SER E 134 28.01 15.07 61.99
C SER E 134 28.16 16.11 60.89
N LYS E 135 29.42 16.45 60.59
CA LYS E 135 29.75 17.45 59.58
C LYS E 135 31.08 17.10 58.92
N LEU E 136 31.10 17.20 57.59
CA LEU E 136 32.34 17.10 56.84
C LEU E 136 33.12 18.41 56.94
N ASP E 137 34.39 18.35 56.54
CA ASP E 137 35.24 19.53 56.66
C ASP E 137 34.84 20.62 55.66
N ASN E 138 34.26 20.24 54.52
CA ASN E 138 33.91 21.24 53.52
C ASN E 138 32.62 21.97 53.85
N GLY E 139 31.76 21.39 54.69
CA GLY E 139 30.66 22.12 55.28
C GLY E 139 29.41 21.29 55.42
N LEU E 140 29.40 20.15 54.72
CA LEU E 140 28.20 19.34 54.59
C LEU E 140 27.76 18.80 55.95
N ARG E 141 26.48 18.95 56.25
CA ARG E 141 25.88 18.46 57.48
C ARG E 141 25.19 17.12 57.23
N ILE E 142 25.34 16.19 58.16
CA ILE E 142 24.85 14.83 58.02
C ILE E 142 24.04 14.49 59.27
N ALA E 143 22.89 13.85 59.06
CA ALA E 143 22.06 13.41 60.17
C ALA E 143 21.54 12.01 59.89
N SER E 144 21.50 11.17 60.92
CA SER E 144 21.14 9.79 60.69
C SER E 144 20.35 9.20 61.86
N MET E 145 19.54 8.19 61.52
CA MET E 145 18.81 7.38 62.49
C MET E 145 18.76 5.95 61.99
N ASP E 146 18.57 5.01 62.93
CA ASP E 146 18.38 3.61 62.61
C ASP E 146 17.22 3.05 63.42
N ARG E 147 16.34 2.30 62.77
CA ARG E 147 15.24 1.60 63.44
C ARG E 147 15.26 0.10 63.16
N GLY E 148 16.34 -0.40 62.58
CA GLY E 148 16.48 -1.81 62.24
C GLY E 148 15.56 -2.34 61.17
N GLY E 149 14.89 -1.48 60.42
CA GLY E 149 14.26 -1.91 59.19
C GLY E 149 15.28 -2.36 58.15
N LEU E 150 14.79 -3.09 57.15
CA LEU E 150 15.65 -3.62 56.10
C LEU E 150 15.86 -2.64 54.96
N THR E 151 14.93 -1.72 54.73
CA THR E 151 15.05 -0.73 53.66
C THR E 151 15.44 0.61 54.27
N ALA E 152 16.32 1.33 53.57
CA ALA E 152 16.78 2.64 54.02
C ALA E 152 16.16 3.75 53.20
N SER E 153 16.16 4.95 53.78
CA SER E 153 15.71 6.16 53.11
C SER E 153 16.87 7.15 53.09
N LEU E 154 17.23 7.64 51.90
CA LEU E 154 18.33 8.58 51.76
C LEU E 154 17.87 9.84 51.06
N GLY E 155 18.33 11.00 51.55
CA GLY E 155 17.90 12.26 50.96
C GLY E 155 18.89 13.41 51.09
N LEU E 156 19.02 14.17 50.00
CA LEU E 156 19.86 15.36 49.94
C LEU E 156 18.99 16.59 49.76
N PHE E 157 19.17 17.57 50.66
CA PHE E 157 18.35 18.77 50.73
C PHE E 157 19.20 19.98 50.41
N VAL E 158 18.75 20.78 49.44
CA VAL E 158 19.44 21.97 48.97
C VAL E 158 18.52 23.17 49.15
N HIS E 159 19.10 24.29 49.59
CA HIS E 159 18.35 25.50 49.89
C HIS E 159 18.20 26.37 48.64
N ALA E 160 17.62 25.79 47.58
CA ALA E 160 17.46 26.46 46.29
C ALA E 160 16.03 26.28 45.79
N GLY E 161 15.12 27.14 46.28
CA GLY E 161 13.78 27.22 45.75
C GLY E 161 13.60 28.30 44.70
N THR E 162 12.33 28.45 44.27
CA THR E 162 11.98 29.43 43.26
C THR E 162 11.88 30.85 43.81
N ARG E 163 11.76 31.03 45.11
CA ARG E 163 11.68 32.39 45.63
C ARG E 163 12.99 33.13 45.50
N PHE E 164 14.04 32.47 45.00
CA PHE E 164 15.35 33.07 44.84
C PHE E 164 15.64 33.48 43.40
N GLU E 165 14.67 33.35 42.48
CA GLU E 165 14.90 33.71 41.10
C GLU E 165 14.57 35.19 40.86
N ASP E 166 14.82 35.65 39.64
CA ASP E 166 14.57 37.04 39.26
C ASP E 166 14.18 37.09 37.78
N VAL E 167 14.04 38.31 37.26
CA VAL E 167 13.53 38.52 35.90
C VAL E 167 14.40 37.84 34.85
N THR E 168 15.67 37.61 35.14
CA THR E 168 16.57 36.97 34.20
C THR E 168 16.65 35.46 34.41
N ASN E 169 16.15 34.96 35.54
CA ASN E 169 16.33 33.58 35.94
C ASN E 169 15.06 32.74 35.84
N PHE E 170 13.88 33.38 35.83
CA PHE E 170 12.61 32.69 36.00
C PHE E 170 12.58 31.35 35.26
N GLY E 171 12.38 30.27 36.00
CA GLY E 171 12.26 28.94 35.45
C GLY E 171 13.48 28.06 35.62
N VAL E 172 14.57 28.57 36.17
CA VAL E 172 15.83 27.83 36.19
C VAL E 172 15.75 26.64 37.13
N THR E 173 15.11 26.81 38.29
CA THR E 173 15.01 25.72 39.26
C THR E 173 14.23 24.54 38.66
N HIS E 174 13.16 24.83 37.92
CA HIS E 174 12.42 23.77 37.26
C HIS E 174 13.30 23.03 36.27
N MET E 175 14.12 23.78 35.52
CA MET E 175 15.04 23.13 34.58
C MET E 175 15.98 22.18 35.31
N ILE E 176 16.56 22.64 36.42
CA ILE E 176 17.49 21.78 37.17
C ILE E 176 16.78 20.51 37.64
N GLN E 177 15.57 20.65 38.21
CA GLN E 177 14.86 19.47 38.67
C GLN E 177 14.54 18.53 37.52
N ASN E 178 14.14 19.10 36.38
CA ASN E 178 13.84 18.31 35.19
C ASN E 178 15.10 17.69 34.59
N LEU E 179 16.28 18.07 35.08
CA LEU E 179 17.54 17.48 34.64
C LEU E 179 18.18 16.57 35.68
N ALA E 180 17.47 16.22 36.74
CA ALA E 180 18.06 15.38 37.78
C ALA E 180 18.43 14.00 37.22
N PHE E 181 19.55 13.47 37.71
CA PHE E 181 20.06 12.17 37.29
C PHE E 181 20.37 12.14 35.79
N ALA E 182 20.72 13.28 35.22
CA ALA E 182 21.28 13.33 33.89
C ALA E 182 22.79 13.13 33.97
N SER E 183 23.44 13.21 32.81
CA SER E 183 24.87 12.91 32.72
C SER E 183 25.68 13.78 33.67
N THR E 184 26.67 13.16 34.31
CA THR E 184 27.62 13.85 35.17
C THR E 184 29.03 13.52 34.73
N ALA E 185 30.02 13.90 35.53
CA ALA E 185 31.41 13.74 35.11
C ALA E 185 31.73 12.29 34.79
N HIS E 186 31.32 11.36 35.66
CA HIS E 186 31.75 9.98 35.57
C HIS E 186 30.63 8.98 35.29
N LEU E 187 29.39 9.45 35.08
CA LEU E 187 28.30 8.56 34.68
C LEU E 187 27.45 9.24 33.62
N SER E 188 26.85 8.42 32.76
CA SER E 188 25.88 8.91 31.79
C SER E 188 24.47 8.88 32.39
N LEU E 189 23.54 9.51 31.68
CA LEU E 189 22.15 9.50 32.10
C LEU E 189 21.56 8.10 32.03
N LEU E 190 21.77 7.42 30.89
CA LEU E 190 21.21 6.10 30.68
C LEU E 190 21.71 5.13 31.74
N ARG E 191 23.04 5.07 31.94
CA ARG E 191 23.59 4.15 32.93
C ARG E 191 23.05 4.45 34.31
N THR E 192 22.98 5.73 34.68
CA THR E 192 22.48 6.10 36.00
C THR E 192 21.08 5.56 36.22
N VAL E 193 20.14 5.90 35.34
CA VAL E 193 18.75 5.53 35.59
C VAL E 193 18.56 4.01 35.49
N LYS E 194 19.26 3.37 34.55
CA LYS E 194 19.13 1.92 34.43
C LYS E 194 19.66 1.21 35.66
N THR E 195 20.77 1.69 36.22
CA THR E 195 21.28 1.10 37.45
C THR E 195 20.32 1.28 38.60
N ILE E 196 19.74 2.49 38.73
CA ILE E 196 18.78 2.71 39.80
C ILE E 196 17.59 1.77 39.64
N GLU E 197 17.17 1.52 38.40
CA GLU E 197 16.07 0.59 38.17
C GLU E 197 16.45 -0.82 38.59
N VAL E 198 17.63 -1.28 38.21
CA VAL E 198 18.01 -2.68 38.42
C VAL E 198 18.38 -2.97 39.87
N LEU E 199 18.82 -1.98 40.63
CA LEU E 199 18.98 -2.20 42.06
C LEU E 199 17.63 -2.41 42.74
N GLY E 200 16.55 -1.98 42.10
CA GLY E 200 15.22 -2.14 42.64
C GLY E 200 14.67 -0.89 43.28
N ALA E 201 15.41 0.22 43.21
CA ALA E 201 15.08 1.41 43.99
C ALA E 201 14.06 2.29 43.30
N ASN E 202 13.52 3.23 44.07
CA ASN E 202 12.72 4.33 43.57
C ASN E 202 13.38 5.63 44.00
N ALA E 203 13.51 6.57 43.08
CA ALA E 203 14.28 7.78 43.30
C ALA E 203 13.60 8.95 42.61
N GLY E 204 13.93 10.16 43.06
CA GLY E 204 13.34 11.31 42.41
C GLY E 204 13.82 12.63 42.99
N CYS E 205 13.29 13.70 42.41
CA CYS E 205 13.62 15.07 42.77
C CYS E 205 12.36 15.90 42.83
N VAL E 206 12.32 16.85 43.77
CA VAL E 206 11.14 17.67 44.02
C VAL E 206 11.57 19.12 44.21
N VAL E 207 10.84 20.04 43.55
CA VAL E 207 11.02 21.48 43.72
C VAL E 207 9.97 22.01 44.66
N GLY E 208 10.38 22.90 45.56
CA GLY E 208 9.43 23.81 46.19
C GLY E 208 9.74 25.28 46.07
N ARG E 209 9.08 26.09 46.91
CA ARG E 209 9.32 27.52 46.97
C ARG E 209 10.52 27.88 47.83
N GLU E 210 11.03 26.95 48.64
CA GLU E 210 12.21 27.21 49.45
C GLU E 210 13.23 26.09 49.45
N HIS E 211 12.91 24.89 48.95
CA HIS E 211 13.84 23.77 48.98
C HIS E 211 13.83 23.03 47.66
N LEU E 212 14.94 22.33 47.41
CA LEU E 212 15.04 21.33 46.37
C LEU E 212 15.51 20.05 47.03
N VAL E 213 14.88 18.92 46.70
CA VAL E 213 15.16 17.67 47.40
C VAL E 213 15.40 16.55 46.39
N TYR E 214 16.47 15.80 46.60
CA TYR E 214 16.71 14.53 45.91
C TYR E 214 16.59 13.41 46.92
N SER E 215 16.06 12.25 46.48
CA SER E 215 16.00 11.14 47.42
C SER E 215 15.92 9.80 46.68
N ALA E 216 16.28 8.75 47.44
CA ALA E 216 16.22 7.37 46.96
C ALA E 216 15.90 6.42 48.11
N GLU E 217 15.62 5.16 47.74
CA GLU E 217 15.12 4.16 48.68
C GLU E 217 15.26 2.75 48.11
N CYS E 218 15.91 1.87 48.86
CA CYS E 218 15.88 0.41 48.66
C CYS E 218 16.54 -0.24 49.87
N LEU E 219 16.83 -1.54 49.77
CA LEU E 219 17.52 -2.24 50.86
C LEU E 219 18.70 -1.42 51.38
N ARG E 220 18.98 -1.56 52.67
CA ARG E 220 20.02 -0.76 53.30
C ARG E 220 21.43 -1.19 52.88
N SER E 221 21.58 -2.40 52.39
CA SER E 221 22.90 -2.88 51.99
C SER E 221 23.40 -2.24 50.70
N HIS E 222 22.55 -1.49 50.01
CA HIS E 222 22.92 -0.82 48.77
C HIS E 222 23.30 0.63 48.99
N MET E 223 23.30 1.11 50.23
CA MET E 223 23.60 2.52 50.46
C MET E 223 24.90 3.00 49.82
N PRO E 224 26.01 2.27 49.88
CA PRO E 224 27.26 2.76 49.28
C PRO E 224 27.14 3.02 47.78
N LEU E 225 26.23 2.34 47.09
CA LEU E 225 26.05 2.54 45.66
C LEU E 225 25.12 3.70 45.34
N LEU E 226 24.37 4.19 46.33
CA LEU E 226 23.41 5.27 46.11
C LEU E 226 23.95 6.64 46.47
N VAL E 227 24.88 6.73 47.42
CA VAL E 227 25.41 8.02 47.82
C VAL E 227 26.07 8.74 46.64
N PRO E 228 26.90 8.09 45.82
CA PRO E 228 27.42 8.80 44.65
C PRO E 228 26.32 9.41 43.80
N MET E 229 25.37 8.59 43.36
CA MET E 229 24.36 9.02 42.40
C MET E 229 23.53 10.19 42.93
N LEU E 230 23.37 10.30 44.24
CA LEU E 230 22.66 11.46 44.78
C LEU E 230 23.56 12.70 44.78
N THR E 231 24.82 12.54 45.19
CA THR E 231 25.70 13.69 45.29
C THR E 231 26.18 14.17 43.93
N GLY E 232 26.39 13.25 42.98
CA GLY E 232 26.73 13.63 41.63
C GLY E 232 26.04 14.88 41.14
N ASN E 233 24.71 14.90 41.28
CA ASN E 233 23.91 15.96 40.67
C ASN E 233 24.35 17.34 41.10
N VAL E 234 24.88 17.49 42.32
CA VAL E 234 25.31 18.79 42.81
C VAL E 234 26.82 18.98 42.73
N LEU E 235 27.58 17.91 42.50
CA LEU E 235 29.04 18.02 42.49
C LEU E 235 29.58 18.33 41.10
N PHE E 236 29.12 17.62 40.08
CA PHE E 236 29.64 17.88 38.74
C PHE E 236 28.75 17.38 37.62
N PRO E 237 27.63 18.05 37.35
CA PRO E 237 26.85 17.75 36.14
C PRO E 237 27.48 18.41 34.91
N ARG E 238 27.20 17.83 33.75
CA ARG E 238 27.79 18.30 32.49
C ARG E 238 26.88 19.25 31.73
N PHE E 239 25.57 18.99 31.69
CA PHE E 239 24.60 19.83 30.97
C PHE E 239 24.92 19.88 29.48
N LEU E 240 24.96 18.71 28.87
CA LEU E 240 25.16 18.61 27.44
C LEU E 240 23.94 19.17 26.71
N PRO E 241 24.11 19.95 25.64
CA PRO E 241 22.93 20.57 25.01
C PRO E 241 21.85 19.60 24.57
N TRP E 242 22.22 18.45 24.00
CA TRP E 242 21.22 17.56 23.41
C TRP E 242 20.37 16.85 24.46
N GLU E 243 20.69 16.99 25.74
CA GLU E 243 19.82 16.49 26.81
C GLU E 243 18.82 17.56 27.26
N LEU E 244 19.29 18.80 27.40
CA LEU E 244 18.37 19.91 27.63
C LEU E 244 17.30 19.95 26.55
N LYS E 245 17.71 19.86 25.28
CA LYS E 245 16.74 19.99 24.20
C LYS E 245 15.71 18.87 24.25
N ALA E 246 16.14 17.64 24.53
CA ALA E 246 15.22 16.51 24.53
C ALA E 246 14.29 16.53 25.73
N CYS E 247 14.66 17.19 26.82
CA CYS E 247 13.87 17.19 28.05
C CYS E 247 12.84 18.32 28.13
N LYS E 248 12.61 19.07 27.06
CA LYS E 248 11.90 20.35 27.18
C LYS E 248 10.40 20.17 27.43
N GLU E 249 9.76 19.19 26.79
CA GLU E 249 8.30 19.09 26.82
C GLU E 249 7.76 18.85 28.23
N LYS E 250 8.57 18.23 29.09
CA LYS E 250 8.18 17.99 30.47
C LYS E 250 8.01 19.30 31.25
N LEU E 251 8.55 20.41 30.74
CA LEU E 251 8.34 21.70 31.39
C LEU E 251 6.93 22.20 31.19
N ILE E 252 6.27 21.80 30.11
CA ILE E 252 4.92 22.27 29.80
C ILE E 252 3.87 21.30 30.33
N MET E 253 4.14 19.99 30.23
CA MET E 253 3.14 19.04 30.73
C MET E 253 2.85 19.26 32.22
N ALA E 254 3.84 19.76 32.97
CA ALA E 254 3.66 19.96 34.40
C ALA E 254 2.45 20.84 34.70
N ARG E 255 2.23 21.88 33.89
CA ARG E 255 1.05 22.71 34.07
C ARG E 255 -0.14 22.21 33.26
N LYS E 256 0.10 21.56 32.12
CA LYS E 256 -1.04 21.05 31.36
C LYS E 256 -1.88 20.08 32.18
N ARG E 257 -1.26 19.39 33.14
CA ARG E 257 -2.04 18.49 33.99
C ARG E 257 -2.78 19.22 35.10
N LEU E 258 -2.36 20.43 35.46
CA LEU E 258 -3.04 21.18 36.51
C LEU E 258 -4.45 21.59 36.10
N GLU E 259 -4.76 21.53 34.80
CA GLU E 259 -6.07 21.93 34.32
C GLU E 259 -7.17 20.94 34.70
N HIS E 260 -6.83 19.78 35.25
CA HIS E 260 -7.82 18.90 35.86
C HIS E 260 -7.37 18.53 37.28
N MET E 261 -6.98 19.56 38.04
CA MET E 261 -6.77 19.45 39.49
C MET E 261 -7.15 20.77 40.14
N PRO E 262 -8.45 21.05 40.23
CA PRO E 262 -8.92 22.37 40.68
C PRO E 262 -8.35 22.83 42.01
N ASP E 263 -8.22 21.92 42.98
CA ASP E 263 -7.75 22.28 44.32
C ASP E 263 -6.35 22.87 44.27
N GLN E 264 -5.42 22.16 43.60
CA GLN E 264 -4.05 22.65 43.46
C GLN E 264 -4.01 23.96 42.69
N MET E 265 -4.85 24.07 41.66
CA MET E 265 -4.96 25.30 40.89
C MET E 265 -5.28 26.48 41.80
N VAL E 266 -6.25 26.31 42.69
CA VAL E 266 -6.62 27.37 43.61
C VAL E 266 -5.46 27.70 44.55
N SER E 267 -4.71 26.69 44.96
CA SER E 267 -3.50 26.94 45.75
C SER E 267 -2.59 27.94 45.04
N GLU E 268 -2.27 27.65 43.77
CA GLU E 268 -1.36 28.53 43.03
C GLU E 268 -1.93 29.93 42.87
N LEU E 269 -3.24 30.02 42.61
CA LEU E 269 -3.87 31.34 42.53
C LEU E 269 -3.69 32.11 43.83
N LEU E 270 -3.92 31.44 44.96
CA LEU E 270 -3.74 32.10 46.25
C LEU E 270 -2.32 32.65 46.40
N HIS E 271 -1.32 31.83 46.06
CA HIS E 271 0.05 32.29 46.23
C HIS E 271 0.33 33.51 45.37
N THR E 272 0.01 33.44 44.08
CA THR E 272 0.36 34.55 43.21
C THR E 272 -0.44 35.80 43.50
N THR E 273 -1.61 35.67 44.13
CA THR E 273 -2.36 36.87 44.51
C THR E 273 -1.89 37.45 45.84
N ALA E 274 -1.36 36.61 46.74
CA ALA E 274 -0.97 37.09 48.06
C ALA E 274 0.32 37.91 47.99
N TRP E 275 1.33 37.40 47.29
CA TRP E 275 2.61 38.07 47.13
C TRP E 275 2.78 38.35 45.64
N HIS E 276 2.25 39.48 45.18
CA HIS E 276 2.22 39.76 43.76
C HIS E 276 3.61 40.12 43.25
N ASN E 277 4.15 39.30 42.35
CA ASN E 277 5.39 39.58 41.62
C ASN E 277 6.64 39.55 42.49
N ASN E 278 6.64 38.94 43.68
CA ASN E 278 7.88 38.88 44.43
C ASN E 278 7.96 37.62 45.30
N THR E 279 9.19 37.13 45.45
CA THR E 279 9.57 36.00 46.30
C THR E 279 8.59 34.84 46.21
N LEU E 280 7.83 34.61 47.28
CA LEU E 280 6.95 33.44 47.32
C LEU E 280 5.90 33.50 46.22
N GLY E 281 5.60 34.70 45.71
CA GLY E 281 4.69 34.90 44.60
C GLY E 281 5.06 34.21 43.29
N HIS E 282 6.35 33.93 43.07
CA HIS E 282 6.76 33.43 41.77
C HIS E 282 6.10 32.10 41.48
N LYS E 283 5.95 31.80 40.19
CA LYS E 283 5.32 30.56 39.77
C LYS E 283 6.30 29.40 39.90
N LEU E 284 5.74 28.21 40.15
CA LEU E 284 6.53 27.00 40.34
C LEU E 284 6.89 26.32 39.02
N HIS E 285 6.64 26.95 37.87
CA HIS E 285 6.82 26.30 36.59
C HIS E 285 7.47 27.25 35.60
N CYS E 286 7.86 26.70 34.46
CA CYS E 286 8.36 27.48 33.33
C CYS E 286 7.20 27.96 32.48
N THR E 287 7.06 29.27 32.34
CA THR E 287 6.13 29.82 31.38
C THR E 287 6.77 29.85 29.99
N GLU E 288 6.02 30.36 29.01
CA GLU E 288 6.59 30.52 27.68
C GLU E 288 7.78 31.48 27.71
N ARG E 289 7.66 32.57 28.48
CA ARG E 289 8.76 33.51 28.63
C ARG E 289 9.96 32.88 29.31
N SER E 290 9.78 31.73 29.96
CA SER E 290 10.86 31.08 30.69
C SER E 290 11.69 30.13 29.84
N LEU E 291 11.28 29.87 28.59
CA LEU E 291 12.00 28.93 27.74
C LEU E 291 13.09 29.58 26.91
N GLY E 292 13.22 30.90 26.96
CA GLY E 292 14.36 31.56 26.33
C GLY E 292 15.66 31.21 27.02
N HIS E 293 15.77 31.60 28.28
CA HIS E 293 16.98 31.39 29.08
C HIS E 293 17.03 29.95 29.58
N TYR E 294 17.06 29.04 28.62
CA TYR E 294 17.16 27.60 28.87
C TYR E 294 18.50 27.08 28.35
N ASN E 295 19.54 27.90 28.49
CA ASN E 295 20.89 27.60 28.02
C ASN E 295 21.81 27.25 29.19
N PRO E 296 22.82 26.42 28.96
CA PRO E 296 23.63 25.92 30.09
C PRO E 296 24.26 26.99 30.95
N ASP E 297 24.63 28.13 30.38
CA ASP E 297 25.38 29.12 31.16
C ASP E 297 24.53 29.70 32.29
N VAL E 298 23.23 29.89 32.05
CA VAL E 298 22.36 30.44 33.09
C VAL E 298 22.14 29.42 34.20
N ILE E 299 21.89 28.16 33.83
CA ILE E 299 21.78 27.09 34.82
C ILE E 299 23.04 27.03 35.67
N ARG E 300 24.20 27.00 35.02
CA ARG E 300 25.46 26.85 35.73
C ARG E 300 25.74 28.05 36.63
N HIS E 301 25.47 29.26 36.13
CA HIS E 301 25.70 30.46 36.92
C HIS E 301 24.75 30.52 38.12
N TYR E 302 23.52 30.05 37.97
CA TYR E 302 22.60 29.96 39.10
C TYR E 302 23.11 28.96 40.13
N MET E 303 23.57 27.79 39.68
CA MET E 303 24.04 26.77 40.61
C MET E 303 25.26 27.26 41.39
N LEU E 304 26.15 28.00 40.73
CA LEU E 304 27.33 28.49 41.43
C LEU E 304 26.99 29.39 42.60
N GLN E 305 25.77 29.92 42.66
CA GLN E 305 25.38 30.83 43.72
C GLN E 305 24.66 30.14 44.89
N HIS E 306 24.25 28.88 44.73
CA HIS E 306 23.40 28.25 45.74
C HIS E 306 23.86 26.88 46.20
N PHE E 307 24.50 26.11 45.33
CA PHE E 307 24.75 24.69 45.58
C PHE E 307 26.07 24.44 46.30
N SER E 308 26.51 25.36 47.14
CA SER E 308 27.70 25.12 47.93
C SER E 308 27.36 24.25 49.14
N PRO E 309 28.34 23.53 49.68
CA PRO E 309 28.02 22.55 50.73
C PRO E 309 27.31 23.11 51.95
N GLU E 310 27.65 24.32 52.40
CA GLU E 310 27.04 24.82 53.62
C GLU E 310 25.57 25.16 53.44
N ASN E 311 25.01 25.01 52.24
CA ASN E 311 23.58 25.18 52.00
C ASN E 311 22.87 23.83 51.87
N MET E 312 23.48 22.75 52.35
CA MET E 312 22.97 21.41 52.11
C MET E 312 22.86 20.64 53.41
N VAL E 313 22.00 19.61 53.37
CA VAL E 313 21.93 18.61 54.44
C VAL E 313 21.75 17.24 53.79
N PHE E 314 22.41 16.22 54.35
CA PHE E 314 22.21 14.84 53.93
C PHE E 314 21.65 14.04 55.09
N VAL E 315 20.54 13.35 54.85
CA VAL E 315 19.80 12.66 55.90
C VAL E 315 19.61 11.21 55.51
N GLY E 316 19.81 10.32 56.50
CA GLY E 316 19.63 8.90 56.28
C GLY E 316 18.88 8.21 57.41
N VAL E 317 17.99 7.30 57.04
CA VAL E 317 17.20 6.52 58.00
C VAL E 317 17.39 5.05 57.68
N ASN E 318 17.67 4.26 58.73
CA ASN E 318 18.00 2.84 58.64
C ASN E 318 19.34 2.63 57.93
N VAL E 319 20.38 3.30 58.42
CA VAL E 319 21.75 3.03 58.03
C VAL E 319 22.65 3.25 59.23
N ASN E 320 23.81 2.61 59.21
CA ASN E 320 24.79 2.72 60.27
C ASN E 320 25.64 3.97 60.07
N HIS E 321 25.68 4.82 61.09
CA HIS E 321 26.13 6.20 60.90
C HIS E 321 27.61 6.28 60.50
N ASP E 322 28.45 5.41 61.04
CA ASP E 322 29.87 5.52 60.70
C ASP E 322 30.12 5.11 59.26
N GLU E 323 29.34 4.16 58.72
CA GLU E 323 29.45 3.86 57.31
C GLU E 323 28.95 5.01 56.45
N LEU E 324 27.87 5.66 56.88
CA LEU E 324 27.35 6.81 56.11
C LEU E 324 28.38 7.93 56.07
N CYS E 325 28.95 8.27 57.23
CA CYS E 325 29.99 9.27 57.28
C CYS E 325 31.17 8.90 56.41
N THR E 326 31.60 7.63 56.46
CA THR E 326 32.75 7.20 55.68
C THR E 326 32.49 7.36 54.19
N TRP E 327 31.35 6.84 53.71
CA TRP E 327 31.10 6.88 52.28
C TRP E 327 30.74 8.27 51.77
N LEU E 328 30.26 9.16 52.65
CA LEU E 328 30.10 10.56 52.24
C LEU E 328 31.44 11.27 52.17
N MET E 329 32.30 11.04 53.15
CA MET E 329 33.64 11.64 53.11
C MET E 329 34.40 11.19 51.88
N ARG E 330 34.28 9.91 51.53
CA ARG E 330 35.01 9.38 50.37
C ARG E 330 34.49 9.94 49.05
N ALA E 331 33.39 10.70 49.07
CA ALA E 331 32.83 11.25 47.85
C ALA E 331 33.39 12.62 47.51
N PHE E 332 33.64 13.46 48.51
CA PHE E 332 34.13 14.83 48.30
C PHE E 332 35.64 14.96 48.43
N VAL E 333 36.36 13.87 48.65
CA VAL E 333 37.76 13.99 49.02
C VAL E 333 38.64 14.36 47.81
N ASP E 334 38.27 13.91 46.61
CA ASP E 334 39.08 14.15 45.44
C ASP E 334 38.82 15.47 44.74
N TYR E 335 37.67 16.08 44.97
CA TYR E 335 37.16 17.11 44.09
C TYR E 335 36.94 18.42 44.82
N ASN E 336 36.94 19.50 44.04
CA ASN E 336 36.61 20.83 44.54
C ASN E 336 35.12 21.06 44.42
N ALA E 337 34.45 21.31 45.55
CA ALA E 337 33.05 21.61 45.52
C ALA E 337 32.82 23.07 45.16
N ILE E 338 31.57 23.43 44.94
CA ILE E 338 31.24 24.82 44.61
C ILE E 338 31.57 25.71 45.80
N PRO E 339 32.34 26.78 45.62
CA PRO E 339 32.79 27.57 46.78
C PRO E 339 31.66 28.34 47.42
N PRO E 340 31.78 28.69 48.70
CA PRO E 340 30.71 29.39 49.40
C PRO E 340 30.42 30.79 48.85
N SER E 341 29.25 31.29 49.21
CA SER E 341 28.78 32.62 48.83
C SER E 341 27.93 33.17 49.96
N LYS E 342 28.13 34.45 50.29
CA LYS E 342 27.41 35.09 51.39
C LYS E 342 26.13 35.77 50.86
N ARG E 343 25.19 34.93 50.43
CA ARG E 343 23.97 35.43 49.83
C ARG E 343 23.08 36.12 50.87
N THR E 344 22.25 37.04 50.39
CA THR E 344 21.27 37.73 51.21
C THR E 344 19.88 37.53 50.60
N VAL E 345 18.86 37.56 51.46
CA VAL E 345 17.49 37.27 51.06
C VAL E 345 16.60 38.43 51.47
N ALA E 346 15.69 38.83 50.58
CA ALA E 346 14.79 39.94 50.83
C ALA E 346 13.49 39.46 51.45
N SER E 347 12.87 40.33 52.23
CA SER E 347 11.60 39.99 52.87
C SER E 347 10.48 39.98 51.84
N PRO E 348 9.60 38.99 51.88
CA PRO E 348 8.40 39.06 51.02
C PRO E 348 7.55 40.29 51.31
N VAL E 349 6.92 40.80 50.26
CA VAL E 349 5.95 41.88 50.35
C VAL E 349 4.57 41.30 50.04
N TYR E 350 3.66 41.38 51.00
CA TYR E 350 2.32 40.86 50.85
C TYR E 350 1.40 41.93 50.27
N THR E 351 0.83 41.66 49.11
CA THR E 351 -0.07 42.57 48.45
C THR E 351 -1.54 42.27 48.72
N GLY E 352 -1.92 40.99 48.73
CA GLY E 352 -3.33 40.64 48.76
C GLY E 352 -3.96 40.95 47.42
N GLY E 353 -5.30 41.02 47.42
CA GLY E 353 -5.99 41.31 46.18
C GLY E 353 -7.05 40.28 45.91
N ASP E 354 -7.43 40.17 44.64
CA ASP E 354 -8.65 39.47 44.25
C ASP E 354 -8.47 38.92 42.84
N VAL E 355 -9.03 37.75 42.57
CA VAL E 355 -8.89 37.15 41.25
C VAL E 355 -9.97 36.09 41.03
N ARG E 356 -10.35 35.92 39.76
CA ARG E 356 -11.40 35.00 39.35
C ARG E 356 -10.96 34.25 38.10
N LEU E 357 -11.44 33.02 37.95
CA LEU E 357 -11.11 32.21 36.79
C LEU E 357 -12.25 31.24 36.51
N GLU E 358 -12.93 31.44 35.39
CA GLU E 358 -14.15 30.70 35.08
C GLU E 358 -13.84 29.52 34.18
N THR E 359 -14.58 28.43 34.41
CA THR E 359 -14.45 27.19 33.66
C THR E 359 -15.66 26.32 34.00
N PRO E 360 -15.98 25.32 33.15
CA PRO E 360 -17.30 24.66 33.27
C PRO E 360 -17.54 23.85 34.54
N SER E 361 -16.68 23.95 35.55
CA SER E 361 -16.86 23.14 36.75
C SER E 361 -18.24 23.41 37.37
N PRO E 362 -18.91 22.39 37.91
CA PRO E 362 -20.28 22.56 38.40
C PRO E 362 -20.39 23.17 39.79
N HIS E 363 -19.32 23.62 40.41
CA HIS E 363 -19.38 24.30 41.69
C HIS E 363 -18.79 25.70 41.56
N ALA E 364 -19.17 26.56 42.50
CA ALA E 364 -18.43 27.79 42.76
C ALA E 364 -17.38 27.44 43.82
N HIS E 365 -16.11 27.41 43.41
CA HIS E 365 -15.02 27.23 44.33
C HIS E 365 -14.56 28.60 44.80
N MET E 366 -14.44 28.78 46.12
CA MET E 366 -14.04 30.06 46.67
C MET E 366 -13.04 29.87 47.79
N ALA E 367 -12.15 30.85 47.93
CA ALA E 367 -11.17 30.85 49.01
C ALA E 367 -10.86 32.28 49.43
N ILE E 368 -10.72 32.46 50.74
CA ILE E 368 -10.34 33.75 51.32
C ILE E 368 -9.24 33.51 52.34
N ALA E 369 -8.28 34.44 52.42
CA ALA E 369 -7.08 34.22 53.20
C ALA E 369 -6.53 35.53 53.75
N PHE E 370 -5.76 35.41 54.84
CA PHE E 370 -5.02 36.51 55.43
C PHE E 370 -3.60 36.05 55.73
N GLU E 371 -2.72 37.03 55.96
CA GLU E 371 -1.30 36.73 56.09
C GLU E 371 -0.94 36.37 57.54
N THR E 372 0.01 35.45 57.67
CA THR E 372 0.66 35.16 58.93
C THR E 372 1.96 35.93 58.99
N PRO E 373 2.06 36.96 59.84
CA PRO E 373 3.32 37.71 59.98
C PRO E 373 4.40 36.86 60.63
N GLY E 374 5.52 36.72 59.92
CA GLY E 374 6.72 36.16 60.47
C GLY E 374 6.96 34.72 60.05
N GLY E 375 5.88 34.01 59.72
CA GLY E 375 5.93 32.66 59.24
C GLY E 375 6.51 31.70 60.28
N TRP E 376 7.23 30.70 59.76
CA TRP E 376 7.74 29.63 60.60
C TRP E 376 8.65 30.16 61.71
N ASN E 377 9.30 31.29 61.48
CA ASN E 377 10.16 31.90 62.49
C ASN E 377 9.39 32.79 63.46
N GLY E 378 8.09 32.97 63.26
CA GLY E 378 7.27 33.62 64.25
C GLY E 378 6.92 32.69 65.39
N GLY E 379 6.75 33.28 66.58
CA GLY E 379 6.54 32.49 67.79
C GLY E 379 5.20 31.77 67.85
N ASP E 380 4.23 32.21 67.06
CA ASP E 380 2.85 31.71 67.16
C ASP E 380 2.57 30.58 66.18
N LEU E 381 3.57 29.75 65.88
CA LEU E 381 3.40 28.62 64.97
C LEU E 381 2.40 27.59 65.51
N VAL E 382 2.24 27.51 66.83
CA VAL E 382 1.35 26.53 67.45
C VAL E 382 -0.09 27.05 67.47
N ALA E 383 -0.27 28.35 67.64
CA ALA E 383 -1.60 28.92 67.72
C ALA E 383 -2.40 28.62 66.46
N TYR E 384 -1.83 28.90 65.29
CA TYR E 384 -2.54 28.68 64.04
C TYR E 384 -2.86 27.20 63.86
N SER E 385 -1.91 26.32 64.21
CA SER E 385 -2.10 24.89 63.99
C SER E 385 -3.13 24.29 64.93
N VAL E 386 -3.33 24.90 66.11
CA VAL E 386 -4.43 24.49 66.97
C VAL E 386 -5.76 25.01 66.43
N LEU E 387 -5.77 26.27 66.00
CA LEU E 387 -6.99 26.88 65.51
C LEU E 387 -7.51 26.14 64.28
N GLN E 388 -6.62 25.67 63.42
CA GLN E 388 -7.05 24.93 62.23
C GLN E 388 -7.86 23.70 62.62
N THR E 389 -7.51 23.05 63.74
CA THR E 389 -8.23 21.87 64.17
C THR E 389 -9.50 22.23 64.93
N ILE E 390 -9.54 23.39 65.57
CA ILE E 390 -10.82 23.87 66.08
C ILE E 390 -11.80 24.04 64.92
N LEU E 391 -11.34 24.62 63.81
CA LEU E 391 -12.22 24.94 62.71
C LEU E 391 -12.57 23.70 61.87
N GLY E 392 -11.56 22.95 61.46
CA GLY E 392 -11.78 21.77 60.64
C GLY E 392 -10.74 21.70 59.55
N GLY E 393 -9.85 20.70 59.63
CA GLY E 393 -8.82 20.52 58.64
C GLY E 393 -9.32 19.87 57.36
N GLY E 394 -8.36 19.55 56.50
CA GLY E 394 -8.65 18.98 55.20
C GLY E 394 -9.67 17.86 55.21
N GLY E 405 -13.07 15.00 61.27
CA GLY E 405 -13.98 14.83 62.39
C GLY E 405 -15.37 15.35 62.09
N MET E 406 -16.28 15.22 63.06
CA MET E 406 -17.66 15.66 62.90
C MET E 406 -18.16 16.43 64.10
N TYR E 407 -17.26 16.90 64.96
CA TYR E 407 -17.59 17.79 66.05
C TYR E 407 -16.74 19.05 65.99
N THR E 408 -16.43 19.49 64.77
CA THR E 408 -15.63 20.67 64.52
C THR E 408 -16.53 21.88 64.24
N ARG E 409 -15.96 23.07 64.38
CA ARG E 409 -16.75 24.30 64.30
C ARG E 409 -17.43 24.43 62.94
N LEU E 410 -16.68 24.22 61.85
CA LEU E 410 -17.27 24.34 60.52
C LEU E 410 -18.31 23.25 60.28
N TYR E 411 -18.00 22.01 60.68
CA TYR E 411 -18.93 20.91 60.44
C TYR E 411 -20.26 21.14 61.14
N LEU E 412 -20.21 21.65 62.37
CA LEU E 412 -21.45 21.88 63.11
C LEU E 412 -22.19 23.12 62.64
N ASN E 413 -21.47 24.22 62.40
CA ASN E 413 -22.09 25.52 62.20
C ASN E 413 -22.23 25.92 60.74
N VAL E 414 -21.76 25.10 59.80
CA VAL E 414 -21.95 25.40 58.39
C VAL E 414 -22.60 24.20 57.69
N LEU E 415 -21.90 23.07 57.68
CA LEU E 415 -22.32 21.95 56.83
C LEU E 415 -23.64 21.34 57.28
N ASN E 416 -23.91 21.35 58.58
CA ASN E 416 -25.15 20.80 59.11
C ASN E 416 -26.29 21.81 59.12
N GLN E 417 -26.07 23.04 58.65
CA GLN E 417 -27.09 24.08 58.68
C GLN E 417 -27.38 24.67 57.31
N ASN E 418 -26.77 24.14 56.25
CA ASN E 418 -27.03 24.62 54.90
C ASN E 418 -27.03 23.45 53.93
N GLU E 419 -28.00 23.45 53.01
CA GLU E 419 -28.17 22.33 52.09
C GLU E 419 -27.28 22.41 50.87
N TRP E 420 -26.67 23.56 50.59
CA TRP E 420 -26.10 23.83 49.27
C TRP E 420 -24.58 23.99 49.28
N VAL E 421 -23.91 23.56 50.34
CA VAL E 421 -22.44 23.54 50.38
C VAL E 421 -21.98 22.09 50.37
N GLU E 422 -21.02 21.79 49.49
CA GLU E 422 -20.46 20.45 49.43
C GLU E 422 -19.31 20.25 50.42
N SER E 423 -18.60 21.32 50.79
CA SER E 423 -17.40 21.17 51.62
C SER E 423 -16.93 22.55 52.05
N ALA E 424 -16.50 22.63 53.32
CA ALA E 424 -15.89 23.81 53.90
C ALA E 424 -14.67 23.37 54.69
N MET E 425 -13.62 24.20 54.67
CA MET E 425 -12.32 23.76 55.16
C MET E 425 -11.52 24.96 55.61
N ALA E 426 -10.62 24.73 56.56
CA ALA E 426 -9.61 25.72 56.94
C ALA E 426 -8.24 25.25 56.45
N PHE E 427 -7.45 26.19 55.96
CA PHE E 427 -6.12 25.89 55.44
C PHE E 427 -5.09 26.82 56.05
N ASN E 428 -3.86 26.32 56.12
CA ASN E 428 -2.76 26.99 56.83
C ASN E 428 -1.47 26.60 56.14
N THR E 429 -0.81 27.55 55.48
CA THR E 429 0.46 27.28 54.82
C THR E 429 1.50 28.27 55.31
N GLN E 430 2.67 27.75 55.69
CA GLN E 430 3.70 28.54 56.33
C GLN E 430 5.04 28.34 55.61
N TYR E 431 5.84 29.41 55.62
CA TYR E 431 7.18 29.40 55.07
C TYR E 431 8.12 30.03 56.08
N THR E 432 9.41 30.08 55.74
CA THR E 432 10.41 30.48 56.70
C THR E 432 10.09 31.83 57.33
N ASP E 433 9.50 32.75 56.58
CA ASP E 433 9.37 34.12 57.07
C ASP E 433 8.04 34.78 56.73
N SER E 434 7.04 34.03 56.28
CA SER E 434 5.69 34.54 56.09
C SER E 434 4.78 33.35 55.84
N GLY E 435 3.49 33.55 56.09
CA GLY E 435 2.52 32.57 55.64
C GLY E 435 1.14 33.10 55.30
N ILE E 436 0.18 32.18 55.14
CA ILE E 436 -1.23 32.54 55.03
C ILE E 436 -2.10 31.50 55.73
N PHE E 437 -3.29 31.97 56.12
CA PHE E 437 -4.29 31.20 56.86
C PHE E 437 -5.65 31.62 56.34
N GLY E 438 -6.51 30.67 56.04
CA GLY E 438 -7.84 31.03 55.57
C GLY E 438 -8.84 29.90 55.46
N LEU E 439 -9.92 30.19 54.72
CA LEU E 439 -11.04 29.27 54.54
C LEU E 439 -11.28 29.02 53.05
N TYR E 440 -11.76 27.80 52.77
CA TYR E 440 -12.01 27.31 51.41
C TYR E 440 -13.35 26.61 51.38
N MET E 441 -14.06 26.72 50.26
CA MET E 441 -15.42 26.21 50.20
C MET E 441 -15.82 25.89 48.76
N LEU E 442 -16.69 24.89 48.63
CA LEU E 442 -17.36 24.58 47.38
C LEU E 442 -18.86 24.75 47.57
N ALA E 443 -19.53 25.43 46.64
CA ALA E 443 -20.94 25.73 46.82
C ALA E 443 -21.71 25.60 45.50
N ASP E 444 -23.02 25.54 45.64
CA ASP E 444 -23.92 25.61 44.49
C ASP E 444 -23.70 26.93 43.77
N PRO E 445 -23.46 26.94 42.45
CA PRO E 445 -23.07 28.19 41.78
C PRO E 445 -24.14 29.26 41.77
N THR E 446 -25.38 28.93 42.13
CA THR E 446 -26.45 29.94 42.15
C THR E 446 -26.48 30.73 43.46
N LYS E 447 -25.67 30.35 44.44
CA LYS E 447 -25.77 30.90 45.78
C LYS E 447 -24.42 31.41 46.29
N SER E 448 -23.57 31.91 45.40
CA SER E 448 -22.26 32.40 45.81
C SER E 448 -22.38 33.57 46.76
N ALA E 449 -23.38 34.43 46.54
CA ALA E 449 -23.56 35.59 47.40
C ALA E 449 -23.89 35.17 48.83
N ASN E 450 -24.51 34.01 49.00
CA ASN E 450 -24.71 33.46 50.35
C ASN E 450 -23.43 32.81 50.88
N ALA E 451 -22.63 32.21 50.00
CA ALA E 451 -21.36 31.65 50.40
C ALA E 451 -20.47 32.71 51.04
N VAL E 452 -20.43 33.90 50.43
CA VAL E 452 -19.62 34.99 50.96
C VAL E 452 -20.11 35.38 52.35
N LYS E 453 -21.42 35.44 52.53
CA LYS E 453 -21.97 35.81 53.83
C LYS E 453 -21.58 34.80 54.90
N VAL E 454 -21.67 33.52 54.57
CA VAL E 454 -21.29 32.47 55.52
C VAL E 454 -19.81 32.62 55.91
N MET E 455 -18.96 32.79 54.90
CA MET E 455 -17.53 32.95 55.19
C MET E 455 -17.27 34.18 56.05
N ALA E 456 -17.99 35.28 55.78
CA ALA E 456 -17.78 36.49 56.55
C ALA E 456 -18.16 36.29 58.00
N GLU E 457 -19.29 35.61 58.26
CA GLU E 457 -19.63 35.30 59.64
C GLU E 457 -18.53 34.48 60.31
N GLN E 458 -18.10 33.41 59.64
CA GLN E 458 -17.08 32.53 60.22
C GLN E 458 -15.83 33.32 60.60
N PHE E 459 -15.31 34.14 59.68
CA PHE E 459 -14.16 34.97 60.02
C PHE E 459 -14.49 35.91 61.16
N GLY E 460 -15.66 36.54 61.11
CA GLY E 460 -16.21 37.31 62.21
C GLY E 460 -15.98 36.73 63.59
N LYS E 461 -16.18 35.42 63.74
CA LYS E 461 -16.12 34.85 65.10
C LYS E 461 -15.06 33.78 65.25
N MET E 462 -13.85 34.03 64.77
CA MET E 462 -12.71 33.18 65.13
C MET E 462 -12.02 33.67 66.39
N GLY E 463 -12.05 34.98 66.64
CA GLY E 463 -11.52 35.57 67.86
C GLY E 463 -11.80 34.93 69.21
N SER E 464 -12.85 34.13 69.33
CA SER E 464 -13.32 33.68 70.64
C SER E 464 -13.56 32.18 70.63
N VAL E 465 -13.18 31.53 71.72
CA VAL E 465 -13.18 30.07 71.83
C VAL E 465 -13.63 29.67 73.23
N THR E 466 -14.19 28.48 73.34
CA THR E 466 -14.61 27.91 74.61
C THR E 466 -13.76 26.68 74.91
N LYS E 467 -13.59 26.41 76.21
CA LYS E 467 -12.55 25.47 76.64
C LYS E 467 -12.85 24.03 76.22
N GLU E 468 -14.13 23.67 76.04
CA GLU E 468 -14.44 22.33 75.56
C GLU E 468 -13.80 22.10 74.19
N GLU E 469 -14.08 23.01 73.24
CA GLU E 469 -13.51 22.88 71.91
C GLU E 469 -11.99 22.97 71.96
N LEU E 470 -11.45 23.87 72.78
CA LEU E 470 -10.01 24.04 72.86
C LEU E 470 -9.32 22.77 73.34
N GLN E 471 -9.86 22.14 74.38
CA GLN E 471 -9.30 20.88 74.87
C GLN E 471 -9.44 19.78 73.84
N ARG E 472 -10.61 19.66 73.23
CA ARG E 472 -10.79 18.69 72.14
C ARG E 472 -9.70 18.85 71.10
N ALA E 473 -9.43 20.11 70.71
CA ALA E 473 -8.45 20.37 69.65
C ALA E 473 -7.04 20.04 70.11
N LYS E 474 -6.68 20.40 71.34
CA LYS E 474 -5.32 20.14 71.81
C LYS E 474 -5.05 18.64 71.88
N ASN E 475 -6.00 17.86 72.41
CA ASN E 475 -5.83 16.41 72.46
C ASN E 475 -5.73 15.83 71.04
N SER E 476 -6.64 16.25 70.16
CA SER E 476 -6.61 15.76 68.78
C SER E 476 -5.27 16.02 68.12
N LEU E 477 -4.75 17.23 68.31
CA LEU E 477 -3.50 17.62 67.66
C LEU E 477 -2.33 16.81 68.22
N LYS E 478 -2.29 16.57 69.53
CA LYS E 478 -1.25 15.73 70.09
C LYS E 478 -1.28 14.34 69.45
N SER E 479 -2.47 13.74 69.39
CA SER E 479 -2.60 12.43 68.78
C SER E 479 -2.05 12.42 67.36
N SER E 480 -2.48 13.40 66.56
CA SER E 480 -2.05 13.46 65.16
C SER E 480 -0.54 13.62 65.07
N ILE E 481 0.03 14.50 65.89
CA ILE E 481 1.48 14.69 65.91
C ILE E 481 2.18 13.36 66.07
N PHE E 482 1.84 12.63 67.14
CA PHE E 482 2.56 11.40 67.41
C PHE E 482 2.34 10.37 66.31
N MET E 483 1.12 10.25 65.81
CA MET E 483 0.82 9.17 64.86
C MET E 483 1.32 9.45 63.45
N ASN E 484 1.60 10.71 63.12
CA ASN E 484 2.07 11.01 61.78
C ASN E 484 3.53 10.64 61.57
N LEU E 485 4.32 10.58 62.65
CA LEU E 485 5.75 10.29 62.57
C LEU E 485 6.08 8.81 62.71
N GLU E 486 5.13 7.93 62.43
CA GLU E 486 5.38 6.49 62.44
C GLU E 486 5.75 5.97 61.06
N CYS E 487 6.47 6.76 60.27
CA CYS E 487 6.68 6.45 58.87
C CYS E 487 7.96 7.12 58.40
N ARG E 488 8.86 6.32 57.81
CA ARG E 488 10.25 6.74 57.69
C ARG E 488 10.44 7.91 56.72
N GLY E 489 9.74 7.89 55.59
CA GLY E 489 9.90 8.98 54.63
C GLY E 489 9.48 10.31 55.20
N ILE E 490 8.34 10.32 55.88
CA ILE E 490 7.86 11.55 56.52
C ILE E 490 8.88 12.04 57.52
N VAL E 491 9.49 11.13 58.29
CA VAL E 491 10.48 11.50 59.29
C VAL E 491 11.71 12.10 58.61
N MET E 492 12.19 11.44 57.56
CA MET E 492 13.36 11.93 56.83
C MET E 492 13.15 13.36 56.36
N GLU E 493 12.05 13.59 55.65
CA GLU E 493 11.82 14.92 55.08
C GLU E 493 11.58 15.94 56.19
N ASP E 494 10.89 15.57 57.26
CA ASP E 494 10.72 16.47 58.38
C ASP E 494 12.05 16.92 58.94
N VAL E 495 12.95 15.97 59.21
CA VAL E 495 14.24 16.30 59.81
C VAL E 495 15.04 17.21 58.88
N GLY E 496 15.19 16.81 57.63
CA GLY E 496 15.78 17.68 56.62
C GLY E 496 15.26 19.10 56.59
N ARG E 497 13.95 19.22 56.42
CA ARG E 497 13.31 20.51 56.27
C ARG E 497 13.55 21.39 57.49
N GLN E 498 13.44 20.82 58.68
CA GLN E 498 13.69 21.60 59.89
C GLN E 498 15.13 22.07 59.97
N LEU E 499 16.08 21.19 59.62
CA LEU E 499 17.48 21.60 59.69
C LEU E 499 17.77 22.73 58.71
N LEU E 500 17.18 22.69 57.52
CA LEU E 500 17.35 23.80 56.60
C LEU E 500 16.71 25.07 57.15
N MET E 501 15.54 24.96 57.75
CA MET E 501 14.79 26.16 58.11
C MET E 501 15.42 26.87 59.31
N SER E 502 15.81 26.14 60.36
CA SER E 502 16.40 26.84 61.50
C SER E 502 17.57 26.13 62.18
N ASN E 503 18.18 25.13 61.55
CA ASN E 503 19.35 24.48 62.11
C ASN E 503 19.05 23.73 63.41
N ARG E 504 17.79 23.42 63.67
CA ARG E 504 17.40 22.68 64.85
C ARG E 504 16.23 21.77 64.50
N VAL E 505 16.17 20.62 65.14
CA VAL E 505 15.06 19.69 65.02
C VAL E 505 14.26 19.73 66.32
N ILE E 506 12.95 19.88 66.21
CA ILE E 506 12.05 19.90 67.34
C ILE E 506 11.48 18.50 67.51
N SER E 507 11.84 17.85 68.62
CA SER E 507 11.35 16.51 68.89
C SER E 507 9.89 16.57 69.33
N PRO E 508 9.10 15.53 69.01
CA PRO E 508 7.66 15.63 69.27
C PRO E 508 7.29 15.93 70.71
N GLN E 509 8.08 15.47 71.69
CA GLN E 509 7.79 15.83 73.07
C GLN E 509 7.79 17.34 73.25
N GLU E 510 8.71 18.03 72.57
CA GLU E 510 8.73 19.49 72.66
C GLU E 510 7.52 20.10 71.96
N PHE E 511 7.09 19.52 70.84
CA PHE E 511 5.87 19.99 70.19
C PHE E 511 4.69 19.87 71.13
N CYS E 512 4.59 18.74 71.85
CA CYS E 512 3.48 18.56 72.78
C CYS E 512 3.56 19.56 73.93
N THR E 513 4.75 19.77 74.48
CA THR E 513 4.90 20.75 75.54
C THR E 513 4.51 22.15 75.06
N ALA E 514 4.76 22.45 73.79
CA ALA E 514 4.36 23.74 73.25
C ALA E 514 2.85 23.82 73.06
N ILE E 515 2.25 22.76 72.52
CA ILE E 515 0.81 22.72 72.32
C ILE E 515 0.09 22.91 73.64
N ASP E 516 0.59 22.27 74.71
CA ASP E 516 -0.09 22.31 75.98
C ASP E 516 -0.19 23.73 76.54
N ALA E 517 0.70 24.63 76.12
CA ALA E 517 0.81 25.95 76.70
C ALA E 517 -0.10 26.99 76.05
N VAL E 518 -0.76 26.63 74.94
CA VAL E 518 -1.58 27.60 74.22
C VAL E 518 -2.78 27.99 75.07
N THR E 519 -3.01 29.28 75.21
CA THR E 519 -4.07 29.80 76.05
C THR E 519 -5.29 30.19 75.23
N GLU E 520 -6.40 30.41 75.93
CA GLU E 520 -7.61 30.89 75.28
C GLU E 520 -7.42 32.30 74.75
N ALA E 521 -6.70 33.14 75.49
CA ALA E 521 -6.51 34.54 75.08
C ALA E 521 -5.64 34.66 73.84
N ASP E 522 -4.61 33.82 73.73
CA ASP E 522 -3.64 33.98 72.65
C ASP E 522 -4.31 33.85 71.29
N ILE E 523 -5.42 33.12 71.20
CA ILE E 523 -6.12 33.00 69.92
C ILE E 523 -6.62 34.37 69.45
N LYS E 524 -7.28 35.11 70.36
CA LYS E 524 -7.70 36.46 70.03
C LYS E 524 -6.49 37.35 69.75
N ARG E 525 -5.44 37.22 70.57
CA ARG E 525 -4.26 38.04 70.41
C ARG E 525 -3.63 37.83 69.03
N VAL E 526 -3.78 36.64 68.46
CA VAL E 526 -3.23 36.34 67.15
C VAL E 526 -4.14 36.83 66.03
N VAL E 527 -5.45 36.57 66.16
CA VAL E 527 -6.38 36.90 65.08
C VAL E 527 -6.51 38.41 64.90
N ASP E 528 -6.54 39.15 66.03
CA ASP E 528 -6.56 40.60 65.95
C ASP E 528 -5.39 41.12 65.13
N ALA E 529 -4.26 40.41 65.17
CA ALA E 529 -3.09 40.79 64.36
C ALA E 529 -3.21 40.27 62.93
N MET E 530 -3.92 39.16 62.73
CA MET E 530 -4.04 38.60 61.39
C MET E 530 -4.86 39.51 60.49
N TYR E 531 -5.91 40.14 61.03
CA TYR E 531 -6.84 40.89 60.17
C TYR E 531 -6.35 42.31 59.86
N LYS E 532 -5.10 42.66 60.07
CA LYS E 532 -4.66 44.04 59.90
C LYS E 532 -4.18 44.38 58.49
N LYS E 533 -4.18 43.42 57.57
CA LYS E 533 -3.84 43.66 56.17
C LYS E 533 -4.97 43.18 55.27
N PRO E 534 -5.06 43.71 54.05
CA PRO E 534 -6.16 43.31 53.17
C PRO E 534 -6.21 41.80 52.93
N PRO E 535 -7.40 41.31 52.57
CA PRO E 535 -7.60 39.89 52.29
C PRO E 535 -7.05 39.48 50.94
N THR E 536 -6.93 38.17 50.76
CA THR E 536 -6.71 37.56 49.46
C THR E 536 -7.95 36.76 49.09
N VAL E 537 -8.48 37.01 47.90
CA VAL E 537 -9.77 36.45 47.48
C VAL E 537 -9.60 35.77 46.13
N VAL E 538 -10.06 34.53 46.04
CA VAL E 538 -9.96 33.74 44.81
C VAL E 538 -11.30 33.06 44.55
N ALA E 539 -11.76 33.11 43.30
CA ALA E 539 -12.88 32.28 42.87
C ALA E 539 -12.54 31.52 41.60
N TYR E 540 -13.13 30.35 41.48
CA TYR E 540 -12.83 29.41 40.40
C TYR E 540 -14.08 28.64 40.03
N GLY E 541 -14.18 28.32 38.75
CA GLY E 541 -15.30 27.53 38.24
C GLY E 541 -16.44 28.35 37.69
N ASP E 542 -17.68 27.98 38.02
CA ASP E 542 -18.84 28.75 37.59
C ASP E 542 -19.04 29.89 38.57
N VAL E 543 -18.35 31.00 38.30
CA VAL E 543 -18.29 32.15 39.20
C VAL E 543 -19.36 33.16 38.83
N SER E 544 -20.35 32.74 38.05
CA SER E 544 -21.29 33.68 37.44
C SER E 544 -22.07 34.52 38.44
N THR E 545 -22.07 34.18 39.73
CA THR E 545 -22.87 34.89 40.72
C THR E 545 -22.02 35.50 41.83
N VAL E 546 -20.71 35.52 41.70
CA VAL E 546 -19.85 35.99 42.79
C VAL E 546 -19.97 37.51 42.90
N PRO E 547 -20.13 38.08 44.10
CA PRO E 547 -20.20 39.53 44.22
C PRO E 547 -18.93 40.19 43.73
N HIS E 548 -18.97 41.52 43.66
CA HIS E 548 -17.82 42.29 43.22
C HIS E 548 -16.85 42.51 44.38
N TYR E 549 -15.61 42.83 44.02
CA TYR E 549 -14.54 43.07 44.99
C TYR E 549 -15.02 43.93 46.16
N GLU E 550 -15.58 45.11 45.84
CA GLU E 550 -16.04 46.00 46.90
C GLU E 550 -17.13 45.35 47.73
N GLU E 551 -18.02 44.57 47.09
CA GLU E 551 -19.07 43.91 47.84
C GLU E 551 -18.49 42.89 48.81
N VAL E 552 -17.47 42.14 48.37
CA VAL E 552 -16.86 41.13 49.25
C VAL E 552 -16.18 41.80 50.42
N ARG E 553 -15.41 42.85 50.15
CA ARG E 553 -14.69 43.50 51.25
C ARG E 553 -15.66 44.23 52.18
N ALA E 554 -16.79 44.71 51.66
CA ALA E 554 -17.79 45.31 52.54
C ALA E 554 -18.52 44.26 53.36
N ALA E 555 -18.75 43.07 52.80
CA ALA E 555 -19.34 42.00 53.59
C ALA E 555 -18.40 41.60 54.73
N LEU E 556 -17.11 41.47 54.45
CA LEU E 556 -16.16 41.20 55.51
C LEU E 556 -16.12 42.32 56.53
N ARG E 557 -16.17 43.58 56.07
CA ARG E 557 -16.14 44.72 56.97
C ARG E 557 -17.37 44.72 57.88
N ALA E 558 -18.54 44.37 57.35
CA ALA E 558 -19.76 44.39 58.15
C ALA E 558 -19.70 43.34 59.25
N ALA E 559 -19.13 42.18 58.96
CA ALA E 559 -18.97 41.12 59.94
C ALA E 559 -17.84 41.38 60.93
N GLY E 560 -17.23 42.57 60.88
CA GLY E 560 -16.22 42.96 61.84
C GLY E 560 -14.82 42.45 61.54
N VAL E 561 -14.60 41.84 60.38
CA VAL E 561 -13.28 41.33 60.03
C VAL E 561 -12.30 42.48 59.84
N SER F 2 -13.06 -42.80 -21.72
CA SER F 2 -11.78 -42.72 -21.03
C SER F 2 -11.53 -43.99 -20.22
N TYR F 3 -12.50 -44.35 -19.37
CA TYR F 3 -12.37 -45.57 -18.59
C TYR F 3 -12.77 -46.79 -19.41
N PRO F 4 -12.20 -47.97 -19.12
CA PRO F 4 -12.63 -49.18 -19.84
C PRO F 4 -14.06 -49.57 -19.53
N TYR F 5 -14.54 -49.25 -18.33
CA TYR F 5 -15.90 -49.58 -17.91
C TYR F 5 -16.25 -48.68 -16.74
N TYR F 6 -17.51 -48.71 -16.35
CA TYR F 6 -17.99 -47.96 -15.19
C TYR F 6 -18.62 -48.90 -14.19
N CYS F 7 -18.37 -48.63 -12.91
CA CYS F 7 -18.79 -49.55 -11.86
C CYS F 7 -20.30 -49.60 -11.74
N GLU F 8 -20.81 -50.80 -11.44
CA GLU F 8 -22.24 -51.03 -11.23
C GLU F 8 -22.46 -51.51 -9.80
N PHE F 9 -23.44 -50.93 -9.14
CA PHE F 9 -23.71 -51.26 -7.75
C PHE F 9 -24.55 -52.52 -7.64
N PHE F 10 -24.29 -53.29 -6.58
CA PHE F 10 -25.17 -54.39 -6.19
C PHE F 10 -25.32 -55.45 -7.27
N VAL F 11 -24.28 -55.66 -8.07
CA VAL F 11 -24.33 -56.73 -9.07
C VAL F 11 -24.28 -58.08 -8.35
N LYS F 12 -24.94 -59.07 -8.97
CA LYS F 12 -25.01 -60.42 -8.42
C LYS F 12 -24.17 -61.34 -9.29
N PHE F 13 -23.24 -62.06 -8.65
CA PHE F 13 -22.26 -62.86 -9.35
C PHE F 13 -22.57 -64.34 -9.20
N PRO F 14 -22.78 -65.06 -10.30
CA PRO F 14 -23.28 -66.44 -10.19
C PRO F 14 -22.23 -67.45 -9.76
N ASN F 15 -22.70 -68.50 -9.12
CA ASN F 15 -21.90 -69.68 -8.87
C ASN F 15 -21.98 -70.63 -10.07
N TYR F 16 -20.83 -71.20 -10.45
CA TYR F 16 -20.75 -72.03 -11.63
C TYR F 16 -21.50 -73.35 -11.41
N ILE F 17 -22.67 -73.46 -12.03
CA ILE F 17 -23.47 -74.69 -11.96
C ILE F 17 -22.72 -75.77 -12.73
N PRO F 18 -22.23 -76.82 -12.09
CA PRO F 18 -21.49 -77.85 -12.83
C PRO F 18 -22.36 -78.50 -13.89
N PRO F 19 -21.81 -78.79 -15.07
CA PRO F 19 -22.54 -79.64 -16.02
C PRO F 19 -22.73 -81.04 -15.49
N LYS F 20 -23.92 -81.61 -15.75
CA LYS F 20 -24.22 -82.95 -15.28
C LYS F 20 -23.45 -84.03 -16.03
N ASP F 21 -22.90 -83.70 -17.20
CA ASP F 21 -22.13 -84.63 -18.01
C ASP F 21 -20.95 -83.83 -18.57
N PRO F 22 -19.71 -84.32 -18.43
CA PRO F 22 -18.57 -83.59 -19.01
C PRO F 22 -18.78 -83.20 -20.47
N ALA F 23 -19.62 -83.91 -21.19
CA ALA F 23 -19.93 -83.61 -22.58
C ALA F 23 -21.03 -82.56 -22.73
N GLU F 24 -21.65 -82.14 -21.62
CA GLU F 24 -22.91 -81.41 -21.70
C GLU F 24 -22.76 -80.04 -22.34
N ARG F 25 -21.58 -79.42 -22.26
CA ARG F 25 -21.41 -78.05 -22.74
C ARG F 25 -20.46 -77.97 -23.92
N LEU F 26 -20.34 -79.07 -24.68
CA LEU F 26 -19.89 -78.98 -26.06
C LEU F 26 -20.94 -78.31 -26.95
N VAL F 27 -22.16 -78.13 -26.43
CA VAL F 27 -23.22 -77.41 -27.12
C VAL F 27 -23.53 -76.14 -26.34
N ASP F 28 -23.82 -75.07 -27.06
CA ASP F 28 -23.91 -73.74 -26.48
C ASP F 28 -25.01 -73.68 -25.42
N PRO F 29 -24.70 -73.24 -24.19
CA PRO F 29 -25.76 -73.11 -23.17
C PRO F 29 -26.89 -72.17 -23.55
N ARG F 30 -26.67 -71.21 -24.44
CA ARG F 30 -27.74 -70.31 -24.84
C ARG F 30 -28.96 -71.09 -25.31
N GLN F 31 -28.74 -72.21 -26.01
CA GLN F 31 -29.83 -73.01 -26.53
C GLN F 31 -30.76 -73.48 -25.42
N LYS F 32 -30.26 -73.64 -24.21
CA LYS F 32 -31.07 -74.12 -23.09
C LYS F 32 -31.80 -72.99 -22.37
N LEU F 33 -31.40 -71.74 -22.57
CA LEU F 33 -32.11 -70.60 -22.01
C LEU F 33 -33.08 -69.97 -23.01
N GLU F 34 -32.88 -70.19 -24.30
CA GLU F 34 -33.67 -69.49 -25.30
C GLU F 34 -35.15 -69.82 -25.25
N PRO F 35 -35.58 -71.09 -25.11
CA PRO F 35 -37.03 -71.36 -25.12
C PRO F 35 -37.82 -70.51 -24.16
N GLY F 36 -37.49 -70.56 -22.86
CA GLY F 36 -38.22 -69.78 -21.88
C GLY F 36 -38.39 -68.33 -22.30
N CYS F 37 -37.29 -67.66 -22.63
CA CYS F 37 -37.39 -66.27 -23.04
C CYS F 37 -38.23 -66.12 -24.31
N THR F 38 -38.09 -67.05 -25.25
CA THR F 38 -38.97 -67.00 -26.41
C THR F 38 -40.43 -66.99 -25.98
N ALA F 39 -40.77 -67.76 -24.95
CA ALA F 39 -42.15 -67.78 -24.48
C ALA F 39 -42.52 -66.47 -23.79
N ARG F 40 -41.56 -65.81 -23.14
CA ARG F 40 -41.87 -64.59 -22.40
C ARG F 40 -42.12 -63.41 -23.33
N CYS F 41 -41.47 -63.38 -24.49
CA CYS F 41 -41.58 -62.26 -25.43
C CYS F 41 -42.60 -62.54 -26.53
N SER F 42 -43.71 -63.19 -26.20
CA SER F 42 -44.66 -63.62 -27.22
C SER F 42 -45.38 -62.45 -27.90
N LEU F 43 -45.61 -61.35 -27.18
CA LEU F 43 -46.33 -60.23 -27.79
C LEU F 43 -45.56 -59.66 -28.97
N TRP F 44 -44.22 -59.65 -28.89
CA TRP F 44 -43.43 -59.17 -30.02
C TRP F 44 -43.51 -60.14 -31.19
N VAL F 45 -43.56 -61.44 -30.92
CA VAL F 45 -43.79 -62.41 -31.99
C VAL F 45 -45.14 -62.13 -32.66
N ASN F 46 -46.16 -61.90 -31.85
CA ASN F 46 -47.49 -61.58 -32.36
C ASN F 46 -47.43 -60.40 -33.31
N GLU F 47 -46.83 -59.29 -32.86
CA GLU F 47 -46.82 -58.09 -33.69
C GLU F 47 -45.96 -58.28 -34.94
N TYR F 48 -44.85 -59.01 -34.83
CA TYR F 48 -44.03 -59.24 -36.02
C TYR F 48 -44.79 -60.04 -37.06
N ASP F 49 -45.51 -61.08 -36.64
CA ASP F 49 -46.31 -61.86 -37.59
C ASP F 49 -47.43 -61.01 -38.19
N ALA F 50 -48.06 -60.16 -37.38
CA ALA F 50 -49.05 -59.24 -37.90
C ALA F 50 -48.47 -58.36 -39.01
N CYS F 51 -47.34 -57.70 -38.72
CA CYS F 51 -46.75 -56.83 -39.72
C CYS F 51 -46.34 -57.60 -40.96
N THR F 52 -45.83 -58.82 -40.78
CA THR F 52 -45.48 -59.66 -41.93
C THR F 52 -46.68 -59.86 -42.83
N LYS F 53 -47.82 -60.24 -42.23
CA LYS F 53 -49.04 -60.43 -43.02
C LYS F 53 -49.41 -59.14 -43.75
N ARG F 54 -49.48 -58.02 -43.02
CA ARG F 54 -49.94 -56.78 -43.64
C ARG F 54 -49.00 -56.33 -44.75
N VAL F 55 -47.69 -56.48 -44.57
CA VAL F 55 -46.73 -56.12 -45.61
C VAL F 55 -46.94 -57.00 -46.83
N ARG F 56 -47.13 -58.30 -46.63
CA ARG F 56 -47.35 -59.18 -47.77
C ARG F 56 -48.65 -58.86 -48.49
N ALA F 57 -49.59 -58.19 -47.83
CA ALA F 57 -50.89 -57.95 -48.43
C ALA F 57 -50.97 -56.63 -49.23
N ARG F 58 -50.31 -55.56 -48.77
CA ARG F 58 -50.68 -54.21 -49.20
C ARG F 58 -50.56 -54.01 -50.71
N THR F 59 -49.62 -54.69 -51.37
CA THR F 59 -49.57 -54.80 -52.82
C THR F 59 -49.06 -53.53 -53.51
N ASP F 60 -48.87 -52.41 -52.81
CA ASP F 60 -48.19 -51.28 -53.45
C ASP F 60 -46.68 -51.46 -53.46
N ASN F 61 -46.18 -52.61 -52.98
CA ASN F 61 -44.81 -53.06 -53.21
C ASN F 61 -43.77 -52.21 -52.47
N LYS F 62 -44.11 -51.75 -51.26
CA LYS F 62 -43.12 -51.20 -50.35
C LYS F 62 -43.57 -51.48 -48.92
N GLY F 63 -42.65 -52.01 -48.11
CA GLY F 63 -42.95 -52.36 -46.73
C GLY F 63 -41.90 -53.25 -46.09
N ASN F 64 -41.76 -53.18 -44.78
CA ASN F 64 -40.82 -54.04 -44.05
C ASN F 64 -41.20 -54.03 -42.58
N CYS F 65 -40.71 -55.02 -41.84
CA CYS F 65 -40.98 -55.19 -40.41
C CYS F 65 -39.68 -55.38 -39.64
N SER F 66 -38.73 -54.46 -39.85
CA SER F 66 -37.48 -54.51 -39.10
C SER F 66 -37.65 -54.00 -37.67
N GLY F 67 -38.41 -52.92 -37.46
CA GLY F 67 -38.78 -52.54 -36.11
C GLY F 67 -39.15 -53.64 -35.14
N GLN F 68 -40.27 -54.30 -35.41
CA GLN F 68 -40.79 -55.30 -34.48
C GLN F 68 -39.81 -56.45 -34.29
N TYR F 69 -39.09 -56.81 -35.36
CA TYR F 69 -38.05 -57.83 -35.26
C TYR F 69 -36.96 -57.42 -34.27
N GLU F 70 -36.49 -56.17 -34.40
CA GLU F 70 -35.49 -55.65 -33.49
C GLU F 70 -35.99 -55.71 -32.04
N GLU F 71 -37.25 -55.32 -31.82
CA GLU F 71 -37.80 -55.35 -30.48
C GLU F 71 -37.85 -56.79 -29.95
N LEU F 72 -38.31 -57.71 -30.78
CA LEU F 72 -38.38 -59.11 -30.39
C LEU F 72 -37.04 -59.61 -29.88
N HIS F 73 -35.99 -59.39 -30.67
CA HIS F 73 -34.70 -59.98 -30.30
C HIS F 73 -34.05 -59.23 -29.14
N VAL F 74 -34.28 -57.92 -29.01
CA VAL F 74 -33.80 -57.22 -27.82
C VAL F 74 -34.45 -57.79 -26.57
N CYS F 75 -35.76 -58.06 -26.63
CA CYS F 75 -36.44 -58.70 -25.50
C CYS F 75 -35.79 -60.03 -25.16
N ILE F 76 -35.62 -60.90 -26.17
CA ILE F 76 -35.10 -62.23 -25.91
C ILE F 76 -33.71 -62.15 -25.28
N ASP F 77 -32.85 -61.30 -25.82
CA ASP F 77 -31.49 -61.16 -25.30
C ASP F 77 -31.49 -60.65 -23.87
N ARG F 78 -32.27 -59.60 -23.60
CA ARG F 78 -32.35 -59.06 -22.25
C ARG F 78 -32.90 -60.08 -21.28
N CYS F 79 -33.64 -61.09 -21.75
CA CYS F 79 -34.02 -62.19 -20.86
C CYS F 79 -32.86 -63.16 -20.66
N VAL F 80 -32.19 -63.55 -21.76
CA VAL F 80 -31.13 -64.56 -21.67
C VAL F 80 -30.00 -64.08 -20.77
N ALA F 81 -29.74 -62.78 -20.75
CA ALA F 81 -28.58 -62.28 -20.03
C ALA F 81 -28.63 -62.59 -18.54
N LYS F 82 -29.81 -62.92 -18.00
CA LYS F 82 -29.91 -63.16 -16.57
C LYS F 82 -29.21 -64.45 -16.13
N ASP F 83 -29.22 -65.49 -16.95
CA ASP F 83 -28.75 -66.81 -16.53
C ASP F 83 -27.55 -67.33 -17.32
N ILE F 84 -27.10 -66.63 -18.35
CA ILE F 84 -26.09 -67.24 -19.22
C ILE F 84 -24.77 -67.43 -18.48
N PHE F 85 -24.41 -66.49 -17.60
CA PHE F 85 -23.12 -66.59 -16.91
C PHE F 85 -23.10 -67.63 -15.81
N LYS F 86 -24.23 -68.23 -15.46
CA LYS F 86 -24.22 -69.34 -14.52
C LYS F 86 -23.61 -70.59 -15.13
N TYR F 87 -23.60 -70.70 -16.45
CA TYR F 87 -23.14 -71.90 -17.15
C TYR F 87 -21.75 -71.75 -17.73
N LEU F 88 -21.09 -70.61 -17.52
CA LEU F 88 -19.75 -70.36 -18.04
C LEU F 88 -18.79 -70.18 -16.86
N LYS F 89 -17.57 -70.67 -17.02
CA LYS F 89 -16.57 -70.60 -15.97
C LYS F 89 -16.05 -69.18 -15.78
N GLN G 3 -19.78 30.01 -37.95
CA GLN G 3 -19.42 29.71 -36.57
C GLN G 3 -20.32 28.61 -36.00
N PHE G 4 -19.83 27.39 -36.11
CA PHE G 4 -20.59 26.19 -35.80
C PHE G 4 -21.17 26.23 -34.38
N HIS G 5 -20.33 26.53 -33.39
CA HIS G 5 -20.73 26.39 -32.00
C HIS G 5 -21.84 27.37 -31.64
N ARG G 6 -21.75 28.62 -32.10
CA ARG G 6 -22.80 29.59 -31.78
C ARG G 6 -24.11 29.24 -32.47
N GLU G 7 -24.05 28.64 -33.67
CA GLU G 7 -25.27 28.23 -34.36
C GLU G 7 -26.00 27.13 -33.59
N ILE G 8 -25.25 26.11 -33.16
CA ILE G 8 -25.90 25.06 -32.39
C ILE G 8 -26.38 25.59 -31.04
N GLY G 9 -25.62 26.53 -30.45
CA GLY G 9 -26.17 27.33 -29.37
C GLY G 9 -27.54 27.88 -29.66
N LYS G 10 -27.72 28.47 -30.84
CA LYS G 10 -29.00 29.06 -31.19
C LYS G 10 -30.10 28.01 -31.19
N LEU G 11 -29.83 26.85 -31.78
CA LEU G 11 -30.80 25.76 -31.75
C LEU G 11 -31.22 25.43 -30.31
N PHE G 12 -30.23 25.14 -29.46
CA PHE G 12 -30.51 24.79 -28.07
C PHE G 12 -31.33 25.88 -27.38
N ALA G 13 -30.95 27.14 -27.60
CA ALA G 13 -31.59 28.24 -26.90
C ALA G 13 -33.05 28.39 -27.28
N SER G 14 -33.35 28.28 -28.59
CA SER G 14 -34.75 28.39 -28.99
C SER G 14 -35.58 27.26 -28.39
N TYR G 15 -35.05 26.04 -28.41
CA TYR G 15 -35.82 24.93 -27.83
C TYR G 15 -36.08 25.17 -26.34
N SER G 16 -35.06 25.62 -25.61
CA SER G 16 -35.23 25.88 -24.19
C SER G 16 -36.27 26.98 -23.95
N ASN G 17 -36.30 27.99 -24.83
CA ASN G 17 -37.27 29.06 -24.64
C ASN G 17 -38.69 28.57 -24.88
N LYS G 18 -38.88 27.67 -25.85
CA LYS G 18 -40.18 27.04 -26.00
C LYS G 18 -40.58 26.34 -24.70
N ILE G 19 -39.70 25.50 -24.16
CA ILE G 19 -40.04 24.77 -22.94
C ILE G 19 -40.36 25.75 -21.81
N THR G 20 -39.63 26.85 -21.74
CA THR G 20 -39.86 27.83 -20.68
C THR G 20 -41.22 28.50 -20.82
N ALA G 21 -41.62 28.83 -22.04
CA ALA G 21 -42.85 29.58 -22.23
C ALA G 21 -44.09 28.82 -21.78
N ASN G 22 -44.02 27.49 -21.77
CA ASN G 22 -45.15 26.65 -21.43
C ASN G 22 -45.25 26.33 -19.93
N SER G 23 -44.44 26.99 -19.10
CA SER G 23 -44.39 26.62 -17.69
C SER G 23 -45.66 27.04 -16.97
N PRO G 24 -46.29 26.17 -16.19
CA PRO G 24 -47.36 26.60 -15.29
C PRO G 24 -46.81 27.36 -14.10
N VAL G 25 -47.71 28.04 -13.40
CA VAL G 25 -47.37 28.81 -12.21
C VAL G 25 -47.94 28.18 -10.94
N GLN G 26 -48.52 26.98 -11.05
CA GLN G 26 -49.13 26.32 -9.91
C GLN G 26 -49.26 24.84 -10.25
N TYR G 27 -49.64 24.06 -9.23
CA TYR G 27 -49.74 22.62 -9.40
C TYR G 27 -50.80 22.27 -10.43
N VAL G 28 -50.46 21.35 -11.33
CA VAL G 28 -51.42 20.82 -12.30
C VAL G 28 -51.27 19.30 -12.35
N PRO G 29 -52.37 18.54 -12.28
CA PRO G 29 -52.27 17.08 -12.19
C PRO G 29 -51.55 16.49 -13.39
N SER G 30 -50.80 15.43 -13.13
CA SER G 30 -49.98 14.82 -14.16
C SER G 30 -50.86 14.13 -15.21
N PRO G 31 -50.39 14.08 -16.47
CA PRO G 31 -51.13 13.32 -17.47
C PRO G 31 -51.03 11.84 -17.19
N PRO G 32 -52.09 11.07 -17.49
CA PRO G 32 -52.05 9.63 -17.18
C PRO G 32 -50.81 8.89 -17.71
N THR G 33 -50.49 7.78 -17.06
CA THR G 33 -49.32 6.97 -17.39
C THR G 33 -49.56 6.04 -18.57
N LYS G 34 -50.82 5.79 -18.94
CA LYS G 34 -51.16 4.88 -20.01
C LYS G 34 -52.09 5.57 -20.99
N GLY G 35 -51.92 5.25 -22.28
CA GLY G 35 -52.78 5.80 -23.30
C GLY G 35 -54.20 5.27 -23.18
N LYS G 36 -55.11 5.96 -23.88
CA LYS G 36 -56.53 5.67 -23.69
C LYS G 36 -56.90 4.28 -24.19
N VAL G 37 -56.16 3.75 -25.17
CA VAL G 37 -56.44 2.40 -25.68
C VAL G 37 -56.27 1.37 -24.57
N ARG G 38 -55.12 1.41 -23.87
CA ARG G 38 -54.85 0.42 -22.85
C ARG G 38 -55.75 0.61 -21.64
N ARG G 39 -56.08 1.86 -21.29
CA ARG G 39 -57.05 2.10 -20.24
C ARG G 39 -58.39 1.45 -20.59
N ALA G 40 -58.83 1.60 -21.84
CA ALA G 40 -60.07 0.97 -22.28
C ALA G 40 -59.99 -0.55 -22.15
N LEU G 41 -58.91 -1.15 -22.65
CA LEU G 41 -58.80 -2.60 -22.63
C LEU G 41 -58.80 -3.15 -21.21
N SER G 42 -58.01 -2.54 -20.32
CA SER G 42 -57.99 -2.95 -18.92
C SER G 42 -59.37 -2.81 -18.31
N SER G 43 -60.02 -1.66 -18.50
CA SER G 43 -61.34 -1.46 -17.92
C SER G 43 -62.32 -2.51 -18.41
N ALA G 44 -62.17 -2.96 -19.66
CA ALA G 44 -63.06 -4.00 -20.17
C ALA G 44 -62.80 -5.34 -19.51
N LEU G 45 -61.53 -5.74 -19.40
CA LEU G 45 -61.20 -7.07 -18.89
C LEU G 45 -61.14 -7.14 -17.37
N MET G 46 -61.38 -6.05 -16.66
CA MET G 46 -61.28 -6.07 -15.20
C MET G 46 -62.02 -7.20 -14.51
N PRO G 47 -63.32 -7.42 -14.75
CA PRO G 47 -64.07 -8.37 -13.89
C PRO G 47 -63.49 -9.77 -13.86
N VAL G 48 -62.91 -10.25 -14.96
CA VAL G 48 -62.31 -11.58 -14.98
C VAL G 48 -60.91 -11.52 -14.40
N TRP G 49 -60.12 -10.55 -14.85
CA TRP G 49 -58.69 -10.53 -14.53
C TRP G 49 -58.46 -10.30 -13.04
N PHE G 50 -59.22 -9.39 -12.43
CA PHE G 50 -59.01 -9.12 -11.02
C PHE G 50 -59.53 -10.24 -10.14
N LYS G 51 -60.64 -10.88 -10.54
CA LYS G 51 -61.21 -11.94 -9.72
C LYS G 51 -60.36 -13.20 -9.78
N PHE G 52 -59.90 -13.58 -10.97
CA PHE G 52 -59.20 -14.85 -11.13
C PHE G 52 -57.70 -14.74 -10.92
N PHE G 53 -57.05 -13.67 -11.40
CA PHE G 53 -55.58 -13.65 -11.45
C PHE G 53 -54.97 -12.57 -10.57
N ARG G 54 -55.29 -11.30 -10.77
CA ARG G 54 -54.57 -10.25 -10.04
C ARG G 54 -54.89 -10.27 -8.55
N GLY G 55 -56.16 -10.48 -8.20
CA GLY G 55 -56.59 -10.54 -6.82
C GLY G 55 -55.76 -11.50 -5.96
N PRO G 56 -55.80 -12.78 -6.32
CA PRO G 56 -55.06 -13.80 -5.57
C PRO G 56 -53.55 -13.59 -5.59
N LEU G 57 -53.00 -13.14 -6.72
CA LEU G 57 -51.58 -12.83 -6.77
C LEU G 57 -51.22 -11.78 -5.71
N ASP G 58 -51.97 -10.67 -5.69
CA ASP G 58 -51.65 -9.60 -4.75
C ASP G 58 -51.95 -10.00 -3.31
N ARG G 59 -52.82 -10.98 -3.07
CA ARG G 59 -53.04 -11.42 -1.69
C ARG G 59 -51.97 -12.40 -1.23
N TRP G 60 -51.66 -13.39 -2.07
CA TRP G 60 -50.57 -14.33 -1.78
C TRP G 60 -49.27 -13.59 -1.49
N ASN G 61 -48.99 -12.53 -2.26
CA ASN G 61 -47.73 -11.81 -2.08
C ASN G 61 -47.62 -11.26 -0.67
N LEU G 62 -48.67 -10.59 -0.20
CA LEU G 62 -48.62 -10.03 1.15
C LEU G 62 -48.56 -11.11 2.21
N ALA G 63 -49.22 -12.24 1.99
CA ALA G 63 -49.10 -13.34 2.96
C ALA G 63 -47.65 -13.80 3.09
N VAL G 64 -47.01 -14.04 1.94
CA VAL G 64 -45.61 -14.49 1.94
C VAL G 64 -44.73 -13.49 2.66
N MET G 65 -44.84 -12.21 2.28
CA MET G 65 -44.00 -11.19 2.89
C MET G 65 -44.21 -11.12 4.40
N ALA G 66 -45.47 -11.07 4.83
CA ALA G 66 -45.75 -10.92 6.25
C ALA G 66 -45.19 -12.08 7.05
N LYS G 67 -45.40 -13.31 6.58
CA LYS G 67 -44.92 -14.45 7.36
C LYS G 67 -43.40 -14.45 7.45
N TYR G 68 -42.71 -14.15 6.34
CA TYR G 68 -41.25 -14.14 6.42
C TYR G 68 -40.76 -13.06 7.38
N LEU G 69 -41.39 -11.88 7.37
CA LEU G 69 -40.96 -10.83 8.30
C LEU G 69 -41.26 -11.18 9.74
N ARG G 70 -42.36 -11.89 9.98
CA ARG G 70 -42.75 -12.19 11.36
C ARG G 70 -41.90 -13.32 11.95
N ASP G 71 -41.52 -14.29 11.14
CA ASP G 71 -40.62 -15.34 11.61
C ASP G 71 -39.39 -14.74 12.29
N HIS G 72 -38.82 -13.72 11.67
CA HIS G 72 -37.56 -13.11 12.09
C HIS G 72 -37.75 -11.90 12.99
N GLY G 73 -38.97 -11.36 13.07
CA GLY G 73 -39.22 -10.16 13.84
C GLY G 73 -38.73 -8.87 13.23
N LEU G 74 -38.62 -8.81 11.90
CA LEU G 74 -38.24 -7.58 11.22
C LEU G 74 -39.48 -6.76 10.85
N MET G 75 -39.25 -5.48 10.59
CA MET G 75 -40.20 -4.64 9.89
C MET G 75 -39.87 -4.64 8.40
N TYR G 76 -40.75 -4.01 7.62
CA TYR G 76 -40.48 -3.93 6.18
C TYR G 76 -39.34 -2.98 5.89
N ASP G 77 -39.33 -1.81 6.53
CA ASP G 77 -38.28 -0.82 6.31
C ASP G 77 -36.95 -1.23 6.91
N ASP G 78 -36.82 -2.44 7.43
CA ASP G 78 -35.54 -3.01 7.80
C ASP G 78 -34.85 -3.71 6.64
N LEU G 79 -35.49 -3.75 5.47
CA LEU G 79 -34.93 -4.39 4.29
C LEU G 79 -34.06 -3.46 3.46
N TYR G 80 -34.11 -2.16 3.71
CA TYR G 80 -33.32 -1.21 2.94
C TYR G 80 -31.92 -1.09 3.52
N SER G 81 -30.95 -0.96 2.62
CA SER G 81 -29.54 -0.86 2.96
C SER G 81 -29.11 0.59 3.16
N ASP G 82 -27.93 0.75 3.76
CA ASP G 82 -27.25 2.04 3.82
C ASP G 82 -26.17 2.18 2.77
N LYS G 83 -26.02 1.20 1.88
CA LYS G 83 -25.25 1.39 0.66
C LYS G 83 -25.99 2.25 -0.37
N GLU G 84 -27.17 2.75 0.00
CA GLU G 84 -28.00 3.59 -0.84
C GLU G 84 -27.91 5.02 -0.35
N PRO G 85 -27.38 5.98 -1.12
CA PRO G 85 -27.13 7.32 -0.56
C PRO G 85 -28.33 7.98 0.11
N VAL G 86 -29.52 7.90 -0.51
CA VAL G 86 -30.70 8.56 0.05
C VAL G 86 -31.00 8.01 1.44
N PHE G 87 -30.98 6.68 1.56
CA PHE G 87 -31.28 6.04 2.83
C PHE G 87 -30.18 6.27 3.85
N ALA G 88 -28.93 6.38 3.39
CA ALA G 88 -27.85 6.78 4.28
C ALA G 88 -28.13 8.13 4.92
N ARG G 89 -28.53 9.11 4.11
CA ARG G 89 -28.92 10.40 4.68
C ARG G 89 -30.09 10.25 5.66
N ALA G 90 -31.12 9.53 5.24
CA ALA G 90 -32.28 9.32 6.10
C ALA G 90 -31.86 8.76 7.45
N LEU G 91 -30.97 7.78 7.45
CA LEU G 91 -30.48 7.21 8.70
C LEU G 91 -29.66 8.22 9.49
N GLU G 92 -28.93 9.11 8.82
CA GLU G 92 -28.24 10.16 9.55
C GLU G 92 -29.22 11.06 10.29
N LEU G 93 -30.41 11.26 9.73
CA LEU G 93 -31.37 12.20 10.31
C LEU G 93 -32.26 11.58 11.39
N LEU G 94 -32.07 10.31 11.72
CA LEU G 94 -32.97 9.62 12.63
C LEU G 94 -32.79 10.11 14.07
N PRO G 95 -33.79 9.90 14.92
CA PRO G 95 -33.63 10.22 16.34
C PRO G 95 -33.10 9.01 17.10
N PRO G 96 -32.67 9.19 18.34
CA PRO G 96 -32.01 8.07 19.05
C PRO G 96 -32.85 6.80 19.18
N ASP G 97 -34.10 6.91 19.61
CA ASP G 97 -34.87 5.70 19.96
C ASP G 97 -35.12 4.82 18.74
N ILE G 98 -35.61 5.41 17.65
CA ILE G 98 -35.87 4.66 16.42
C ILE G 98 -34.60 3.96 15.97
N GLN G 99 -33.48 4.69 16.03
CA GLN G 99 -32.20 4.15 15.59
C GLN G 99 -31.80 2.93 16.42
N ALA G 100 -31.92 3.05 17.74
CA ALA G 100 -31.56 1.95 18.62
C ALA G 100 -32.42 0.72 18.37
N ALA G 101 -33.74 0.93 18.23
CA ALA G 101 -34.63 -0.20 17.99
C ALA G 101 -34.30 -0.89 16.67
N ARG G 102 -33.99 -0.11 15.63
CA ARG G 102 -33.61 -0.72 14.35
C ARG G 102 -32.36 -1.58 14.51
N PHE G 103 -31.35 -1.04 15.21
CA PHE G 103 -30.13 -1.81 15.47
C PHE G 103 -30.45 -3.14 16.14
N ARG G 104 -31.29 -3.10 17.19
CA ARG G 104 -31.63 -4.32 17.92
C ARG G 104 -32.35 -5.33 17.04
N ARG G 105 -33.33 -4.87 16.26
CA ARG G 105 -34.07 -5.80 15.41
C ARG G 105 -33.15 -6.46 14.39
N LEU G 106 -32.22 -5.71 13.82
CA LEU G 106 -31.30 -6.31 12.85
C LEU G 106 -30.43 -7.37 13.51
N MET G 107 -29.94 -7.10 14.72
CA MET G 107 -29.18 -8.11 15.44
C MET G 107 -29.99 -9.40 15.61
N ARG G 108 -31.20 -9.27 16.15
CA ARG G 108 -32.02 -10.46 16.39
C ARG G 108 -32.30 -11.21 15.11
N GLY G 109 -32.58 -10.49 14.02
CA GLY G 109 -32.84 -11.17 12.76
C GLY G 109 -31.66 -11.96 12.27
N THR G 110 -30.45 -11.39 12.40
CA THR G 110 -29.26 -12.14 12.01
C THR G 110 -29.15 -13.42 12.82
N TYR G 111 -29.31 -13.33 14.14
CA TYR G 111 -29.17 -14.52 14.97
C TYR G 111 -30.21 -15.58 14.62
N LEU G 112 -31.47 -15.16 14.43
CA LEU G 112 -32.52 -16.12 14.12
C LEU G 112 -32.29 -16.79 12.78
N ASN G 113 -31.88 -16.03 11.76
CA ASN G 113 -31.59 -16.68 10.49
C ASN G 113 -30.38 -17.60 10.60
N HIS G 114 -29.47 -17.35 11.54
CA HIS G 114 -28.41 -18.31 11.77
C HIS G 114 -28.96 -19.61 12.35
N LEU G 115 -29.82 -19.52 13.36
CA LEU G 115 -30.32 -20.73 14.00
C LEU G 115 -31.36 -21.44 13.14
N ARG G 116 -32.13 -20.71 12.34
CA ARG G 116 -33.22 -21.28 11.56
C ARG G 116 -34.27 -21.91 12.48
N LEU G 117 -34.69 -21.14 13.47
CA LEU G 117 -35.76 -21.53 14.39
C LEU G 117 -36.85 -20.48 14.36
N TYR G 118 -38.10 -20.92 14.23
CA TYR G 118 -39.23 -20.00 14.26
C TYR G 118 -39.37 -19.37 15.64
N LEU G 119 -39.96 -18.19 15.66
CA LEU G 119 -40.39 -17.57 16.90
C LEU G 119 -41.75 -18.14 17.32
N PRO G 120 -42.08 -18.06 18.61
CA PRO G 120 -43.43 -18.43 19.03
C PRO G 120 -44.46 -17.50 18.41
N VAL G 121 -45.66 -18.05 18.18
CA VAL G 121 -46.69 -17.29 17.49
C VAL G 121 -47.09 -16.05 18.27
N HIS G 122 -46.93 -16.07 19.60
CA HIS G 122 -47.28 -14.91 20.40
C HIS G 122 -46.24 -13.80 20.30
N GLU G 123 -45.07 -14.09 19.73
CA GLU G 123 -44.09 -13.06 19.41
C GLU G 123 -44.33 -12.44 18.05
N GLN G 124 -45.22 -13.00 17.23
CA GLN G 124 -45.44 -12.58 15.86
C GLN G 124 -46.68 -11.71 15.71
N ASN G 125 -47.24 -11.21 16.79
CA ASN G 125 -48.50 -10.46 16.75
C ASN G 125 -48.22 -8.97 16.61
N TYR G 126 -47.84 -8.57 15.41
CA TYR G 126 -47.62 -7.18 15.11
C TYR G 126 -47.75 -6.98 13.61
N ASP G 127 -47.97 -5.73 13.20
CA ASP G 127 -48.03 -5.39 11.79
C ASP G 127 -46.64 -5.00 11.31
N PRO G 128 -46.04 -5.73 10.37
CA PRO G 128 -44.69 -5.38 9.93
C PRO G 128 -44.59 -4.23 8.92
N PHE G 129 -45.70 -3.79 8.33
CA PHE G 129 -45.65 -2.86 7.21
C PHE G 129 -45.88 -1.41 7.61
N ILE G 130 -45.64 -1.07 8.87
CA ILE G 130 -45.73 0.35 9.25
C ILE G 130 -44.63 1.13 8.53
N PRO G 131 -44.93 2.28 7.91
CA PRO G 131 -43.85 3.10 7.29
C PRO G 131 -43.14 4.05 8.26
N TYR G 132 -42.15 3.56 8.98
CA TYR G 132 -41.51 4.39 9.99
C TYR G 132 -40.37 5.24 9.46
N MET G 133 -39.92 5.00 8.21
CA MET G 133 -38.82 5.76 7.63
C MET G 133 -39.26 6.90 6.71
N ALA G 134 -40.55 7.02 6.41
CA ALA G 134 -40.99 7.93 5.35
C ALA G 134 -40.62 9.38 5.59
N PRO G 135 -40.94 9.99 6.74
CA PRO G 135 -40.63 11.42 6.92
C PRO G 135 -39.18 11.75 6.66
N TYR G 136 -38.29 10.80 6.86
CA TYR G 136 -36.86 11.01 6.71
C TYR G 136 -36.39 10.78 5.27
N VAL G 137 -36.99 9.82 4.57
CA VAL G 137 -36.65 9.59 3.18
C VAL G 137 -37.03 10.79 2.32
N GLU G 138 -38.20 11.40 2.61
CA GLU G 138 -38.58 12.54 1.80
C GLU G 138 -37.60 13.71 1.96
N GLU G 139 -37.20 13.99 3.21
CA GLU G 139 -36.19 15.02 3.45
C GLU G 139 -34.88 14.70 2.75
N ALA G 140 -34.43 13.45 2.85
CA ALA G 140 -33.19 13.07 2.17
C ALA G 140 -33.29 13.32 0.67
N LYS G 141 -34.44 13.01 0.07
CA LYS G 141 -34.61 13.22 -1.35
C LYS G 141 -34.50 14.70 -1.70
N PHE G 142 -35.16 15.56 -0.92
CA PHE G 142 -35.04 16.99 -1.15
C PHE G 142 -33.58 17.45 -1.11
N GLN G 143 -32.90 17.08 -0.02
CA GLN G 143 -31.54 17.55 0.19
C GLN G 143 -30.60 17.08 -0.92
N LEU G 144 -30.77 15.84 -1.38
CA LEU G 144 -29.88 15.33 -2.42
C LEU G 144 -30.30 15.76 -3.83
N GLN G 145 -31.53 16.23 -4.01
CA GLN G 145 -31.91 16.78 -5.31
C GLN G 145 -31.32 18.17 -5.50
N GLU G 146 -31.37 18.99 -4.45
CA GLU G 146 -30.85 20.35 -4.62
C GLU G 146 -29.36 20.36 -4.95
N GLU G 147 -28.60 19.40 -4.42
CA GLU G 147 -27.17 19.39 -4.72
C GLU G 147 -26.93 19.08 -6.20
N GLU G 148 -27.70 18.14 -6.77
CA GLU G 148 -27.61 17.92 -8.21
C GLU G 148 -27.92 19.19 -8.97
N GLU G 149 -29.00 19.87 -8.59
CA GLU G 149 -29.39 21.07 -9.33
C GLU G 149 -28.28 22.13 -9.28
N LEU G 150 -27.72 22.36 -8.10
CA LEU G 150 -26.83 23.50 -7.89
C LEU G 150 -25.35 23.18 -8.11
N LEU G 151 -24.96 21.92 -8.27
CA LEU G 151 -23.54 21.60 -8.44
C LEU G 151 -23.27 20.62 -9.59
N GLY G 152 -24.21 19.72 -9.85
CA GLY G 152 -23.96 18.64 -10.79
C GLY G 152 -24.40 18.87 -12.22
N TYR G 153 -24.66 20.13 -12.59
CA TYR G 153 -25.28 20.41 -13.88
C TYR G 153 -24.31 20.38 -15.05
N HIS G 154 -23.03 20.09 -14.83
CA HIS G 154 -22.04 20.07 -15.89
C HIS G 154 -21.04 18.96 -15.63
N MET G 155 -20.32 18.58 -16.68
CA MET G 155 -19.26 17.57 -16.59
C MET G 155 -17.95 18.31 -16.32
N TRP G 156 -17.62 18.42 -15.03
CA TRP G 156 -16.47 19.22 -14.61
C TRP G 156 -15.16 18.51 -14.93
N GLU G 157 -14.11 19.32 -15.12
CA GLU G 157 -12.80 18.87 -15.56
C GLU G 157 -11.83 18.92 -14.39
N GLY G 158 -11.00 17.87 -14.26
CA GLY G 158 -10.05 17.78 -13.17
C GLY G 158 -8.67 17.31 -13.58
N VAL G 159 -7.78 17.30 -12.59
CA VAL G 159 -6.43 16.76 -12.71
C VAL G 159 -6.49 15.25 -12.49
N TRP G 160 -5.82 14.50 -13.35
CA TRP G 160 -5.92 13.04 -13.33
C TRP G 160 -4.92 12.43 -12.36
N TYR G 161 -5.34 11.35 -11.72
CA TYR G 161 -4.50 10.51 -10.86
C TYR G 161 -3.58 11.36 -9.98
N SER G 162 -4.23 12.15 -9.13
CA SER G 162 -3.55 12.97 -8.14
C SER G 162 -4.36 12.99 -6.86
N GLY G 163 -3.67 12.90 -5.72
CA GLY G 163 -4.34 12.93 -4.43
C GLY G 163 -4.96 11.62 -4.01
N GLY G 164 -4.70 10.53 -4.74
CA GLY G 164 -5.34 9.26 -4.48
C GLY G 164 -6.66 9.06 -5.18
N VAL G 165 -7.14 10.05 -5.92
CA VAL G 165 -8.39 9.96 -6.66
C VAL G 165 -8.09 10.03 -8.14
N THR G 166 -8.92 9.35 -8.93
CA THR G 166 -8.65 9.23 -10.36
C THR G 166 -8.70 10.58 -11.07
N GLY G 167 -9.57 11.47 -10.60
CA GLY G 167 -9.67 12.81 -11.12
C GLY G 167 -10.93 13.04 -11.94
N PHE G 168 -11.66 11.97 -12.25
CA PHE G 168 -12.90 12.06 -13.00
C PHE G 168 -14.12 12.24 -12.12
N GLY G 169 -13.94 12.53 -10.83
CA GLY G 169 -15.08 12.85 -9.99
C GLY G 169 -15.08 12.28 -8.58
N ASP G 170 -14.24 11.29 -8.30
CA ASP G 170 -14.27 10.67 -6.97
C ASP G 170 -13.72 11.61 -5.90
N LYS G 171 -14.22 11.42 -4.68
CA LYS G 171 -13.79 12.19 -3.53
C LYS G 171 -13.31 11.34 -2.35
N GLU G 172 -13.33 10.01 -2.47
CA GLU G 172 -12.77 9.11 -1.48
C GLU G 172 -11.54 8.43 -2.07
N PRO G 173 -10.39 8.46 -1.40
CA PRO G 173 -9.21 7.83 -1.99
C PRO G 173 -9.33 6.32 -2.18
N GLY G 174 -8.51 5.83 -3.10
CA GLY G 174 -8.36 4.43 -3.43
C GLY G 174 -9.58 3.55 -3.45
N GLU G 175 -10.69 4.05 -3.97
CA GLU G 175 -11.88 3.24 -4.18
C GLU G 175 -11.93 2.60 -5.55
N HIS G 176 -10.94 2.85 -6.40
CA HIS G 176 -10.90 2.29 -7.75
C HIS G 176 -9.54 1.64 -7.98
N PHE G 177 -9.52 0.67 -8.88
CA PHE G 177 -8.35 -0.22 -8.99
C PHE G 177 -7.09 0.54 -9.37
N LEU G 178 -7.19 1.48 -10.31
CA LEU G 178 -6.00 2.18 -10.77
C LEU G 178 -5.42 3.12 -9.72
N VAL G 179 -6.08 3.28 -8.57
CA VAL G 179 -5.51 3.99 -7.45
C VAL G 179 -5.38 3.09 -6.22
N ALA G 180 -5.32 1.77 -6.44
CA ALA G 180 -5.03 0.85 -5.36
C ALA G 180 -3.60 1.02 -4.87
N LEU G 181 -3.31 0.37 -3.74
CA LEU G 181 -1.95 0.27 -3.21
C LEU G 181 -1.29 1.63 -3.15
N PRO G 182 -1.70 2.49 -2.23
CA PRO G 182 -1.15 3.86 -2.18
C PRO G 182 0.28 3.94 -1.70
N ASN G 183 0.78 2.95 -0.97
CA ASN G 183 2.10 3.01 -0.38
C ASN G 183 2.87 1.74 -0.71
N LEU G 184 4.20 1.86 -0.65
CA LEU G 184 5.10 0.73 -0.78
C LEU G 184 5.92 0.48 0.47
N TYR G 185 6.13 1.48 1.31
CA TYR G 185 6.83 1.36 2.57
C TYR G 185 5.95 1.97 3.67
N GLY G 186 6.45 1.94 4.90
CA GLY G 186 5.73 2.55 6.00
C GLY G 186 4.57 1.72 6.51
N ALA G 187 3.69 2.39 7.26
CA ALA G 187 2.58 1.74 7.95
C ALA G 187 1.23 2.07 7.34
N GLY G 188 1.17 2.86 6.27
CA GLY G 188 -0.11 3.26 5.73
C GLY G 188 -0.79 4.29 6.60
N GLY G 189 -2.07 4.10 6.86
CA GLY G 189 -2.91 5.16 7.37
C GLY G 189 -4.34 4.95 6.94
N SER G 190 -5.21 5.85 7.39
CA SER G 190 -6.62 5.78 7.05
C SER G 190 -7.13 7.17 6.68
N PRO G 191 -8.04 7.27 5.72
CA PRO G 191 -8.58 8.61 5.38
C PRO G 191 -9.30 9.29 6.53
N MET G 192 -9.92 8.54 7.43
CA MET G 192 -10.73 9.14 8.48
C MET G 192 -9.91 9.82 9.56
N GLN G 193 -8.58 9.63 9.57
CA GLN G 193 -7.73 10.18 10.62
C GLN G 193 -6.88 11.35 10.13
N ALA G 194 -7.10 11.82 8.91
CA ALA G 194 -6.42 13.01 8.41
C ALA G 194 -6.88 14.23 9.18
N GLY H 27 -17.40 -1.83 3.78
CA GLY H 27 -17.68 -0.41 3.78
C GLY H 27 -18.75 -0.01 4.76
N ALA H 28 -18.85 1.28 5.06
CA ALA H 28 -19.87 1.80 5.94
C ALA H 28 -20.03 3.29 5.68
N PRO H 29 -21.20 3.86 5.95
CA PRO H 29 -21.35 5.32 5.82
C PRO H 29 -20.34 6.06 6.69
N LYS H 30 -19.97 7.26 6.24
CA LYS H 30 -18.92 8.01 6.91
C LYS H 30 -19.29 8.36 8.34
N PHE H 31 -20.58 8.50 8.65
CA PHE H 31 -20.97 8.85 10.00
C PHE H 31 -20.93 7.65 10.95
N GLU H 32 -20.79 6.43 10.42
CA GLU H 32 -20.60 5.26 11.25
C GLU H 32 -19.13 4.92 11.47
N ARG H 33 -18.28 5.11 10.45
CA ARG H 33 -16.88 4.75 10.53
C ARG H 33 -16.01 5.85 11.13
N LYS H 34 -16.60 6.84 11.77
CA LYS H 34 -15.85 7.87 12.48
C LYS H 34 -15.54 7.36 13.89
N MET H 35 -14.25 7.28 14.22
CA MET H 35 -13.81 6.66 15.45
C MET H 35 -13.82 7.66 16.61
N LEU H 36 -13.90 7.11 17.82
CA LEU H 36 -13.73 7.89 19.04
C LEU H 36 -12.27 8.01 19.44
N GLY H 37 -11.53 6.91 19.38
CA GLY H 37 -10.10 6.95 19.59
C GLY H 37 -9.35 7.75 18.53
N SER H 38 -8.06 7.95 18.81
CA SER H 38 -7.17 8.66 17.90
C SER H 38 -5.84 7.93 17.69
N TYR H 39 -5.73 6.68 18.11
CA TYR H 39 -4.53 5.88 17.94
C TYR H 39 -4.46 5.35 16.51
N PRO H 40 -3.28 5.34 15.88
CA PRO H 40 -3.20 4.97 14.46
C PRO H 40 -3.59 3.51 14.22
N VAL H 41 -4.49 3.32 13.25
CA VAL H 41 -4.92 1.97 12.89
C VAL H 41 -3.78 1.24 12.22
N SER H 42 -3.43 0.08 12.75
CA SER H 42 -2.35 -0.71 12.18
C SER H 42 -2.79 -1.36 10.88
N PRO H 43 -1.87 -1.58 9.95
CA PRO H 43 -2.26 -2.10 8.63
C PRO H 43 -3.04 -3.40 8.70
N GLU H 44 -2.63 -4.33 9.56
CA GLU H 44 -3.28 -5.63 9.61
C GLU H 44 -4.72 -5.55 10.09
N PHE H 45 -5.17 -4.38 10.55
CA PHE H 45 -6.55 -4.18 10.97
C PHE H 45 -7.35 -3.34 9.98
N GLU H 46 -6.85 -3.14 8.77
CA GLU H 46 -7.53 -2.27 7.80
C GLU H 46 -9.02 -2.61 7.72
N MET H 47 -9.32 -3.80 7.22
CA MET H 47 -10.72 -4.17 6.98
C MET H 47 -11.56 -4.03 8.24
N VAL H 48 -10.94 -4.13 9.41
CA VAL H 48 -11.71 -4.10 10.65
C VAL H 48 -12.37 -2.74 10.83
N TRP H 49 -11.64 -1.66 10.53
CA TRP H 49 -12.14 -0.33 10.83
C TRP H 49 -12.75 0.37 9.62
N ARG H 50 -12.61 -0.20 8.42
CA ARG H 50 -13.42 0.28 7.30
C ARG H 50 -14.89 -0.05 7.51
N ASP H 51 -15.19 -1.09 8.28
CA ASP H 51 -16.55 -1.56 8.50
C ASP H 51 -17.05 -1.27 9.91
N ARG H 52 -16.55 -0.22 10.53
CA ARG H 52 -16.97 0.12 11.89
C ARG H 52 -18.43 0.53 11.91
N LEU H 53 -19.13 0.14 12.97
CA LEU H 53 -20.52 0.48 13.17
C LEU H 53 -20.75 0.82 14.65
N THR H 54 -21.67 1.74 14.89
CA THR H 54 -21.97 2.16 16.25
C THR H 54 -22.92 1.18 16.91
N ALA H 55 -22.77 1.03 18.22
CA ALA H 55 -23.67 0.20 19.03
C ALA H 55 -24.69 1.13 19.66
N HIS H 56 -25.73 1.44 18.88
CA HIS H 56 -26.77 2.35 19.33
C HIS H 56 -27.52 1.74 20.50
N GLY H 57 -27.36 2.32 21.68
CA GLY H 57 -28.01 1.84 22.89
C GLY H 57 -27.16 0.92 23.75
N GLY H 58 -26.03 0.43 23.22
CA GLY H 58 -25.17 -0.48 23.96
C GLY H 58 -25.77 -1.87 24.14
N TYR H 59 -24.95 -2.84 24.55
CA TYR H 59 -25.45 -4.17 24.81
C TYR H 59 -24.47 -4.95 25.66
N ILE H 60 -24.94 -6.09 26.16
CA ILE H 60 -24.20 -6.97 27.06
C ILE H 60 -24.18 -8.35 26.42
N GLN H 61 -23.01 -9.00 26.41
CA GLN H 61 -22.90 -10.32 25.82
C GLN H 61 -22.10 -11.26 26.71
N GLN H 62 -22.41 -12.55 26.61
CA GLN H 62 -21.76 -13.61 27.37
C GLN H 62 -21.42 -14.76 26.45
N THR H 63 -20.23 -15.32 26.62
CA THR H 63 -19.79 -16.47 25.85
C THR H 63 -19.04 -17.43 26.76
N ILE H 64 -19.15 -18.71 26.47
CA ILE H 64 -18.45 -19.76 27.21
C ILE H 64 -17.37 -20.36 26.31
N SER H 65 -16.23 -20.65 26.91
CA SER H 65 -15.14 -21.26 26.18
C SER H 65 -15.59 -22.59 25.58
N PRO H 66 -15.24 -22.89 24.32
CA PRO H 66 -15.69 -24.14 23.72
C PRO H 66 -15.14 -25.39 24.39
N TYR H 67 -14.13 -25.26 25.26
CA TYR H 67 -13.67 -26.41 26.03
C TYR H 67 -14.61 -26.77 27.17
N GLN H 68 -15.57 -25.90 27.47
CA GLN H 68 -16.53 -26.11 28.56
C GLN H 68 -17.96 -26.10 28.04
N LEU H 69 -18.17 -26.58 26.82
CA LEU H 69 -19.49 -26.72 26.23
C LEU H 69 -19.61 -28.07 25.55
N LYS H 70 -20.83 -28.61 25.53
CA LYS H 70 -21.17 -29.70 24.63
C LYS H 70 -21.36 -29.13 23.23
N PHE H 71 -20.87 -29.86 22.21
CA PHE H 71 -20.87 -29.31 20.86
C PHE H 71 -21.39 -30.22 19.76
N ILE H 72 -21.81 -31.45 20.05
CA ILE H 72 -22.53 -32.26 19.08
C ILE H 72 -23.95 -32.59 19.53
N TYR H 73 -24.25 -32.47 20.81
CA TYR H 73 -25.60 -32.67 21.32
C TYR H 73 -26.50 -31.47 21.01
N PRO H 74 -25.99 -30.23 21.07
CA PRO H 74 -26.85 -29.10 20.72
C PRO H 74 -27.32 -29.12 19.28
N PHE H 75 -26.56 -29.74 18.38
CA PHE H 75 -26.95 -29.82 16.98
C PHE H 75 -28.13 -30.77 16.79
N TRP H 76 -28.03 -31.97 17.37
CA TRP H 76 -29.10 -32.96 17.23
C TRP H 76 -30.31 -32.59 18.08
N HIS H 77 -30.10 -31.90 19.20
CA HIS H 77 -31.21 -31.51 20.06
C HIS H 77 -32.19 -30.62 19.31
N THR H 78 -31.69 -29.77 18.41
CA THR H 78 -32.51 -28.84 17.64
C THR H 78 -32.68 -29.26 16.18
N PHE H 79 -32.57 -30.56 15.90
CA PHE H 79 -32.57 -31.01 14.51
C PHE H 79 -33.94 -30.86 13.87
N PHE H 80 -34.98 -31.34 14.54
CA PHE H 80 -36.30 -31.41 13.91
C PHE H 80 -36.83 -30.02 13.58
N ALA H 81 -36.65 -29.06 14.49
CA ALA H 81 -37.08 -27.69 14.23
C ALA H 81 -36.39 -27.12 13.00
N ARG H 82 -35.06 -27.23 12.96
CA ARG H 82 -34.28 -26.71 11.85
C ARG H 82 -34.70 -27.33 10.53
N CYS H 83 -34.90 -28.64 10.53
CA CYS H 83 -35.24 -29.37 9.31
C CYS H 83 -36.65 -29.00 8.83
N TRP H 84 -37.60 -28.90 9.76
CA TRP H 84 -38.93 -28.43 9.40
C TRP H 84 -38.86 -27.07 8.74
N CYS H 85 -38.14 -26.13 9.35
CA CYS H 85 -38.01 -24.79 8.78
C CYS H 85 -37.43 -24.85 7.36
N LYS H 86 -36.29 -25.51 7.20
CA LYS H 86 -35.63 -25.53 5.90
C LYS H 86 -36.51 -26.15 4.83
N CYS H 87 -37.12 -27.31 5.13
CA CYS H 87 -37.91 -27.99 4.12
C CYS H 87 -39.19 -27.23 3.80
N SER H 88 -39.83 -26.65 4.81
CA SER H 88 -41.00 -25.82 4.58
C SER H 88 -40.68 -24.67 3.64
N ALA H 89 -39.53 -24.04 3.83
CA ALA H 89 -39.21 -22.86 3.04
C ALA H 89 -39.05 -23.17 1.55
N TYR H 90 -38.62 -24.37 1.20
CA TYR H 90 -38.24 -24.68 -0.17
C TYR H 90 -39.31 -25.40 -0.98
N ALA H 91 -40.45 -25.77 -0.38
CA ALA H 91 -41.43 -26.61 -1.06
C ALA H 91 -41.94 -25.99 -2.36
N TRP H 92 -42.74 -24.94 -2.23
CA TRP H 92 -43.32 -24.28 -3.41
C TRP H 92 -42.25 -23.83 -4.40
N PRO H 93 -41.22 -23.10 -3.99
CA PRO H 93 -40.34 -22.45 -4.98
C PRO H 93 -39.50 -23.42 -5.78
N TRP H 94 -39.08 -24.55 -5.20
CA TRP H 94 -38.18 -25.47 -5.88
C TRP H 94 -38.86 -26.73 -6.39
N VAL H 95 -39.83 -27.28 -5.67
CA VAL H 95 -40.34 -28.60 -6.02
C VAL H 95 -41.44 -28.53 -7.07
N TRP H 96 -42.38 -27.61 -6.90
CA TRP H 96 -43.52 -27.54 -7.82
C TRP H 96 -43.09 -27.29 -9.26
N PRO H 97 -42.24 -26.29 -9.55
CA PRO H 97 -41.66 -26.22 -10.90
C PRO H 97 -40.87 -27.46 -11.27
N GLY H 98 -40.19 -28.09 -10.31
CA GLY H 98 -39.54 -29.36 -10.60
C GLY H 98 -40.49 -30.43 -11.08
N LEU H 99 -41.62 -30.57 -10.39
CA LEU H 99 -42.62 -31.55 -10.79
C LEU H 99 -43.15 -31.25 -12.19
N ILE H 100 -43.38 -29.97 -12.49
CA ILE H 100 -43.88 -29.61 -13.80
C ILE H 100 -42.86 -29.97 -14.88
N THR H 101 -41.58 -29.70 -14.61
CA THR H 101 -40.53 -30.03 -15.59
C THR H 101 -40.44 -31.53 -15.82
N PHE H 102 -40.50 -32.31 -14.74
CA PHE H 102 -40.49 -33.77 -14.87
C PHE H 102 -41.67 -34.26 -15.71
N GLY H 103 -42.87 -33.74 -15.43
CA GLY H 103 -43.99 -33.94 -16.32
C GLY H 103 -43.67 -33.72 -17.77
N LEU H 104 -43.10 -32.55 -18.08
CA LEU H 104 -42.82 -32.20 -19.47
C LEU H 104 -41.89 -33.22 -20.11
N VAL H 105 -40.90 -33.70 -19.37
CA VAL H 105 -39.98 -34.69 -19.92
C VAL H 105 -40.73 -35.97 -20.26
N LYS H 106 -41.62 -36.40 -19.36
CA LYS H 106 -42.36 -37.63 -19.63
C LYS H 106 -43.23 -37.48 -20.88
N LYS H 107 -43.89 -36.32 -21.03
CA LYS H 107 -44.74 -36.13 -22.20
C LYS H 107 -43.91 -36.06 -23.49
N MET H 108 -42.73 -35.46 -23.42
CA MET H 108 -41.84 -35.45 -24.58
C MET H 108 -41.46 -36.87 -24.99
N ASN H 109 -41.14 -37.72 -24.01
CA ASN H 109 -40.83 -39.11 -24.30
C ASN H 109 -42.01 -39.79 -25.00
N HIS H 110 -43.23 -39.54 -24.52
CA HIS H 110 -44.42 -40.09 -25.16
C HIS H 110 -44.47 -39.68 -26.64
N ASP H 111 -44.36 -38.37 -26.89
CA ASP H 111 -44.46 -37.86 -28.25
C ASP H 111 -43.42 -38.52 -29.15
N VAL H 112 -42.20 -38.68 -28.66
CA VAL H 112 -41.13 -39.26 -29.49
C VAL H 112 -41.42 -40.73 -29.78
N GLU H 113 -41.83 -41.49 -28.77
CA GLU H 113 -42.06 -42.91 -29.00
C GLU H 113 -43.26 -43.15 -29.90
N GLU H 114 -44.17 -42.18 -30.02
CA GLU H 114 -45.24 -42.32 -31.01
C GLU H 114 -44.76 -41.91 -32.41
N ASP H 115 -44.01 -40.81 -32.49
CA ASP H 115 -43.44 -40.39 -33.76
C ASP H 115 -42.66 -41.53 -34.41
N ILE H 116 -41.77 -42.17 -33.66
CA ILE H 116 -40.84 -43.11 -34.25
C ILE H 116 -41.56 -44.28 -34.92
N ARG H 117 -42.80 -44.56 -34.52
CA ARG H 117 -43.60 -45.59 -35.18
C ARG H 117 -44.40 -45.03 -36.35
N ASP H 118 -45.02 -43.86 -36.16
CA ASP H 118 -45.77 -43.25 -37.25
C ASP H 118 -44.90 -43.07 -38.49
N HIS H 119 -43.67 -42.57 -38.31
CA HIS H 119 -42.85 -42.17 -39.44
C HIS H 119 -42.23 -43.35 -40.17
N TYR H 120 -41.95 -44.45 -39.47
CA TYR H 120 -41.09 -45.50 -40.02
C TYR H 120 -41.63 -46.91 -39.94
N TRP H 121 -42.76 -47.15 -39.28
CA TRP H 121 -43.39 -48.47 -39.24
C TRP H 121 -44.57 -48.51 -40.19
N TYR H 122 -44.65 -49.58 -40.97
CA TYR H 122 -45.78 -49.79 -41.88
C TYR H 122 -46.95 -50.41 -41.13
N ILE I 33 55.77 16.13 -18.03
CA ILE I 33 54.47 15.53 -18.44
C ILE I 33 53.42 15.80 -17.37
N ARG I 34 52.45 16.66 -17.70
CA ARG I 34 51.34 16.94 -16.80
C ARG I 34 50.16 16.00 -17.00
N PHE I 35 50.04 15.39 -18.18
CA PHE I 35 48.87 14.57 -18.48
C PHE I 35 48.89 13.28 -17.65
N GLY I 36 47.75 12.98 -17.03
CA GLY I 36 47.58 11.73 -16.32
C GLY I 36 48.53 11.54 -15.15
N ASN I 37 49.03 12.63 -14.59
CA ASN I 37 50.06 12.57 -13.55
C ASN I 37 49.54 13.25 -12.29
N PRO I 38 49.30 12.52 -11.20
CA PRO I 38 48.73 13.17 -10.00
C PRO I 38 49.67 14.17 -9.35
N TRP I 39 50.95 14.16 -9.70
CA TRP I 39 51.88 15.10 -9.10
C TRP I 39 51.89 16.45 -9.81
N ARG I 40 51.37 16.53 -11.04
CA ARG I 40 51.52 17.75 -11.84
C ARG I 40 50.30 18.15 -12.66
N ASP I 41 49.27 17.32 -12.78
CA ASP I 41 48.23 17.54 -13.79
C ASP I 41 47.57 18.91 -13.66
N ASP I 42 47.43 19.57 -14.81
CA ASP I 42 46.68 20.82 -14.95
C ASP I 42 46.45 21.03 -16.44
N TYR I 43 45.47 21.86 -16.76
CA TYR I 43 45.15 22.11 -18.16
C TYR I 43 46.29 22.88 -18.84
N PRO I 44 46.53 22.62 -20.13
CA PRO I 44 47.36 23.54 -20.91
C PRO I 44 46.72 24.92 -20.96
N GLU I 45 47.57 25.93 -21.15
CA GLU I 45 47.07 27.30 -21.18
C GLU I 45 46.08 27.52 -22.32
N TRP I 46 46.25 26.80 -23.44
CA TRP I 46 45.32 27.01 -24.55
C TRP I 46 43.94 26.44 -24.25
N ILE I 47 43.87 25.38 -23.44
CA ILE I 47 42.56 24.91 -22.98
C ILE I 47 41.95 25.90 -21.98
N TRP I 48 42.77 26.48 -21.09
CA TRP I 48 42.26 27.51 -20.20
C TRP I 48 41.76 28.72 -20.98
N LYS I 49 42.34 28.98 -22.15
CA LYS I 49 41.91 30.12 -22.95
C LYS I 49 40.64 29.80 -23.75
N SER I 50 40.52 28.57 -24.24
CA SER I 50 39.33 28.20 -25.01
C SER I 50 38.05 28.42 -24.19
N LEU I 51 38.15 28.38 -22.87
CA LEU I 51 36.97 28.59 -22.01
C LEU I 51 36.65 30.05 -21.82
N ARG I 52 37.55 30.97 -22.18
CA ARG I 52 37.30 32.40 -22.04
C ARG I 52 36.58 33.00 -23.23
N VAL I 53 36.53 32.29 -24.35
CA VAL I 53 35.91 32.83 -25.56
C VAL I 53 34.40 32.94 -25.36
N SER I 54 33.80 33.86 -26.11
CA SER I 54 32.43 34.33 -25.88
C SER I 54 31.72 34.47 -27.21
N ARG I 55 30.46 34.04 -27.27
CA ARG I 55 29.59 34.33 -28.39
C ARG I 55 28.26 34.92 -27.91
N LYS I 56 28.32 35.77 -26.88
CA LYS I 56 27.10 36.32 -26.30
C LYS I 56 26.41 37.27 -27.28
N ASP I 57 25.08 37.20 -27.29
CA ASP I 57 24.24 38.00 -28.19
C ASP I 57 24.73 37.91 -29.64
N LYS I 58 25.05 36.69 -30.06
CA LYS I 58 25.24 36.38 -31.47
C LYS I 58 24.52 35.07 -31.78
N ASP I 59 24.08 34.94 -33.03
CA ASP I 59 23.41 33.73 -33.50
C ASP I 59 23.53 33.69 -35.01
N MET I 60 24.07 32.60 -35.54
CA MET I 60 24.37 32.50 -36.96
C MET I 60 23.38 31.66 -37.74
N PHE I 61 22.42 31.01 -37.09
CA PHE I 61 21.40 30.24 -37.77
C PHE I 61 20.03 30.91 -37.76
N ALA I 62 19.97 32.19 -37.37
CA ALA I 62 18.68 32.88 -37.28
C ALA I 62 17.90 32.85 -38.60
N PRO I 63 18.52 32.96 -39.78
CA PRO I 63 17.71 32.90 -41.01
C PRO I 63 16.89 31.64 -41.13
N PHE I 64 17.45 30.49 -40.75
CA PHE I 64 16.71 29.22 -40.84
C PHE I 64 15.50 29.22 -39.92
N PHE I 65 15.69 29.67 -38.67
CA PHE I 65 14.58 29.72 -37.74
C PHE I 65 13.51 30.71 -38.19
N LYS I 66 13.93 31.83 -38.78
CA LYS I 66 12.96 32.78 -39.32
C LYS I 66 12.14 32.16 -40.45
N LEU I 67 12.80 31.43 -41.35
CA LEU I 67 12.09 30.73 -42.41
C LEU I 67 11.05 29.77 -41.83
N LEU I 68 11.50 28.89 -40.94
CA LEU I 68 10.59 27.90 -40.36
C LEU I 68 9.42 28.58 -39.66
N ASN I 69 9.69 29.64 -38.90
CA ASN I 69 8.62 30.37 -38.23
C ASN I 69 7.68 31.04 -39.23
N ALA I 70 8.18 31.37 -40.42
CA ALA I 70 7.32 31.98 -41.42
C ALA I 70 6.38 30.97 -42.05
N THR I 71 6.75 29.69 -42.10
CA THR I 71 5.83 28.73 -42.69
C THR I 71 4.53 28.54 -41.89
N LYS I 72 4.49 28.99 -40.64
CA LYS I 72 3.31 28.84 -39.78
C LYS I 72 2.85 27.37 -39.72
N LEU I 73 3.81 26.47 -39.56
CA LEU I 73 3.48 25.07 -39.29
C LEU I 73 2.98 24.89 -37.86
N TYR I 74 3.57 25.65 -36.94
CA TYR I 74 3.19 25.54 -35.52
C TYR I 74 1.76 25.98 -35.29
N GLU I 75 1.38 27.13 -35.84
CA GLU I 75 0.04 27.66 -35.61
C GLU I 75 -1.03 26.68 -36.04
N TYR I 76 -0.84 26.03 -37.18
CA TYR I 76 -1.90 25.24 -37.79
C TYR I 76 -1.85 23.77 -37.44
N CYS I 77 -0.67 23.18 -37.22
CA CYS I 77 -0.57 21.72 -37.11
C CYS I 77 0.06 21.19 -35.84
N LEU I 78 0.81 22.01 -35.08
CA LEU I 78 1.54 21.50 -33.93
C LEU I 78 1.15 22.11 -32.59
N LYS I 79 0.36 23.18 -32.57
CA LYS I 79 0.00 23.81 -31.30
C LYS I 79 -1.11 23.07 -30.56
N ASP I 80 -1.87 22.22 -31.25
CA ASP I 80 -2.94 21.44 -30.63
C ASP I 80 -2.59 19.98 -30.78
N ASN I 81 -2.73 19.23 -29.68
CA ASN I 81 -2.16 17.89 -29.60
C ASN I 81 -2.93 16.88 -30.45
N ARG I 82 -4.24 17.08 -30.63
CA ARG I 82 -4.98 16.25 -31.58
C ARG I 82 -4.42 16.42 -32.99
N ARG I 83 -4.16 17.67 -33.39
CA ARG I 83 -3.54 17.91 -34.70
C ARG I 83 -2.10 17.42 -34.72
N TYR I 84 -1.38 17.55 -33.61
CA TYR I 84 -0.04 16.98 -33.51
C TYR I 84 -0.06 15.51 -33.85
N CYS I 85 -1.02 14.76 -33.28
CA CYS I 85 -1.14 13.35 -33.56
C CYS I 85 -1.53 13.09 -35.01
N MET I 86 -2.48 13.87 -35.55
CA MET I 86 -2.84 13.70 -36.96
C MET I 86 -1.62 13.86 -37.85
N PHE I 87 -0.82 14.91 -37.59
CA PHE I 87 0.40 15.17 -38.33
C PHE I 87 1.36 13.99 -38.23
N VAL I 88 1.61 13.53 -37.02
CA VAL I 88 2.52 12.40 -36.83
C VAL I 88 2.08 11.22 -37.66
N MET I 89 0.81 10.85 -37.57
CA MET I 89 0.32 9.67 -38.27
C MET I 89 0.45 9.81 -39.78
N GLY I 90 0.00 10.93 -40.33
CA GLY I 90 -0.01 11.06 -41.77
C GLY I 90 1.38 11.18 -42.35
N VAL I 91 2.24 11.96 -41.70
CA VAL I 91 3.61 12.09 -42.17
C VAL I 91 4.33 10.76 -42.09
N GLY I 92 4.16 10.02 -40.99
CA GLY I 92 4.59 8.64 -40.97
C GLY I 92 4.19 7.87 -42.21
N LEU I 93 2.86 7.85 -42.44
CA LEU I 93 2.32 7.05 -43.54
C LEU I 93 3.04 7.34 -44.84
N VAL I 94 3.20 8.62 -45.18
CA VAL I 94 3.73 8.98 -46.49
C VAL I 94 5.25 8.82 -46.53
N SER I 95 5.94 9.31 -45.50
CA SER I 95 7.40 9.26 -45.46
C SER I 95 7.92 7.84 -45.54
N SER I 96 7.32 6.93 -44.78
CA SER I 96 7.76 5.53 -44.79
C SER I 96 7.79 4.97 -46.21
N TRP I 97 6.71 5.19 -46.95
CA TRP I 97 6.59 4.65 -48.29
C TRP I 97 7.59 5.30 -49.25
N MET I 98 7.78 6.61 -49.14
CA MET I 98 8.77 7.27 -49.99
C MET I 98 10.18 6.73 -49.71
N TRP I 99 10.54 6.64 -48.43
CA TRP I 99 11.83 6.08 -48.03
C TRP I 99 12.02 4.66 -48.59
N SER I 100 10.98 3.84 -48.50
CA SER I 100 11.02 2.47 -49.01
C SER I 100 11.29 2.44 -50.50
N GLU I 101 10.52 3.19 -51.29
CA GLU I 101 10.70 3.16 -52.73
C GLU I 101 12.07 3.69 -53.13
N TRP I 102 12.56 4.70 -52.41
CA TRP I 102 13.90 5.23 -52.69
C TRP I 102 14.97 4.17 -52.46
N TRP I 103 14.89 3.45 -51.33
CA TRP I 103 15.86 2.40 -51.08
C TRP I 103 15.72 1.26 -52.08
N ASN I 104 14.50 0.96 -52.52
CA ASN I 104 14.31 0.00 -53.61
C ASN I 104 15.11 0.43 -54.84
N SER I 105 14.97 1.70 -55.23
CA SER I 105 15.66 2.17 -56.43
C SER I 105 17.17 2.08 -56.26
N VAL I 106 17.67 2.43 -55.08
CA VAL I 106 19.11 2.30 -54.83
C VAL I 106 19.56 0.84 -54.96
N TRP I 107 18.79 -0.07 -54.36
CA TRP I 107 19.13 -1.48 -54.41
C TRP I 107 19.15 -1.99 -55.84
N ARG I 108 18.30 -1.44 -56.71
CA ARG I 108 18.36 -1.83 -58.12
C ARG I 108 19.51 -1.16 -58.85
N ARG I 109 19.88 0.05 -58.42
CA ARG I 109 20.91 0.81 -59.11
C ARG I 109 22.29 0.23 -58.85
N ILE I 110 22.58 -0.14 -57.60
CA ILE I 110 23.90 -0.67 -57.26
C ILE I 110 24.11 -2.06 -57.84
N ASN I 111 23.04 -2.86 -57.94
CA ASN I 111 23.14 -4.27 -58.30
C ASN I 111 22.77 -4.55 -59.75
N LYS I 112 22.96 -3.59 -60.65
CA LYS I 112 22.49 -3.75 -62.02
C LYS I 112 23.19 -4.93 -62.69
N GLY I 113 22.40 -5.79 -63.32
CA GLY I 113 22.92 -6.95 -64.02
C GLY I 113 23.23 -8.13 -63.12
N LYS I 114 23.02 -8.00 -61.81
CA LYS I 114 23.18 -9.09 -60.87
C LYS I 114 21.86 -9.72 -60.44
N LEU I 115 20.78 -8.94 -60.46
CA LEU I 115 19.48 -9.41 -59.98
C LEU I 115 18.80 -10.28 -61.04
N TYR I 116 17.71 -10.94 -60.61
CA TYR I 116 17.04 -11.92 -61.47
C TYR I 116 16.40 -11.26 -62.68
N ASN I 117 15.76 -10.10 -62.49
CA ASN I 117 15.05 -9.45 -63.58
C ASN I 117 16.00 -8.96 -64.67
N ASP I 118 17.22 -8.57 -64.29
CA ASP I 118 18.09 -7.87 -65.23
C ASP I 118 18.71 -8.80 -66.28
N VAL I 119 18.69 -10.10 -66.06
CA VAL I 119 19.36 -11.03 -66.96
C VAL I 119 18.41 -12.19 -67.28
N PRO I 120 17.50 -12.02 -68.24
CA PRO I 120 16.53 -13.09 -68.53
C PRO I 120 17.18 -14.41 -68.89
N TYR I 121 16.50 -15.49 -68.54
CA TYR I 121 16.88 -16.82 -68.98
C TYR I 121 16.37 -17.04 -70.41
N VAL I 122 17.21 -17.63 -71.24
CA VAL I 122 16.86 -17.96 -72.62
C VAL I 122 16.88 -19.47 -72.78
N TYR I 123 15.76 -20.01 -73.24
CA TYR I 123 15.57 -21.46 -73.27
C TYR I 123 16.42 -22.09 -74.38
N PRO I 124 16.90 -23.33 -74.17
CA PRO I 124 17.66 -24.04 -75.19
C PRO I 124 16.78 -24.55 -76.34
N SER J 2 32.84 8.04 44.81
CA SER J 2 34.17 7.46 45.03
C SER J 2 34.66 6.74 43.78
N ARG J 3 35.96 6.80 43.54
CA ARG J 3 36.55 6.09 42.41
C ARG J 3 36.18 4.61 42.41
N ALA J 4 36.19 3.99 43.60
CA ALA J 4 35.96 2.55 43.68
C ALA J 4 34.59 2.17 43.13
N VAL J 5 33.56 2.90 43.56
CA VAL J 5 32.19 2.57 43.16
C VAL J 5 31.99 2.82 41.67
N TYR J 6 32.49 3.95 41.17
CA TYR J 6 32.39 4.23 39.74
C TYR J 6 33.11 3.17 38.94
N ALA J 7 34.25 2.70 39.42
CA ALA J 7 34.96 1.63 38.72
C ALA J 7 34.11 0.37 38.66
N LYS J 8 33.48 0.00 39.78
CA LYS J 8 32.62 -1.18 39.79
C LYS J 8 31.48 -1.02 38.79
N LEU J 9 30.83 0.14 38.78
CA LEU J 9 29.72 0.37 37.86
C LEU J 9 30.19 0.33 36.41
N TRP J 10 31.33 0.95 36.09
CA TRP J 10 31.86 0.86 34.74
C TRP J 10 32.11 -0.60 34.34
N ALA J 11 32.73 -1.35 35.23
CA ALA J 11 33.13 -2.73 34.93
C ALA J 11 31.95 -3.69 34.86
N SER J 12 30.78 -3.30 35.35
CA SER J 12 29.65 -4.22 35.39
C SER J 12 29.36 -4.89 34.04
N THR J 13 29.64 -4.20 32.92
CA THR J 13 29.29 -4.72 31.60
C THR J 13 30.50 -5.09 30.75
N ALA J 14 31.66 -5.27 31.37
CA ALA J 14 32.87 -5.54 30.60
C ALA J 14 32.73 -6.81 29.75
N GLN J 15 31.95 -7.78 30.21
CA GLN J 15 31.91 -9.13 29.62
C GLN J 15 30.74 -9.30 28.67
N TYR J 16 30.44 -8.25 27.89
CA TYR J 16 29.32 -8.26 26.96
C TYR J 16 29.35 -9.48 26.03
N THR J 17 30.52 -9.79 25.47
CA THR J 17 30.61 -10.87 24.50
C THR J 17 30.27 -12.22 25.11
N GLN J 18 30.65 -12.42 26.38
CA GLN J 18 30.34 -13.69 27.04
C GLN J 18 28.84 -13.85 27.23
N ARG J 19 28.16 -12.77 27.66
CA ARG J 19 26.72 -12.80 27.79
C ARG J 19 26.05 -13.08 26.46
N ARG J 20 26.60 -12.53 25.37
CA ARG J 20 26.04 -12.80 24.05
C ARG J 20 26.23 -14.26 23.64
N HIS J 21 27.37 -14.87 23.99
CA HIS J 21 27.55 -16.29 23.72
C HIS J 21 26.53 -17.12 24.51
N TYR J 22 26.28 -16.74 25.76
CA TYR J 22 25.26 -17.40 26.56
C TYR J 22 23.90 -17.30 25.88
N ALA J 23 23.58 -16.13 25.32
CA ALA J 23 22.33 -15.98 24.58
C ALA J 23 22.26 -16.90 23.37
N TRP J 24 23.37 -17.00 22.62
CA TRP J 24 23.43 -17.97 21.53
C TRP J 24 23.04 -19.35 22.03
N TYR J 25 23.67 -19.78 23.13
CA TYR J 25 23.41 -21.11 23.68
C TYR J 25 21.93 -21.29 23.98
N GLN J 26 21.34 -20.34 24.69
CA GLN J 26 19.94 -20.48 25.09
C GLN J 26 19.02 -20.62 23.88
N ILE J 27 19.16 -19.71 22.92
CA ILE J 27 18.21 -19.72 21.81
C ILE J 27 18.39 -20.98 20.97
N TRP J 28 19.63 -21.42 20.78
CA TRP J 28 19.82 -22.66 20.02
C TRP J 28 19.27 -23.86 20.77
N SER J 29 19.36 -23.86 22.10
CA SER J 29 18.76 -24.96 22.86
C SER J 29 17.25 -25.00 22.68
N ARG J 30 16.61 -23.83 22.68
CA ARG J 30 15.17 -23.80 22.41
C ARG J 30 14.86 -24.27 20.99
N VAL J 31 15.70 -23.91 20.03
CA VAL J 31 15.35 -24.08 18.62
C VAL J 31 15.61 -25.51 18.15
N ILE J 32 16.71 -26.12 18.56
CA ILE J 32 17.26 -27.26 17.82
C ILE J 32 16.36 -28.49 17.81
N PRO J 33 15.46 -28.69 18.78
CA PRO J 33 14.62 -29.91 18.71
C PRO J 33 13.72 -29.98 17.49
N TRP J 34 13.45 -28.85 16.82
CA TRP J 34 12.69 -28.89 15.58
C TRP J 34 13.31 -29.79 14.52
N SER J 35 14.55 -30.23 14.72
CA SER J 35 15.21 -31.08 13.74
C SER J 35 14.62 -32.47 13.66
N VAL J 36 13.83 -32.89 14.65
CA VAL J 36 13.34 -34.26 14.73
C VAL J 36 12.13 -34.44 13.82
N PRO J 37 11.07 -33.61 13.93
CA PRO J 37 10.00 -33.69 12.94
C PRO J 37 10.50 -33.68 11.50
N TRP J 38 11.27 -32.65 11.17
CA TRP J 38 11.75 -32.48 9.81
C TRP J 38 12.69 -33.61 9.40
N GLY J 39 13.48 -34.13 10.33
CA GLY J 39 14.32 -35.27 10.02
C GLY J 39 13.49 -36.50 9.68
N ILE J 40 12.45 -36.76 10.47
CA ILE J 40 11.58 -37.89 10.16
C ILE J 40 10.98 -37.73 8.77
N PHE J 41 10.56 -36.51 8.41
CA PHE J 41 9.92 -36.36 7.11
C PHE J 41 10.94 -36.55 5.98
N ALA J 42 12.14 -36.01 6.14
CA ALA J 42 13.20 -36.29 5.17
C ALA J 42 13.34 -37.79 4.94
N MET J 43 13.50 -38.54 6.04
CA MET J 43 13.70 -39.98 5.92
C MET J 43 12.47 -40.64 5.31
N TRP J 44 11.28 -40.18 5.68
CA TRP J 44 10.04 -40.70 5.11
C TRP J 44 10.07 -40.62 3.59
N MET J 45 10.43 -39.45 3.08
CA MET J 45 10.43 -39.27 1.62
C MET J 45 11.53 -40.08 0.96
N VAL J 46 12.72 -40.18 1.58
CA VAL J 46 13.86 -40.79 0.89
C VAL J 46 13.99 -42.29 1.14
N PHE J 47 13.14 -42.87 2.00
CA PHE J 47 13.19 -44.31 2.23
C PHE J 47 12.93 -45.14 0.98
N PRO J 48 11.89 -44.86 0.18
CA PRO J 48 11.63 -45.71 -0.99
C PRO J 48 12.63 -45.53 -2.11
N ALA J 49 13.58 -44.61 -1.99
CA ALA J 49 14.67 -44.49 -2.94
C ALA J 49 15.84 -45.42 -2.63
N MET J 50 15.92 -45.94 -1.41
CA MET J 50 17.04 -46.75 -1.02
C MET J 50 16.91 -48.18 -1.54
N PRO J 51 18.00 -48.93 -1.58
CA PRO J 51 17.92 -50.32 -2.03
C PRO J 51 16.99 -51.13 -1.12
N VAL J 52 16.38 -52.16 -1.70
CA VAL J 52 15.45 -52.99 -0.95
C VAL J 52 16.13 -53.56 0.28
N GLU J 53 17.40 -53.95 0.15
CA GLU J 53 18.13 -54.49 1.28
C GLU J 53 18.25 -53.46 2.39
N TYR J 54 18.51 -52.21 2.04
CA TYR J 54 18.66 -51.17 3.06
C TYR J 54 17.32 -50.84 3.72
N ARG J 55 16.22 -50.91 2.96
CA ARG J 55 14.91 -50.75 3.57
C ARG J 55 14.65 -51.87 4.58
N GLN J 56 15.00 -53.11 4.22
CA GLN J 56 14.82 -54.21 5.15
C GLN J 56 15.69 -54.05 6.38
N ALA J 57 16.92 -53.58 6.20
CA ALA J 57 17.86 -53.47 7.31
C ALA J 57 17.47 -52.34 8.26
N LEU J 58 17.15 -51.16 7.72
CA LEU J 58 16.92 -50.00 8.56
C LEU J 58 15.66 -50.14 9.42
N THR J 59 14.74 -51.02 9.02
CA THR J 59 13.55 -51.31 9.80
C THR J 59 13.68 -52.63 10.56
N PHE J 60 14.92 -53.12 10.72
CA PHE J 60 15.21 -54.33 11.48
C PHE J 60 14.36 -55.51 10.98
N GLY J 61 14.14 -55.55 9.66
CA GLY J 61 13.43 -56.65 9.03
C GLY J 61 11.92 -56.56 9.08
N ILE J 62 11.36 -55.49 9.63
CA ILE J 62 9.91 -55.36 9.67
C ILE J 62 9.34 -55.10 8.28
N TRP J 63 10.00 -54.23 7.52
CA TRP J 63 9.51 -53.89 6.19
C TRP J 63 9.86 -54.99 5.19
N GLN J 64 8.88 -55.31 4.34
CA GLN J 64 9.07 -56.27 3.27
C GLN J 64 8.27 -55.81 2.06
N LYS J 65 8.58 -56.39 0.91
CA LYS J 65 7.90 -55.98 -0.32
C LYS J 65 6.41 -56.21 -0.20
N PRO J 66 5.57 -55.21 -0.49
CA PRO J 66 4.13 -55.41 -0.43
C PRO J 66 3.68 -56.59 -1.28
N ASN J 67 2.66 -57.29 -0.78
CA ASN J 67 2.08 -58.45 -1.45
C ASN J 67 0.75 -58.03 -2.04
N ILE J 68 0.71 -57.89 -3.37
CA ILE J 68 -0.47 -57.43 -4.09
C ILE J 68 -1.01 -58.48 -5.05
N GLY J 69 -0.45 -59.69 -5.01
CA GLY J 69 -0.88 -60.77 -5.89
C GLY J 69 -0.43 -60.69 -7.33
N THR J 70 0.78 -60.21 -7.58
CA THR J 70 1.36 -60.21 -8.93
C THR J 70 2.86 -60.49 -8.85
N HIS J 71 3.39 -60.92 -9.99
CA HIS J 71 4.84 -61.13 -10.17
C HIS J 71 5.39 -62.21 -9.26
N GLY J 72 4.63 -63.30 -9.09
CA GLY J 72 5.08 -64.43 -8.29
C GLY J 72 6.10 -65.28 -9.03
N PRO J 73 6.69 -66.23 -8.30
CA PRO J 73 7.71 -67.09 -8.91
C PRO J 73 7.16 -67.89 -10.09
N ASP J 74 8.09 -68.35 -10.93
CA ASP J 74 7.80 -69.14 -12.12
C ASP J 74 8.37 -70.53 -11.94
N PRO J 75 7.56 -71.61 -11.92
CA PRO J 75 8.12 -72.95 -11.68
C PRO J 75 9.22 -73.34 -12.65
N LYS K 65 -63.35 -2.58 16.52
CA LYS K 65 -63.90 -1.28 16.17
C LYS K 65 -63.24 -0.72 14.92
N LEU K 66 -61.90 -0.63 14.93
CA LEU K 66 -61.16 -0.11 13.80
C LEU K 66 -60.68 -1.24 12.90
N GLU K 67 -60.57 -0.93 11.61
CA GLU K 67 -60.05 -1.88 10.64
C GLU K 67 -58.54 -1.97 10.76
N GLY K 68 -58.02 -3.17 10.50
CA GLY K 68 -56.59 -3.38 10.53
C GLY K 68 -56.04 -3.46 11.94
N SER K 69 -54.75 -3.16 12.04
CA SER K 69 -53.96 -3.36 13.26
C SER K 69 -53.94 -2.12 14.15
N LEU K 70 -54.92 -1.24 14.01
CA LEU K 70 -54.99 -0.04 14.84
C LEU K 70 -55.78 -0.29 16.11
N LEU K 71 -55.44 0.46 17.14
CA LEU K 71 -56.21 0.50 18.38
C LEU K 71 -56.54 1.95 18.69
N PRO K 72 -57.70 2.22 19.29
CA PRO K 72 -58.15 3.61 19.47
C PRO K 72 -57.09 4.44 20.18
N PRO K 73 -56.73 5.59 19.64
CA PRO K 73 -55.61 6.35 20.20
C PRO K 73 -56.00 7.04 21.49
N PRO K 74 -55.09 7.19 22.44
CA PRO K 74 -55.36 8.07 23.58
C PRO K 74 -55.44 9.53 23.15
N HIS K 75 -56.23 10.30 23.89
CA HIS K 75 -56.33 11.74 23.65
C HIS K 75 -55.25 12.44 24.47
N ILE K 76 -54.19 12.87 23.80
CA ILE K 76 -53.05 13.54 24.43
C ILE K 76 -53.01 14.96 23.88
N PRO K 77 -53.11 15.99 24.73
CA PRO K 77 -53.09 17.36 24.21
C PRO K 77 -51.73 17.73 23.64
N GLY K 78 -51.74 18.29 22.44
CA GLY K 78 -50.52 18.60 21.71
C GLY K 78 -50.22 17.65 20.58
N ILE K 79 -50.99 16.59 20.42
CA ILE K 79 -50.84 15.64 19.32
C ILE K 79 -52.12 15.66 18.50
N ARG K 80 -51.97 15.81 17.19
CA ARG K 80 -53.10 15.87 16.26
C ARG K 80 -53.25 14.53 15.56
N ARG K 81 -54.45 13.96 15.62
CA ARG K 81 -54.68 12.60 15.18
C ARG K 81 -55.27 12.58 13.77
N ALA K 82 -54.75 11.68 12.95
CA ALA K 82 -55.35 11.44 11.65
C ALA K 82 -56.61 10.60 11.80
N PRO K 83 -57.56 10.73 10.89
CA PRO K 83 -58.74 9.85 10.93
C PRO K 83 -58.36 8.41 10.63
N ARG K 84 -59.09 7.49 11.24
CA ARG K 84 -58.77 6.08 11.21
C ARG K 84 -59.96 5.27 10.73
N GLU K 85 -59.67 4.19 10.03
CA GLU K 85 -60.73 3.42 9.36
C GLU K 85 -61.56 2.62 10.37
N PRO K 86 -62.89 2.65 10.27
CA PRO K 86 -63.71 1.68 11.01
C PRO K 86 -63.68 0.31 10.36
N ALA K 87 -64.02 -0.70 11.16
CA ALA K 87 -63.98 -2.07 10.69
C ALA K 87 -65.08 -2.35 9.65
N SER K 88 -64.82 -3.32 8.80
CA SER K 88 -65.73 -3.72 7.74
C SER K 88 -66.03 -5.20 7.82
N PRO K 89 -67.16 -5.65 7.26
CA PRO K 89 -67.52 -7.08 7.34
C PRO K 89 -66.66 -7.92 6.41
N LYS K 90 -66.16 -9.04 6.94
CA LYS K 90 -65.30 -9.94 6.18
C LYS K 90 -66.12 -10.88 5.30
N MET K 91 -65.48 -11.38 4.25
CA MET K 91 -66.12 -12.28 3.31
C MET K 91 -65.82 -13.74 3.64
N ALA K 92 -66.56 -14.61 2.96
CA ALA K 92 -66.36 -16.06 3.03
C ALA K 92 -65.03 -16.46 2.40
N GLY K 93 -64.40 -17.46 2.99
CA GLY K 93 -63.20 -18.07 2.43
C GLY K 93 -61.97 -17.75 3.24
N MET K 94 -62.09 -16.88 4.24
CA MET K 94 -61.01 -16.48 5.12
C MET K 94 -61.09 -17.16 6.48
N GLU K 95 -61.79 -18.29 6.57
CA GLU K 95 -61.85 -19.05 7.81
C GLU K 95 -60.52 -19.77 8.03
N GLY K 96 -59.86 -19.47 9.15
CA GLY K 96 -58.71 -20.24 9.55
C GLY K 96 -57.42 -19.91 8.85
N ARG K 97 -57.28 -18.71 8.30
CA ARG K 97 -56.10 -18.29 7.57
C ARG K 97 -55.53 -17.03 8.18
N MET K 98 -54.24 -16.81 7.96
CA MET K 98 -53.61 -15.57 8.40
C MET K 98 -54.29 -14.41 7.69
N PRO K 99 -54.91 -13.47 8.41
CA PRO K 99 -55.80 -12.50 7.75
C PRO K 99 -55.05 -11.44 6.96
N VAL K 100 -55.56 -11.18 5.77
CA VAL K 100 -55.02 -10.17 4.85
C VAL K 100 -56.19 -9.35 4.34
N ARG K 101 -56.09 -8.02 4.49
CA ARG K 101 -57.29 -7.18 4.40
C ARG K 101 -57.87 -7.15 3.00
N LEU K 102 -59.13 -6.71 2.93
CA LEU K 102 -59.90 -6.49 1.71
C LEU K 102 -59.86 -5.02 1.31
N PRO K 103 -60.20 -4.70 0.07
CA PRO K 103 -60.15 -3.31 -0.37
C PRO K 103 -61.17 -2.46 0.36
N PRO K 104 -61.02 -1.13 0.35
CA PRO K 104 -62.02 -0.28 1.00
C PRO K 104 -63.42 -0.50 0.45
N GLU K 105 -64.41 -0.05 1.24
CA GLU K 105 -65.81 -0.31 0.92
C GLU K 105 -66.33 0.50 -0.25
N GLY K 106 -65.61 1.53 -0.67
CA GLY K 106 -66.11 2.40 -1.72
C GLY K 106 -65.23 2.34 -2.96
N SER K 107 -64.40 1.31 -3.03
CA SER K 107 -63.53 1.08 -4.17
C SER K 107 -64.24 0.27 -5.26
N ARG K 108 -63.61 0.22 -6.43
CA ARG K 108 -64.03 -0.69 -7.49
C ARG K 108 -63.48 -2.09 -7.28
N PHE K 109 -62.35 -2.21 -6.58
CA PHE K 109 -61.75 -3.53 -6.35
C PHE K 109 -62.68 -4.41 -5.51
N ARG K 110 -63.36 -3.83 -4.52
CA ARG K 110 -64.23 -4.61 -3.64
C ARG K 110 -65.46 -5.14 -4.34
N GLN K 111 -65.68 -4.76 -5.60
CA GLN K 111 -66.76 -5.32 -6.41
C GLN K 111 -66.38 -6.66 -7.02
N TYR K 112 -65.09 -6.97 -7.10
CA TYR K 112 -64.62 -8.16 -7.81
C TYR K 112 -63.66 -9.01 -7.01
N VAL K 113 -63.33 -8.65 -5.77
CA VAL K 113 -62.46 -9.48 -4.96
C VAL K 113 -63.23 -10.73 -4.52
N ASP K 114 -62.53 -11.86 -4.47
CA ASP K 114 -63.13 -13.15 -4.13
C ASP K 114 -62.08 -13.99 -3.43
N PRO K 115 -62.05 -13.97 -2.09
CA PRO K 115 -61.01 -14.77 -1.40
C PRO K 115 -61.02 -16.24 -1.75
N ARG K 116 -62.18 -16.81 -2.05
CA ARG K 116 -62.26 -18.24 -2.35
C ARG K 116 -61.41 -18.64 -3.55
N ALA K 117 -60.89 -17.68 -4.32
CA ALA K 117 -60.05 -18.00 -5.46
C ALA K 117 -58.60 -18.22 -5.08
N ASP K 118 -58.18 -17.84 -3.87
CA ASP K 118 -56.79 -18.02 -3.47
C ASP K 118 -56.40 -19.49 -3.35
N VAL K 119 -57.38 -20.39 -3.39
CA VAL K 119 -57.10 -21.82 -3.22
C VAL K 119 -56.72 -22.46 -4.54
N TYR K 120 -57.31 -22.00 -5.64
CA TYR K 120 -57.02 -22.54 -6.96
C TYR K 120 -55.86 -21.83 -7.66
N PHE K 121 -55.36 -20.73 -7.08
CA PHE K 121 -54.35 -19.93 -7.78
C PHE K 121 -53.11 -20.72 -8.16
N PRO K 122 -52.58 -21.63 -7.35
CA PRO K 122 -51.38 -22.37 -7.76
C PRO K 122 -51.54 -23.07 -9.11
N LEU K 123 -52.76 -23.40 -9.50
CA LEU K 123 -53.03 -23.96 -10.82
C LEU K 123 -53.28 -22.88 -11.86
N THR K 124 -54.00 -21.83 -11.46
CA THR K 124 -54.29 -20.72 -12.36
C THR K 124 -53.01 -20.12 -12.93
N ALA K 125 -52.01 -19.90 -12.08
CA ALA K 125 -50.77 -19.30 -12.55
C ALA K 125 -50.16 -20.10 -13.69
N VAL K 126 -50.01 -21.40 -13.50
CA VAL K 126 -49.37 -22.24 -14.51
C VAL K 126 -50.22 -22.27 -15.76
N LEU K 127 -51.52 -22.57 -15.61
CA LEU K 127 -52.38 -22.60 -16.78
C LEU K 127 -52.19 -21.33 -17.60
N VAL K 128 -52.43 -20.18 -16.99
CA VAL K 128 -52.44 -18.92 -17.74
C VAL K 128 -51.07 -18.66 -18.38
N THR K 129 -49.99 -18.79 -17.62
CA THR K 129 -48.70 -18.29 -18.10
C THR K 129 -47.89 -19.31 -18.90
N LEU K 130 -48.27 -20.59 -18.89
CA LEU K 130 -47.51 -21.60 -19.61
C LEU K 130 -48.34 -22.42 -20.58
N GLY K 131 -49.67 -22.50 -20.44
CA GLY K 131 -50.50 -23.23 -21.35
C GLY K 131 -50.55 -22.61 -22.72
N PRO K 132 -50.78 -21.30 -22.81
CA PRO K 132 -50.81 -20.67 -24.14
C PRO K 132 -49.51 -20.84 -24.91
N LEU K 133 -48.36 -20.75 -24.22
CA LEU K 133 -47.09 -20.98 -24.90
C LEU K 133 -47.00 -22.42 -25.41
N TYR K 134 -47.47 -23.37 -24.60
CA TYR K 134 -47.48 -24.77 -25.04
C TYR K 134 -48.36 -24.96 -26.27
N MET K 135 -49.55 -24.34 -26.27
CA MET K 135 -50.44 -24.44 -27.41
C MET K 135 -49.80 -23.86 -28.67
N PHE K 136 -49.25 -22.65 -28.55
CA PHE K 136 -48.59 -22.02 -29.68
C PHE K 136 -47.46 -22.88 -30.22
N SER K 137 -46.62 -23.40 -29.31
CA SER K 137 -45.49 -24.24 -29.72
C SER K 137 -45.96 -25.49 -30.45
N LYS K 138 -46.93 -26.20 -29.88
CA LYS K 138 -47.42 -27.41 -30.53
C LYS K 138 -48.07 -27.09 -31.86
N ALA K 139 -48.60 -25.88 -32.01
CA ALA K 139 -49.23 -25.52 -33.28
C ALA K 139 -48.18 -25.23 -34.36
N PHE K 140 -47.10 -24.52 -34.02
CA PHE K 140 -46.20 -24.00 -35.04
C PHE K 140 -44.77 -24.52 -34.99
N PHE K 141 -44.29 -25.01 -33.86
CA PHE K 141 -42.92 -25.51 -33.79
C PHE K 141 -42.91 -27.04 -33.89
N SER L 53 -23.98 11.08 -10.55
CA SER L 53 -24.26 11.96 -9.41
C SER L 53 -23.00 12.76 -9.09
N TYR L 54 -23.18 13.90 -8.45
CA TYR L 54 -22.06 14.74 -8.07
C TYR L 54 -21.30 14.14 -6.89
N GLY L 55 -19.98 14.12 -6.99
CA GLY L 55 -19.15 13.61 -5.92
C GLY L 55 -19.01 12.11 -5.94
N ASN L 56 -18.88 11.53 -7.14
CA ASN L 56 -18.82 10.10 -7.34
C ASN L 56 -17.90 9.82 -8.50
N GLY L 57 -17.26 8.65 -8.48
CA GLY L 57 -16.21 8.35 -9.44
C GLY L 57 -16.57 7.34 -10.51
N THR L 58 -17.79 6.79 -10.46
CA THR L 58 -18.23 5.81 -11.43
C THR L 58 -18.72 6.54 -12.68
N VAL L 59 -17.99 6.40 -13.78
CA VAL L 59 -18.19 7.24 -14.96
C VAL L 59 -18.25 6.40 -16.23
N LEU L 60 -17.81 5.14 -16.14
CA LEU L 60 -17.71 4.28 -17.31
C LEU L 60 -18.78 3.20 -17.39
N MET L 61 -19.48 2.92 -16.29
CA MET L 61 -20.56 1.95 -16.30
C MET L 61 -21.83 2.54 -16.92
N PRO L 62 -22.11 3.83 -16.74
CA PRO L 62 -23.26 4.43 -17.48
C PRO L 62 -23.14 4.30 -18.98
N ILE L 63 -21.94 4.55 -19.51
CA ILE L 63 -21.72 4.41 -20.95
C ILE L 63 -21.99 2.98 -21.38
N VAL L 64 -21.52 2.01 -20.61
CA VAL L 64 -21.73 0.60 -20.95
C VAL L 64 -23.21 0.25 -20.87
N ARG L 65 -23.92 0.85 -19.92
CA ARG L 65 -25.36 0.67 -19.84
C ARG L 65 -26.04 1.06 -21.15
N ARG L 66 -25.76 2.29 -21.60
CA ARG L 66 -26.41 2.77 -22.82
C ARG L 66 -25.99 1.93 -24.03
N VAL L 67 -24.72 1.55 -24.10
CA VAL L 67 -24.25 0.73 -25.23
C VAL L 67 -24.96 -0.62 -25.23
N PHE L 68 -25.11 -1.24 -24.06
CA PHE L 68 -25.76 -2.54 -24.00
C PHE L 68 -27.21 -2.45 -24.42
N ILE L 69 -27.93 -1.42 -23.94
CA ILE L 69 -29.35 -1.31 -24.30
C ILE L 69 -29.49 -1.08 -25.80
N GLY L 70 -28.76 -0.10 -26.35
CA GLY L 70 -28.56 -0.03 -27.78
C GLY L 70 -28.37 -1.34 -28.51
N ALA L 71 -27.38 -2.11 -28.06
CA ALA L 71 -26.99 -3.32 -28.77
C ALA L 71 -28.10 -4.36 -28.74
N LEU L 72 -28.82 -4.46 -27.63
CA LEU L 72 -29.93 -5.39 -27.57
C LEU L 72 -31.05 -4.97 -28.52
N VAL L 73 -31.35 -3.67 -28.57
CA VAL L 73 -32.38 -3.21 -29.51
C VAL L 73 -31.98 -3.57 -30.93
N GLY L 74 -30.76 -3.21 -31.32
CA GLY L 74 -30.16 -3.70 -32.55
C GLY L 74 -30.36 -5.17 -32.86
N ILE L 75 -29.91 -6.01 -31.93
CA ILE L 75 -29.90 -7.44 -32.15
C ILE L 75 -31.32 -7.95 -32.35
N TYR L 76 -32.26 -7.46 -31.55
CA TYR L 76 -33.64 -7.93 -31.69
C TYR L 76 -34.25 -7.46 -32.99
N ALA L 77 -33.99 -6.23 -33.41
CA ALA L 77 -34.46 -5.80 -34.72
C ALA L 77 -33.96 -6.73 -35.80
N TYR L 78 -32.65 -6.96 -35.84
CA TYR L 78 -32.08 -7.79 -36.90
C TYR L 78 -32.63 -9.21 -36.83
N ALA L 79 -32.82 -9.73 -35.61
CA ALA L 79 -33.30 -11.10 -35.47
C ALA L 79 -34.75 -11.21 -35.96
N ALA L 80 -35.57 -10.21 -35.69
CA ALA L 80 -36.92 -10.21 -36.21
C ALA L 80 -36.92 -10.17 -37.73
N THR L 81 -36.03 -9.36 -38.32
CA THR L 81 -35.92 -9.32 -39.77
C THR L 81 -35.46 -10.67 -40.33
N ASP L 82 -34.47 -11.28 -39.69
CA ASP L 82 -33.80 -12.46 -40.26
C ASP L 82 -34.63 -13.72 -40.08
N VAL L 83 -35.10 -13.98 -38.87
CA VAL L 83 -35.67 -15.28 -38.54
C VAL L 83 -37.18 -15.37 -38.81
N VAL L 84 -37.88 -14.22 -38.86
CA VAL L 84 -39.33 -14.23 -38.93
C VAL L 84 -39.81 -13.55 -40.21
N LEU L 85 -39.47 -12.27 -40.36
CA LEU L 85 -40.14 -11.44 -41.36
C LEU L 85 -39.80 -11.85 -42.78
N ILE L 86 -38.51 -12.06 -43.07
CA ILE L 86 -38.11 -12.41 -44.44
C ILE L 86 -38.75 -13.72 -44.86
N PRO L 87 -38.73 -14.79 -44.07
CA PRO L 87 -39.53 -15.98 -44.40
C PRO L 87 -41.03 -15.70 -44.51
N GLY L 88 -41.58 -14.99 -43.52
CA GLY L 88 -42.98 -14.62 -43.57
C GLY L 88 -43.39 -14.03 -44.91
N TYR L 89 -42.54 -13.17 -45.48
CA TYR L 89 -42.84 -12.57 -46.77
C TYR L 89 -42.82 -13.58 -47.90
N ALA L 90 -42.22 -14.76 -47.68
CA ALA L 90 -42.38 -15.86 -48.61
C ALA L 90 -43.69 -16.61 -48.37
N GLN L 91 -44.23 -16.55 -47.16
CA GLN L 91 -45.53 -17.15 -46.90
C GLN L 91 -46.70 -16.19 -47.08
N LEU L 92 -46.44 -14.90 -47.18
CA LEU L 92 -47.50 -13.90 -47.36
C LEU L 92 -48.07 -13.94 -48.78
N PHE M 9 -2.45 1.57 -9.06
CA PHE M 9 -1.08 1.24 -9.46
C PHE M 9 -0.48 2.40 -10.26
N MET M 10 -1.33 3.34 -10.67
CA MET M 10 -0.86 4.55 -11.33
C MET M 10 -0.10 5.46 -10.36
N SER M 11 -0.61 5.59 -9.13
CA SER M 11 0.04 6.40 -8.11
C SER M 11 1.45 5.91 -7.82
N LEU M 12 1.62 4.58 -7.76
CA LEU M 12 2.96 4.01 -7.62
C LEU M 12 3.82 4.32 -8.84
N PHE M 13 3.24 4.21 -10.03
CA PHE M 13 3.97 4.55 -11.25
C PHE M 13 4.53 5.95 -11.15
N ARG M 14 3.71 6.90 -10.73
CA ARG M 14 4.15 8.28 -10.61
C ARG M 14 5.19 8.45 -9.50
N ALA M 15 5.01 7.77 -8.38
CA ALA M 15 5.95 7.94 -7.28
C ALA M 15 7.34 7.45 -7.65
N HIS M 16 7.43 6.34 -8.39
CA HIS M 16 8.74 5.73 -8.60
C HIS M 16 9.38 6.06 -9.95
N LEU M 17 8.62 6.40 -10.99
CA LEU M 17 9.21 6.64 -12.30
C LEU M 17 8.99 8.04 -12.85
N VAL M 18 8.41 8.96 -12.07
CA VAL M 18 8.20 10.32 -12.55
C VAL M 18 8.69 11.36 -11.54
N PHE M 19 8.27 11.24 -10.29
CA PHE M 19 8.65 12.20 -9.26
C PHE M 19 9.88 11.79 -8.47
N TYR M 20 10.36 10.57 -8.68
CA TYR M 20 11.55 10.07 -7.99
C TYR M 20 12.75 10.95 -8.31
N ARG M 21 13.52 11.31 -7.27
CA ARG M 21 14.57 12.30 -7.38
C ARG M 21 15.95 11.65 -7.23
N CYS M 22 16.80 11.87 -8.22
CA CYS M 22 18.11 11.28 -8.42
C CYS M 22 19.18 12.32 -8.13
N ALA M 23 20.44 11.94 -8.29
CA ALA M 23 21.53 12.91 -8.21
C ALA M 23 21.84 13.46 -9.59
N LEU M 24 22.28 14.72 -9.60
CA LEU M 24 22.49 15.43 -10.86
C LEU M 24 23.54 14.75 -11.74
N ASN M 25 24.55 14.13 -11.12
CA ASN M 25 25.71 13.65 -11.85
C ASN M 25 25.65 12.15 -12.16
N LEU M 26 24.46 11.61 -12.40
CA LEU M 26 24.31 10.24 -12.86
C LEU M 26 24.54 10.21 -14.36
N ASN M 27 25.65 9.62 -14.78
CA ASN M 27 26.02 9.55 -16.19
C ASN M 27 25.54 8.22 -16.77
N SER M 28 25.97 7.91 -18.00
CA SER M 28 25.42 6.76 -18.70
C SER M 28 25.63 5.45 -17.96
N SER M 29 26.71 5.35 -17.18
CA SER M 29 27.03 4.07 -16.55
C SER M 29 25.92 3.60 -15.62
N TYR M 30 24.97 4.47 -15.28
CA TYR M 30 23.83 4.10 -14.44
C TYR M 30 22.58 3.81 -15.24
N ASN M 31 22.69 3.63 -16.56
CA ASN M 31 21.54 3.37 -17.41
C ASN M 31 21.41 1.92 -17.84
N PHE M 32 22.32 1.04 -17.42
CA PHE M 32 22.37 -0.29 -18.00
C PHE M 32 21.39 -1.27 -17.36
N GLY M 33 20.93 -1.02 -16.14
CA GLY M 33 19.85 -1.79 -15.56
C GLY M 33 18.56 -1.74 -16.39
N PHE M 34 18.09 -0.52 -16.62
CA PHE M 34 16.96 -0.30 -17.53
C PHE M 34 17.15 -1.10 -18.81
N LEU M 35 18.37 -1.09 -19.33
CA LEU M 35 18.66 -1.76 -20.60
C LEU M 35 18.48 -3.27 -20.49
N VAL M 36 18.97 -3.88 -19.41
CA VAL M 36 18.83 -5.33 -19.30
C VAL M 36 17.35 -5.69 -19.13
N ALA M 37 16.61 -4.87 -18.39
CA ALA M 37 15.16 -5.10 -18.28
C ALA M 37 14.50 -5.08 -19.65
N MET M 38 14.88 -4.12 -20.49
CA MET M 38 14.28 -4.01 -21.81
C MET M 38 14.62 -5.21 -22.68
N THR M 39 15.87 -5.67 -22.62
CA THR M 39 16.22 -6.87 -23.36
C THR M 39 15.42 -8.08 -22.85
N PHE M 40 15.08 -8.08 -21.56
CA PHE M 40 14.21 -9.13 -21.01
C PHE M 40 12.82 -9.10 -21.65
N VAL M 41 12.17 -7.94 -21.60
CA VAL M 41 10.83 -7.79 -22.18
C VAL M 41 10.84 -8.21 -23.65
N LEU M 42 11.84 -7.74 -24.38
CA LEU M 42 11.94 -8.00 -25.80
C LEU M 42 12.15 -9.49 -26.07
N GLN M 43 13.05 -10.11 -25.31
CA GLN M 43 13.30 -11.53 -25.43
C GLN M 43 12.05 -12.34 -25.10
N ILE M 44 11.21 -11.85 -24.19
CA ILE M 44 9.96 -12.52 -23.87
C ILE M 44 9.00 -12.47 -25.06
N ILE M 45 8.85 -11.30 -25.68
CA ILE M 45 7.98 -11.22 -26.85
C ILE M 45 8.41 -12.23 -27.91
N THR M 46 9.71 -12.21 -28.27
CA THR M 46 10.17 -13.10 -29.34
C THR M 46 10.09 -14.56 -28.93
N GLY M 47 10.45 -14.88 -27.69
CA GLY M 47 10.16 -16.19 -27.14
C GLY M 47 8.76 -16.69 -27.42
N ILE M 48 7.76 -15.95 -26.94
CA ILE M 48 6.39 -16.44 -27.07
C ILE M 48 6.04 -16.67 -28.53
N THR M 49 6.42 -15.75 -29.42
CA THR M 49 6.04 -15.95 -30.82
C THR M 49 6.86 -17.05 -31.49
N LEU M 50 8.02 -17.42 -30.94
CA LEU M 50 8.72 -18.59 -31.44
C LEU M 50 8.07 -19.88 -30.97
N ALA M 51 7.49 -19.87 -29.76
CA ALA M 51 6.89 -21.08 -29.22
C ALA M 51 5.72 -21.55 -30.06
N PHE M 52 5.05 -20.64 -30.76
CA PHE M 52 3.86 -20.99 -31.53
C PHE M 52 4.14 -21.95 -32.67
N ARG M 53 5.41 -22.10 -33.09
CA ARG M 53 5.75 -22.92 -34.24
C ARG M 53 6.88 -23.90 -33.99
N TYR M 54 7.38 -23.99 -32.76
CA TYR M 54 8.47 -24.90 -32.41
C TYR M 54 7.93 -26.28 -32.08
N THR M 55 8.72 -27.31 -32.42
CA THR M 55 8.37 -28.70 -32.14
C THR M 55 9.35 -29.27 -31.12
N SER M 56 8.80 -29.85 -30.05
CA SER M 56 9.60 -30.43 -28.97
C SER M 56 9.67 -31.95 -29.12
N GLU M 57 10.31 -32.40 -30.20
CA GLU M 57 10.53 -33.82 -30.43
C GLU M 57 11.95 -34.02 -30.95
N ALA M 58 12.66 -34.99 -30.36
CA ALA M 58 14.04 -35.25 -30.75
C ALA M 58 14.16 -35.66 -32.21
N SER M 59 13.14 -36.33 -32.74
CA SER M 59 13.13 -36.77 -34.13
C SER M 59 13.05 -35.60 -35.10
N CYS M 60 12.51 -34.44 -34.69
CA CYS M 60 12.19 -33.41 -35.65
C CYS M 60 12.34 -31.96 -35.15
N ALA M 61 12.92 -31.72 -33.98
CA ALA M 61 13.11 -30.35 -33.49
C ALA M 61 13.89 -29.50 -34.49
N PHE M 62 15.04 -30.02 -34.94
CA PHE M 62 15.94 -29.32 -35.85
C PHE M 62 15.19 -28.80 -37.07
N ALA M 63 14.53 -29.71 -37.78
CA ALA M 63 13.76 -29.31 -38.96
C ALA M 63 12.64 -28.35 -38.59
N SER M 64 12.13 -28.42 -37.35
CA SER M 64 11.12 -27.46 -36.91
C SER M 64 11.70 -26.06 -36.90
N VAL M 65 12.93 -25.90 -36.43
CA VAL M 65 13.53 -24.57 -36.44
C VAL M 65 13.85 -24.13 -37.85
N GLN M 66 14.21 -25.08 -38.72
CA GLN M 66 14.50 -24.69 -40.10
C GLN M 66 13.24 -24.27 -40.86
N HIS M 67 12.08 -24.83 -40.49
CA HIS M 67 10.84 -24.48 -41.18
C HIS M 67 10.50 -23.01 -40.97
N LEU M 68 10.68 -22.50 -39.75
CA LEU M 68 10.46 -21.08 -39.49
C LEU M 68 11.25 -20.23 -40.48
N VAL M 69 12.54 -20.53 -40.65
CA VAL M 69 13.39 -19.70 -41.49
C VAL M 69 12.98 -19.83 -42.95
N ARG M 70 12.66 -21.04 -43.40
CA ARG M 70 12.50 -21.25 -44.84
C ARG M 70 11.10 -20.90 -45.35
N GLU M 71 10.04 -21.29 -44.63
CA GLU M 71 8.70 -21.31 -45.21
C GLU M 71 7.69 -20.39 -44.52
N VAL M 72 8.11 -19.56 -43.58
CA VAL M 72 7.19 -18.72 -42.82
C VAL M 72 7.50 -17.25 -43.08
N ALA M 73 6.45 -16.45 -43.25
CA ALA M 73 6.64 -15.02 -43.43
C ALA M 73 7.28 -14.41 -42.20
N ALA M 74 8.32 -13.60 -42.43
CA ALA M 74 9.11 -12.98 -41.36
C ALA M 74 9.64 -14.04 -40.38
N GLY M 75 9.57 -15.31 -40.76
CA GLY M 75 10.09 -16.37 -39.92
C GLY M 75 11.51 -16.16 -39.44
N TRP M 76 12.38 -15.68 -40.34
CA TRP M 76 13.80 -15.56 -40.02
C TRP M 76 14.05 -14.48 -38.96
N GLU M 77 13.25 -13.42 -38.98
CA GLU M 77 13.50 -12.24 -38.18
C GLU M 77 13.40 -12.53 -36.70
N PHE M 78 12.37 -13.27 -36.28
CA PHE M 78 12.18 -13.53 -34.86
C PHE M 78 13.26 -14.45 -34.32
N ARG M 79 13.61 -15.51 -35.06
CA ARG M 79 14.70 -16.38 -34.62
C ARG M 79 15.98 -15.59 -34.43
N MET M 80 16.31 -14.74 -35.40
CA MET M 80 17.60 -14.05 -35.31
C MET M 80 17.60 -12.96 -34.24
N LEU M 81 16.48 -12.24 -34.06
CA LEU M 81 16.40 -11.31 -32.95
C LEU M 81 16.56 -12.02 -31.62
N HIS M 82 15.89 -13.17 -31.47
CA HIS M 82 15.99 -13.92 -30.22
C HIS M 82 17.42 -14.39 -29.99
N ALA M 83 18.09 -14.88 -31.05
CA ALA M 83 19.46 -15.35 -30.90
C ALA M 83 20.40 -14.22 -30.52
N THR M 84 20.27 -13.06 -31.15
CA THR M 84 21.25 -11.99 -30.96
C THR M 84 21.01 -11.21 -29.67
N THR M 85 19.76 -11.05 -29.25
CA THR M 85 19.49 -10.28 -28.05
C THR M 85 20.06 -10.95 -26.80
N ALA M 86 20.28 -12.26 -26.82
CA ALA M 86 20.89 -12.95 -25.69
C ALA M 86 22.27 -12.39 -25.36
N SER M 87 23.09 -12.22 -26.41
CA SER M 87 24.43 -11.67 -26.23
C SER M 87 24.36 -10.31 -25.55
N PHE M 88 23.40 -9.48 -25.94
CA PHE M 88 23.26 -8.16 -25.33
C PHE M 88 22.77 -8.26 -23.90
N VAL M 89 21.88 -9.22 -23.60
CA VAL M 89 21.52 -9.46 -22.21
C VAL M 89 22.77 -9.62 -21.37
N PHE M 90 23.66 -10.53 -21.80
CA PHE M 90 24.82 -10.83 -20.97
C PHE M 90 25.83 -9.69 -20.96
N LEU M 91 26.04 -9.03 -22.09
CA LEU M 91 26.98 -7.90 -22.14
C LEU M 91 26.53 -6.79 -21.19
N CYS M 92 25.24 -6.43 -21.26
CA CYS M 92 24.71 -5.41 -20.38
C CYS M 92 24.80 -5.83 -18.90
N ILE M 93 24.54 -7.10 -18.60
CA ILE M 93 24.64 -7.56 -17.22
C ILE M 93 26.08 -7.40 -16.72
N LEU M 94 27.05 -7.75 -17.54
CA LEU M 94 28.44 -7.68 -17.08
C LEU M 94 28.88 -6.24 -16.87
N ILE M 95 28.50 -5.34 -17.77
CA ILE M 95 28.77 -3.91 -17.53
C ILE M 95 28.11 -3.47 -16.22
N HIS M 96 26.87 -3.92 -16.01
CA HIS M 96 26.09 -3.51 -14.84
C HIS M 96 26.73 -4.01 -13.54
N MET M 97 27.26 -5.23 -13.56
CA MET M 97 27.97 -5.77 -12.40
C MET M 97 29.28 -5.01 -12.15
N THR M 98 30.08 -4.85 -13.19
CA THR M 98 31.39 -4.23 -13.03
C THR M 98 31.26 -2.80 -12.51
N ARG M 99 30.21 -2.09 -12.92
CA ARG M 99 30.00 -0.74 -12.40
C ARG M 99 29.93 -0.74 -10.87
N GLY M 100 29.33 -1.76 -10.29
CA GLY M 100 29.04 -1.75 -8.88
C GLY M 100 30.17 -2.37 -8.08
N LEU M 101 30.95 -3.22 -8.75
CA LEU M 101 32.25 -3.58 -8.19
C LEU M 101 33.18 -2.36 -8.14
N TYR M 102 33.17 -1.57 -9.21
CA TYR M 102 34.00 -0.37 -9.29
C TYR M 102 33.63 0.62 -8.20
N ASN M 103 32.33 0.83 -7.98
CA ASN M 103 31.89 1.84 -7.02
C ASN M 103 31.79 1.33 -5.59
N TRP M 104 31.89 0.02 -5.35
CA TRP M 104 31.58 -0.58 -4.06
C TRP M 104 30.13 -0.27 -3.67
N SER M 105 29.22 -0.53 -4.60
CA SER M 105 27.79 -0.31 -4.38
C SER M 105 27.29 -1.16 -3.22
N TYR M 106 27.80 -2.39 -3.09
CA TYR M 106 27.35 -3.34 -2.09
C TYR M 106 27.62 -2.91 -0.66
N SER M 107 28.30 -1.78 -0.45
CA SER M 107 28.55 -1.32 0.92
C SER M 107 27.24 -1.13 1.68
N TYR M 108 26.26 -0.50 1.04
CA TYR M 108 24.97 -0.21 1.66
C TYR M 108 23.79 -0.79 0.92
N LEU M 109 23.94 -1.15 -0.36
CA LEU M 109 22.89 -1.81 -1.13
C LEU M 109 23.07 -3.33 -1.02
N THR M 110 22.98 -3.78 0.23
CA THR M 110 23.27 -5.16 0.60
C THR M 110 22.31 -6.14 -0.09
N THR M 111 21.02 -6.03 0.23
CA THR M 111 20.04 -6.97 -0.31
C THR M 111 19.86 -6.80 -1.82
N ALA M 112 20.01 -5.58 -2.34
CA ALA M 112 19.99 -5.42 -3.78
C ALA M 112 21.10 -6.25 -4.43
N TRP M 113 22.31 -6.23 -3.85
CA TRP M 113 23.41 -7.00 -4.41
C TRP M 113 23.12 -8.50 -4.36
N MET M 114 22.56 -8.98 -3.24
CA MET M 114 22.17 -10.39 -3.17
C MET M 114 21.15 -10.72 -4.27
N SER M 115 20.12 -9.89 -4.41
CA SER M 115 19.10 -10.13 -5.42
C SER M 115 19.70 -10.18 -6.81
N GLY M 116 20.54 -9.21 -7.15
CA GLY M 116 21.35 -9.26 -8.35
C GLY M 116 22.01 -10.60 -8.62
N LEU M 117 22.71 -11.13 -7.62
CA LEU M 117 23.37 -12.42 -7.83
C LEU M 117 22.35 -13.50 -8.18
N VAL M 118 21.21 -13.51 -7.50
CA VAL M 118 20.20 -14.52 -7.79
C VAL M 118 19.69 -14.36 -9.22
N LEU M 119 19.50 -13.12 -9.65
CA LEU M 119 19.03 -12.88 -11.02
C LEU M 119 20.06 -13.37 -12.04
N TYR M 120 21.34 -13.17 -11.76
CA TYR M 120 22.37 -13.64 -12.68
C TYR M 120 22.36 -15.16 -12.78
N LEU M 121 22.19 -15.84 -11.65
CA LEU M 121 22.07 -17.30 -11.68
C LEU M 121 20.87 -17.74 -12.51
N LEU M 122 19.72 -17.09 -12.30
CA LEU M 122 18.55 -17.37 -13.12
C LEU M 122 18.84 -17.22 -14.59
N THR M 123 19.54 -16.15 -14.96
CA THR M 123 19.81 -15.88 -16.37
C THR M 123 20.73 -16.94 -16.97
N ILE M 124 21.78 -17.35 -16.24
CA ILE M 124 22.63 -18.43 -16.72
C ILE M 124 21.79 -19.67 -17.01
N ALA M 125 20.95 -20.06 -16.04
CA ALA M 125 20.14 -21.26 -16.22
C ALA M 125 19.24 -21.14 -17.44
N THR M 126 18.55 -20.00 -17.56
CA THR M 126 17.64 -19.78 -18.68
C THR M 126 18.37 -19.91 -20.00
N ALA M 127 19.49 -19.20 -20.15
CA ALA M 127 20.24 -19.27 -21.39
C ALA M 127 20.65 -20.70 -21.73
N PHE M 128 21.20 -21.42 -20.74
CA PHE M 128 21.71 -22.75 -21.07
C PHE M 128 20.58 -23.68 -21.49
N LEU M 129 19.42 -23.57 -20.83
CA LEU M 129 18.28 -24.37 -21.26
C LEU M 129 17.88 -24.03 -22.69
N GLY M 130 17.79 -22.73 -23.00
CA GLY M 130 17.53 -22.33 -24.38
C GLY M 130 18.51 -22.95 -25.36
N TYR M 131 19.78 -23.00 -24.99
CA TYR M 131 20.84 -23.41 -25.91
C TYR M 131 20.68 -24.86 -26.37
N VAL M 132 19.89 -25.67 -25.67
CA VAL M 132 19.70 -27.05 -26.07
C VAL M 132 18.56 -27.24 -27.05
N LEU M 133 17.63 -26.31 -27.13
CA LEU M 133 16.38 -26.54 -27.84
C LEU M 133 16.53 -26.68 -29.36
N PRO M 134 17.43 -25.97 -30.03
CA PRO M 134 17.57 -26.21 -31.49
C PRO M 134 18.08 -27.60 -31.84
N TRP M 135 18.69 -28.32 -30.90
CA TRP M 135 18.97 -29.74 -31.06
C TRP M 135 19.93 -30.01 -32.24
N GLY M 136 21.13 -29.44 -32.14
CA GLY M 136 22.25 -29.81 -32.97
C GLY M 136 23.34 -30.48 -32.16
N GLN M 137 24.46 -30.75 -32.85
CA GLN M 137 25.57 -31.45 -32.22
C GLN M 137 26.00 -30.76 -30.93
N MET M 138 26.29 -29.46 -31.02
CA MET M 138 26.76 -28.72 -29.86
C MET M 138 25.73 -28.79 -28.73
N SER M 139 24.45 -28.74 -29.06
CA SER M 139 23.42 -28.80 -28.02
C SER M 139 23.47 -30.12 -27.28
N PHE M 140 23.46 -31.23 -28.02
CA PHE M 140 23.47 -32.55 -27.41
C PHE M 140 24.70 -32.75 -26.54
N TRP M 141 25.88 -32.45 -27.08
CA TRP M 141 27.10 -32.74 -26.32
C TRP M 141 27.30 -31.75 -25.17
N GLY M 142 26.87 -30.50 -25.32
CA GLY M 142 26.85 -29.60 -24.18
C GLY M 142 25.98 -30.10 -23.05
N ALA M 143 24.76 -30.55 -23.39
CA ALA M 143 23.89 -31.10 -22.35
C ALA M 143 24.55 -32.29 -21.68
N THR M 144 25.14 -33.18 -22.47
CA THR M 144 25.85 -34.33 -21.92
C THR M 144 26.90 -33.88 -20.90
N VAL M 145 27.72 -32.90 -21.28
CA VAL M 145 28.82 -32.47 -20.41
C VAL M 145 28.27 -31.88 -19.12
N ILE M 146 27.34 -30.94 -19.23
CA ILE M 146 26.91 -30.27 -18.00
C ILE M 146 26.16 -31.24 -17.09
N THR M 147 25.43 -32.20 -17.65
CA THR M 147 24.74 -33.17 -16.79
C THR M 147 25.74 -34.11 -16.13
N ASN M 148 26.80 -34.49 -16.83
CA ASN M 148 27.84 -35.28 -16.19
C ASN M 148 28.57 -34.48 -15.11
N LEU M 149 28.60 -33.15 -15.23
CA LEU M 149 29.36 -32.35 -14.28
C LEU M 149 28.71 -32.35 -12.90
N LEU M 150 27.37 -32.46 -12.83
CA LEU M 150 26.66 -32.47 -11.56
C LEU M 150 26.33 -33.89 -11.10
N SER M 151 27.19 -34.85 -11.45
CA SER M 151 27.04 -36.27 -11.15
C SER M 151 27.26 -36.68 -9.69
N PRO M 152 28.00 -35.92 -8.85
CA PRO M 152 28.45 -36.48 -7.56
C PRO M 152 27.41 -37.26 -6.77
N ILE M 153 26.13 -36.97 -6.95
CA ILE M 153 25.06 -37.59 -6.17
C ILE M 153 24.42 -38.70 -6.99
N PRO M 154 24.23 -39.91 -6.43
CA PRO M 154 23.56 -40.98 -7.20
C PRO M 154 22.16 -40.62 -7.70
N TYR M 155 21.87 -41.11 -8.91
CA TYR M 155 20.53 -41.17 -9.47
C TYR M 155 19.94 -39.79 -9.78
N LEU M 156 20.59 -38.72 -9.32
CA LEU M 156 20.06 -37.40 -9.57
C LEU M 156 20.11 -37.06 -11.06
N VAL M 157 21.11 -37.58 -11.76
CA VAL M 157 21.36 -37.22 -13.15
C VAL M 157 20.44 -37.99 -14.08
N PRO M 158 20.30 -39.31 -13.94
CA PRO M 158 19.24 -39.99 -14.71
C PRO M 158 17.85 -39.46 -14.41
N TRP M 159 17.60 -39.00 -13.18
CA TRP M 159 16.30 -38.43 -12.84
C TRP M 159 16.07 -37.11 -13.54
N LEU M 160 17.05 -36.20 -13.46
CA LEU M 160 16.88 -34.89 -14.09
C LEU M 160 16.87 -35.02 -15.61
N LEU M 161 17.68 -35.93 -16.16
CA LEU M 161 17.59 -36.24 -17.58
C LEU M 161 16.24 -36.83 -17.93
N GLY M 162 15.81 -37.82 -17.16
CA GLY M 162 14.56 -38.50 -17.39
C GLY M 162 14.76 -39.91 -17.92
N GLY M 163 15.96 -40.45 -17.81
CA GLY M 163 16.45 -41.40 -18.79
C GLY M 163 17.92 -41.61 -18.57
N TYR M 164 18.45 -42.67 -19.20
CA TYR M 164 19.86 -42.98 -19.04
C TYR M 164 20.77 -42.08 -19.87
N TYR M 165 20.21 -41.33 -20.82
CA TYR M 165 20.99 -40.43 -21.65
C TYR M 165 20.08 -39.31 -22.13
N VAL M 166 20.69 -38.28 -22.72
CA VAL M 166 19.93 -37.14 -23.19
C VAL M 166 18.94 -37.60 -24.24
N SER M 167 17.67 -37.21 -24.07
CA SER M 167 16.58 -37.86 -24.78
C SER M 167 15.50 -36.84 -25.14
N ASP M 168 14.48 -37.32 -25.84
CA ASP M 168 13.31 -36.49 -26.15
C ASP M 168 12.60 -36.03 -24.88
N VAL M 169 12.56 -36.89 -23.86
CA VAL M 169 12.01 -36.50 -22.56
C VAL M 169 12.76 -35.30 -22.02
N THR M 170 14.09 -35.33 -22.15
CA THR M 170 14.91 -34.22 -21.72
C THR M 170 14.56 -32.94 -22.47
N LEU M 171 14.36 -33.06 -23.78
CA LEU M 171 13.97 -31.89 -24.58
C LEU M 171 12.65 -31.33 -24.10
N LYS M 172 11.65 -32.20 -23.89
CA LYS M 172 10.34 -31.72 -23.46
C LYS M 172 10.44 -30.92 -22.17
N ARG M 173 11.13 -31.47 -21.17
CA ARG M 173 11.16 -30.75 -19.90
C ARG M 173 12.07 -29.52 -19.96
N PHE M 174 13.13 -29.55 -20.77
CA PHE M 174 13.92 -28.34 -20.96
C PHE M 174 13.09 -27.24 -21.57
N PHE M 175 12.25 -27.60 -22.56
CA PHE M 175 11.39 -26.61 -23.20
C PHE M 175 10.43 -25.99 -22.20
N VAL M 176 9.79 -26.80 -21.37
CA VAL M 176 8.85 -26.26 -20.39
C VAL M 176 9.58 -25.37 -19.38
N LEU M 177 10.76 -25.82 -18.91
CA LEU M 177 11.50 -25.03 -17.94
C LEU M 177 11.96 -23.70 -18.52
N HIS M 178 12.43 -23.71 -19.76
CA HIS M 178 12.84 -22.49 -20.44
C HIS M 178 11.66 -21.56 -20.64
N PHE M 179 10.47 -22.13 -20.84
CA PHE M 179 9.25 -21.32 -20.83
C PHE M 179 9.07 -20.62 -19.51
N ILE M 180 9.24 -21.35 -18.40
CA ILE M 180 8.77 -20.82 -17.11
C ILE M 180 9.77 -19.83 -16.50
N LEU M 181 11.07 -20.14 -16.54
CA LEU M 181 12.01 -19.40 -15.70
C LEU M 181 12.00 -17.89 -15.93
N PRO M 182 11.97 -17.36 -17.16
CA PRO M 182 11.98 -15.90 -17.33
C PRO M 182 10.96 -15.14 -16.48
N PHE M 183 9.76 -15.68 -16.33
CA PHE M 183 8.73 -14.99 -15.57
C PHE M 183 9.07 -14.96 -14.07
N ILE M 184 9.69 -16.02 -13.57
CA ILE M 184 10.22 -15.99 -12.22
C ILE M 184 11.28 -14.89 -12.11
N GLY M 185 12.18 -14.82 -13.08
CA GLY M 185 12.95 -13.62 -13.31
C GLY M 185 12.24 -12.30 -13.06
N CYS M 186 11.11 -12.10 -13.74
CA CYS M 186 10.37 -10.84 -13.60
C CYS M 186 9.98 -10.59 -12.15
N ILE M 187 9.46 -11.62 -11.48
CA ILE M 187 9.08 -11.45 -10.07
C ILE M 187 10.30 -11.02 -9.24
N ILE M 188 11.43 -11.69 -9.45
CA ILE M 188 12.62 -11.32 -8.69
C ILE M 188 13.08 -9.91 -9.04
N ILE M 189 12.80 -9.45 -10.26
CA ILE M 189 13.14 -8.08 -10.62
C ILE M 189 12.36 -7.09 -9.76
N VAL M 190 11.07 -7.36 -9.57
CA VAL M 190 10.28 -6.48 -8.69
C VAL M 190 10.90 -6.45 -7.30
N LEU M 191 11.30 -7.63 -6.80
CA LEU M 191 11.94 -7.69 -5.49
C LEU M 191 13.24 -6.86 -5.46
N HIS M 192 14.07 -7.03 -6.48
CA HIS M 192 15.28 -6.24 -6.68
C HIS M 192 15.03 -4.76 -6.51
N ILE M 193 14.06 -4.24 -7.27
CA ILE M 193 13.80 -2.82 -7.27
C ILE M 193 13.26 -2.36 -5.92
N PHE M 194 12.49 -3.21 -5.23
CA PHE M 194 12.07 -2.86 -3.88
C PHE M 194 13.27 -2.57 -3.01
N TYR M 195 14.23 -3.51 -2.94
CA TYR M 195 15.40 -3.26 -2.11
C TYR M 195 16.15 -2.02 -2.57
N LEU M 196 16.25 -1.81 -3.88
CA LEU M 196 16.99 -0.65 -4.38
C LEU M 196 16.36 0.64 -3.87
N HIS M 197 15.10 0.90 -4.24
CA HIS M 197 14.50 2.17 -3.87
C HIS M 197 14.27 2.30 -2.37
N LEU M 198 14.38 1.21 -1.61
CA LEU M 198 14.41 1.35 -0.15
C LEU M 198 15.56 2.22 0.29
N ASN M 199 16.71 2.13 -0.39
CA ASN M 199 17.92 2.85 -0.02
C ASN M 199 18.11 4.11 -0.84
N GLY M 200 18.16 3.98 -2.16
CA GLY M 200 18.49 5.07 -3.05
C GLY M 200 19.86 4.87 -3.67
N SER M 201 20.01 5.28 -4.92
CA SER M 201 21.21 4.97 -5.67
C SER M 201 22.41 5.77 -5.17
N SER M 202 23.59 5.30 -5.54
CA SER M 202 24.85 5.95 -5.23
C SER M 202 25.26 6.89 -6.36
N ASN M 203 26.20 7.78 -6.04
CA ASN M 203 26.79 8.67 -7.04
C ASN M 203 28.03 8.02 -7.63
N PRO M 204 28.48 8.49 -8.80
CA PRO M 204 29.84 8.16 -9.23
C PRO M 204 30.92 8.73 -8.32
N ALA M 205 30.63 9.85 -7.66
CA ALA M 205 31.57 10.47 -6.73
C ALA M 205 31.61 9.78 -5.38
N GLY M 206 30.62 8.92 -5.09
CA GLY M 206 30.49 8.34 -3.76
C GLY M 206 30.45 9.32 -2.62
N ILE M 207 29.69 10.42 -2.77
CA ILE M 207 29.36 11.27 -1.64
C ILE M 207 27.85 11.32 -1.49
N ASP M 208 27.41 11.86 -0.36
CA ASP M 208 26.01 12.16 -0.10
C ASP M 208 25.76 13.62 -0.42
N THR M 209 24.69 13.90 -1.15
CA THR M 209 24.47 15.25 -1.67
C THR M 209 22.99 15.59 -1.66
N ALA M 210 22.70 16.88 -1.50
CA ALA M 210 21.35 17.40 -1.57
C ALA M 210 21.00 17.95 -2.96
N LEU M 211 21.96 18.00 -3.88
CA LEU M 211 21.72 18.53 -5.22
C LEU M 211 21.05 17.45 -6.07
N LYS M 212 19.80 17.15 -5.69
CA LYS M 212 19.00 16.16 -6.39
C LYS M 212 18.11 16.82 -7.43
N VAL M 213 17.62 16.00 -8.36
CA VAL M 213 16.78 16.46 -9.46
C VAL M 213 15.84 15.34 -9.86
N ALA M 214 14.65 15.71 -10.31
CA ALA M 214 13.66 14.67 -10.56
C ALA M 214 13.96 13.90 -11.85
N PHE M 215 13.31 12.74 -11.96
CA PHE M 215 13.64 11.73 -12.96
C PHE M 215 13.04 12.05 -14.32
N TYR M 216 11.73 12.35 -14.35
CA TYR M 216 10.98 12.32 -15.61
C TYR M 216 11.63 13.13 -16.71
N PRO M 217 11.98 14.38 -16.53
CA PRO M 217 12.54 15.14 -17.66
C PRO M 217 13.98 14.82 -17.95
N HIS M 218 14.86 14.82 -16.94
CA HIS M 218 16.28 14.73 -17.24
C HIS M 218 16.71 13.28 -17.51
N MET M 219 16.53 12.37 -16.53
CA MET M 219 17.12 11.05 -16.69
C MET M 219 16.35 10.15 -17.65
N LEU M 220 15.04 10.35 -17.75
CA LEU M 220 14.22 9.56 -18.66
C LEU M 220 14.73 9.71 -20.09
N MET M 221 15.16 10.91 -20.47
CA MET M 221 15.63 11.13 -21.84
C MET M 221 16.95 10.41 -22.10
N THR M 222 17.83 10.35 -21.11
CA THR M 222 19.07 9.58 -21.29
C THR M 222 18.77 8.10 -21.43
N ASP M 223 17.87 7.58 -20.60
CA ASP M 223 17.41 6.21 -20.78
C ASP M 223 16.94 5.98 -22.22
N ALA M 224 16.11 6.89 -22.73
CA ALA M 224 15.58 6.75 -24.08
C ALA M 224 16.69 6.78 -25.12
N LYS M 225 17.67 7.67 -24.96
CA LYS M 225 18.77 7.77 -25.92
C LYS M 225 19.54 6.45 -26.01
N CYS M 226 19.97 5.95 -24.86
CA CYS M 226 20.68 4.67 -24.85
C CYS M 226 19.82 3.57 -25.43
N LEU M 227 18.52 3.60 -25.16
CA LEU M 227 17.60 2.60 -25.71
C LEU M 227 17.63 2.63 -27.23
N SER M 228 17.63 3.83 -27.82
CA SER M 228 17.76 3.95 -29.26
C SER M 228 19.04 3.29 -29.76
N TYR M 229 20.17 3.60 -29.11
CA TYR M 229 21.44 3.00 -29.54
C TYR M 229 21.35 1.48 -29.52
N LEU M 230 20.81 0.92 -28.45
CA LEU M 230 20.79 -0.53 -28.30
C LEU M 230 19.90 -1.19 -29.35
N ILE M 231 18.72 -0.62 -29.60
CA ILE M 231 17.84 -1.15 -30.63
C ILE M 231 18.54 -1.12 -31.99
N GLY M 232 19.12 0.02 -32.34
CA GLY M 232 20.02 0.10 -33.46
C GLY M 232 21.00 -1.05 -33.61
N LEU M 233 21.84 -1.23 -32.58
CA LEU M 233 22.92 -2.21 -32.67
C LEU M 233 22.39 -3.63 -32.80
N ILE M 234 21.35 -3.96 -32.04
CA ILE M 234 20.75 -5.28 -32.17
C ILE M 234 20.32 -5.52 -33.61
N PHE M 235 19.63 -4.55 -34.21
CA PHE M 235 19.17 -4.77 -35.58
C PHE M 235 20.33 -4.85 -36.56
N LEU M 236 21.36 -4.03 -36.38
CA LEU M 236 22.54 -4.10 -37.24
C LEU M 236 23.10 -5.51 -37.26
N GLN M 237 23.45 -6.04 -36.09
CA GLN M 237 24.04 -7.38 -36.03
C GLN M 237 23.05 -8.44 -36.50
N ALA M 238 21.77 -8.28 -36.19
CA ALA M 238 20.78 -9.29 -36.54
C ALA M 238 20.59 -9.39 -38.05
N ALA M 239 20.54 -8.25 -38.73
CA ALA M 239 20.23 -8.25 -40.16
C ALA M 239 21.46 -8.52 -41.01
N PHE M 240 22.64 -8.05 -40.62
CA PHE M 240 23.81 -8.16 -41.50
C PHE M 240 24.83 -9.19 -41.07
N GLY M 241 24.85 -9.60 -39.81
CA GLY M 241 25.84 -10.54 -39.33
C GLY M 241 27.28 -10.04 -39.44
N LEU M 242 27.64 -9.11 -38.55
CA LEU M 242 29.00 -8.58 -38.55
C LEU M 242 29.97 -9.49 -37.81
N MET M 243 29.55 -10.06 -36.69
CA MET M 243 30.41 -10.85 -35.83
C MET M 243 29.91 -12.30 -35.76
N GLU M 244 30.86 -13.23 -35.66
CA GLU M 244 30.55 -14.65 -35.53
C GLU M 244 30.35 -15.01 -34.06
N LEU M 245 29.23 -14.53 -33.52
CA LEU M 245 28.94 -14.72 -32.10
C LEU M 245 28.75 -16.19 -31.77
N SER M 246 28.06 -16.93 -32.63
CA SER M 246 27.77 -18.35 -32.40
C SER M 246 28.55 -19.21 -33.39
N HIS M 247 29.11 -20.30 -32.89
CA HIS M 247 29.90 -21.19 -33.72
C HIS M 247 29.01 -21.91 -34.73
N PRO M 248 29.59 -22.35 -35.85
CA PRO M 248 28.77 -23.01 -36.89
C PRO M 248 28.30 -24.41 -36.52
N ASP M 249 28.90 -25.05 -35.51
CA ASP M 249 28.77 -26.49 -35.34
C ASP M 249 27.41 -26.93 -34.81
N ASN M 250 26.57 -25.99 -34.36
CA ASN M 250 25.19 -26.34 -34.02
C ASN M 250 24.31 -26.49 -35.24
N SER M 251 24.86 -26.26 -36.44
CA SER M 251 24.15 -26.41 -37.70
C SER M 251 24.11 -27.85 -38.19
N ILE M 252 24.77 -28.76 -37.50
CA ILE M 252 24.87 -30.16 -37.92
C ILE M 252 23.91 -30.99 -37.07
N PRO M 253 23.12 -31.89 -37.68
CA PRO M 253 22.30 -32.80 -36.87
C PRO M 253 23.10 -33.59 -35.83
N VAL M 254 22.39 -34.02 -34.79
CA VAL M 254 23.01 -34.73 -33.69
C VAL M 254 23.44 -36.12 -34.12
N ASN M 255 24.57 -36.58 -33.57
CA ASN M 255 24.98 -37.99 -33.63
C ASN M 255 25.40 -38.39 -32.23
N ARG M 256 24.80 -39.46 -31.71
CA ARG M 256 25.03 -39.86 -30.33
C ARG M 256 26.34 -40.60 -30.12
N PHE M 257 27.05 -40.95 -31.19
CA PHE M 257 28.27 -41.75 -31.08
C PHE M 257 29.48 -41.07 -31.70
N VAL M 258 29.40 -39.78 -32.01
CA VAL M 258 30.54 -39.05 -32.59
C VAL M 258 30.49 -37.60 -32.12
N THR M 259 31.58 -37.13 -31.52
CA THR M 259 31.67 -35.75 -31.09
C THR M 259 32.12 -34.85 -32.24
N PRO M 260 31.87 -33.55 -32.13
CA PRO M 260 32.45 -32.60 -33.08
C PRO M 260 33.94 -32.40 -32.82
N LEU M 261 34.70 -32.21 -33.90
CA LEU M 261 36.16 -32.22 -33.79
C LEU M 261 36.72 -30.96 -33.13
N HIS M 262 35.96 -29.86 -33.12
CA HIS M 262 36.38 -28.63 -32.46
C HIS M 262 35.19 -28.06 -31.70
N ILE M 263 35.45 -27.53 -30.50
CA ILE M 263 34.39 -27.20 -29.56
C ILE M 263 34.64 -25.80 -29.00
N VAL M 264 33.60 -24.96 -29.08
CA VAL M 264 33.65 -23.59 -28.58
C VAL M 264 32.25 -23.22 -28.08
N PRO M 265 32.02 -23.13 -26.77
CA PRO M 265 30.72 -22.63 -26.30
C PRO M 265 30.44 -21.20 -26.74
N GLU M 266 29.21 -20.76 -26.45
CA GLU M 266 28.85 -19.36 -26.59
C GLU M 266 29.76 -18.50 -25.72
N TRP M 267 30.07 -17.29 -26.19
CA TRP M 267 31.14 -16.52 -25.59
C TRP M 267 30.91 -16.31 -24.09
N TYR M 268 29.67 -16.05 -23.69
CA TYR M 268 29.36 -15.81 -22.29
C TYR M 268 29.58 -17.04 -21.41
N PHE M 269 29.99 -18.17 -21.98
CA PHE M 269 30.34 -19.35 -21.21
C PHE M 269 31.80 -19.75 -21.33
N LEU M 270 32.62 -18.97 -22.03
CA LEU M 270 33.97 -19.45 -22.34
C LEU M 270 34.86 -19.47 -21.10
N ALA M 271 34.80 -18.42 -20.27
CA ALA M 271 35.65 -18.40 -19.09
C ALA M 271 35.45 -19.65 -18.24
N TYR M 272 34.20 -19.97 -17.93
CA TYR M 272 33.92 -21.22 -17.22
C TYR M 272 34.60 -22.39 -17.91
N TYR M 273 34.37 -22.51 -19.22
CA TYR M 273 34.99 -23.59 -19.98
C TYR M 273 36.50 -23.62 -19.75
N ALA M 274 37.15 -22.45 -19.77
CA ALA M 274 38.59 -22.41 -19.55
C ALA M 274 38.97 -23.12 -18.26
N VAL M 275 38.23 -22.86 -17.19
CA VAL M 275 38.55 -23.51 -15.91
C VAL M 275 38.48 -25.02 -16.07
N LEU M 276 37.40 -25.53 -16.67
CA LEU M 276 37.27 -26.97 -16.82
C LEU M 276 38.41 -27.56 -17.64
N LYS M 277 39.15 -26.74 -18.37
CA LYS M 277 40.27 -27.24 -19.15
C LYS M 277 41.54 -27.39 -18.34
N VAL M 278 41.73 -26.59 -17.30
CA VAL M 278 43.05 -26.42 -16.71
C VAL M 278 43.20 -27.00 -15.31
N ILE M 279 42.12 -27.15 -14.55
CA ILE M 279 42.22 -27.71 -13.21
C ILE M 279 42.15 -29.23 -13.33
N PRO M 280 43.06 -29.98 -12.68
CA PRO M 280 43.10 -31.43 -12.91
C PRO M 280 41.88 -32.18 -12.35
N SER M 281 41.56 -31.97 -11.08
CA SER M 281 40.46 -32.69 -10.45
C SER M 281 39.13 -32.09 -10.87
N LYS M 282 38.18 -32.95 -11.26
CA LYS M 282 36.88 -32.46 -11.69
C LYS M 282 36.15 -31.76 -10.53
N THR M 283 36.23 -32.33 -9.34
CA THR M 283 35.62 -31.69 -8.18
C THR M 283 36.26 -30.34 -7.88
N GLY M 284 37.58 -30.24 -8.05
CA GLY M 284 38.21 -28.93 -7.91
C GLY M 284 37.59 -27.93 -8.87
N GLY M 285 37.40 -28.36 -10.12
CA GLY M 285 36.68 -27.58 -11.09
C GLY M 285 35.39 -27.00 -10.54
N LEU M 286 34.48 -27.88 -10.18
CA LEU M 286 33.16 -27.42 -9.70
C LEU M 286 33.30 -26.52 -8.47
N LEU M 287 34.24 -26.85 -7.58
CA LEU M 287 34.41 -26.07 -6.37
C LEU M 287 34.92 -24.67 -6.65
N VAL M 288 35.64 -24.47 -7.75
CA VAL M 288 36.08 -23.12 -8.09
C VAL M 288 34.88 -22.23 -8.36
N PHE M 289 33.92 -22.71 -9.16
CA PHE M 289 32.70 -21.95 -9.39
C PHE M 289 31.98 -21.67 -8.07
N MET M 290 31.79 -22.72 -7.27
CA MET M 290 31.07 -22.54 -6.01
C MET M 290 31.76 -21.51 -5.13
N SER M 291 33.08 -21.58 -5.03
CA SER M 291 33.87 -20.70 -4.17
C SER M 291 33.80 -19.26 -4.64
N SER M 292 33.97 -19.04 -5.95
CA SER M 292 33.93 -17.67 -6.46
C SER M 292 32.56 -17.04 -6.25
N LEU M 293 31.49 -17.80 -6.49
CA LEU M 293 30.15 -17.26 -6.25
C LEU M 293 29.94 -16.97 -4.77
N ILE M 294 30.44 -17.84 -3.89
CA ILE M 294 30.33 -17.59 -2.45
C ILE M 294 31.09 -16.32 -2.07
N ASN M 295 32.27 -16.12 -2.67
CA ASN M 295 33.04 -14.91 -2.39
C ASN M 295 32.26 -13.67 -2.79
N LEU M 296 31.65 -13.69 -3.98
CA LEU M 296 30.84 -12.54 -4.40
C LEU M 296 29.70 -12.31 -3.42
N GLY M 297 29.00 -13.37 -3.03
CA GLY M 297 27.98 -13.23 -2.01
C GLY M 297 28.49 -12.57 -0.74
N LEU M 298 29.71 -12.92 -0.33
CA LEU M 298 30.26 -12.42 0.93
C LEU M 298 30.41 -10.91 0.96
N LEU M 299 30.48 -10.25 -0.20
CA LEU M 299 30.66 -8.81 -0.22
C LEU M 299 29.47 -8.06 0.34
N SER M 300 28.33 -8.73 0.51
CA SER M 300 27.11 -8.04 0.95
C SER M 300 27.27 -7.44 2.34
N GLU M 301 28.11 -8.02 3.19
CA GLU M 301 28.30 -7.57 4.56
C GLU M 301 29.77 -7.24 4.83
N ILE M 302 30.39 -6.53 3.88
CA ILE M 302 31.79 -6.15 4.01
C ILE M 302 32.04 -5.18 5.16
N ARG M 303 31.01 -4.43 5.58
CA ARG M 303 31.19 -3.48 6.67
C ARG M 303 31.56 -4.17 7.98
N ALA M 304 31.22 -5.44 8.12
CA ALA M 304 31.42 -6.18 9.36
C ALA M 304 32.80 -6.81 9.45
N LEU M 305 33.46 -7.04 8.34
CA LEU M 305 34.75 -7.71 8.29
C LEU M 305 35.90 -6.84 8.77
N ASN M 306 35.62 -5.67 9.33
CA ASN M 306 36.66 -4.76 9.78
C ASN M 306 36.01 -3.70 10.67
N THR M 307 36.82 -3.09 11.52
CA THR M 307 36.35 -2.08 12.46
C THR M 307 36.71 -0.66 12.04
N ARG M 308 37.44 -0.49 10.95
CA ARG M 308 37.62 0.84 10.37
C ARG M 308 36.36 1.24 9.62
N MET M 309 35.97 2.51 9.79
CA MET M 309 34.76 3.00 9.15
C MET M 309 35.00 3.17 7.65
N LEU M 310 34.05 2.72 6.86
CA LEU M 310 34.23 2.49 5.43
C LEU M 310 33.81 3.71 4.61
N ILE M 311 34.46 3.87 3.45
CA ILE M 311 34.11 4.89 2.48
C ILE M 311 33.95 4.22 1.12
N ARG M 312 33.19 4.86 0.25
CA ARG M 312 32.91 4.32 -1.08
C ARG M 312 33.91 4.77 -2.13
N GLN M 313 34.65 5.85 -1.89
CA GLN M 313 35.68 6.29 -2.83
C GLN M 313 36.84 5.30 -2.82
N GLN M 314 37.10 4.69 -3.97
CA GLN M 314 38.22 3.79 -4.15
C GLN M 314 39.44 4.46 -4.75
N PHE M 315 39.37 5.76 -5.04
CA PHE M 315 40.49 6.55 -5.53
C PHE M 315 41.27 5.82 -6.62
N MET M 316 40.55 5.39 -7.66
CA MET M 316 41.17 4.69 -8.78
C MET M 316 41.56 5.61 -9.92
N THR M 317 41.18 6.89 -9.88
CA THR M 317 41.55 7.83 -10.93
C THR M 317 42.98 8.30 -10.74
N ARG M 318 43.77 8.25 -11.81
CA ARG M 318 45.18 8.62 -11.84
C ARG M 318 46.07 7.68 -11.05
N ASN M 319 45.55 6.55 -10.59
CA ASN M 319 46.25 5.72 -9.61
C ASN M 319 47.08 4.66 -10.32
N VAL M 320 48.40 4.68 -10.07
CA VAL M 320 49.30 3.70 -10.64
C VAL M 320 49.02 2.30 -10.09
N VAL M 321 48.37 2.20 -8.94
CA VAL M 321 48.05 0.89 -8.36
C VAL M 321 46.85 0.25 -9.05
N SER M 322 46.05 1.02 -9.78
CA SER M 322 44.85 0.50 -10.44
C SER M 322 43.89 0.02 -9.35
N GLY M 323 43.18 -1.08 -9.57
CA GLY M 323 42.27 -1.61 -8.57
C GLY M 323 41.96 -3.06 -8.87
N TRP M 324 41.53 -3.78 -7.83
CA TRP M 324 41.35 -5.21 -7.96
C TRP M 324 40.28 -5.56 -8.98
N VAL M 325 39.28 -4.69 -9.16
CA VAL M 325 38.22 -4.96 -10.12
C VAL M 325 38.77 -4.94 -11.55
N ILE M 326 39.68 -4.02 -11.83
CA ILE M 326 40.26 -3.94 -13.17
C ILE M 326 41.11 -5.17 -13.47
N ILE M 327 41.91 -5.60 -12.50
CA ILE M 327 42.68 -6.83 -12.66
C ILE M 327 41.75 -8.02 -12.84
N TRP M 328 40.63 -8.04 -12.12
CA TRP M 328 39.63 -9.08 -12.30
C TRP M 328 39.10 -9.11 -13.72
N VAL M 329 38.76 -7.94 -14.26
CA VAL M 329 38.22 -7.86 -15.61
C VAL M 329 39.23 -8.37 -16.62
N TYR M 330 40.48 -7.93 -16.49
CA TYR M 330 41.49 -8.34 -17.47
C TYR M 330 41.80 -9.82 -17.35
N SER M 331 41.82 -10.36 -16.13
CA SER M 331 41.99 -11.80 -15.94
C SER M 331 40.85 -12.56 -16.60
N MET M 332 39.62 -12.08 -16.45
CA MET M 332 38.46 -12.74 -17.04
C MET M 332 38.54 -12.73 -18.56
N ILE M 333 38.95 -11.59 -19.14
CA ILE M 333 39.11 -11.52 -20.59
C ILE M 333 40.19 -12.48 -21.05
N PHE M 334 41.31 -12.55 -20.32
CA PHE M 334 42.36 -13.50 -20.65
C PHE M 334 41.83 -14.93 -20.61
N LEU M 335 40.99 -15.23 -19.63
CA LEU M 335 40.41 -16.57 -19.55
C LEU M 335 39.49 -16.84 -20.74
N ILE M 336 38.75 -15.84 -21.20
CA ILE M 336 37.95 -16.02 -22.41
C ILE M 336 38.86 -16.37 -23.58
N ILE M 337 39.94 -15.61 -23.75
CA ILE M 337 40.90 -15.90 -24.81
C ILE M 337 41.33 -17.35 -24.76
N ILE M 338 41.71 -17.82 -23.57
CA ILE M 338 42.27 -19.17 -23.48
C ILE M 338 41.18 -20.23 -23.65
N GLY M 339 40.00 -20.01 -23.04
CA GLY M 339 38.82 -20.76 -23.39
C GLY M 339 38.72 -21.07 -24.86
N SER M 340 38.87 -20.04 -25.70
CA SER M 340 38.64 -20.23 -27.12
C SER M 340 39.62 -21.18 -27.79
N ALA M 341 40.82 -21.35 -27.27
CA ALA M 341 41.86 -22.06 -28.02
C ALA M 341 41.84 -23.57 -27.75
N ILE M 342 42.67 -24.29 -28.49
CA ILE M 342 42.76 -25.74 -28.39
C ILE M 342 43.43 -26.11 -27.06
N PRO M 343 43.31 -27.36 -26.61
CA PRO M 343 44.05 -27.80 -25.41
C PRO M 343 45.50 -28.07 -25.75
N GLN M 344 46.40 -27.25 -25.22
CA GLN M 344 47.83 -27.47 -25.39
C GLN M 344 48.55 -26.95 -24.16
N ALA M 345 49.71 -27.56 -23.88
CA ALA M 345 50.41 -27.34 -22.62
C ALA M 345 50.60 -25.86 -22.31
N THR M 346 51.02 -25.08 -23.30
CA THR M 346 51.33 -23.68 -23.04
C THR M 346 50.07 -22.88 -22.74
N TYR M 347 49.01 -23.12 -23.52
CA TYR M 347 47.73 -22.50 -23.21
C TYR M 347 47.30 -22.86 -21.80
N ILE M 348 47.50 -24.11 -21.38
CA ILE M 348 47.13 -24.53 -20.03
C ILE M 348 47.97 -23.82 -18.99
N LEU M 349 49.25 -23.61 -19.28
CA LEU M 349 50.14 -22.95 -18.33
C LEU M 349 49.69 -21.51 -18.08
N TYR M 350 49.50 -20.75 -19.16
CA TYR M 350 49.02 -19.38 -18.98
C TYR M 350 47.59 -19.36 -18.45
N GLY M 351 46.78 -20.37 -18.80
CA GLY M 351 45.51 -20.60 -18.14
C GLY M 351 45.62 -20.65 -16.63
N ARG M 352 46.55 -21.44 -16.12
CA ARG M 352 46.66 -21.59 -14.67
C ARG M 352 47.15 -20.30 -14.02
N LEU M 353 48.07 -19.60 -14.69
CA LEU M 353 48.44 -18.26 -14.21
C LEU M 353 47.22 -17.35 -14.10
N ALA M 354 46.43 -17.27 -15.17
CA ALA M 354 45.26 -16.40 -15.18
C ALA M 354 44.23 -16.84 -14.16
N THR M 355 44.07 -18.16 -13.98
CA THR M 355 43.12 -18.68 -13.00
C THR M 355 43.51 -18.26 -11.59
N ILE M 356 44.79 -18.37 -11.26
CA ILE M 356 45.24 -17.95 -9.94
C ILE M 356 44.97 -16.47 -9.75
N LEU M 357 45.24 -15.66 -10.78
CA LEU M 357 44.93 -14.23 -10.67
C LEU M 357 43.44 -14.01 -10.43
N TYR M 358 42.59 -14.71 -11.19
CA TYR M 358 41.15 -14.53 -11.10
C TYR M 358 40.63 -14.88 -9.71
N LEU M 359 41.15 -15.96 -9.12
CA LEU M 359 40.71 -16.37 -7.80
C LEU M 359 41.22 -15.41 -6.72
N THR M 360 42.50 -15.06 -6.78
CA THR M 360 43.10 -14.25 -5.72
C THR M 360 42.49 -12.85 -5.69
N THR M 361 42.31 -12.24 -6.85
CA THR M 361 41.81 -10.86 -6.87
C THR M 361 40.36 -10.79 -6.45
N GLY M 362 39.64 -11.90 -6.45
CA GLY M 362 38.31 -11.96 -5.88
C GLY M 362 38.36 -12.12 -4.37
N LEU M 363 39.21 -13.03 -3.89
CA LEU M 363 39.39 -13.17 -2.45
C LEU M 363 39.75 -11.84 -1.80
N VAL M 364 40.61 -11.05 -2.46
CA VAL M 364 41.24 -9.91 -1.80
C VAL M 364 40.33 -8.71 -1.61
N LEU M 365 39.15 -8.71 -2.22
CA LEU M 365 38.25 -7.57 -2.09
C LEU M 365 37.82 -7.30 -0.65
N CYS M 366 37.96 -8.29 0.24
CA CYS M 366 37.45 -8.19 1.61
C CYS M 366 38.46 -7.60 2.58
N LEU M 367 39.66 -7.24 2.14
CA LEU M 367 40.80 -7.04 3.04
C LEU M 367 41.08 -5.57 3.36
N TYR M 368 40.16 -4.66 3.09
CA TYR M 368 40.39 -3.26 3.41
C TYR M 368 40.76 -3.08 4.87
N GLU N 156 46.44 -33.47 -32.29
CA GLU N 156 45.62 -32.52 -33.03
C GLU N 156 46.37 -31.21 -33.24
N LYS N 157 45.86 -30.37 -34.14
CA LYS N 157 46.53 -29.13 -34.50
C LYS N 157 45.49 -28.06 -34.82
N GLU N 158 45.91 -26.80 -34.75
CA GLU N 158 45.11 -25.71 -35.27
C GLU N 158 45.18 -25.71 -36.79
N PRO N 159 44.07 -25.92 -37.50
CA PRO N 159 44.12 -25.85 -38.96
C PRO N 159 44.35 -24.43 -39.45
N PRO N 160 44.94 -24.26 -40.63
CA PRO N 160 45.12 -22.91 -41.17
C PRO N 160 43.79 -22.25 -41.53
N HIS N 161 43.87 -20.94 -41.79
CA HIS N 161 42.71 -20.13 -42.16
C HIS N 161 42.74 -19.79 -43.65
N PRO N 162 41.62 -19.89 -44.36
CA PRO N 162 41.66 -19.65 -45.82
C PRO N 162 41.85 -18.18 -46.14
N PRO N 163 42.28 -17.86 -47.36
CA PRO N 163 42.24 -16.47 -47.83
C PRO N 163 40.83 -16.00 -48.13
N SER N 164 40.65 -14.68 -48.10
CA SER N 164 39.37 -14.06 -48.41
C SER N 164 39.27 -13.79 -49.91
N TYR N 165 38.29 -14.46 -50.56
CA TYR N 165 37.99 -14.22 -51.96
C TYR N 165 36.94 -13.11 -52.09
N PRO N 166 36.99 -12.30 -53.15
CA PRO N 166 35.99 -11.22 -53.32
C PRO N 166 34.70 -11.69 -54.00
N PHE N 167 33.97 -12.58 -53.33
CA PHE N 167 32.64 -12.94 -53.81
C PHE N 167 31.75 -11.70 -53.82
N TRP N 168 30.88 -11.61 -54.83
CA TRP N 168 30.08 -10.39 -54.99
C TRP N 168 29.22 -10.10 -53.77
N PHE N 169 28.79 -11.15 -53.06
CA PHE N 169 27.79 -10.96 -52.01
C PHE N 169 28.36 -10.45 -50.69
N LYS N 170 29.65 -10.67 -50.41
CA LYS N 170 30.15 -10.41 -49.07
C LYS N 170 30.35 -8.92 -48.79
N SER N 171 29.81 -8.04 -49.61
CA SER N 171 29.68 -6.63 -49.26
C SER N 171 28.33 -6.41 -48.58
N LEU N 172 28.24 -5.30 -47.86
CA LEU N 172 27.04 -5.02 -47.09
C LEU N 172 25.89 -4.52 -47.94
N PHE N 173 26.16 -3.99 -49.15
CA PHE N 173 25.13 -3.46 -50.02
C PHE N 173 24.80 -4.37 -51.19
N HIS N 174 25.50 -5.50 -51.34
CA HIS N 174 25.36 -6.32 -52.53
C HIS N 174 24.42 -7.49 -52.29
N SER N 175 23.78 -7.93 -53.37
CA SER N 175 22.92 -9.10 -53.35
C SER N 175 23.72 -10.33 -53.77
N HIS N 176 23.02 -11.43 -54.03
CA HIS N 176 23.62 -12.54 -54.73
C HIS N 176 23.70 -12.22 -56.22
N ASP N 177 24.45 -13.05 -56.94
CA ASP N 177 24.78 -12.82 -58.34
C ASP N 177 24.15 -13.97 -59.14
N ILE N 178 22.97 -13.72 -59.68
CA ILE N 178 22.06 -14.79 -60.08
C ILE N 178 22.61 -15.65 -61.22
N PRO N 179 23.26 -15.08 -62.25
CA PRO N 179 23.84 -15.96 -63.27
C PRO N 179 24.81 -16.99 -62.70
N SER N 180 25.65 -16.56 -61.75
CA SER N 180 26.53 -17.49 -61.06
C SER N 180 25.73 -18.57 -60.34
N VAL N 181 24.58 -18.20 -59.78
CA VAL N 181 23.75 -19.17 -59.07
C VAL N 181 23.18 -20.19 -60.04
N ARG N 182 22.70 -19.74 -61.20
CA ARG N 182 22.23 -20.68 -62.21
C ARG N 182 23.33 -21.67 -62.59
N ARG N 183 24.52 -21.16 -62.87
CA ARG N 183 25.62 -22.03 -63.28
C ARG N 183 26.00 -22.99 -62.16
N GLY N 184 26.00 -22.51 -60.92
CA GLY N 184 26.30 -23.37 -59.79
C GLY N 184 25.29 -24.49 -59.63
N TYR N 185 24.01 -24.18 -59.82
CA TYR N 185 22.97 -25.20 -59.79
C TYR N 185 23.21 -26.25 -60.86
N GLU N 186 23.58 -25.81 -62.07
CA GLU N 186 23.86 -26.76 -63.13
C GLU N 186 25.02 -27.67 -62.75
N VAL N 187 26.09 -27.11 -62.18
CA VAL N 187 27.21 -27.93 -61.72
C VAL N 187 26.73 -28.93 -60.69
N TYR N 188 25.99 -28.47 -59.69
CA TYR N 188 25.52 -29.35 -58.63
C TYR N 188 24.74 -30.51 -59.19
N ARG N 189 23.80 -30.24 -60.11
CA ARG N 189 23.03 -31.33 -60.68
C ARG N 189 23.92 -32.31 -61.43
N LYS N 190 24.83 -31.81 -62.27
CA LYS N 190 25.61 -32.71 -63.11
C LYS N 190 26.70 -33.44 -62.35
N VAL N 191 27.18 -32.92 -61.22
CA VAL N 191 28.31 -33.54 -60.53
C VAL N 191 28.01 -33.88 -59.08
N CYS N 192 27.83 -32.86 -58.24
CA CYS N 192 27.89 -33.06 -56.80
C CYS N 192 26.69 -33.83 -56.28
N ALA N 193 25.57 -33.82 -56.99
CA ALA N 193 24.40 -34.59 -56.59
C ALA N 193 24.58 -36.09 -56.78
N THR N 194 25.77 -36.53 -57.18
CA THR N 194 26.02 -37.96 -57.32
C THR N 194 26.08 -38.65 -55.96
N CYS N 195 26.60 -37.96 -54.94
CA CYS N 195 26.76 -38.55 -53.62
C CYS N 195 26.19 -37.71 -52.48
N HIS N 196 25.93 -36.42 -52.69
CA HIS N 196 25.40 -35.56 -51.65
C HIS N 196 23.89 -35.43 -51.79
N SER N 197 23.28 -34.81 -50.78
CA SER N 197 21.84 -34.57 -50.75
C SER N 197 21.58 -33.16 -50.23
N MET N 198 20.42 -32.62 -50.61
CA MET N 198 19.89 -31.38 -50.06
C MET N 198 18.42 -31.66 -49.73
N GLU N 199 18.19 -32.22 -48.54
CA GLU N 199 16.85 -32.67 -48.17
C GLU N 199 15.90 -31.51 -47.88
N GLN N 200 16.42 -30.31 -47.65
CA GLN N 200 15.59 -29.17 -47.28
C GLN N 200 15.10 -28.37 -48.47
N LEU N 201 15.57 -28.66 -49.68
CA LEU N 201 15.23 -27.87 -50.86
C LEU N 201 14.10 -28.49 -51.63
N HIS N 202 13.17 -27.65 -52.08
CA HIS N 202 12.09 -28.04 -52.98
C HIS N 202 12.15 -27.16 -54.22
N PHE N 203 11.67 -27.69 -55.34
CA PHE N 203 11.71 -26.94 -56.58
C PHE N 203 10.93 -25.63 -56.47
N ARG N 204 9.90 -25.58 -55.63
CA ARG N 204 9.20 -24.32 -55.38
C ARG N 204 10.18 -23.17 -55.17
N HIS N 205 11.34 -23.46 -54.60
CA HIS N 205 12.26 -22.43 -54.18
C HIS N 205 12.95 -21.73 -55.35
N LEU N 206 12.97 -22.35 -56.53
CA LEU N 206 13.74 -21.82 -57.64
C LEU N 206 12.96 -20.85 -58.52
N VAL N 207 11.65 -20.91 -58.51
CA VAL N 207 10.85 -20.10 -59.44
C VAL N 207 10.83 -18.66 -58.96
N GLY N 208 11.21 -17.74 -59.85
CA GLY N 208 11.13 -16.32 -59.58
C GLY N 208 12.38 -15.77 -58.90
N GLU N 209 13.07 -16.62 -58.14
CA GLU N 209 14.29 -16.24 -57.45
C GLU N 209 15.54 -16.53 -58.28
N VAL N 210 15.51 -17.62 -59.05
CA VAL N 210 16.67 -18.03 -59.85
C VAL N 210 16.25 -18.29 -61.28
N LEU N 211 15.20 -19.08 -61.47
CA LEU N 211 14.77 -19.57 -62.77
C LEU N 211 13.31 -19.21 -63.02
N PRO N 212 12.89 -19.23 -64.29
CA PRO N 212 11.47 -19.10 -64.58
C PRO N 212 10.72 -20.40 -64.32
N GLU N 213 9.43 -20.25 -64.02
CA GLU N 213 8.61 -21.37 -63.56
C GLU N 213 8.60 -22.52 -64.56
N LYS N 214 8.40 -22.19 -65.84
CA LYS N 214 8.29 -23.21 -66.89
C LYS N 214 9.51 -24.13 -66.89
N ARG N 215 10.70 -23.53 -66.85
CA ARG N 215 11.92 -24.32 -66.86
C ARG N 215 12.03 -25.18 -65.61
N VAL N 216 11.60 -24.67 -64.47
CA VAL N 216 11.70 -25.43 -63.23
C VAL N 216 10.77 -26.63 -63.27
N LYS N 217 9.56 -26.46 -63.81
CA LYS N 217 8.69 -27.61 -64.00
C LYS N 217 9.34 -28.65 -64.90
N GLN N 218 9.98 -28.21 -65.99
CA GLN N 218 10.63 -29.16 -66.87
C GLN N 218 11.80 -29.86 -66.18
N ILE N 219 12.51 -29.17 -65.29
CA ILE N 219 13.57 -29.83 -64.52
C ILE N 219 12.98 -30.91 -63.62
N ALA N 220 11.96 -30.53 -62.85
CA ALA N 220 11.36 -31.50 -61.93
C ALA N 220 10.84 -32.73 -62.66
N ALA N 221 10.38 -32.55 -63.90
CA ALA N 221 9.85 -33.70 -64.64
C ALA N 221 10.90 -34.75 -64.98
N GLU N 222 12.19 -34.44 -64.83
CA GLU N 222 13.23 -35.40 -65.21
C GLU N 222 13.38 -36.56 -64.23
N TYR N 223 12.80 -36.46 -63.04
CA TYR N 223 13.02 -37.43 -61.97
C TYR N 223 11.79 -38.28 -61.74
N ASP N 224 12.02 -39.53 -61.35
CA ASP N 224 10.97 -40.38 -60.80
C ASP N 224 10.94 -40.22 -59.28
N VAL N 225 9.76 -39.91 -58.75
CA VAL N 225 9.55 -39.69 -57.33
C VAL N 225 8.50 -40.67 -56.85
N THR N 226 8.74 -41.27 -55.68
CA THR N 226 7.87 -42.31 -55.16
C THR N 226 6.69 -41.71 -54.41
N ASP N 227 5.54 -42.37 -54.52
CA ASP N 227 4.29 -41.86 -53.95
C ASP N 227 3.35 -43.03 -53.72
N GLY N 228 2.30 -42.76 -52.94
CA GLY N 228 1.30 -43.76 -52.63
C GLY N 228 0.85 -43.64 -51.19
N PRO N 229 0.17 -44.68 -50.67
CA PRO N 229 -0.26 -45.93 -51.34
C PRO N 229 -1.41 -45.73 -52.32
N ASN N 230 -1.66 -46.68 -53.21
CA ASN N 230 -2.78 -46.62 -54.13
C ASN N 230 -3.95 -47.42 -53.57
N ASP N 231 -4.96 -47.66 -54.41
CA ASP N 231 -6.16 -48.37 -53.96
C ASP N 231 -5.83 -49.76 -53.43
N GLN N 232 -4.79 -50.40 -53.96
CA GLN N 232 -4.39 -51.72 -53.53
C GLN N 232 -3.37 -51.69 -52.39
N GLY N 233 -3.09 -50.52 -51.83
CA GLY N 233 -2.07 -50.35 -50.82
C GLY N 233 -0.65 -50.52 -51.29
N GLU N 234 -0.39 -50.44 -52.59
CA GLU N 234 0.96 -50.51 -53.12
C GLU N 234 1.50 -49.11 -53.37
N MET N 235 2.83 -49.01 -53.38
CA MET N 235 3.52 -47.77 -53.72
C MET N 235 3.86 -47.76 -55.21
N TYR N 236 4.11 -46.56 -55.73
CA TYR N 236 4.37 -46.40 -57.16
C TYR N 236 5.31 -45.21 -57.36
N THR N 237 5.70 -45.00 -58.62
CA THR N 237 6.56 -43.89 -59.00
C THR N 237 5.85 -43.02 -60.02
N ARG N 238 6.10 -41.72 -59.94
CA ARG N 238 5.49 -40.72 -60.82
C ARG N 238 6.53 -39.68 -61.18
N PRO N 239 6.27 -38.88 -62.22
CA PRO N 239 7.18 -37.77 -62.52
C PRO N 239 7.10 -36.69 -61.45
N GLY N 240 8.25 -36.16 -61.07
CA GLY N 240 8.30 -35.12 -60.07
C GLY N 240 7.50 -33.90 -60.46
N ILE N 241 7.07 -33.15 -59.45
CA ILE N 241 6.30 -31.94 -59.62
C ILE N 241 6.96 -30.81 -58.84
N LEU N 242 6.45 -29.60 -59.04
CA LEU N 242 7.07 -28.42 -58.45
C LEU N 242 7.11 -28.49 -56.93
N GLY N 243 6.18 -29.23 -56.32
CA GLY N 243 6.06 -29.30 -54.88
C GLY N 243 6.99 -30.28 -54.18
N ASP N 244 7.81 -31.02 -54.91
CA ASP N 244 8.60 -32.09 -54.34
C ASP N 244 10.00 -31.62 -53.99
N ALA N 245 10.58 -32.27 -52.98
CA ALA N 245 11.93 -31.99 -52.54
C ALA N 245 12.93 -32.59 -53.51
N PHE N 246 14.17 -32.12 -53.42
CA PHE N 246 15.21 -32.65 -54.29
C PHE N 246 15.40 -34.14 -54.01
N PRO N 247 15.76 -34.92 -55.04
CA PRO N 247 16.01 -36.34 -54.81
C PRO N 247 17.37 -36.58 -54.17
N SER N 248 17.52 -37.78 -53.63
CA SER N 248 18.74 -38.16 -52.93
C SER N 248 19.27 -39.48 -53.48
N PRO N 249 20.59 -39.66 -53.50
CA PRO N 249 21.16 -40.85 -54.14
C PRO N 249 21.14 -42.12 -53.28
N TYR N 250 20.98 -42.01 -51.96
CA TYR N 250 21.02 -43.19 -51.11
C TYR N 250 19.77 -43.25 -50.23
N PRO N 251 19.27 -44.45 -49.95
CA PRO N 251 18.06 -44.55 -49.11
C PRO N 251 18.29 -44.33 -47.63
N ASN N 252 19.50 -44.53 -47.12
CA ASN N 252 19.78 -44.34 -45.71
C ASN N 252 21.29 -44.12 -45.53
N GLU N 253 21.65 -43.66 -44.34
CA GLU N 253 23.06 -43.36 -44.06
C GLU N 253 23.92 -44.61 -44.20
N GLU N 254 23.39 -45.77 -43.83
CA GLU N 254 24.19 -46.99 -43.91
C GLU N 254 24.58 -47.29 -45.35
N ALA N 255 23.65 -47.16 -46.29
CA ALA N 255 23.98 -47.38 -47.69
C ALA N 255 24.98 -46.34 -48.20
N ALA N 256 24.82 -45.09 -47.77
CA ALA N 256 25.75 -44.05 -48.17
C ALA N 256 27.17 -44.38 -47.71
N ARG N 257 27.32 -44.81 -46.46
CA ARG N 257 28.63 -45.22 -45.98
C ARG N 257 29.14 -46.44 -46.73
N TYR N 258 28.24 -47.37 -47.05
CA TYR N 258 28.64 -48.58 -47.77
C TYR N 258 29.20 -48.24 -49.14
N ALA N 259 28.66 -47.22 -49.80
CA ALA N 259 29.14 -46.85 -51.13
C ALA N 259 30.38 -45.97 -51.09
N ASN N 260 30.66 -45.32 -49.97
CA ASN N 260 31.77 -44.37 -49.87
C ASN N 260 32.80 -44.83 -48.84
N GLY N 261 33.09 -46.13 -48.84
CA GLY N 261 34.16 -46.69 -48.04
C GLY N 261 34.10 -46.38 -46.56
N GLY N 262 32.93 -46.03 -46.04
CA GLY N 262 32.71 -45.87 -44.61
C GLY N 262 32.39 -44.45 -44.21
N ALA N 263 32.82 -43.47 -45.01
CA ALA N 263 32.58 -42.08 -44.71
C ALA N 263 31.20 -41.65 -45.18
N TYR N 264 30.65 -40.63 -44.53
CA TYR N 264 29.29 -40.18 -44.80
C TYR N 264 29.30 -38.84 -45.52
N PRO N 265 28.80 -38.75 -46.74
CA PRO N 265 28.72 -37.44 -47.40
C PRO N 265 27.64 -36.56 -46.78
N PRO N 266 28.02 -35.44 -46.18
CA PRO N 266 27.07 -34.60 -45.46
C PRO N 266 26.04 -33.95 -46.38
N ASP N 267 24.87 -33.66 -45.80
CA ASP N 267 23.84 -32.96 -46.54
C ASP N 267 24.20 -31.48 -46.64
N LEU N 268 24.08 -30.92 -47.83
CA LEU N 268 24.61 -29.61 -48.16
C LEU N 268 23.60 -28.49 -47.97
N SER N 269 22.46 -28.75 -47.33
CA SER N 269 21.41 -27.75 -47.24
C SER N 269 21.83 -26.53 -46.42
N LEU N 270 22.89 -26.64 -45.61
CA LEU N 270 23.35 -25.53 -44.77
C LEU N 270 24.87 -25.48 -44.71
N ILE N 271 25.55 -25.87 -45.78
CA ILE N 271 26.95 -26.26 -45.66
C ILE N 271 27.83 -25.06 -45.33
N THR N 272 27.57 -23.91 -45.94
CA THR N 272 28.44 -22.75 -45.69
C THR N 272 28.20 -22.15 -44.31
N ALA N 273 27.05 -22.40 -43.69
CA ALA N 273 26.81 -21.99 -42.32
C ALA N 273 27.27 -23.04 -41.32
N ALA N 274 27.79 -24.17 -41.79
CA ALA N 274 28.22 -25.27 -40.94
C ALA N 274 29.73 -25.48 -40.98
N ARG N 275 30.49 -24.48 -41.41
CA ARG N 275 31.95 -24.56 -41.46
C ARG N 275 32.51 -23.17 -41.17
N HIS N 276 33.78 -23.14 -40.77
CA HIS N 276 34.44 -21.86 -40.50
C HIS N 276 34.86 -21.21 -41.81
N PHE N 277 34.59 -19.91 -41.92
CA PHE N 277 34.88 -19.11 -43.10
C PHE N 277 34.07 -19.56 -44.31
N GLY N 278 33.10 -20.44 -44.13
CA GLY N 278 32.07 -20.72 -45.09
C GLY N 278 32.58 -20.87 -46.52
N PRO N 279 32.16 -19.95 -47.39
CA PRO N 279 32.50 -20.05 -48.82
C PRO N 279 33.99 -19.93 -49.10
N ASP N 280 34.74 -19.14 -48.33
CA ASP N 280 36.18 -19.11 -48.54
C ASP N 280 36.79 -20.47 -48.22
N TYR N 281 36.31 -21.12 -47.16
CA TYR N 281 36.79 -22.47 -46.87
C TYR N 281 36.43 -23.43 -47.98
N LEU N 282 35.21 -23.36 -48.50
CA LEU N 282 34.81 -24.30 -49.55
C LEU N 282 35.60 -24.07 -50.83
N MET N 283 35.78 -22.80 -51.20
CA MET N 283 36.59 -22.45 -52.37
C MET N 283 38.02 -22.96 -52.21
N ALA N 284 38.60 -22.78 -51.03
CA ALA N 284 39.94 -23.29 -50.78
C ALA N 284 39.97 -24.81 -50.84
N LEU N 285 38.98 -25.47 -50.25
CA LEU N 285 38.96 -26.93 -50.20
C LEU N 285 38.92 -27.53 -51.59
N LEU N 286 38.11 -26.95 -52.48
CA LEU N 286 38.01 -27.51 -53.82
C LEU N 286 39.30 -27.34 -54.62
N GLY N 287 40.12 -26.35 -54.28
CA GLY N 287 41.46 -26.21 -54.84
C GLY N 287 42.52 -27.07 -54.20
N GLY N 288 42.25 -27.67 -53.04
CA GLY N 288 43.28 -28.11 -52.13
C GLY N 288 44.00 -29.42 -52.41
N TYR N 289 43.67 -30.15 -53.47
CA TYR N 289 44.23 -31.49 -53.64
C TYR N 289 45.67 -31.43 -54.16
N ARG N 290 46.55 -32.19 -53.51
CA ARG N 290 47.98 -32.15 -53.81
C ARG N 290 48.60 -33.50 -53.48
N ASP N 291 49.83 -33.70 -53.97
CA ASP N 291 50.56 -34.93 -53.71
C ASP N 291 51.03 -34.97 -52.25
N PRO N 292 51.22 -36.17 -51.70
CA PRO N 292 51.67 -36.26 -50.31
C PRO N 292 53.05 -35.66 -50.12
N PRO N 293 53.34 -35.17 -48.92
CA PRO N 293 54.68 -34.70 -48.56
C PRO N 293 55.61 -35.87 -48.25
N GLU N 294 56.90 -35.55 -48.17
CA GLU N 294 57.89 -36.56 -47.82
C GLU N 294 57.63 -37.10 -46.42
N GLY N 295 57.61 -38.42 -46.30
CA GLY N 295 57.41 -39.08 -45.02
C GLY N 295 55.97 -39.39 -44.67
N VAL N 296 55.04 -39.25 -45.61
CA VAL N 296 53.63 -39.52 -45.37
C VAL N 296 53.08 -40.35 -46.52
N GLU N 297 52.27 -41.35 -46.19
CA GLU N 297 51.56 -42.15 -47.19
C GLU N 297 50.16 -42.44 -46.66
N LEU N 298 49.19 -42.43 -47.58
CA LEU N 298 47.79 -42.60 -47.25
C LEU N 298 47.27 -43.92 -47.80
N ARG N 299 46.42 -44.58 -47.02
CA ARG N 299 45.88 -45.86 -47.43
C ARG N 299 44.91 -45.68 -48.60
N PRO N 300 44.68 -46.74 -49.38
CA PRO N 300 43.87 -46.58 -50.60
C PRO N 300 42.48 -46.05 -50.29
N GLY N 301 41.89 -45.41 -51.29
CA GLY N 301 40.70 -44.60 -51.08
C GLY N 301 40.83 -43.55 -50.01
N LEU N 302 41.95 -42.80 -50.02
CA LEU N 302 42.11 -41.64 -49.18
C LEU N 302 43.08 -40.68 -49.86
N TYR N 303 42.82 -39.38 -49.74
CA TYR N 303 43.52 -38.37 -50.54
C TYR N 303 44.06 -37.27 -49.66
N TRP N 304 45.10 -36.60 -50.16
CA TRP N 304 45.75 -35.51 -49.45
C TRP N 304 45.22 -34.17 -49.96
N ASN N 305 44.79 -33.31 -49.03
CA ASN N 305 44.28 -31.99 -49.36
C ASN N 305 44.80 -31.00 -48.33
N VAL N 306 45.39 -29.90 -48.82
CA VAL N 306 46.12 -28.98 -47.94
C VAL N 306 45.23 -28.07 -47.12
N TRP N 307 43.91 -28.09 -47.34
CA TRP N 307 42.99 -27.26 -46.58
C TRP N 307 42.02 -28.03 -45.72
N PHE N 308 41.86 -29.33 -45.94
CA PHE N 308 41.03 -30.15 -45.08
C PHE N 308 41.72 -30.37 -43.74
N PRO N 309 41.01 -30.35 -42.63
CA PRO N 309 41.67 -30.57 -41.34
C PRO N 309 42.30 -31.95 -41.29
N GLY N 310 43.46 -32.03 -40.66
CA GLY N 310 44.29 -33.21 -40.71
C GLY N 310 44.75 -33.65 -42.10
N ASN N 311 44.42 -32.88 -43.14
CA ASN N 311 45.04 -32.99 -44.45
C ASN N 311 44.65 -34.23 -45.26
N ALA N 312 44.01 -35.21 -44.65
CA ALA N 312 43.62 -36.43 -45.36
C ALA N 312 42.11 -36.50 -45.41
N ILE N 313 41.56 -36.64 -46.61
CA ILE N 313 40.14 -36.53 -46.85
C ILE N 313 39.69 -37.71 -47.71
N ALA N 314 38.42 -38.10 -47.54
CA ALA N 314 37.87 -39.25 -48.24
C ALA N 314 37.26 -38.89 -49.59
N MET N 315 36.96 -37.62 -49.84
CA MET N 315 36.36 -37.24 -51.11
C MET N 315 37.44 -37.18 -52.19
N PRO N 316 37.23 -37.83 -53.34
CA PRO N 316 38.24 -37.77 -54.41
C PRO N 316 38.41 -36.36 -54.92
N PRO N 317 39.43 -36.10 -55.73
CA PRO N 317 39.52 -34.81 -56.42
C PRO N 317 38.23 -34.49 -57.17
N PRO N 318 37.65 -33.30 -56.93
CA PRO N 318 36.24 -33.07 -57.27
C PRO N 318 35.97 -32.58 -58.69
N LEU N 319 36.88 -31.83 -59.30
CA LEU N 319 36.55 -31.06 -60.49
C LEU N 319 37.50 -31.36 -61.62
N MET N 320 37.00 -31.20 -62.85
CA MET N 320 37.70 -31.56 -64.07
C MET N 320 37.17 -30.68 -65.20
N ASP N 321 38.08 -30.17 -66.02
CA ASP N 321 37.72 -29.16 -67.01
C ASP N 321 36.75 -29.72 -68.05
N GLU N 322 35.76 -28.90 -68.40
CA GLU N 322 34.72 -29.28 -69.35
C GLU N 322 34.08 -30.61 -68.99
N MET N 323 34.09 -30.96 -67.70
CA MET N 323 33.26 -32.05 -67.23
C MET N 323 31.78 -31.68 -67.29
N ILE N 324 31.48 -30.38 -67.37
CA ILE N 324 30.11 -29.88 -67.52
C ILE N 324 30.16 -28.73 -68.53
N ASP N 325 28.98 -28.23 -68.89
CA ASP N 325 28.87 -27.17 -69.87
C ASP N 325 27.79 -26.19 -69.44
N TYR N 326 27.93 -24.95 -69.91
CA TYR N 326 27.08 -23.84 -69.51
C TYR N 326 26.18 -23.42 -70.66
N GLU N 327 24.99 -22.95 -70.32
CA GLU N 327 24.04 -22.52 -71.33
C GLU N 327 24.18 -21.04 -71.71
N ASP N 328 24.76 -20.20 -70.84
CA ASP N 328 24.97 -18.81 -71.22
C ASP N 328 26.18 -18.62 -72.13
N GLY N 329 27.09 -19.60 -72.15
CA GLY N 329 28.25 -19.57 -73.04
C GLY N 329 29.58 -19.51 -72.33
N THR N 330 29.57 -19.35 -71.00
CA THR N 330 30.79 -19.16 -70.25
C THR N 330 31.70 -20.37 -70.39
N PRO N 331 33.02 -20.18 -70.47
CA PRO N 331 33.92 -21.34 -70.56
C PRO N 331 34.04 -22.07 -69.23
N CYS N 332 34.22 -23.38 -69.32
CA CYS N 332 34.24 -24.26 -68.15
C CYS N 332 35.67 -24.62 -67.77
N ASN N 333 35.99 -24.44 -66.49
CA ASN N 333 37.24 -24.91 -65.92
C ASN N 333 37.06 -24.99 -64.41
N ILE N 334 37.96 -25.69 -63.74
CA ILE N 334 37.73 -26.06 -62.35
C ILE N 334 37.60 -24.81 -61.48
N SER N 335 38.38 -23.77 -61.77
CA SER N 335 38.26 -22.53 -61.00
C SER N 335 36.88 -21.90 -61.16
N GLN N 336 36.42 -21.81 -62.41
CA GLN N 336 35.11 -21.22 -62.69
C GLN N 336 34.00 -22.04 -62.03
N MET N 337 34.08 -23.37 -62.17
CA MET N 337 33.09 -24.24 -61.54
C MET N 337 33.10 -24.06 -60.02
N SER N 338 34.29 -23.94 -59.43
CA SER N 338 34.39 -23.69 -58.00
C SER N 338 33.61 -22.43 -57.62
N LYS N 339 33.90 -21.33 -58.31
CA LYS N 339 33.23 -20.08 -57.97
C LYS N 339 31.71 -20.22 -58.08
N ASP N 340 31.24 -20.78 -59.20
CA ASP N 340 29.80 -20.82 -59.44
C ASP N 340 29.08 -21.75 -58.45
N VAL N 341 29.65 -22.92 -58.17
CA VAL N 341 28.98 -23.83 -57.24
C VAL N 341 29.01 -23.28 -55.83
N VAL N 342 30.09 -22.59 -55.44
CA VAL N 342 30.11 -21.98 -54.11
C VAL N 342 29.05 -20.89 -54.02
N ASN N 343 28.88 -20.12 -55.08
CA ASN N 343 27.80 -19.13 -55.11
C ASN N 343 26.45 -19.80 -54.92
N PHE N 344 26.20 -20.89 -55.65
CA PHE N 344 24.91 -21.57 -55.57
C PHE N 344 24.66 -22.10 -54.16
N LEU N 345 25.66 -22.73 -53.56
CA LEU N 345 25.46 -23.30 -52.23
C LEU N 345 25.29 -22.20 -51.19
N THR N 346 26.01 -21.08 -51.34
CA THR N 346 25.80 -19.98 -50.40
C THR N 346 24.38 -19.44 -50.49
N TRP N 347 23.84 -19.32 -51.71
CA TRP N 347 22.44 -18.93 -51.82
C TRP N 347 21.53 -19.94 -51.16
N ALA N 348 21.72 -21.23 -51.49
CA ALA N 348 20.84 -22.26 -50.95
C ALA N 348 20.90 -22.34 -49.43
N THR N 349 21.98 -21.86 -48.81
CA THR N 349 22.07 -21.91 -47.36
C THR N 349 21.03 -21.01 -46.70
N GLU N 350 20.69 -19.88 -47.33
CA GLU N 350 19.58 -19.05 -46.85
C GLU N 350 19.05 -18.19 -47.99
N PRO N 351 18.03 -18.67 -48.72
CA PRO N 351 17.49 -17.86 -49.82
C PRO N 351 16.94 -16.50 -49.41
N THR N 352 16.61 -16.31 -48.14
CA THR N 352 16.07 -15.04 -47.67
C THR N 352 17.14 -13.97 -47.48
N ALA N 353 18.36 -14.18 -47.98
CA ALA N 353 19.45 -13.25 -47.67
C ALA N 353 19.15 -11.85 -48.18
N ASP N 354 18.78 -11.72 -49.45
CA ASP N 354 18.63 -10.40 -50.05
C ASP N 354 17.47 -9.64 -49.40
N GLU N 355 16.35 -10.32 -49.15
CA GLU N 355 15.27 -9.72 -48.37
C GLU N 355 15.79 -9.20 -47.05
N ARG N 356 16.54 -10.04 -46.34
CA ARG N 356 17.07 -9.67 -45.02
C ARG N 356 17.91 -8.40 -45.11
N LYS N 357 18.82 -8.33 -46.09
CA LYS N 357 19.74 -7.21 -46.18
C LYS N 357 19.02 -5.93 -46.60
N LEU N 358 18.13 -6.02 -47.59
CA LEU N 358 17.41 -4.84 -48.05
C LEU N 358 16.51 -4.28 -46.95
N TYR N 359 15.91 -5.15 -46.15
CA TYR N 359 15.15 -4.67 -44.99
C TYR N 359 16.07 -4.05 -43.95
N GLY N 360 17.19 -4.72 -43.66
CA GLY N 360 18.18 -4.17 -42.76
C GLY N 360 18.54 -2.72 -43.06
N LEU N 361 18.78 -2.42 -44.34
CA LEU N 361 19.26 -1.09 -44.69
C LEU N 361 18.27 -0.02 -44.25
N LYS N 362 17.02 -0.15 -44.67
CA LYS N 362 15.97 0.78 -44.25
C LYS N 362 15.90 0.88 -42.73
N CYS N 363 15.89 -0.26 -42.05
CA CYS N 363 15.75 -0.24 -40.60
C CYS N 363 16.87 0.56 -39.94
N VAL N 364 18.11 0.24 -40.27
CA VAL N 364 19.25 0.86 -39.60
C VAL N 364 19.30 2.35 -39.91
N SER N 365 19.06 2.72 -41.18
CA SER N 365 19.09 4.13 -41.54
C SER N 365 18.09 4.94 -40.72
N ALA N 366 16.84 4.47 -40.69
CA ALA N 366 15.81 5.21 -39.96
C ALA N 366 16.14 5.28 -38.47
N ILE N 367 16.66 4.18 -37.92
CA ILE N 367 16.97 4.15 -36.49
C ILE N 367 18.09 5.13 -36.17
N ALA N 368 19.07 5.26 -37.06
CA ALA N 368 20.14 6.24 -36.84
C ALA N 368 19.61 7.67 -36.85
N ILE N 369 18.71 7.97 -37.79
CA ILE N 369 18.11 9.30 -37.82
C ILE N 369 17.36 9.58 -36.51
N GLY N 370 16.50 8.65 -36.10
CA GLY N 370 16.05 8.59 -34.73
C GLY N 370 17.05 8.95 -33.65
N THR N 371 18.21 8.29 -33.69
CA THR N 371 19.20 8.48 -32.65
C THR N 371 19.69 9.92 -32.61
N VAL N 372 19.87 10.53 -33.78
CA VAL N 372 20.28 11.94 -33.82
C VAL N 372 19.20 12.81 -33.16
N LEU N 373 17.95 12.57 -33.53
CA LEU N 373 16.87 13.38 -32.98
C LEU N 373 16.79 13.24 -31.46
N MET N 374 16.92 12.02 -30.94
CA MET N 374 16.84 11.80 -29.51
C MET N 374 18.04 12.42 -28.79
N THR N 375 19.21 12.39 -29.40
CA THR N 375 20.37 13.06 -28.83
C THR N 375 20.10 14.55 -28.67
N LEU N 376 19.54 15.17 -29.70
CA LEU N 376 19.21 16.59 -29.60
C LEU N 376 18.20 16.83 -28.47
N TRP N 377 17.17 15.99 -28.38
CA TRP N 377 16.17 16.17 -27.34
C TRP N 377 16.78 16.03 -25.95
N TRP N 378 17.69 15.08 -25.77
CA TRP N 378 18.33 14.91 -24.47
C TRP N 378 19.18 16.12 -24.09
N ARG N 379 19.97 16.63 -25.04
CA ARG N 379 20.77 17.82 -24.73
C ARG N 379 19.90 19.02 -24.41
N PHE N 380 18.73 19.11 -25.06
CA PHE N 380 17.80 20.21 -24.79
C PHE N 380 17.53 20.35 -23.30
N TYR N 381 17.39 19.23 -22.60
CA TYR N 381 17.16 19.26 -21.16
C TYR N 381 18.45 19.27 -20.35
N TRP N 382 19.54 18.71 -20.89
CA TRP N 382 20.83 18.80 -20.21
C TRP N 382 21.20 20.25 -19.92
N ALA N 383 20.98 21.12 -20.90
CA ALA N 383 21.57 22.46 -20.83
C ALA N 383 20.95 23.33 -19.74
N MET N 384 19.71 23.07 -19.32
CA MET N 384 19.06 23.97 -18.38
C MET N 384 19.58 23.79 -16.96
N TYR N 385 20.03 22.59 -16.61
CA TYR N 385 20.66 22.37 -15.31
C TYR N 385 22.17 22.44 -15.38
N ALA N 386 22.78 22.18 -16.54
CA ALA N 386 24.22 22.34 -16.65
C ALA N 386 24.64 23.80 -16.53
N THR N 387 23.75 24.73 -16.87
CA THR N 387 24.05 26.16 -16.85
C THR N 387 23.46 26.89 -15.66
N ARG N 388 22.91 26.18 -14.69
CA ARG N 388 22.25 26.82 -13.57
C ARG N 388 23.26 27.48 -12.64
N ARG N 389 22.77 28.49 -11.90
CA ARG N 389 23.56 29.19 -10.90
C ARG N 389 22.93 28.98 -9.52
N ILE N 390 23.75 28.68 -8.54
CA ILE N 390 23.33 28.58 -7.15
C ILE N 390 24.29 29.40 -6.30
N ASP N 391 23.74 30.31 -5.50
CA ASP N 391 24.53 31.18 -4.64
C ASP N 391 24.18 30.91 -3.19
N PHE N 392 25.17 31.11 -2.31
CA PHE N 392 25.01 30.94 -0.88
C PHE N 392 25.25 32.28 -0.20
N GLY N 393 24.28 32.69 0.62
CA GLY N 393 24.40 33.92 1.37
C GLY N 393 23.76 35.11 0.70
N LYS N 394 24.31 35.54 -0.44
CA LYS N 394 23.76 36.68 -1.14
C LYS N 394 23.93 36.49 -2.64
N LEU N 395 23.18 37.28 -3.40
CA LEU N 395 23.13 37.19 -4.85
C LEU N 395 24.38 37.83 -5.45
N LYS N 396 25.02 37.11 -6.38
CA LYS N 396 26.21 37.62 -7.06
C LYS N 396 25.86 38.30 -8.38
N TYR N 397 25.25 37.56 -9.30
CA TYR N 397 25.03 38.02 -10.66
C TYR N 397 23.58 37.77 -11.05
N LEU N 398 23.18 38.42 -12.15
CA LEU N 398 21.80 38.43 -12.58
C LEU N 398 21.71 38.54 -14.10
N SER O 160 -19.11 6.73 -1.33
CA SER O 160 -18.86 5.41 -1.90
C SER O 160 -18.91 5.46 -3.43
N VAL O 161 -18.79 4.28 -4.06
CA VAL O 161 -18.81 4.19 -5.51
C VAL O 161 -20.22 4.20 -6.10
N HIS O 162 -21.24 4.39 -5.28
CA HIS O 162 -22.62 4.19 -5.70
C HIS O 162 -23.32 5.52 -5.90
N SER O 163 -23.98 5.67 -7.05
CA SER O 163 -24.76 6.85 -7.37
C SER O 163 -26.14 6.78 -6.72
N HIS O 164 -26.82 7.91 -6.70
CA HIS O 164 -28.26 7.94 -6.54
C HIS O 164 -28.90 8.15 -7.91
N ASN O 165 -30.22 8.00 -7.96
CA ASN O 165 -30.96 8.02 -9.21
C ASN O 165 -32.14 8.96 -9.13
N ILE O 166 -31.93 10.14 -8.54
CA ILE O 166 -32.97 11.16 -8.51
C ILE O 166 -33.09 11.76 -9.91
N ARG O 167 -34.22 11.51 -10.56
CA ARG O 167 -34.45 12.01 -11.92
C ARG O 167 -35.95 12.05 -12.17
N PRO O 168 -36.40 12.85 -13.13
CA PRO O 168 -37.80 12.81 -13.53
C PRO O 168 -38.11 11.55 -14.32
N ASP O 169 -39.35 11.08 -14.17
CA ASP O 169 -39.75 9.79 -14.70
C ASP O 169 -41.21 9.87 -15.11
N LYS O 170 -41.55 9.26 -16.25
CA LYS O 170 -42.91 9.31 -16.78
C LYS O 170 -43.70 8.04 -16.52
N HIS O 171 -43.06 6.97 -16.05
CA HIS O 171 -43.77 5.78 -15.60
C HIS O 171 -44.13 5.82 -14.12
N GLU O 172 -43.45 6.65 -13.34
CA GLU O 172 -43.57 6.66 -11.89
C GLU O 172 -43.81 8.08 -11.41
N LEU O 173 -45.04 8.37 -11.01
CA LEU O 173 -45.39 9.71 -10.56
C LEU O 173 -44.75 10.00 -9.20
N PRO O 174 -44.49 11.27 -8.89
CA PRO O 174 -43.81 11.60 -7.63
C PRO O 174 -44.66 11.24 -6.41
N ALA O 175 -43.96 11.18 -5.27
CA ALA O 175 -44.60 10.71 -4.04
C ALA O 175 -45.60 11.71 -3.47
N SER O 176 -45.50 12.99 -3.82
CA SER O 176 -46.59 13.90 -3.49
C SER O 176 -47.83 13.60 -4.32
N GLU O 177 -47.68 12.89 -5.44
CA GLU O 177 -48.80 12.58 -6.30
C GLU O 177 -49.38 11.21 -5.98
N VAL O 178 -48.54 10.18 -5.93
CA VAL O 178 -48.97 8.81 -5.71
C VAL O 178 -48.02 8.14 -4.71
N PRO O 179 -48.23 8.26 -3.41
CA PRO O 179 -47.37 7.52 -2.48
C PRO O 179 -47.73 6.05 -2.46
N LEU O 180 -46.70 5.21 -2.41
CA LEU O 180 -46.91 3.77 -2.33
C LEU O 180 -47.14 3.30 -0.91
N TYR O 181 -46.74 4.08 0.09
CA TYR O 181 -47.02 3.74 1.48
C TYR O 181 -48.38 4.27 1.90
N TYR O 182 -48.85 3.81 3.06
CA TYR O 182 -50.15 4.18 3.59
C TYR O 182 -50.04 5.57 4.21
N ASN O 183 -50.73 6.54 3.60
CA ASN O 183 -50.46 7.95 3.84
C ASN O 183 -51.41 8.51 4.88
N ARG O 184 -51.20 8.05 6.12
CA ARG O 184 -51.85 8.65 7.29
C ARG O 184 -50.83 8.75 8.42
N PHE O 185 -50.60 9.98 8.90
CA PHE O 185 -49.61 10.24 9.94
C PHE O 185 -50.20 11.17 10.98
N ASP O 186 -49.90 10.88 12.24
CA ASP O 186 -50.17 11.80 13.33
C ASP O 186 -49.01 12.79 13.46
N GLN O 187 -49.34 13.96 14.03
CA GLN O 187 -48.41 15.08 14.12
C GLN O 187 -48.42 15.64 15.53
N ALA O 188 -47.23 15.93 16.06
CA ALA O 188 -47.10 16.52 17.38
C ALA O 188 -46.58 17.95 17.30
N ASP O 189 -46.92 18.74 18.32
CA ASP O 189 -46.39 20.09 18.48
C ASP O 189 -44.93 20.10 18.89
N HIS O 190 -44.43 19.01 19.45
CA HIS O 190 -43.05 18.91 19.92
C HIS O 190 -42.74 17.43 20.08
N PRO O 191 -41.63 16.93 19.53
CA PRO O 191 -41.41 15.48 19.56
C PRO O 191 -41.29 14.88 20.95
N SER O 192 -40.95 15.69 21.96
CA SER O 192 -40.91 15.15 23.33
C SER O 192 -42.22 14.46 23.69
N LEU O 193 -43.35 14.98 23.20
CA LEU O 193 -44.63 14.40 23.54
C LEU O 193 -44.73 12.93 23.16
N TRP O 194 -43.94 12.47 22.18
CA TRP O 194 -44.00 11.05 21.81
C TRP O 194 -43.63 10.14 22.98
N GLN O 195 -42.93 10.66 23.99
CA GLN O 195 -42.68 9.87 25.19
C GLN O 195 -44.00 9.40 25.79
N LEU O 196 -44.94 10.32 25.98
CA LEU O 196 -46.16 10.02 26.72
C LEU O 196 -46.88 8.82 26.14
N GLU O 197 -47.05 8.79 24.82
CA GLU O 197 -47.83 7.72 24.19
C GLU O 197 -47.22 6.35 24.46
N GLU O 198 -45.90 6.26 24.61
CA GLU O 198 -45.30 4.94 24.84
C GLU O 198 -45.70 4.37 26.19
N GLU O 199 -46.16 5.21 27.12
CA GLU O 199 -46.61 4.75 28.44
C GLU O 199 -48.11 4.96 28.64
N GLN O 200 -48.88 5.02 27.55
CA GLN O 200 -50.33 5.11 27.64
C GLN O 200 -51.07 4.20 26.67
N GLN O 201 -50.43 3.75 25.59
CA GLN O 201 -51.09 2.89 24.62
C GLN O 201 -51.04 1.43 25.07
N ARG O 202 -51.89 0.62 24.43
CA ARG O 202 -51.78 -0.82 24.49
C ARG O 202 -50.88 -1.31 23.36
N LYS O 203 -50.41 -2.54 23.50
CA LYS O 203 -49.49 -3.14 22.53
C LYS O 203 -49.94 -4.56 22.22
N HIS O 204 -49.82 -4.95 20.95
CA HIS O 204 -50.28 -6.28 20.53
C HIS O 204 -49.37 -7.39 21.05
N LEU O 205 -48.10 -7.08 21.32
CA LEU O 205 -47.15 -8.09 21.79
C LEU O 205 -47.22 -8.31 23.30
N ASP O 206 -48.02 -7.54 24.02
CA ASP O 206 -48.26 -7.77 25.43
C ASP O 206 -49.40 -8.75 25.69
N GLN O 207 -50.03 -9.26 24.63
CA GLN O 207 -51.25 -10.04 24.74
C GLN O 207 -51.10 -11.37 24.02
N GLU O 208 -51.86 -12.36 24.48
CA GLU O 208 -51.63 -13.75 24.10
C GLU O 208 -52.45 -14.14 22.87
N VAL O 209 -51.80 -14.82 21.93
CA VAL O 209 -52.46 -15.53 20.84
C VAL O 209 -51.78 -16.87 20.69
N THR O 210 -52.50 -17.82 20.10
CA THR O 210 -52.03 -19.20 20.01
C THR O 210 -52.01 -19.76 18.59
N ASP O 211 -52.79 -19.23 17.66
CA ASP O 211 -52.86 -19.76 16.32
C ASP O 211 -52.56 -18.66 15.29
N VAL O 212 -52.05 -19.10 14.13
CA VAL O 212 -51.67 -18.18 13.08
C VAL O 212 -52.87 -17.37 12.60
N SER O 213 -54.07 -17.94 12.69
CA SER O 213 -55.25 -17.25 12.21
C SER O 213 -55.67 -16.08 13.09
N GLN O 214 -55.08 -15.93 14.27
CA GLN O 214 -55.42 -14.85 15.18
C GLN O 214 -54.51 -13.64 15.05
N LEU O 215 -53.48 -13.72 14.22
CA LEU O 215 -52.55 -12.62 14.08
C LEU O 215 -53.23 -11.42 13.43
N VAL O 216 -52.92 -10.22 13.93
CA VAL O 216 -53.60 -9.02 13.46
C VAL O 216 -53.36 -8.83 11.96
N GLU O 217 -54.33 -8.21 11.29
CA GLU O 217 -54.23 -8.08 9.84
C GLU O 217 -53.59 -6.75 9.46
N PRO O 218 -52.69 -6.76 8.48
CA PRO O 218 -52.05 -5.51 8.05
C PRO O 218 -53.05 -4.43 7.68
N VAL O 219 -52.65 -3.18 7.92
CA VAL O 219 -53.50 -2.03 7.63
C VAL O 219 -53.45 -1.69 6.15
N SER O 220 -52.29 -1.89 5.51
CA SER O 220 -52.09 -1.51 4.13
C SER O 220 -52.68 -2.57 3.19
N SER O 221 -53.10 -2.12 2.01
CA SER O 221 -53.81 -2.97 1.08
C SER O 221 -52.83 -3.83 0.28
N PRO O 222 -53.23 -5.05 -0.08
CA PRO O 222 -52.37 -5.87 -0.96
C PRO O 222 -52.27 -5.33 -2.38
N HIS O 223 -53.19 -4.46 -2.80
CA HIS O 223 -53.40 -4.13 -4.20
C HIS O 223 -52.76 -2.78 -4.49
N GLN O 224 -51.48 -2.81 -4.89
CA GLN O 224 -50.73 -1.58 -5.09
C GLN O 224 -50.03 -1.50 -6.45
N THR O 225 -49.08 -2.39 -6.69
CA THR O 225 -48.22 -2.34 -7.86
C THR O 225 -48.71 -3.30 -8.93
N GLU O 226 -48.68 -2.85 -10.18
CA GLU O 226 -49.19 -3.61 -11.30
C GLU O 226 -48.20 -3.56 -12.46
N GLY O 227 -48.33 -4.55 -13.35
CA GLY O 227 -47.59 -4.54 -14.59
C GLY O 227 -47.08 -5.90 -15.00
N TRP O 228 -46.66 -6.00 -16.25
CA TRP O 228 -46.25 -7.28 -16.82
C TRP O 228 -44.98 -7.79 -16.16
N PHE O 229 -45.01 -9.06 -15.73
CA PHE O 229 -43.85 -9.75 -15.20
C PHE O 229 -43.31 -9.13 -13.92
N LYS O 230 -44.17 -8.50 -13.13
CA LYS O 230 -43.76 -7.94 -11.83
C LYS O 230 -44.18 -8.93 -10.74
N ARG O 231 -43.21 -9.69 -10.24
CA ARG O 231 -43.45 -10.62 -9.15
C ARG O 231 -43.86 -9.89 -7.88
N LEU O 232 -42.99 -9.00 -7.40
CA LEU O 232 -43.25 -8.31 -6.15
C LEU O 232 -44.33 -7.25 -6.35
N ARG O 233 -45.36 -7.31 -5.52
CA ARG O 233 -46.55 -6.47 -5.69
C ARG O 233 -46.63 -5.34 -4.67
N TYR O 234 -45.63 -5.17 -3.81
CA TYR O 234 -45.71 -4.21 -2.73
C TYR O 234 -44.37 -3.54 -2.53
N TRP O 235 -44.37 -2.20 -2.51
CA TRP O 235 -43.18 -1.40 -2.29
C TRP O 235 -43.56 -0.17 -1.47
N HIS O 236 -42.54 0.56 -1.01
CA HIS O 236 -42.76 1.77 -0.23
C HIS O 236 -42.18 3.02 -0.89
N TYR O 237 -40.88 3.06 -1.18
CA TYR O 237 -40.18 4.30 -1.43
C TYR O 237 -39.61 4.34 -2.85
N LYS O 238 -39.59 5.54 -3.42
CA LYS O 238 -39.09 5.78 -4.76
C LYS O 238 -38.42 7.15 -4.80
N GLU O 239 -37.52 7.33 -5.78
CA GLU O 239 -36.73 8.55 -5.88
C GLU O 239 -36.98 9.33 -7.16
N THR O 240 -38.14 9.16 -7.78
CA THR O 240 -38.53 10.03 -8.87
C THR O 240 -38.69 11.46 -8.35
N ALA O 241 -38.27 12.42 -9.17
CA ALA O 241 -38.03 13.78 -8.70
C ALA O 241 -39.32 14.61 -8.64
N GLU O 242 -39.31 15.59 -7.76
CA GLU O 242 -40.45 16.46 -7.54
C GLU O 242 -40.49 17.60 -8.55
N PRO O 243 -41.66 18.12 -8.87
CA PRO O 243 -41.76 19.29 -9.75
C PRO O 243 -41.52 20.59 -9.00
N THR O 244 -41.60 21.69 -9.76
CA THR O 244 -41.42 23.01 -9.18
C THR O 244 -42.54 23.35 -8.20
N PHE O 245 -43.77 22.98 -8.52
CA PHE O 245 -44.93 23.29 -7.69
C PHE O 245 -45.62 22.00 -7.26
N PRO O 246 -45.32 21.49 -6.06
CA PRO O 246 -45.82 20.17 -5.65
C PRO O 246 -47.30 20.21 -5.30
N ARG O 247 -47.89 19.01 -5.26
CA ARG O 247 -49.26 18.83 -4.81
C ARG O 247 -49.35 19.11 -3.31
N THR O 248 -50.33 19.91 -2.93
CA THR O 248 -50.46 20.31 -1.53
C THR O 248 -50.99 19.15 -0.70
N PRO O 249 -50.31 18.77 0.38
CA PRO O 249 -50.89 17.79 1.30
C PRO O 249 -52.17 18.29 1.93
N ASP O 250 -53.12 17.39 2.14
CA ASP O 250 -54.35 17.68 2.88
C ASP O 250 -54.15 17.14 4.29
N LEU O 251 -53.84 18.04 5.23
CA LEU O 251 -53.64 17.64 6.61
C LEU O 251 -54.93 17.14 7.27
N SER O 252 -56.09 17.50 6.70
CA SER O 252 -57.35 17.02 7.27
C SER O 252 -57.46 15.51 7.16
N LYS O 253 -56.82 14.91 6.16
CA LYS O 253 -56.81 13.48 5.97
C LYS O 253 -55.55 12.83 6.54
N GLY O 254 -54.79 13.56 7.35
CA GLY O 254 -53.54 13.08 7.90
C GLY O 254 -52.50 12.66 6.88
N GLU O 255 -52.41 13.39 5.78
CA GLU O 255 -51.36 13.13 4.81
C GLU O 255 -50.03 13.72 5.28
N LEU O 256 -48.93 13.16 4.78
CA LEU O 256 -47.60 13.58 5.18
C LEU O 256 -47.17 14.85 4.45
N ALA O 257 -46.50 15.74 5.18
CA ALA O 257 -45.87 16.93 4.63
C ALA O 257 -44.39 16.89 4.99
N ALA O 258 -43.53 16.79 3.99
CA ALA O 258 -42.11 16.63 4.26
C ALA O 258 -41.29 17.12 3.07
N GLY O 259 -40.06 17.55 3.36
CA GLY O 259 -39.19 18.17 2.38
C GLY O 259 -39.83 19.12 1.39
N ALA O 260 -39.84 18.76 0.11
CA ALA O 260 -40.29 19.68 -0.93
C ALA O 260 -41.65 20.29 -0.57
N THR O 261 -42.58 19.47 -0.08
CA THR O 261 -43.95 19.91 0.16
C THR O 261 -44.05 20.88 1.34
N VAL O 262 -42.98 21.08 2.09
CA VAL O 262 -42.93 22.14 3.10
C VAL O 262 -42.33 23.40 2.50
N THR O 263 -41.34 23.23 1.63
CA THR O 263 -40.59 24.37 1.10
C THR O 263 -41.37 25.06 -0.01
N ARG O 264 -41.96 24.30 -0.92
CA ARG O 264 -42.61 24.83 -2.11
C ARG O 264 -44.13 24.69 -2.03
N THR O 265 -44.70 24.93 -0.84
CA THR O 265 -46.13 24.84 -0.63
C THR O 265 -46.52 25.71 0.56
N SER O 266 -47.80 26.06 0.62
CA SER O 266 -48.35 26.89 1.68
C SER O 266 -48.87 26.07 2.86
N VAL O 267 -48.50 24.79 2.95
CA VAL O 267 -49.18 23.86 3.83
C VAL O 267 -49.04 24.28 5.30
N TRP O 268 -47.90 24.85 5.67
CA TRP O 268 -47.62 25.14 7.07
C TRP O 268 -48.26 26.44 7.55
N HIS O 269 -49.06 27.10 6.73
CA HIS O 269 -49.58 28.42 7.06
C HIS O 269 -50.80 28.31 7.97
N ASP O 270 -50.86 29.19 8.97
CA ASP O 270 -51.99 29.25 9.89
C ASP O 270 -52.37 30.71 10.13
N PRO O 271 -53.66 31.06 10.04
CA PRO O 271 -54.04 32.46 10.28
C PRO O 271 -53.73 32.98 11.68
N ASN O 272 -53.79 32.12 12.70
CA ASN O 272 -53.79 32.59 14.09
C ASN O 272 -52.41 32.68 14.71
N GLU O 273 -51.35 32.27 14.01
CA GLU O 273 -50.07 31.97 14.62
C GLU O 273 -48.94 32.63 13.84
N PRO O 274 -47.92 33.13 14.54
CA PRO O 274 -46.71 33.58 13.86
C PRO O 274 -46.13 32.50 12.95
N ALA O 275 -45.46 32.94 11.89
CA ALA O 275 -44.89 32.00 10.93
C ALA O 275 -43.74 31.21 11.53
N ILE O 276 -42.91 31.86 12.34
CA ILE O 276 -41.75 31.18 12.93
C ILE O 276 -42.21 30.06 13.85
N VAL O 277 -43.31 30.27 14.56
CA VAL O 277 -43.89 29.21 15.39
C VAL O 277 -44.50 28.13 14.51
N SER O 278 -45.18 28.53 13.44
CA SER O 278 -45.92 27.58 12.61
C SER O 278 -45.00 26.60 11.90
N VAL O 279 -43.89 27.08 11.33
CA VAL O 279 -42.97 26.20 10.61
C VAL O 279 -42.32 25.18 11.54
N SER O 280 -42.27 25.45 12.84
CA SER O 280 -41.51 24.59 13.74
C SER O 280 -42.09 23.18 13.86
N ARG O 281 -43.34 22.98 13.46
CA ARG O 281 -44.02 21.71 13.63
C ARG O 281 -43.83 20.76 12.45
N PHE O 282 -43.03 21.12 11.46
CA PHE O 282 -42.95 20.37 10.22
C PHE O 282 -41.57 19.77 9.99
N ALA O 283 -40.78 19.63 11.03
CA ALA O 283 -39.58 18.81 10.97
C ALA O 283 -39.99 17.34 10.94
N PRO O 284 -39.16 16.46 10.37
CA PRO O 284 -39.56 15.06 10.21
C PRO O 284 -39.73 14.31 11.52
N ASP O 285 -39.25 14.82 12.64
CA ASP O 285 -39.47 14.17 13.93
C ASP O 285 -40.88 14.37 14.45
N ASN O 286 -41.60 15.37 13.95
CA ASN O 286 -42.93 15.70 14.44
C ASN O 286 -44.02 14.81 13.85
N PHE O 287 -43.69 13.89 12.97
CA PHE O 287 -44.65 13.01 12.31
C PHE O 287 -44.38 11.56 12.69
N ARG O 288 -45.46 10.83 12.97
CA ARG O 288 -45.36 9.38 13.19
C ARG O 288 -46.60 8.71 12.65
N ALA O 289 -46.41 7.59 11.96
CA ALA O 289 -47.51 6.89 11.31
C ALA O 289 -48.57 6.47 12.33
N VAL O 290 -49.74 6.08 11.82
CA VAL O 290 -50.80 5.51 12.64
C VAL O 290 -50.49 4.04 12.87
N GLY O 291 -50.57 3.61 14.12
CA GLY O 291 -50.25 2.25 14.50
C GLY O 291 -48.85 2.09 15.00
N PHE O 292 -48.09 3.19 15.09
CA PHE O 292 -46.66 3.11 15.37
C PHE O 292 -46.40 2.56 16.76
N ALA O 293 -47.01 3.16 17.77
CA ALA O 293 -46.79 2.74 19.15
C ALA O 293 -47.29 1.34 19.43
N GLU O 294 -48.21 0.83 18.60
CA GLU O 294 -48.86 -0.45 18.84
C GLU O 294 -48.15 -1.63 18.20
N ASN O 295 -47.40 -1.42 17.12
CA ASN O 295 -46.89 -2.52 16.32
C ASN O 295 -45.36 -2.60 16.24
N VAL O 296 -44.64 -1.52 16.48
CA VAL O 296 -43.21 -1.49 16.20
C VAL O 296 -42.47 -2.24 17.32
N PRO O 297 -41.77 -3.33 17.02
CA PRO O 297 -41.10 -4.09 18.08
C PRO O 297 -39.84 -3.38 18.57
N ASN O 298 -39.47 -3.70 19.81
CA ASN O 298 -38.24 -3.21 20.43
C ASN O 298 -37.67 -4.32 21.29
N PRO O 299 -36.80 -5.18 20.72
CA PRO O 299 -36.35 -6.36 21.46
C PRO O 299 -35.62 -6.04 22.76
N GLU O 300 -35.63 -7.01 23.66
CA GLU O 300 -34.82 -6.98 24.87
C GLU O 300 -33.59 -7.88 24.79
N SER O 301 -33.59 -8.85 23.88
CA SER O 301 -32.46 -9.76 23.72
C SER O 301 -32.52 -10.35 22.33
N THR O 302 -31.40 -10.91 21.89
CA THR O 302 -31.39 -11.67 20.64
C THR O 302 -31.94 -13.07 20.83
N ASN O 303 -32.04 -13.55 22.07
CA ASN O 303 -32.46 -14.90 22.35
C ASN O 303 -33.91 -14.94 22.78
N SER O 304 -34.68 -15.83 22.17
CA SER O 304 -36.05 -16.08 22.60
C SER O 304 -36.04 -17.07 23.76
N ASP O 305 -36.90 -16.81 24.75
CA ASP O 305 -36.97 -17.70 25.91
C ASP O 305 -37.44 -19.09 25.55
N SER O 306 -37.94 -19.30 24.33
CA SER O 306 -38.40 -20.60 23.88
C SER O 306 -37.32 -21.39 23.15
N HIS O 307 -36.09 -20.91 23.15
CA HIS O 307 -34.97 -21.58 22.50
C HIS O 307 -33.84 -21.82 23.50
N PRO O 308 -33.00 -22.82 23.25
CA PRO O 308 -31.90 -23.11 24.19
C PRO O 308 -30.63 -22.30 23.95
N ASP O 309 -30.11 -21.70 25.02
CA ASP O 309 -28.81 -21.03 25.05
C ASP O 309 -27.80 -21.90 25.81
N PHE O 310 -26.65 -21.31 26.15
CA PHE O 310 -25.55 -22.10 26.70
C PHE O 310 -25.89 -22.76 28.03
N ARG O 311 -26.93 -22.31 28.72
CA ARG O 311 -27.21 -22.79 30.08
C ARG O 311 -27.50 -24.29 30.10
N GLU O 312 -28.06 -24.84 29.05
CA GLU O 312 -28.38 -26.26 28.99
C GLU O 312 -27.27 -27.09 28.36
N TYR O 313 -26.17 -26.45 27.96
CA TYR O 313 -25.06 -27.14 27.33
C TYR O 313 -23.74 -26.95 28.06
N ARG O 314 -23.68 -26.03 29.03
CA ARG O 314 -22.46 -25.77 29.76
C ARG O 314 -22.05 -26.99 30.59
N LEU O 315 -20.77 -27.31 30.57
CA LEU O 315 -20.20 -28.38 31.39
C LEU O 315 -19.80 -27.78 32.73
N GLY O 316 -20.50 -28.21 33.79
CA GLY O 316 -20.40 -27.58 35.09
C GLY O 316 -19.41 -28.21 36.03
N PRO O 317 -19.55 -27.90 37.32
CA PRO O 317 -18.79 -28.63 38.34
C PRO O 317 -18.96 -30.14 38.20
N GLY O 318 -17.85 -30.85 38.36
CA GLY O 318 -17.83 -32.30 38.35
C GLY O 318 -17.39 -32.87 37.02
N SER O 319 -17.19 -32.01 36.03
CA SER O 319 -16.93 -32.44 34.67
C SER O 319 -15.46 -32.81 34.48
N VAL O 320 -15.20 -33.55 33.41
CA VAL O 320 -13.85 -33.96 33.05
C VAL O 320 -13.12 -32.80 32.39
N ASP O 321 -11.81 -32.96 32.21
CA ASP O 321 -11.04 -32.06 31.37
C ASP O 321 -11.02 -32.59 29.94
N ARG O 322 -11.19 -31.69 28.98
CA ARG O 322 -11.35 -32.09 27.59
C ARG O 322 -10.21 -31.61 26.68
N ARG O 323 -9.20 -30.93 27.21
CA ARG O 323 -8.05 -30.57 26.39
C ARG O 323 -7.43 -31.77 25.70
N PRO O 324 -7.14 -32.88 26.39
CA PRO O 324 -6.61 -34.05 25.69
C PRO O 324 -7.44 -34.46 24.49
N PHE O 325 -8.76 -34.49 24.64
CA PHE O 325 -9.61 -34.94 23.55
C PHE O 325 -9.54 -33.99 22.35
N VAL O 326 -9.63 -32.68 22.63
CA VAL O 326 -9.60 -31.69 21.57
C VAL O 326 -8.30 -31.79 20.77
N TYR O 327 -7.17 -31.80 21.48
CA TYR O 327 -5.89 -31.81 20.79
C TYR O 327 -5.62 -33.15 20.11
N PHE O 328 -6.14 -34.25 20.67
CA PHE O 328 -6.06 -35.54 20.00
C PHE O 328 -6.84 -35.53 18.69
N MET O 329 -8.05 -34.97 18.71
CA MET O 329 -8.85 -34.81 17.51
C MET O 329 -8.05 -34.12 16.41
N SER O 330 -7.45 -32.97 16.74
CA SER O 330 -6.76 -32.20 15.71
C SER O 330 -5.45 -32.85 15.29
N ALA O 331 -4.73 -33.51 16.22
CA ALA O 331 -3.53 -34.24 15.84
C ALA O 331 -3.85 -35.37 14.89
N SER O 332 -4.97 -36.06 15.13
CA SER O 332 -5.40 -37.12 14.23
C SER O 332 -5.63 -36.59 12.82
N TYR O 333 -6.42 -35.52 12.74
CA TYR O 333 -6.63 -34.88 11.44
C TYR O 333 -5.29 -34.62 10.75
N PHE O 334 -4.35 -34.04 11.49
CA PHE O 334 -3.09 -33.63 10.87
C PHE O 334 -2.25 -34.83 10.42
N PHE O 335 -2.25 -35.94 11.16
CA PHE O 335 -1.37 -37.02 10.71
C PHE O 335 -1.95 -37.72 9.49
N ILE O 336 -3.27 -37.82 9.38
CA ILE O 336 -3.83 -38.28 8.10
C ILE O 336 -3.44 -37.32 6.98
N THR O 337 -3.58 -36.02 7.24
CA THR O 337 -3.25 -35.01 6.24
C THR O 337 -1.80 -35.17 5.75
N ALA O 338 -0.88 -35.37 6.68
CA ALA O 338 0.54 -35.45 6.33
C ALA O 338 0.83 -36.70 5.52
N SER O 339 0.23 -37.83 5.90
CA SER O 339 0.42 -39.04 5.10
C SER O 339 -0.01 -38.80 3.66
N MET O 340 -1.19 -38.21 3.47
CA MET O 340 -1.68 -37.96 2.11
C MET O 340 -0.74 -37.02 1.36
N MET O 341 -0.26 -35.96 2.02
CA MET O 341 0.64 -35.02 1.37
C MET O 341 1.94 -35.69 0.92
N ARG O 342 2.53 -36.50 1.81
CA ARG O 342 3.74 -37.22 1.46
C ARG O 342 3.51 -38.14 0.26
N SER O 343 2.36 -38.82 0.24
CA SER O 343 2.05 -39.67 -0.90
C SER O 343 2.02 -38.86 -2.20
N PHE O 344 1.40 -37.69 -2.15
CA PHE O 344 1.33 -36.84 -3.34
C PHE O 344 2.72 -36.46 -3.84
N LEU O 345 3.57 -35.98 -2.93
CA LEU O 345 4.92 -35.59 -3.35
C LEU O 345 5.70 -36.78 -3.88
N CYS O 346 5.53 -37.96 -3.26
CA CYS O 346 6.26 -39.14 -3.73
C CYS O 346 5.84 -39.51 -5.15
N LYS O 347 4.52 -39.49 -5.42
CA LYS O 347 4.06 -39.77 -6.78
C LYS O 347 4.59 -38.75 -7.77
N TRP O 348 4.58 -37.47 -7.40
CA TRP O 348 5.04 -36.43 -8.31
C TRP O 348 6.53 -36.58 -8.61
N VAL O 349 7.34 -36.88 -7.59
CA VAL O 349 8.76 -37.15 -7.83
C VAL O 349 8.90 -38.36 -8.75
N HIS O 350 8.22 -39.46 -8.43
CA HIS O 350 8.37 -40.69 -9.20
C HIS O 350 8.01 -40.47 -10.65
N TYR O 351 7.11 -39.53 -10.93
CA TYR O 351 6.66 -39.27 -12.29
C TYR O 351 7.75 -38.70 -13.19
N TRP O 352 8.81 -38.13 -12.62
CA TRP O 352 9.95 -37.66 -13.41
C TRP O 352 10.97 -38.75 -13.69
N TRP O 353 10.79 -39.95 -13.14
CA TRP O 353 11.75 -41.03 -13.27
C TRP O 353 11.59 -41.71 -14.63
N VAL O 354 12.57 -42.54 -14.98
CA VAL O 354 12.63 -43.14 -16.32
C VAL O 354 11.45 -44.08 -16.54
N SER O 355 11.02 -44.19 -17.79
CA SER O 355 9.81 -44.92 -18.13
C SER O 355 10.06 -46.42 -18.15
N ARG O 356 8.96 -47.19 -18.15
CA ARG O 356 8.99 -48.64 -18.06
C ARG O 356 9.31 -49.32 -19.38
N ASP O 357 9.41 -48.58 -20.49
CA ASP O 357 9.82 -49.19 -21.75
C ASP O 357 11.33 -49.29 -21.93
N MET O 358 12.10 -48.50 -21.18
CA MET O 358 13.54 -48.39 -21.48
C MET O 358 14.30 -49.64 -21.02
N LEU O 359 14.41 -49.84 -19.71
CA LEU O 359 14.89 -51.09 -19.10
C LEU O 359 16.37 -51.38 -19.30
N ALA O 360 17.01 -50.75 -20.30
CA ALA O 360 18.46 -50.82 -20.51
C ALA O 360 19.01 -52.25 -20.55
N ALA O 361 18.19 -53.28 -20.72
CA ALA O 361 18.68 -54.64 -20.76
C ALA O 361 19.15 -55.02 -22.17
N GLY O 362 20.01 -56.02 -22.25
CA GLY O 362 20.44 -56.57 -23.52
C GLY O 362 21.85 -57.11 -23.47
N THR O 363 22.20 -57.90 -24.48
CA THR O 363 23.54 -58.40 -24.70
C THR O 363 23.77 -58.52 -26.19
N THR O 364 25.05 -58.54 -26.60
CA THR O 364 25.36 -58.63 -28.02
C THR O 364 26.60 -59.50 -28.23
N GLU O 365 26.86 -59.84 -29.49
CA GLU O 365 28.03 -60.62 -29.87
C GLU O 365 28.68 -60.00 -31.09
N VAL O 366 29.99 -60.25 -31.24
CA VAL O 366 30.79 -59.64 -32.30
C VAL O 366 31.64 -60.72 -32.96
N ASP O 367 31.65 -60.73 -34.29
CA ASP O 367 32.54 -61.57 -35.09
C ASP O 367 33.82 -60.80 -35.39
N LEU O 368 34.97 -61.44 -35.16
CA LEU O 368 36.27 -60.77 -35.22
C LEU O 368 37.11 -61.18 -36.42
N ARG O 369 36.57 -61.99 -37.32
CA ARG O 369 37.35 -62.39 -38.50
C ARG O 369 37.76 -61.20 -39.37
N PRO O 370 36.89 -60.25 -39.71
CA PRO O 370 37.24 -59.23 -40.71
C PRO O 370 38.27 -58.19 -40.24
N ILE O 371 38.65 -58.18 -38.96
CA ILE O 371 39.47 -57.10 -38.43
C ILE O 371 40.91 -57.25 -38.92
N GLN O 372 41.60 -56.12 -39.04
CA GLN O 372 42.99 -56.07 -39.48
C GLN O 372 43.86 -55.46 -38.40
N GLU O 373 45.14 -55.81 -38.40
CA GLU O 373 46.07 -55.31 -37.39
C GLU O 373 46.17 -53.79 -37.45
N GLY O 374 46.24 -53.16 -36.28
CA GLY O 374 46.35 -51.72 -36.20
C GLY O 374 45.05 -50.99 -36.37
N MET O 375 43.96 -51.70 -36.65
CA MET O 375 42.65 -51.12 -36.87
C MET O 375 41.86 -51.07 -35.56
N THR O 376 40.98 -50.08 -35.46
CA THR O 376 40.03 -49.98 -34.36
C THR O 376 38.62 -50.06 -34.91
N ALA O 377 37.84 -51.02 -34.44
CA ALA O 377 36.43 -51.15 -34.75
C ALA O 377 35.60 -50.61 -33.58
N VAL O 378 34.40 -50.14 -33.90
CA VAL O 378 33.52 -49.51 -32.93
C VAL O 378 32.15 -50.16 -33.02
N PHE O 379 31.53 -50.41 -31.87
CA PHE O 379 30.26 -51.10 -31.80
C PHE O 379 29.37 -50.41 -30.76
N LYS O 380 28.10 -50.80 -30.77
CA LYS O 380 27.05 -50.20 -29.96
C LYS O 380 26.66 -51.16 -28.85
N TRP O 381 26.61 -50.68 -27.60
CA TRP O 381 26.31 -51.56 -26.49
C TRP O 381 25.69 -50.76 -25.35
N ARG O 382 24.48 -51.14 -24.94
CA ARG O 382 23.76 -50.53 -23.83
C ARG O 382 23.85 -49.01 -23.85
N GLY O 383 23.69 -48.42 -25.04
CA GLY O 383 23.56 -47.00 -25.20
C GLY O 383 24.88 -46.26 -25.32
N LYS O 384 26.00 -46.97 -25.27
CA LYS O 384 27.34 -46.40 -25.23
C LYS O 384 28.20 -47.06 -26.30
N PRO O 385 29.29 -46.40 -26.70
CA PRO O 385 30.16 -47.03 -27.70
C PRO O 385 31.25 -47.88 -27.05
N VAL O 386 31.64 -48.92 -27.79
CA VAL O 386 32.65 -49.88 -27.34
C VAL O 386 33.70 -50.02 -28.44
N PHE O 387 34.96 -49.90 -28.06
CA PHE O 387 36.08 -50.05 -28.99
C PHE O 387 36.66 -51.46 -28.87
N VAL O 388 36.91 -52.06 -30.03
CA VAL O 388 37.66 -53.31 -30.16
C VAL O 388 38.83 -53.06 -31.10
N ARG O 389 40.05 -53.29 -30.61
CA ARG O 389 41.25 -53.01 -31.39
C ARG O 389 42.14 -54.23 -31.44
N HIS O 390 42.66 -54.51 -32.64
CA HIS O 390 43.60 -55.61 -32.88
C HIS O 390 45.00 -55.00 -32.87
N ARG O 391 45.63 -55.01 -31.69
CA ARG O 391 46.87 -54.29 -31.49
C ARG O 391 48.03 -54.94 -32.23
N THR O 392 48.95 -54.11 -32.70
CA THR O 392 50.20 -54.59 -33.26
C THR O 392 51.16 -54.98 -32.14
N ALA O 393 52.24 -55.68 -32.52
CA ALA O 393 53.26 -56.01 -31.54
C ALA O 393 53.85 -54.75 -30.91
N GLU O 394 53.98 -53.68 -31.71
CA GLU O 394 54.54 -52.44 -31.18
C GLU O 394 53.57 -51.73 -30.26
N ASP O 395 52.26 -51.82 -30.52
CA ASP O 395 51.29 -51.30 -29.56
C ASP O 395 51.44 -52.01 -28.22
N ILE O 396 51.53 -53.34 -28.26
CA ILE O 396 51.73 -54.14 -27.05
C ILE O 396 53.00 -53.70 -26.34
N ALA O 397 54.08 -53.51 -27.09
CA ALA O 397 55.35 -53.12 -26.49
C ALA O 397 55.27 -51.73 -25.87
N LYS O 398 54.55 -50.80 -26.52
CA LYS O 398 54.35 -49.48 -25.94
C LYS O 398 53.63 -49.59 -24.62
N ALA O 399 52.57 -50.41 -24.56
CA ALA O 399 51.83 -50.57 -23.31
C ALA O 399 52.72 -51.17 -22.23
N GLN O 400 53.52 -52.18 -22.57
CA GLN O 400 54.30 -52.88 -21.57
C GLN O 400 55.52 -52.10 -21.11
N ALA O 401 56.05 -51.21 -21.96
CA ALA O 401 57.19 -50.39 -21.56
C ALA O 401 56.82 -49.44 -20.42
N ASP O 402 55.56 -49.00 -20.37
CA ASP O 402 55.13 -48.07 -19.32
C ASP O 402 54.72 -48.79 -18.04
N ASP O 403 54.79 -50.12 -18.00
CA ASP O 403 54.57 -50.82 -16.74
C ASP O 403 55.68 -50.53 -15.76
N ALA O 404 56.87 -50.18 -16.25
CA ALA O 404 57.96 -49.80 -15.35
C ALA O 404 57.71 -48.47 -14.66
N LEU O 405 56.82 -47.64 -15.20
CA LEU O 405 56.51 -46.34 -14.63
C LEU O 405 55.14 -46.32 -13.96
N ILE O 406 54.64 -47.49 -13.53
CA ILE O 406 53.32 -47.56 -12.92
C ILE O 406 53.24 -46.71 -11.67
N GLY O 407 54.34 -46.61 -10.92
CA GLY O 407 54.48 -45.62 -9.87
C GLY O 407 53.81 -44.28 -10.13
N THR O 408 53.95 -43.77 -11.34
CA THR O 408 53.59 -42.40 -11.67
C THR O 408 52.13 -42.21 -12.04
N MET O 409 51.39 -43.30 -12.25
CA MET O 409 50.08 -43.20 -12.88
C MET O 409 49.00 -42.80 -11.87
N LYS O 410 47.94 -42.18 -12.39
CA LYS O 410 46.79 -41.79 -11.57
C LYS O 410 45.90 -42.97 -11.23
N ASP O 411 45.93 -44.03 -12.03
CA ASP O 411 45.05 -45.19 -11.83
C ASP O 411 45.81 -46.44 -12.26
N PRO O 412 46.73 -46.91 -11.42
CA PRO O 412 47.69 -47.92 -11.86
C PRO O 412 47.04 -49.26 -12.17
N GLN O 413 47.44 -49.84 -13.31
CA GLN O 413 47.03 -51.18 -13.68
C GLN O 413 48.00 -51.70 -14.74
N LEU O 414 48.20 -53.02 -14.74
CA LEU O 414 49.11 -53.65 -15.68
C LEU O 414 48.35 -54.10 -16.93
N ASP O 415 49.07 -54.15 -18.06
CA ASP O 415 48.42 -54.37 -19.34
C ASP O 415 47.76 -55.73 -19.42
N SER O 416 48.36 -56.76 -18.82
CA SER O 416 47.86 -58.12 -19.01
C SER O 416 46.43 -58.27 -18.50
N GLU O 417 46.06 -57.50 -17.47
CA GLU O 417 44.67 -57.55 -17.00
C GLU O 417 43.71 -56.99 -18.05
N ARG O 418 44.13 -55.95 -18.75
CA ARG O 418 43.25 -55.27 -19.70
C ARG O 418 43.16 -55.99 -21.03
N CYS O 419 44.11 -56.88 -21.34
CA CYS O 419 44.09 -57.67 -22.56
C CYS O 419 44.26 -59.14 -22.17
N PRO O 420 43.20 -59.78 -21.67
CA PRO O 420 43.31 -61.22 -21.37
C PRO O 420 43.85 -62.01 -22.54
N ARG O 421 43.47 -61.64 -23.76
CA ARG O 421 44.22 -62.02 -24.94
C ARG O 421 45.05 -60.81 -25.36
N PRO O 422 46.39 -60.91 -25.34
CA PRO O 422 47.21 -59.69 -25.46
C PRO O 422 46.95 -58.88 -26.72
N GLN O 423 46.67 -59.53 -27.85
CA GLN O 423 46.52 -58.80 -29.12
C GLN O 423 45.15 -58.14 -29.26
N TRP O 424 44.21 -58.39 -28.36
CA TRP O 424 42.87 -57.83 -28.43
C TRP O 424 42.67 -56.86 -27.28
N LEU O 425 42.31 -55.62 -27.61
CA LEU O 425 42.03 -54.58 -26.63
C LEU O 425 40.56 -54.20 -26.74
N ILE O 426 39.87 -54.11 -25.61
CA ILE O 426 38.45 -53.80 -25.58
C ILE O 426 38.19 -52.77 -24.49
N ASN O 427 37.41 -51.74 -24.82
CA ASN O 427 37.07 -50.73 -23.83
C ASN O 427 35.68 -50.17 -24.11
N ILE O 428 35.11 -49.53 -23.11
CA ILE O 428 33.97 -48.65 -23.31
C ILE O 428 34.50 -47.33 -23.88
N GLY O 429 33.98 -46.94 -25.05
CA GLY O 429 34.41 -45.75 -25.74
C GLY O 429 34.04 -44.39 -25.18
N VAL O 430 34.23 -44.15 -23.89
CA VAL O 430 33.73 -42.93 -23.27
C VAL O 430 34.77 -42.36 -22.31
N CYS O 431 34.93 -41.04 -22.34
CA CYS O 431 35.84 -40.36 -21.45
C CYS O 431 35.31 -40.35 -20.03
N THR O 432 36.15 -40.77 -19.10
CA THR O 432 35.77 -40.86 -17.69
C THR O 432 35.71 -39.51 -17.01
N HIS O 433 36.04 -38.42 -17.73
CA HIS O 433 36.00 -37.09 -17.13
C HIS O 433 34.57 -36.55 -17.08
N LEU O 434 33.97 -36.31 -18.26
CA LEU O 434 32.60 -35.82 -18.31
C LEU O 434 31.77 -36.42 -19.44
N GLY O 435 32.27 -37.44 -20.13
CA GLY O 435 31.43 -38.27 -20.96
C GLY O 435 31.66 -38.13 -22.45
N CYS O 436 32.53 -37.22 -22.88
CA CYS O 436 32.85 -37.11 -24.29
C CYS O 436 33.47 -38.41 -24.79
N ILE O 437 33.59 -38.50 -26.11
CA ILE O 437 34.10 -39.69 -26.79
C ILE O 437 35.52 -39.38 -27.26
N PRO O 438 36.55 -40.07 -26.74
CA PRO O 438 37.92 -39.79 -27.19
C PRO O 438 38.12 -40.11 -28.67
N THR O 439 39.02 -39.35 -29.29
CA THR O 439 39.37 -39.50 -30.69
C THR O 439 40.69 -40.26 -30.84
N ASP O 440 41.00 -40.62 -32.09
CA ASP O 440 42.25 -41.31 -32.38
C ASP O 440 43.44 -40.38 -32.16
N GLY O 441 44.50 -40.92 -31.58
CA GLY O 441 45.75 -40.20 -31.47
C GLY O 441 46.29 -39.94 -30.07
N GLY O 442 46.50 -38.66 -29.78
CA GLY O 442 47.17 -38.22 -28.57
C GLY O 442 48.65 -38.57 -28.52
N ASN O 443 49.27 -38.16 -27.41
CA ASN O 443 50.72 -38.25 -27.29
C ASN O 443 51.21 -39.68 -27.08
N TYR O 444 50.35 -40.58 -26.62
CA TYR O 444 50.76 -41.94 -26.26
C TYR O 444 50.17 -42.98 -27.20
N GLY O 445 49.97 -42.61 -28.47
CA GLY O 445 49.44 -43.50 -29.48
C GLY O 445 48.11 -44.15 -29.14
N GLY O 446 47.43 -43.65 -28.13
CA GLY O 446 46.12 -44.18 -27.80
C GLY O 446 44.97 -43.33 -28.29
N TRP O 447 44.32 -42.61 -27.38
CA TRP O 447 43.17 -41.80 -27.71
C TRP O 447 43.27 -40.45 -27.01
N PHE O 448 42.60 -39.46 -27.59
CA PHE O 448 42.64 -38.09 -27.11
C PHE O 448 41.23 -37.51 -27.12
N CYS O 449 40.82 -36.90 -26.00
CA CYS O 449 39.49 -36.35 -25.87
C CYS O 449 39.51 -34.86 -26.18
N PRO O 450 38.67 -34.36 -27.10
CA PRO O 450 38.78 -32.95 -27.49
C PRO O 450 38.13 -31.98 -26.55
N CYS O 451 37.29 -32.44 -25.61
CA CYS O 451 36.49 -31.54 -24.79
C CYS O 451 37.32 -30.89 -23.70
N HIS O 452 38.29 -31.61 -23.11
CA HIS O 452 39.21 -30.96 -22.18
C HIS O 452 40.64 -31.48 -22.25
N GLY O 453 40.95 -32.41 -23.14
CA GLY O 453 42.32 -32.73 -23.46
C GLY O 453 42.94 -33.90 -22.73
N SER O 454 42.18 -34.94 -22.41
CA SER O 454 42.74 -36.11 -21.76
C SER O 454 43.34 -37.05 -22.78
N HIS O 455 44.41 -37.74 -22.38
CA HIS O 455 45.12 -38.69 -23.23
C HIS O 455 45.05 -40.08 -22.64
N TYR O 456 44.99 -41.09 -23.52
CA TYR O 456 45.01 -42.47 -23.12
C TYR O 456 46.04 -43.21 -23.98
N ASP O 457 46.63 -44.25 -23.40
CA ASP O 457 47.73 -44.97 -24.05
C ASP O 457 47.17 -46.08 -24.93
N THR O 458 48.06 -46.93 -25.46
CA THR O 458 47.67 -48.05 -26.31
C THR O 458 47.04 -49.19 -25.53
N SER O 459 46.78 -49.01 -24.24
CA SER O 459 46.05 -50.00 -23.46
C SER O 459 44.77 -49.46 -22.83
N GLY O 460 44.54 -48.15 -22.88
CA GLY O 460 43.35 -47.53 -22.34
C GLY O 460 43.58 -46.70 -21.11
N ARG O 461 44.82 -46.62 -20.63
CA ARG O 461 45.12 -46.03 -19.33
C ARG O 461 45.30 -44.53 -19.47
N ILE O 462 44.83 -43.80 -18.45
CA ILE O 462 44.86 -42.35 -18.45
C ILE O 462 46.27 -41.90 -18.07
N ARG O 463 46.96 -41.25 -19.01
CA ARG O 463 48.32 -40.79 -18.79
C ARG O 463 48.41 -39.31 -18.49
N LEU O 464 47.54 -38.49 -19.08
CA LEU O 464 47.64 -37.04 -18.95
C LEU O 464 46.25 -36.42 -19.09
N GLY O 465 46.01 -35.37 -18.31
CA GLY O 465 44.77 -34.62 -18.38
C GLY O 465 43.86 -34.87 -17.18
N PRO O 466 42.70 -34.20 -17.19
CA PRO O 466 41.81 -34.13 -16.03
C PRO O 466 40.99 -35.39 -15.76
N ALA O 467 41.06 -36.42 -16.60
CA ALA O 467 40.20 -37.57 -16.38
C ALA O 467 40.74 -38.42 -15.23
N PRO O 468 39.88 -38.85 -14.29
CA PRO O 468 40.34 -39.47 -13.04
C PRO O 468 40.62 -40.95 -13.09
N SER O 469 40.28 -41.66 -14.18
CA SER O 469 40.50 -43.09 -14.22
C SER O 469 40.67 -43.57 -15.66
N ASN O 470 41.14 -44.80 -15.79
CA ASN O 470 41.32 -45.43 -17.09
C ASN O 470 39.96 -45.71 -17.74
N LEU O 471 40.01 -46.01 -19.04
CA LEU O 471 38.80 -46.39 -19.75
C LEU O 471 38.23 -47.67 -19.14
N GLU O 472 36.93 -47.66 -18.91
CA GLU O 472 36.27 -48.71 -18.14
C GLU O 472 36.13 -50.00 -18.95
N LEU O 473 36.44 -51.12 -18.32
CA LEU O 473 36.34 -52.42 -18.97
C LEU O 473 34.90 -52.90 -18.97
N PRO O 474 34.35 -53.31 -20.11
CA PRO O 474 32.98 -53.84 -20.12
C PRO O 474 32.96 -55.29 -19.71
N PRO O 475 31.85 -55.77 -19.15
CA PRO O 475 31.75 -57.20 -18.81
C PRO O 475 31.67 -58.06 -20.08
N THR O 476 32.70 -58.87 -20.32
CA THR O 476 32.87 -59.47 -21.63
C THR O 476 33.49 -60.85 -21.50
N VAL O 477 33.30 -61.65 -22.56
CA VAL O 477 33.87 -62.99 -22.65
C VAL O 477 34.21 -63.27 -24.11
N PHE O 478 35.34 -63.94 -24.33
CA PHE O 478 35.69 -64.45 -25.66
C PHE O 478 34.95 -65.77 -25.85
N LEU O 479 33.94 -65.78 -26.73
CA LEU O 479 33.23 -67.03 -27.01
C LEU O 479 34.10 -67.99 -27.81
N ASP O 480 34.75 -67.48 -28.85
CA ASP O 480 35.57 -68.32 -29.73
C ASP O 480 36.91 -67.63 -29.93
N ASP O 481 37.79 -68.28 -30.70
CA ASP O 481 39.03 -67.62 -31.11
C ASP O 481 38.73 -66.32 -31.82
N HIS O 482 37.53 -66.21 -32.43
CA HIS O 482 37.21 -65.14 -33.35
C HIS O 482 35.82 -64.57 -33.09
N THR O 483 35.35 -64.61 -31.84
CA THR O 483 34.04 -64.06 -31.51
C THR O 483 33.98 -63.74 -30.02
N VAL O 484 33.35 -62.61 -29.70
CA VAL O 484 33.28 -62.06 -28.35
C VAL O 484 31.82 -61.79 -27.98
N LYS O 485 31.53 -61.82 -26.68
CA LYS O 485 30.21 -61.54 -26.13
C LYS O 485 30.29 -60.34 -25.20
N LEU O 486 29.33 -59.42 -25.35
CA LEU O 486 29.23 -58.22 -24.51
C LEU O 486 27.96 -58.30 -23.68
N GLY O 487 28.10 -58.15 -22.37
CA GLY O 487 26.99 -58.15 -21.44
C GLY O 487 26.72 -59.52 -20.84
N VAL P 48 -46.21 33.43 -23.12
CA VAL P 48 -47.46 33.04 -22.47
C VAL P 48 -47.28 33.02 -20.96
N SER P 49 -46.43 32.12 -20.48
CA SER P 49 -46.26 31.95 -19.05
C SER P 49 -45.66 33.22 -18.42
N PRO P 50 -46.11 33.59 -17.22
CA PRO P 50 -45.49 34.74 -16.55
C PRO P 50 -44.01 34.60 -16.29
N LEU P 51 -43.49 33.36 -16.21
CA LEU P 51 -42.07 33.16 -15.98
C LEU P 51 -41.22 33.64 -17.15
N ALA P 52 -41.83 33.96 -18.29
CA ALA P 52 -41.13 34.50 -19.44
C ALA P 52 -41.43 35.99 -19.66
N ARG P 53 -42.06 36.66 -18.69
CA ARG P 53 -42.41 38.06 -18.79
C ARG P 53 -41.51 38.96 -17.96
N SER P 54 -40.39 38.45 -17.48
CA SER P 54 -39.60 39.18 -16.48
C SER P 54 -38.96 40.42 -17.07
N VAL P 55 -38.72 41.41 -16.21
CA VAL P 55 -38.05 42.64 -16.63
C VAL P 55 -36.63 42.32 -17.06
N ASP P 56 -36.20 42.93 -18.16
CA ASP P 56 -34.86 42.73 -18.71
C ASP P 56 -34.23 44.09 -18.90
N ALA P 57 -33.18 44.37 -18.13
CA ALA P 57 -32.36 45.56 -18.32
C ALA P 57 -30.91 45.16 -18.00
N ALA P 58 -30.14 44.83 -19.03
CA ALA P 58 -28.75 44.47 -18.81
C ALA P 58 -27.98 45.64 -18.22
N ILE P 59 -28.10 46.81 -18.83
CA ILE P 59 -27.42 48.02 -18.40
C ILE P 59 -28.47 49.00 -17.89
N PRO P 60 -28.41 49.42 -16.62
CA PRO P 60 -29.39 50.37 -16.12
C PRO P 60 -29.27 51.73 -16.79
N GLU P 61 -30.36 52.50 -16.69
CA GLU P 61 -30.36 53.85 -17.26
C GLU P 61 -29.32 54.75 -16.60
N GLU P 62 -29.04 54.52 -15.31
CA GLU P 62 -28.05 55.34 -14.61
C GLU P 62 -26.67 55.26 -15.26
N ALA P 63 -26.37 54.16 -15.95
CA ALA P 63 -25.08 54.05 -16.61
C ALA P 63 -24.91 55.12 -17.69
N PHE P 64 -26.01 55.59 -18.26
CA PHE P 64 -25.98 56.64 -19.26
C PHE P 64 -26.19 58.03 -18.68
N ASN P 65 -26.94 58.15 -17.59
CA ASN P 65 -27.21 59.44 -16.96
C ASN P 65 -26.13 59.74 -15.93
N GLN P 66 -24.96 60.12 -16.44
CA GLN P 66 -23.83 60.50 -15.60
C GLN P 66 -23.32 61.87 -16.01
N PRO P 67 -22.74 62.64 -15.08
CA PRO P 67 -22.29 63.98 -15.43
C PRO P 67 -21.08 63.94 -16.33
N PRO P 68 -20.88 64.94 -17.17
CA PRO P 68 -19.77 64.90 -18.13
C PRO P 68 -18.40 65.10 -17.51
N THR P 69 -17.40 64.60 -18.23
CA THR P 69 -16.00 64.85 -17.91
C THR P 69 -15.46 65.90 -18.89
N LEU P 70 -15.04 67.03 -18.35
CA LEU P 70 -14.62 68.18 -19.15
C LEU P 70 -13.10 68.25 -19.23
N THR P 71 -12.60 68.55 -20.42
CA THR P 71 -11.18 68.46 -20.76
C THR P 71 -10.74 69.73 -21.47
N THR P 72 -9.49 70.14 -21.22
CA THR P 72 -8.94 71.24 -22.00
C THR P 72 -7.42 71.25 -21.91
N THR P 73 -6.78 71.58 -23.03
CA THR P 73 -5.33 71.62 -23.15
C THR P 73 -4.85 73.06 -23.23
N LEU P 74 -3.92 73.42 -22.33
CA LEU P 74 -3.37 74.76 -22.32
C LEU P 74 -2.29 74.91 -23.38
N PRO P 75 -1.94 76.15 -23.71
CA PRO P 75 -0.93 76.37 -24.78
C PRO P 75 0.38 75.65 -24.56
N ASN P 76 0.87 75.58 -23.31
CA ASN P 76 2.16 74.94 -23.05
C ASN P 76 2.08 73.42 -23.09
N GLY P 77 0.89 72.84 -23.25
CA GLY P 77 0.72 71.41 -23.36
C GLY P 77 0.13 70.74 -22.14
N ILE P 78 -0.05 71.47 -21.04
CA ILE P 78 -0.65 70.88 -19.84
C ILE P 78 -2.13 70.60 -20.10
N ARG P 79 -2.61 69.47 -19.58
CA ARG P 79 -3.99 69.03 -19.75
C ARG P 79 -4.72 69.12 -18.42
N VAL P 80 -5.96 69.59 -18.45
CA VAL P 80 -6.81 69.71 -17.27
C VAL P 80 -8.08 68.90 -17.48
N ALA P 81 -8.47 68.13 -16.47
CA ALA P 81 -9.68 67.33 -16.50
C ALA P 81 -10.49 67.48 -15.21
N THR P 82 -11.81 67.42 -15.38
CA THR P 82 -12.72 67.65 -14.27
C THR P 82 -14.03 66.86 -14.46
N GLN P 83 -14.68 66.56 -13.34
CA GLN P 83 -16.04 66.06 -13.30
C GLN P 83 -16.69 66.59 -12.03
N ARG P 84 -17.90 67.13 -12.15
CA ARG P 84 -18.61 67.70 -11.02
C ARG P 84 -19.66 66.72 -10.52
N LEU P 85 -19.70 66.51 -9.22
CA LEU P 85 -20.60 65.55 -8.58
C LEU P 85 -21.50 66.30 -7.59
N PRO P 86 -22.78 66.48 -7.89
CA PRO P 86 -23.61 67.33 -6.99
C PRO P 86 -23.74 66.82 -5.57
N PHE P 87 -23.59 65.51 -5.32
CA PHE P 87 -23.87 64.93 -4.02
C PHE P 87 -22.66 64.92 -3.09
N HIS P 88 -21.71 65.83 -3.27
CA HIS P 88 -20.54 65.91 -2.42
C HIS P 88 -20.30 67.36 -2.02
N GLN P 89 -19.71 67.52 -0.84
CA GLN P 89 -19.44 68.84 -0.27
C GLN P 89 -18.00 69.29 -0.48
N THR P 90 -17.04 68.36 -0.48
CA THR P 90 -15.65 68.70 -0.65
C THR P 90 -15.20 68.45 -2.08
N ALA P 91 -13.89 68.56 -2.32
CA ALA P 91 -13.30 68.20 -3.59
C ALA P 91 -11.90 67.65 -3.38
N THR P 92 -11.45 66.91 -4.38
CA THR P 92 -10.07 66.43 -4.50
C THR P 92 -9.44 67.09 -5.72
N VAL P 93 -8.19 67.54 -5.58
CA VAL P 93 -7.44 68.08 -6.71
C VAL P 93 -6.00 67.59 -6.62
N GLY P 94 -5.47 67.13 -7.74
CA GLY P 94 -4.04 66.89 -7.80
C GLY P 94 -3.42 66.86 -9.17
N VAL P 95 -2.13 66.49 -9.17
CA VAL P 95 -1.29 66.38 -10.35
C VAL P 95 -0.90 64.92 -10.54
N TRP P 96 -1.00 64.45 -11.78
CA TRP P 96 -0.58 63.13 -12.19
C TRP P 96 0.51 63.27 -13.25
N ILE P 97 1.64 62.61 -13.02
CA ILE P 97 2.84 62.78 -13.83
C ILE P 97 3.24 61.45 -14.43
N ASP P 98 3.59 61.47 -15.72
CA ASP P 98 3.92 60.27 -16.47
C ASP P 98 5.43 59.96 -16.36
N SER P 99 5.88 59.76 -15.13
CA SER P 99 7.26 59.38 -14.90
C SER P 99 7.37 58.58 -13.61
N GLY P 100 8.38 57.73 -13.56
CA GLY P 100 8.64 56.93 -12.39
C GLY P 100 10.00 56.30 -12.43
N SER P 101 10.15 55.16 -11.76
CA SER P 101 11.44 54.50 -11.68
C SER P 101 11.87 53.89 -13.00
N ARG P 102 10.95 53.70 -13.94
CA ARG P 102 11.35 53.20 -15.26
C ARG P 102 12.19 54.21 -16.02
N TYR P 103 12.25 55.46 -15.55
CA TYR P 103 12.98 56.51 -16.23
C TYR P 103 14.22 56.95 -15.47
N ASP P 104 14.63 56.20 -14.45
CA ASP P 104 15.97 56.33 -13.92
C ASP P 104 16.98 55.73 -14.90
N THR P 105 18.23 56.10 -14.73
CA THR P 105 19.33 55.45 -15.44
C THR P 105 20.04 54.50 -14.48
N LYS P 106 20.59 53.43 -15.04
CA LYS P 106 21.09 52.34 -14.21
C LYS P 106 22.14 52.81 -13.20
N GLU P 107 22.79 53.93 -13.47
CA GLU P 107 23.80 54.45 -12.56
C GLU P 107 23.18 55.14 -11.35
N THR P 108 21.99 55.72 -11.52
CA THR P 108 21.34 56.50 -10.46
C THR P 108 20.02 55.89 -10.01
N ASN P 109 19.76 54.64 -10.40
CA ASN P 109 18.55 53.91 -10.00
C ASN P 109 18.24 54.14 -8.53
N GLY P 110 17.08 54.75 -8.25
CA GLY P 110 16.71 55.18 -6.92
C GLY P 110 16.59 56.68 -6.76
N ALA P 111 16.91 57.46 -7.79
CA ALA P 111 16.76 58.91 -7.72
C ALA P 111 15.30 59.34 -7.72
N ALA P 112 14.47 58.71 -8.56
CA ALA P 112 13.05 59.05 -8.60
C ALA P 112 12.43 59.05 -7.20
N HIS P 113 12.67 57.96 -6.48
CA HIS P 113 12.08 57.80 -5.17
C HIS P 113 12.69 58.77 -4.16
N PHE P 114 13.95 59.14 -4.34
CA PHE P 114 14.57 60.14 -3.46
C PHE P 114 13.92 61.50 -3.64
N LEU P 115 13.58 61.85 -4.88
CA LEU P 115 12.95 63.13 -5.15
C LEU P 115 11.60 63.23 -4.46
N GLU P 116 10.86 62.12 -4.37
CA GLU P 116 9.60 62.14 -3.63
C GLU P 116 9.79 62.65 -2.20
N HIS P 117 10.89 62.27 -1.54
CA HIS P 117 11.17 62.80 -0.21
C HIS P 117 11.64 64.24 -0.27
N MET P 118 12.49 64.56 -1.25
CA MET P 118 13.08 65.89 -1.29
C MET P 118 12.04 66.98 -1.47
N THR P 119 10.96 66.69 -2.21
CA THR P 119 10.00 67.76 -2.51
C THR P 119 9.30 68.30 -1.28
N PHE P 120 9.38 67.63 -0.13
CA PHE P 120 8.75 68.10 1.10
C PHE P 120 9.75 68.77 2.04
N LYS P 121 10.98 68.99 1.59
CA LYS P 121 12.02 69.50 2.47
C LYS P 121 12.12 71.02 2.49
N GLY P 122 11.48 71.73 1.57
CA GLY P 122 11.59 73.17 1.52
C GLY P 122 11.72 73.70 0.10
N THR P 123 11.22 74.93 -0.11
CA THR P 123 11.20 75.57 -1.42
C THR P 123 11.80 76.97 -1.31
N LYS P 124 11.91 77.63 -2.46
CA LYS P 124 12.49 78.97 -2.51
C LYS P 124 11.64 80.00 -1.77
N ARG P 125 10.34 79.74 -1.59
CA ARG P 125 9.46 80.71 -0.95
C ARG P 125 9.16 80.42 0.51
N ARG P 126 9.22 79.15 0.92
CA ARG P 126 8.80 78.77 2.27
C ARG P 126 9.77 77.73 2.84
N SER P 127 10.08 77.87 4.11
CA SER P 127 10.95 76.93 4.81
C SER P 127 10.17 75.64 5.15
N ARG P 128 10.90 74.67 5.69
CA ARG P 128 10.25 73.41 6.04
C ARG P 128 9.20 73.61 7.12
N ILE P 129 9.52 74.39 8.15
CA ILE P 129 8.56 74.65 9.22
C ILE P 129 7.35 75.37 8.66
N GLN P 130 7.58 76.39 7.83
CA GLN P 130 6.49 77.10 7.18
C GLN P 130 5.66 76.18 6.32
N LEU P 131 6.31 75.32 5.53
CA LEU P 131 5.58 74.41 4.65
C LEU P 131 4.71 73.45 5.45
N GLU P 132 5.26 72.86 6.51
CA GLU P 132 4.47 71.92 7.29
C GLU P 132 3.29 72.61 7.96
N GLN P 133 3.52 73.79 8.54
CA GLN P 133 2.43 74.48 9.21
C GLN P 133 1.37 74.94 8.21
N GLU P 134 1.77 75.23 6.97
CA GLU P 134 0.80 75.60 5.95
C GLU P 134 0.10 74.41 5.32
N ILE P 135 0.65 73.20 5.49
CA ILE P 135 -0.16 72.00 5.25
C ILE P 135 -1.21 71.87 6.33
N GLU P 136 -0.78 71.97 7.59
CA GLU P 136 -1.66 71.59 8.70
C GLU P 136 -2.76 72.62 8.97
N ASN P 137 -2.45 73.92 8.88
CA ASN P 137 -3.41 74.94 9.27
C ASN P 137 -4.63 75.00 8.35
N MET P 138 -4.58 74.36 7.19
CA MET P 138 -5.75 74.29 6.32
C MET P 138 -6.77 73.26 6.79
N GLY P 139 -6.39 72.38 7.71
CA GLY P 139 -7.19 71.21 8.02
C GLY P 139 -7.47 70.34 6.81
N ALA P 140 -6.47 70.14 5.95
CA ALA P 140 -6.61 69.39 4.72
C ALA P 140 -5.82 68.08 4.78
N HIS P 141 -5.86 67.33 3.67
CA HIS P 141 -5.00 66.17 3.45
C HIS P 141 -4.14 66.41 2.21
N LEU P 142 -2.90 65.93 2.29
CA LEU P 142 -1.95 65.94 1.18
C LEU P 142 -1.24 64.60 1.14
N ASN P 143 -1.25 63.96 -0.04
CA ASN P 143 -0.64 62.66 -0.24
C ASN P 143 0.22 62.68 -1.49
N ALA P 144 1.18 61.77 -1.53
CA ALA P 144 2.00 61.55 -2.71
C ALA P 144 2.48 60.11 -2.76
N TYR P 145 2.85 59.67 -3.97
CA TYR P 145 3.55 58.40 -4.13
C TYR P 145 4.09 58.30 -5.55
N THR P 146 4.98 57.34 -5.75
CA THR P 146 5.57 57.08 -7.06
C THR P 146 5.59 55.59 -7.34
N SER P 147 5.71 55.24 -8.62
CA SER P 147 5.64 53.86 -9.06
C SER P 147 6.60 53.69 -10.23
N ARG P 148 6.48 52.56 -10.93
CA ARG P 148 7.39 52.27 -12.04
C ARG P 148 7.16 53.23 -13.20
N GLU P 149 5.91 53.58 -13.50
CA GLU P 149 5.59 54.43 -14.63
C GLU P 149 4.85 55.71 -14.30
N GLN P 150 4.35 55.88 -13.07
CA GLN P 150 3.52 57.03 -12.76
C GLN P 150 3.88 57.59 -11.38
N THR P 151 3.65 58.89 -11.23
CA THR P 151 3.88 59.59 -9.98
C THR P 151 2.69 60.49 -9.71
N VAL P 152 2.29 60.61 -8.44
CA VAL P 152 1.01 61.21 -8.09
C VAL P 152 1.17 62.09 -6.86
N TYR P 153 0.55 63.27 -6.91
CA TYR P 153 0.38 64.14 -5.76
C TYR P 153 -1.07 64.62 -5.73
N TYR P 154 -1.69 64.63 -4.56
CA TYR P 154 -3.03 65.20 -4.51
C TYR P 154 -3.42 65.62 -3.10
N ALA P 155 -4.46 66.45 -3.03
CA ALA P 155 -4.98 66.96 -1.77
C ALA P 155 -6.50 66.91 -1.77
N LYS P 156 -7.05 66.99 -0.56
CA LYS P 156 -8.49 67.13 -0.32
C LYS P 156 -8.77 68.45 0.37
N ALA P 157 -9.81 69.14 -0.07
CA ALA P 157 -10.23 70.35 0.63
C ALA P 157 -11.65 70.73 0.26
N PHE P 158 -12.21 71.66 1.04
CA PHE P 158 -13.42 72.35 0.64
C PHE P 158 -13.11 73.26 -0.55
N LYS P 159 -14.17 73.65 -1.28
CA LYS P 159 -13.96 74.39 -2.51
C LYS P 159 -13.14 75.66 -2.28
N LYS P 160 -13.46 76.40 -1.23
CA LYS P 160 -12.87 77.73 -1.05
C LYS P 160 -11.35 77.67 -0.93
N ASP P 161 -10.77 76.50 -0.66
CA ASP P 161 -9.32 76.39 -0.50
C ASP P 161 -8.64 75.68 -1.66
N ILE P 162 -9.34 75.44 -2.77
CA ILE P 162 -8.68 74.88 -3.95
C ILE P 162 -7.58 75.79 -4.47
N PRO P 163 -7.76 77.12 -4.59
CA PRO P 163 -6.64 77.95 -5.06
C PRO P 163 -5.37 77.69 -4.27
N GLN P 164 -5.42 77.90 -2.95
CA GLN P 164 -4.24 77.67 -2.12
C GLN P 164 -3.60 76.32 -2.44
N CYS P 165 -4.39 75.25 -2.44
CA CYS P 165 -3.84 73.94 -2.72
C CYS P 165 -3.04 73.95 -4.02
N VAL P 166 -3.65 74.42 -5.11
CA VAL P 166 -2.92 74.46 -6.38
C VAL P 166 -1.59 75.15 -6.16
N ASP P 167 -1.63 76.36 -5.60
CA ASP P 167 -0.41 77.08 -5.32
C ASP P 167 0.61 76.15 -4.66
N ILE P 168 0.26 75.60 -3.50
CA ILE P 168 1.19 74.73 -2.79
C ILE P 168 1.72 73.66 -3.73
N LEU P 169 0.82 72.92 -4.37
CA LEU P 169 1.28 71.86 -5.26
C LEU P 169 2.33 72.42 -6.22
N SER P 170 1.97 73.44 -6.99
CA SER P 170 2.92 73.99 -7.94
C SER P 170 4.25 74.26 -7.27
N ASP P 171 4.22 74.99 -6.15
CA ASP P 171 5.45 75.33 -5.45
C ASP P 171 6.33 74.09 -5.30
N ILE P 172 5.82 73.08 -4.61
CA ILE P 172 6.69 71.97 -4.24
C ILE P 172 7.12 71.18 -5.47
N LEU P 173 6.39 71.28 -6.57
CA LEU P 173 6.79 70.58 -7.77
C LEU P 173 7.84 71.36 -8.55
N LEU P 174 7.79 72.68 -8.51
CA LEU P 174 8.60 73.50 -9.41
C LEU P 174 9.79 74.16 -8.73
N ASN P 175 9.71 74.39 -7.42
CA ASN P 175 10.62 75.32 -6.77
C ASN P 175 11.24 74.74 -5.49
N SER P 176 11.43 73.43 -5.41
CA SER P 176 12.02 72.84 -4.22
C SER P 176 13.54 72.98 -4.26
N THR P 177 14.11 73.35 -3.11
CA THR P 177 15.55 73.48 -2.97
C THR P 177 16.13 72.16 -2.49
N ILE P 178 16.85 71.47 -3.38
CA ILE P 178 17.44 70.16 -3.05
C ILE P 178 18.82 70.45 -2.48
N ASP P 179 18.85 70.72 -1.18
CA ASP P 179 20.10 71.04 -0.50
C ASP P 179 20.90 69.77 -0.23
N GLU P 180 22.21 69.86 -0.47
CA GLU P 180 23.06 68.69 -0.28
C GLU P 180 23.11 68.25 1.18
N GLU P 181 23.13 69.21 2.10
CA GLU P 181 23.16 68.88 3.53
C GLU P 181 21.81 68.42 4.04
N ALA P 182 20.79 68.34 3.17
CA ALA P 182 19.54 67.66 3.47
C ALA P 182 19.43 66.32 2.74
N VAL P 183 20.01 66.23 1.55
CA VAL P 183 20.13 64.96 0.85
C VAL P 183 20.94 63.99 1.68
N GLN P 184 22.03 64.47 2.29
CA GLN P 184 22.88 63.62 3.09
C GLN P 184 22.23 63.18 4.39
N MET P 185 21.10 63.76 4.77
CA MET P 185 20.35 63.31 5.94
C MET P 185 19.18 62.40 5.58
N GLU P 186 18.48 62.65 4.46
CA GLU P 186 17.37 61.78 4.10
C GLU P 186 17.80 60.34 3.86
N LYS P 187 19.11 60.10 3.74
CA LYS P 187 19.60 58.74 3.54
C LYS P 187 19.26 57.84 4.73
N HIS P 188 19.33 58.39 5.95
CA HIS P 188 18.93 57.61 7.13
C HIS P 188 17.51 57.08 6.97
N VAL P 189 16.58 57.98 6.66
CA VAL P 189 15.17 57.61 6.61
C VAL P 189 14.92 56.63 5.48
N ILE P 190 15.57 56.83 4.34
CA ILE P 190 15.34 55.92 3.21
C ILE P 190 15.90 54.54 3.52
N LEU P 191 17.05 54.47 4.19
CA LEU P 191 17.59 53.15 4.55
C LEU P 191 16.68 52.44 5.54
N ARG P 192 16.12 53.17 6.52
CA ARG P 192 15.18 52.53 7.43
C ARG P 192 13.91 52.09 6.71
N GLU P 193 13.46 52.89 5.73
CA GLU P 193 12.31 52.53 4.92
C GLU P 193 12.55 51.21 4.18
N MET P 194 13.73 51.08 3.57
CA MET P 194 14.08 49.82 2.91
C MET P 194 14.12 48.66 3.90
N GLU P 195 14.73 48.90 5.06
CA GLU P 195 14.77 47.89 6.11
C GLU P 195 13.37 47.35 6.40
N GLU P 196 12.41 48.25 6.58
CA GLU P 196 11.05 47.80 6.86
C GLU P 196 10.45 47.09 5.65
N VAL P 197 10.72 47.59 4.43
CA VAL P 197 10.09 47.01 3.26
C VAL P 197 10.46 45.54 3.11
N GLU P 198 11.66 45.15 3.53
CA GLU P 198 12.01 43.75 3.36
C GLU P 198 11.18 42.80 4.21
N ARG P 199 10.33 43.32 5.13
CA ARG P 199 9.54 42.47 6.00
C ARG P 199 8.12 42.22 5.49
N GLN P 200 7.69 42.91 4.43
CA GLN P 200 6.35 42.76 3.89
C GLN P 200 6.46 41.84 2.66
N THR P 201 6.14 40.57 2.87
CA THR P 201 6.61 39.52 1.97
C THR P 201 5.98 39.60 0.58
N GLU P 202 4.70 39.98 0.51
CA GLU P 202 4.02 40.04 -0.78
C GLU P 202 4.74 41.01 -1.73
N GLU P 203 5.13 42.17 -1.20
CA GLU P 203 5.78 43.18 -2.04
C GLU P 203 7.15 42.72 -2.51
N VAL P 204 7.92 42.07 -1.63
CA VAL P 204 9.24 41.59 -2.06
C VAL P 204 9.07 40.51 -3.13
N ILE P 205 8.03 39.67 -2.99
CA ILE P 205 7.78 38.64 -3.98
C ILE P 205 7.48 39.28 -5.34
N PHE P 206 6.64 40.31 -5.36
CA PHE P 206 6.30 40.92 -6.64
C PHE P 206 7.50 41.67 -7.24
N ASP P 207 8.28 42.35 -6.41
CA ASP P 207 9.51 42.99 -6.88
C ASP P 207 10.43 41.97 -7.53
N ARG P 208 10.63 40.82 -6.88
CA ARG P 208 11.53 39.82 -7.43
C ARG P 208 10.95 39.16 -8.68
N LEU P 209 9.63 39.11 -8.79
CA LEU P 209 9.02 38.66 -10.03
C LEU P 209 9.35 39.62 -11.17
N HIS P 210 9.25 40.92 -10.91
CA HIS P 210 9.64 41.90 -11.93
C HIS P 210 11.13 41.78 -12.25
N THR P 211 11.95 41.55 -11.23
CA THR P 211 13.39 41.41 -11.44
C THR P 211 13.71 40.25 -12.37
N THR P 212 13.10 39.09 -12.13
CA THR P 212 13.39 37.92 -12.95
C THR P 212 12.68 37.94 -14.30
N ALA P 213 11.61 38.72 -14.45
CA ALA P 213 10.88 38.71 -15.71
C ALA P 213 11.45 39.69 -16.73
N PHE P 214 11.92 40.86 -16.28
CA PHE P 214 12.33 41.93 -17.18
C PHE P 214 13.82 42.23 -17.02
N ARG P 215 14.67 41.21 -17.12
CA ARG P 215 16.09 41.38 -16.87
C ARG P 215 16.69 42.51 -17.69
N ASP P 216 16.24 42.67 -18.93
CA ASP P 216 16.91 43.53 -19.90
C ASP P 216 16.36 44.94 -19.95
N SER P 217 15.48 45.32 -19.04
CA SER P 217 14.71 46.56 -19.19
C SER P 217 14.65 47.33 -17.88
N PRO P 218 14.46 48.65 -17.94
CA PRO P 218 14.26 49.43 -16.71
C PRO P 218 12.97 49.11 -15.95
N LEU P 219 12.10 48.26 -16.49
CA LEU P 219 11.00 47.75 -15.67
C LEU P 219 11.53 46.89 -14.53
N GLY P 220 12.63 46.18 -14.77
CA GLY P 220 13.28 45.42 -13.72
C GLY P 220 13.59 46.22 -12.46
N TYR P 221 13.93 47.50 -12.61
CA TYR P 221 14.40 48.27 -11.47
C TYR P 221 13.37 48.28 -10.35
N THR P 222 13.84 48.17 -9.12
CA THR P 222 13.00 48.41 -7.96
C THR P 222 12.85 49.91 -7.72
N ILE P 223 11.77 50.29 -7.04
CA ILE P 223 11.50 51.71 -6.82
C ILE P 223 12.50 52.32 -5.83
N LEU P 224 12.93 51.54 -4.83
CA LEU P 224 13.81 52.08 -3.80
C LEU P 224 15.24 52.25 -4.28
N GLY P 225 15.71 51.37 -5.16
CA GLY P 225 17.09 51.33 -5.56
C GLY P 225 17.98 50.58 -4.61
N PRO P 226 19.09 50.01 -5.13
CA PRO P 226 20.05 49.33 -4.25
C PRO P 226 20.52 50.13 -3.05
N GLU P 227 21.17 49.42 -2.13
CA GLU P 227 21.73 50.03 -0.93
C GLU P 227 22.84 51.02 -1.27
N GLU P 228 23.83 50.57 -2.05
CA GLU P 228 24.97 51.41 -2.36
C GLU P 228 24.54 52.68 -3.08
N ASN P 229 23.43 52.62 -3.83
CA ASN P 229 22.93 53.82 -4.50
C ASN P 229 22.30 54.77 -3.51
N ILE P 230 21.60 54.24 -2.50
CA ILE P 230 21.07 55.11 -1.45
C ILE P 230 22.21 55.84 -0.75
N ARG P 231 23.34 55.15 -0.55
CA ARG P 231 24.46 55.81 0.13
C ARG P 231 25.16 56.80 -0.81
N ASN P 232 25.25 56.48 -2.09
CA ASN P 232 25.98 57.31 -3.05
C ASN P 232 25.15 58.43 -3.65
N MET P 233 23.87 58.54 -3.32
CA MET P 233 23.01 59.52 -3.97
C MET P 233 23.54 60.94 -3.76
N THR P 234 23.30 61.80 -4.74
CA THR P 234 23.92 63.10 -4.83
C THR P 234 22.94 64.08 -5.47
N ARG P 235 23.02 65.35 -5.04
CA ARG P 235 22.09 66.37 -5.52
C ARG P 235 22.01 66.39 -7.06
N GLU P 236 23.17 66.32 -7.71
CA GLU P 236 23.19 66.47 -9.16
C GLU P 236 22.38 65.36 -9.84
N HIS P 237 22.38 64.16 -9.27
CA HIS P 237 21.56 63.08 -9.82
C HIS P 237 20.08 63.43 -9.79
N ILE P 238 19.61 63.94 -8.65
CA ILE P 238 18.19 64.30 -8.51
C ILE P 238 17.83 65.40 -9.49
N LEU P 239 18.65 66.45 -9.56
CA LEU P 239 18.35 67.55 -10.46
C LEU P 239 18.38 67.09 -11.92
N GLU P 240 19.26 66.14 -12.26
CA GLU P 240 19.29 65.59 -13.62
C GLU P 240 18.01 64.85 -13.94
N TYR P 241 17.48 64.12 -12.97
CA TYR P 241 16.20 63.44 -13.18
C TYR P 241 15.11 64.47 -13.45
N ILE P 242 15.02 65.49 -12.59
CA ILE P 242 14.00 66.53 -12.80
C ILE P 242 14.11 67.09 -14.22
N ASN P 243 15.27 67.67 -14.53
CA ASN P 243 15.42 68.39 -15.79
C ASN P 243 15.32 67.48 -17.00
N ARG P 244 15.25 66.16 -16.82
CA ARG P 244 15.02 65.27 -17.95
C ARG P 244 13.59 64.75 -18.05
N ASN P 245 12.82 64.76 -16.96
CA ASN P 245 11.49 64.15 -17.00
C ASN P 245 10.32 65.11 -16.74
N TYR P 246 10.53 66.19 -15.99
CA TYR P 246 9.43 67.11 -15.65
C TYR P 246 9.21 68.10 -16.79
N THR P 247 8.54 67.62 -17.84
CA THR P 247 8.15 68.48 -18.94
C THR P 247 6.62 68.52 -19.06
N SER P 248 6.14 69.59 -19.71
CA SER P 248 4.72 69.91 -19.67
C SER P 248 3.86 68.84 -20.34
N ASP P 249 4.38 68.17 -21.36
CA ASP P 249 3.57 67.15 -22.04
C ASP P 249 3.23 65.98 -21.13
N ARG P 250 3.98 65.79 -20.04
CA ARG P 250 3.86 64.59 -19.21
C ARG P 250 2.94 64.79 -18.01
N MET P 251 2.43 65.99 -17.76
CA MET P 251 1.66 66.29 -16.57
C MET P 251 0.20 66.53 -16.94
N VAL P 252 -0.70 66.06 -16.07
CA VAL P 252 -2.11 66.40 -16.15
C VAL P 252 -2.57 66.80 -14.76
N VAL P 253 -3.54 67.71 -14.71
CA VAL P 253 -4.17 68.14 -13.48
C VAL P 253 -5.61 67.65 -13.51
N ALA P 254 -6.03 66.98 -12.44
CA ALA P 254 -7.38 66.48 -12.36
C ALA P 254 -8.05 66.90 -11.07
N ALA P 255 -9.37 67.04 -11.13
CA ALA P 255 -10.15 67.25 -9.92
C ALA P 255 -11.46 66.47 -9.95
N ALA P 256 -12.11 66.40 -8.80
CA ALA P 256 -13.47 65.88 -8.71
C ALA P 256 -14.15 66.38 -7.44
N GLY P 257 -15.47 66.56 -7.51
CA GLY P 257 -16.24 66.95 -6.36
C GLY P 257 -17.01 68.22 -6.67
N ASP P 258 -16.94 69.21 -5.80
CA ASP P 258 -17.57 70.51 -6.06
C ASP P 258 -16.53 71.43 -6.70
N VAL P 259 -16.36 71.26 -8.01
CA VAL P 259 -15.35 71.99 -8.77
C VAL P 259 -15.94 72.51 -10.06
N ASP P 260 -15.42 73.65 -10.50
CA ASP P 260 -15.80 74.30 -11.76
C ASP P 260 -14.59 74.26 -12.70
N HIS P 261 -14.81 73.79 -13.92
CA HIS P 261 -13.71 73.60 -14.85
C HIS P 261 -13.01 74.92 -15.18
N LYS P 262 -13.76 76.00 -15.32
CA LYS P 262 -13.19 77.28 -15.72
C LYS P 262 -12.16 77.78 -14.71
N GLU P 263 -12.54 77.82 -13.43
CA GLU P 263 -11.63 78.35 -12.42
C GLU P 263 -10.38 77.49 -12.30
N LEU P 264 -10.54 76.17 -12.38
CA LEU P 264 -9.38 75.28 -12.28
C LEU P 264 -8.43 75.51 -13.45
N THR P 265 -8.97 75.63 -14.67
CA THR P 265 -8.12 75.89 -15.83
C THR P 265 -7.38 77.21 -15.66
N ALA P 266 -8.08 78.25 -15.18
CA ALA P 266 -7.44 79.54 -14.97
C ALA P 266 -6.33 79.44 -13.92
N LEU P 267 -6.58 78.71 -12.83
CA LEU P 267 -5.57 78.57 -11.79
C LEU P 267 -4.32 77.87 -12.32
N VAL P 268 -4.52 76.80 -13.10
CA VAL P 268 -3.37 76.09 -13.67
C VAL P 268 -2.59 77.01 -14.60
N GLU P 269 -3.31 77.76 -15.44
CA GLU P 269 -2.66 78.74 -16.30
C GLU P 269 -1.87 79.75 -15.47
N LYS P 270 -2.39 80.12 -14.31
CA LYS P 270 -1.73 81.12 -13.48
C LYS P 270 -0.44 80.59 -12.87
N HIS P 271 -0.45 79.35 -12.37
CA HIS P 271 0.66 78.85 -11.57
C HIS P 271 1.69 78.04 -12.36
N PHE P 272 1.27 77.20 -13.30
CA PHE P 272 2.21 76.33 -14.01
C PHE P 272 2.74 76.95 -15.29
N ALA P 273 2.82 78.28 -15.36
CA ALA P 273 3.42 78.93 -16.52
C ALA P 273 4.91 78.70 -16.61
N GLY P 274 5.56 78.35 -15.49
CA GLY P 274 7.00 78.17 -15.46
C GLY P 274 7.50 76.79 -15.83
N LEU P 275 6.61 75.84 -16.05
CA LEU P 275 7.04 74.48 -16.36
C LEU P 275 7.64 74.42 -17.76
N PRO P 276 8.80 73.80 -17.94
CA PRO P 276 9.44 73.80 -19.26
C PRO P 276 8.73 72.88 -20.25
N GLN P 277 8.94 73.16 -21.52
CA GLN P 277 8.36 72.43 -22.62
C GLN P 277 9.33 71.39 -23.15
N PRO P 278 8.84 70.35 -23.83
CA PRO P 278 9.73 69.30 -24.32
C PRO P 278 10.62 69.80 -25.45
N LYS P 279 11.66 69.01 -25.73
CA LYS P 279 12.63 69.35 -26.76
C LYS P 279 12.02 69.20 -28.16
N PRO P 286 13.87 55.09 -32.08
CA PRO P 286 12.70 54.86 -31.23
C PRO P 286 12.85 53.76 -30.17
N THR P 287 11.96 53.78 -29.19
CA THR P 287 11.94 52.77 -28.13
C THR P 287 11.31 51.47 -28.64
N GLU P 288 11.63 50.37 -27.97
CA GLU P 288 11.18 49.05 -28.39
C GLU P 288 10.60 48.28 -27.22
N LYS P 289 9.86 47.23 -27.56
CA LYS P 289 9.06 46.49 -26.58
C LYS P 289 9.97 45.80 -25.57
N PRO P 290 9.69 45.90 -24.27
CA PRO P 290 10.49 45.17 -23.28
C PRO P 290 10.41 43.66 -23.50
N PHE P 291 11.56 43.01 -23.39
CA PHE P 291 11.65 41.57 -23.57
C PHE P 291 11.32 40.87 -22.26
N PHE P 292 10.56 39.77 -22.37
CA PHE P 292 10.09 39.02 -21.21
C PHE P 292 10.85 37.71 -21.15
N CYS P 293 11.53 37.47 -20.05
CA CYS P 293 12.37 36.28 -19.88
C CYS P 293 11.64 35.25 -19.03
N GLY P 294 11.72 33.99 -19.45
CA GLY P 294 11.16 32.91 -18.68
C GLY P 294 12.17 32.27 -17.76
N SER P 295 12.17 32.66 -16.49
CA SER P 295 13.13 32.15 -15.52
C SER P 295 12.52 32.08 -14.14
N GLU P 296 13.25 31.43 -13.24
CA GLU P 296 12.90 31.30 -11.84
C GLU P 296 13.94 31.99 -10.97
N LEU P 297 13.52 32.40 -9.77
CA LEU P 297 14.41 33.01 -8.79
C LEU P 297 13.91 32.61 -7.41
N LEU P 298 14.52 31.57 -6.84
CA LEU P 298 14.03 30.91 -5.62
C LEU P 298 14.99 31.15 -4.46
N HIS P 299 14.45 31.59 -3.32
CA HIS P 299 15.21 31.78 -2.09
C HIS P 299 14.80 30.70 -1.09
N ARG P 300 15.58 29.64 -1.01
CA ARG P 300 15.30 28.55 -0.09
C ARG P 300 15.74 28.92 1.33
N ASN P 301 14.87 28.65 2.30
CA ASN P 301 15.09 29.07 3.68
C ASN P 301 14.22 28.20 4.58
N ASP P 302 14.84 27.40 5.42
CA ASP P 302 14.12 26.50 6.32
C ASP P 302 14.08 27.00 7.76
N ASP P 303 14.53 28.23 8.01
CA ASP P 303 14.51 28.81 9.35
C ASP P 303 13.56 30.01 9.43
N MET P 304 12.39 29.90 8.81
CA MET P 304 11.38 30.95 8.89
C MET P 304 9.96 30.39 9.00
N GLY P 305 9.83 29.16 9.50
CA GLY P 305 8.55 28.53 9.70
C GLY P 305 7.99 27.79 8.48
N PRO P 306 6.77 27.29 8.62
CA PRO P 306 6.24 26.24 7.73
C PRO P 306 5.64 26.73 6.43
N THR P 307 5.56 28.03 6.22
CA THR P 307 4.78 28.61 5.13
C THR P 307 5.68 29.03 3.98
N ALA P 308 5.25 28.69 2.76
CA ALA P 308 5.94 29.04 1.54
C ALA P 308 5.11 30.04 0.73
N HIS P 309 5.80 31.02 0.15
CA HIS P 309 5.20 32.07 -0.65
C HIS P 309 5.68 31.94 -2.08
N VAL P 310 4.76 32.14 -3.04
CA VAL P 310 5.09 31.95 -4.45
C VAL P 310 4.31 32.96 -5.30
N ALA P 311 4.92 33.36 -6.42
CA ALA P 311 4.24 34.12 -7.46
C ALA P 311 4.65 33.62 -8.83
N VAL P 312 3.66 33.53 -9.73
CA VAL P 312 3.88 33.08 -11.10
C VAL P 312 3.30 34.11 -12.05
N GLY P 313 4.00 34.35 -13.15
CA GLY P 313 3.61 35.39 -14.10
C GLY P 313 3.73 34.95 -15.55
N PHE P 314 2.86 35.54 -16.37
CA PHE P 314 2.79 35.44 -17.82
C PHE P 314 2.89 36.83 -18.42
N GLU P 315 3.18 36.88 -19.71
CA GLU P 315 3.23 38.13 -20.46
C GLU P 315 1.82 38.61 -20.77
N GLY P 316 1.57 39.90 -20.53
CA GLY P 316 0.26 40.51 -20.70
C GLY P 316 0.16 41.36 -21.94
N VAL P 317 -0.71 42.38 -21.87
CA VAL P 317 -0.93 43.27 -23.01
C VAL P 317 -0.94 44.72 -22.52
N PRO P 318 -0.71 45.67 -23.41
CA PRO P 318 -0.66 47.08 -23.01
C PRO P 318 -2.02 47.63 -22.59
N TRP P 319 -1.99 48.85 -22.04
CA TRP P 319 -3.22 49.55 -21.68
C TRP P 319 -4.20 49.60 -22.84
N LYS P 320 -3.72 50.06 -24.01
CA LYS P 320 -4.58 50.40 -25.13
C LYS P 320 -4.98 49.18 -25.97
N SER P 321 -4.52 47.99 -25.63
CA SER P 321 -4.80 46.84 -26.46
C SER P 321 -6.30 46.56 -26.50
N PRO P 322 -6.84 46.12 -27.63
CA PRO P 322 -8.26 45.74 -27.66
C PRO P 322 -8.63 44.68 -26.64
N ASP P 323 -7.75 43.72 -26.36
CA ASP P 323 -8.06 42.60 -25.50
C ASP P 323 -7.91 42.92 -24.02
N ALA P 324 -7.51 44.14 -23.68
CA ALA P 324 -7.31 44.51 -22.29
C ALA P 324 -8.51 44.12 -21.44
N VAL P 325 -9.71 44.43 -21.92
CA VAL P 325 -10.91 44.15 -21.13
C VAL P 325 -11.02 42.65 -20.88
N THR P 326 -10.84 41.84 -21.92
CA THR P 326 -10.89 40.40 -21.74
C THR P 326 -9.90 39.97 -20.66
N PHE P 327 -8.71 40.56 -20.64
CA PHE P 327 -7.76 40.22 -19.59
C PHE P 327 -8.32 40.57 -18.22
N MET P 328 -8.89 41.78 -18.09
CA MET P 328 -9.55 42.15 -16.84
C MET P 328 -10.58 41.11 -16.45
N LEU P 329 -11.23 40.47 -17.42
CA LEU P 329 -12.23 39.47 -17.09
C LEU P 329 -11.59 38.15 -16.68
N MET P 330 -10.51 37.75 -17.37
CA MET P 330 -9.90 36.47 -17.05
C MET P 330 -9.38 36.45 -15.61
N GLN P 331 -8.78 37.56 -15.19
CA GLN P 331 -8.34 37.68 -13.81
C GLN P 331 -9.47 37.38 -12.84
N ALA P 332 -10.69 37.80 -13.18
CA ALA P 332 -11.83 37.56 -12.30
C ALA P 332 -12.33 36.12 -12.39
N ILE P 333 -12.17 35.48 -13.54
CA ILE P 333 -12.66 34.12 -13.69
C ILE P 333 -11.88 33.16 -12.80
N VAL P 334 -10.61 33.46 -12.55
CA VAL P 334 -9.79 32.61 -11.68
C VAL P 334 -9.95 33.01 -10.22
N GLY P 335 -10.05 34.32 -9.96
CA GLY P 335 -10.39 34.83 -8.65
C GLY P 335 -9.42 34.46 -7.54
N SER P 336 -9.96 34.41 -6.32
CA SER P 336 -9.14 34.36 -5.11
C SER P 336 -9.79 33.51 -4.04
N TYR P 337 -9.06 33.31 -2.95
CA TYR P 337 -9.52 32.51 -1.82
C TYR P 337 -8.64 32.77 -0.60
N ARG P 338 -9.28 32.75 0.57
CA ARG P 338 -8.62 32.80 1.87
C ARG P 338 -9.25 31.77 2.79
N LYS P 339 -8.42 31.01 3.48
CA LYS P 339 -8.92 29.99 4.41
C LYS P 339 -9.44 30.61 5.70
N HIS P 340 -8.90 31.77 6.09
CA HIS P 340 -9.27 32.38 7.37
C HIS P 340 -10.64 33.04 7.32
N ASP P 341 -10.93 33.77 6.25
CA ASP P 341 -12.11 34.63 6.16
C ASP P 341 -12.74 34.41 4.79
N GLU P 342 -14.03 34.07 4.78
CA GLU P 342 -14.62 33.34 3.67
C GLU P 342 -15.97 33.85 3.19
N GLY P 343 -16.54 34.89 3.81
CA GLY P 343 -17.91 35.30 3.51
C GLY P 343 -18.92 34.30 4.03
N ILE P 344 -19.93 33.98 3.23
CA ILE P 344 -20.99 33.06 3.65
C ILE P 344 -21.05 31.80 2.81
N VAL P 345 -20.27 31.69 1.74
CA VAL P 345 -20.26 30.50 0.88
C VAL P 345 -19.10 29.62 1.31
N PRO P 346 -19.34 28.37 1.69
CA PRO P 346 -18.20 27.45 1.88
C PRO P 346 -17.44 27.23 0.58
N GLY P 347 -16.11 27.22 0.69
CA GLY P 347 -15.28 26.94 -0.46
C GLY P 347 -15.59 25.62 -1.14
N LYS P 348 -16.02 24.62 -0.38
CA LYS P 348 -16.23 23.29 -0.94
C LYS P 348 -17.48 23.22 -1.83
N VAL P 349 -18.29 24.26 -1.85
CA VAL P 349 -19.52 24.30 -2.66
C VAL P 349 -19.55 25.54 -3.55
N SER P 350 -18.46 26.30 -3.58
CA SER P 350 -18.45 27.56 -4.30
C SER P 350 -18.71 27.35 -5.79
N ALA P 351 -19.23 28.39 -6.43
CA ALA P 351 -19.45 28.37 -7.87
C ALA P 351 -18.14 28.46 -8.64
N ASN P 352 -17.10 29.03 -8.04
CA ASN P 352 -15.78 29.11 -8.65
C ASN P 352 -15.12 27.73 -8.58
N ALA P 353 -14.84 27.15 -9.76
CA ALA P 353 -14.34 25.79 -9.79
C ALA P 353 -12.91 25.67 -9.28
N THR P 354 -12.12 26.73 -9.44
CA THR P 354 -10.73 26.67 -8.97
C THR P 354 -10.68 26.65 -7.45
N VAL P 355 -11.42 27.55 -6.81
CA VAL P 355 -11.56 27.52 -5.35
C VAL P 355 -12.05 26.15 -4.90
N ARG P 356 -13.09 25.64 -5.57
CA ARG P 356 -13.66 24.36 -5.18
C ARG P 356 -12.63 23.24 -5.24
N ASN P 357 -11.86 23.19 -6.34
CA ASN P 357 -10.86 22.14 -6.47
C ASN P 357 -9.76 22.27 -5.41
N VAL P 358 -9.37 23.51 -5.08
CA VAL P 358 -8.32 23.69 -4.08
C VAL P 358 -8.81 23.27 -2.70
N CYS P 359 -10.06 23.61 -2.36
CA CYS P 359 -10.55 23.36 -1.00
C CYS P 359 -10.86 21.90 -0.73
N ASN P 360 -10.96 21.06 -1.77
CA ASN P 360 -11.30 19.66 -1.61
C ASN P 360 -10.09 18.74 -1.72
N LYS P 361 -8.87 19.29 -1.80
CA LYS P 361 -7.69 18.47 -2.03
C LYS P 361 -7.33 17.71 -0.77
N MET P 362 -7.20 16.39 -0.90
CA MET P 362 -6.91 15.50 0.23
C MET P 362 -7.91 15.68 1.37
N THR P 363 -9.08 16.25 1.07
CA THR P 363 -10.17 16.45 2.02
C THR P 363 -9.90 17.56 3.02
N VAL P 364 -8.67 18.04 3.09
CA VAL P 364 -8.29 19.07 4.03
C VAL P 364 -8.06 20.40 3.32
N GLY P 365 -7.76 20.37 2.03
CA GLY P 365 -7.52 21.57 1.25
C GLY P 365 -6.11 22.12 1.41
N CYS P 366 -5.56 22.62 0.32
CA CYS P 366 -4.12 22.74 0.14
C CYS P 366 -3.63 24.19 0.03
N ALA P 367 -4.36 25.17 0.53
CA ALA P 367 -3.83 26.52 0.44
C ALA P 367 -4.31 27.38 1.59
N ASP P 368 -3.43 28.29 2.02
CA ASP P 368 -3.79 29.34 2.95
C ASP P 368 -4.40 30.54 2.23
N MET P 369 -3.81 30.93 1.10
CA MET P 369 -4.38 32.06 0.37
C MET P 369 -3.90 32.00 -1.07
N PHE P 370 -4.77 32.39 -2.01
CA PHE P 370 -4.32 32.62 -3.37
C PHE P 370 -5.15 33.71 -4.01
N SER P 371 -4.54 34.44 -4.94
CA SER P 371 -5.20 35.55 -5.58
C SER P 371 -4.54 35.83 -6.93
N ALA P 372 -5.36 36.02 -7.96
CA ALA P 372 -4.82 36.34 -9.27
C ALA P 372 -4.76 37.85 -9.48
N PHE P 373 -4.00 38.24 -10.50
CA PHE P 373 -3.70 39.65 -10.74
C PHE P 373 -3.42 39.87 -12.22
N ASN P 374 -3.68 41.11 -12.65
CA ASN P 374 -3.38 41.57 -13.99
C ASN P 374 -2.90 43.01 -13.88
N THR P 375 -1.76 43.31 -14.51
CA THR P 375 -1.18 44.64 -14.48
C THR P 375 -0.80 45.03 -15.89
N CYS P 376 -1.21 46.24 -16.29
CA CYS P 376 -0.96 46.75 -17.64
C CYS P 376 -0.05 47.96 -17.55
N TYR P 377 0.92 48.03 -18.46
CA TYR P 377 1.85 49.14 -18.56
C TYR P 377 1.68 49.83 -19.91
N SER P 378 2.50 50.84 -20.15
CA SER P 378 2.35 51.63 -21.37
C SER P 378 2.55 50.78 -22.61
N ASP P 379 3.47 49.82 -22.56
CA ASP P 379 3.79 49.01 -23.73
C ASP P 379 3.80 47.51 -23.47
N THR P 380 3.48 47.06 -22.26
CA THR P 380 3.48 45.63 -21.95
C THR P 380 2.73 45.41 -20.65
N GLY P 381 2.49 44.14 -20.31
CA GLY P 381 1.84 43.79 -19.06
C GLY P 381 2.38 42.54 -18.40
N LEU P 382 1.78 42.23 -17.24
CA LEU P 382 1.96 41.00 -16.50
C LEU P 382 0.61 40.41 -16.13
N PHE P 383 0.52 39.08 -16.11
CA PHE P 383 -0.71 38.38 -15.74
C PHE P 383 -0.36 37.14 -14.93
N GLY P 384 -0.95 36.96 -13.76
CA GLY P 384 -0.59 35.77 -13.01
C GLY P 384 -1.27 35.60 -11.66
N PHE P 385 -0.58 34.97 -10.72
CA PHE P 385 -1.15 34.78 -9.39
C PHE P 385 -0.07 34.73 -8.32
N TYR P 386 -0.52 34.96 -7.08
CA TYR P 386 0.29 34.88 -5.88
C TYR P 386 -0.37 33.94 -4.88
N ALA P 387 0.44 33.18 -4.14
CA ALA P 387 -0.10 32.19 -3.21
C ALA P 387 0.76 32.03 -1.96
N GLN P 388 0.09 31.55 -0.90
CA GLN P 388 0.69 31.14 0.37
C GLN P 388 0.15 29.76 0.74
N CYS P 389 1.06 28.85 1.12
CA CYS P 389 0.62 27.50 1.50
C CYS P 389 1.69 26.78 2.32
N ASP P 390 1.30 25.62 2.86
CA ASP P 390 2.14 24.81 3.74
C ASP P 390 3.27 24.12 2.95
N GLU P 391 4.35 23.80 3.67
CA GLU P 391 5.52 23.20 3.05
C GLU P 391 5.15 21.99 2.19
N VAL P 392 4.31 21.09 2.72
CA VAL P 392 3.99 19.85 2.05
C VAL P 392 2.83 19.98 1.08
N ALA P 393 2.12 21.11 1.10
CA ALA P 393 1.00 21.36 0.21
C ALA P 393 1.40 22.15 -1.04
N LEU P 394 2.61 22.70 -1.05
CA LEU P 394 3.03 23.64 -2.09
C LEU P 394 2.77 23.11 -3.50
N GLU P 395 3.10 21.85 -3.75
CA GLU P 395 3.02 21.31 -5.10
C GLU P 395 1.59 21.37 -5.64
N HIS P 396 0.65 20.75 -4.92
CA HIS P 396 -0.75 20.88 -5.29
C HIS P 396 -1.19 22.34 -5.26
N CYS P 397 -0.78 23.05 -4.21
CA CYS P 397 -1.11 24.47 -4.05
C CYS P 397 -0.90 25.25 -5.35
N VAL P 398 0.13 24.88 -6.11
CA VAL P 398 0.49 25.61 -7.32
C VAL P 398 -0.11 24.99 -8.58
N MET P 399 -0.07 23.67 -8.68
CA MET P 399 -0.51 23.03 -9.91
C MET P 399 -2.02 23.11 -10.07
N GLU P 400 -2.78 23.17 -8.97
CA GLU P 400 -4.22 23.38 -9.10
C GLU P 400 -4.52 24.68 -9.81
N ILE P 401 -3.83 25.75 -9.43
CA ILE P 401 -4.11 27.06 -9.99
C ILE P 401 -3.59 27.15 -11.43
N MET P 402 -2.47 26.49 -11.73
CA MET P 402 -2.05 26.43 -13.12
C MET P 402 -3.08 25.70 -13.98
N PHE P 403 -3.67 24.62 -13.44
CA PHE P 403 -4.75 23.93 -14.14
C PHE P 403 -5.94 24.87 -14.36
N GLY P 404 -6.33 25.60 -13.31
CA GLY P 404 -7.24 26.71 -13.43
C GLY P 404 -7.03 27.58 -14.65
N ILE P 405 -5.84 28.19 -14.72
CA ILE P 405 -5.56 29.15 -15.77
C ILE P 405 -5.54 28.48 -17.14
N THR P 406 -5.07 27.23 -17.22
CA THR P 406 -5.07 26.54 -18.49
C THR P 406 -6.47 26.16 -18.95
N SER P 407 -7.42 26.03 -18.02
CA SER P 407 -8.79 25.74 -18.42
C SER P 407 -9.38 26.83 -19.31
N LEU P 408 -8.95 28.08 -19.11
CA LEU P 408 -9.53 29.20 -19.85
C LEU P 408 -9.44 29.02 -21.35
N SER P 409 -8.56 28.15 -21.84
CA SER P 409 -8.34 27.98 -23.27
C SER P 409 -9.01 26.73 -23.83
N TYR P 410 -9.68 25.95 -23.00
CA TYR P 410 -10.24 24.68 -23.46
C TYR P 410 -11.71 24.48 -23.11
N ALA P 411 -12.14 24.86 -21.90
CA ALA P 411 -13.33 24.26 -21.33
C ALA P 411 -14.23 25.21 -20.53
N VAL P 412 -13.93 26.51 -20.50
CA VAL P 412 -14.75 27.42 -19.70
C VAL P 412 -16.13 27.57 -20.34
N THR P 413 -17.13 27.85 -19.50
CA THR P 413 -18.51 27.92 -19.92
C THR P 413 -19.15 29.19 -19.36
N ASP P 414 -20.33 29.52 -19.90
CA ASP P 414 -20.89 30.86 -19.72
C ASP P 414 -21.47 31.10 -18.33
N GLU P 415 -21.86 30.05 -17.62
CA GLU P 415 -22.15 30.21 -16.20
C GLU P 415 -21.00 30.92 -15.49
N GLU P 416 -19.78 30.42 -15.70
CA GLU P 416 -18.61 30.99 -15.06
C GLU P 416 -18.33 32.40 -15.57
N VAL P 417 -18.45 32.62 -16.87
CA VAL P 417 -18.20 33.94 -17.44
C VAL P 417 -19.14 34.97 -16.84
N GLU P 418 -20.40 34.61 -16.67
CA GLU P 418 -21.37 35.57 -16.15
C GLU P 418 -21.19 35.79 -14.65
N ARG P 419 -20.85 34.74 -13.90
CA ARG P 419 -20.48 34.93 -12.51
C ARG P 419 -19.34 35.92 -12.39
N ALA P 420 -18.31 35.74 -13.22
CA ALA P 420 -17.14 36.61 -13.17
C ALA P 420 -17.48 38.04 -13.58
N LYS P 421 -18.30 38.20 -14.62
CA LYS P 421 -18.77 39.53 -14.99
C LYS P 421 -19.46 40.19 -13.81
N ALA P 422 -20.35 39.47 -13.14
CA ALA P 422 -21.08 40.04 -12.01
C ALA P 422 -20.12 40.51 -10.94
N GLN P 423 -19.18 39.65 -10.55
CA GLN P 423 -18.25 40.03 -9.48
C GLN P 423 -17.35 41.18 -9.89
N LEU P 424 -16.84 41.15 -11.13
CA LEU P 424 -15.99 42.23 -11.63
C LEU P 424 -16.72 43.56 -11.62
N LYS P 425 -17.96 43.57 -12.11
CA LYS P 425 -18.75 44.79 -12.10
C LYS P 425 -18.98 45.27 -10.67
N THR P 426 -19.37 44.36 -9.79
CA THR P 426 -19.56 44.75 -8.39
C THR P 426 -18.32 45.45 -7.88
N GLN P 427 -17.15 44.83 -8.04
CA GLN P 427 -15.90 45.40 -7.55
C GLN P 427 -15.67 46.80 -8.13
N LEU P 428 -15.48 46.86 -9.45
CA LEU P 428 -15.05 48.11 -10.08
C LEU P 428 -16.06 49.21 -9.87
N LEU P 429 -17.33 48.97 -10.21
CA LEU P 429 -18.35 49.99 -9.99
C LEU P 429 -18.55 50.30 -8.51
N GLY P 430 -18.09 49.42 -7.62
CA GLY P 430 -18.24 49.67 -6.20
C GLY P 430 -17.18 50.57 -5.62
N HIS P 431 -16.00 50.62 -6.25
CA HIS P 431 -14.97 51.51 -5.73
C HIS P 431 -15.32 52.98 -5.97
N LEU P 432 -15.84 53.31 -7.15
CA LEU P 432 -15.94 54.70 -7.60
C LEU P 432 -17.08 55.41 -6.89
N ASP P 433 -16.86 55.69 -5.61
CA ASP P 433 -17.83 56.37 -4.76
C ASP P 433 -17.37 57.75 -4.31
N SER P 434 -16.15 57.88 -3.82
CA SER P 434 -15.67 59.12 -3.23
C SER P 434 -14.94 59.98 -4.24
N THR P 435 -14.69 61.23 -3.84
CA THR P 435 -14.02 62.18 -4.73
C THR P 435 -12.61 61.72 -5.06
N THR P 436 -11.90 61.14 -4.10
CA THR P 436 -10.54 60.71 -4.33
C THR P 436 -10.49 59.60 -5.38
N ALA P 437 -11.37 58.61 -5.26
CA ALA P 437 -11.40 57.53 -6.24
C ALA P 437 -11.68 58.07 -7.64
N VAL P 438 -12.59 59.03 -7.73
CA VAL P 438 -12.97 59.58 -9.04
C VAL P 438 -11.81 60.37 -9.63
N ALA P 439 -11.17 61.21 -8.83
CA ALA P 439 -10.05 62.00 -9.33
C ALA P 439 -8.90 61.10 -9.76
N GLU P 440 -8.58 60.09 -8.95
CA GLU P 440 -7.57 59.11 -9.30
C GLU P 440 -7.90 58.42 -10.62
N ASP P 441 -9.17 58.04 -10.81
CA ASP P 441 -9.58 57.39 -12.04
C ASP P 441 -9.45 58.34 -13.23
N ILE P 442 -9.89 59.59 -13.07
CA ILE P 442 -9.74 60.58 -14.13
C ILE P 442 -8.29 60.66 -14.57
N GLY P 443 -7.38 60.93 -13.62
CA GLY P 443 -5.99 61.11 -13.98
C GLY P 443 -5.37 59.86 -14.57
N ARG P 444 -5.66 58.70 -13.97
CA ARG P 444 -5.10 57.45 -14.46
C ARG P 444 -5.51 57.19 -15.90
N GLN P 445 -6.80 57.36 -16.20
CA GLN P 445 -7.26 57.13 -17.56
C GLN P 445 -6.74 58.20 -18.52
N MET P 446 -6.60 59.44 -18.04
CA MET P 446 -6.06 60.50 -18.87
C MET P 446 -4.64 60.18 -19.32
N LEU P 447 -3.83 59.64 -18.41
CA LEU P 447 -2.47 59.27 -18.79
C LEU P 447 -2.44 58.00 -19.63
N ALA P 448 -3.29 57.03 -19.31
CA ALA P 448 -3.20 55.72 -19.97
C ALA P 448 -3.78 55.74 -21.39
N TYR P 449 -4.86 56.49 -21.62
CA TYR P 449 -5.58 56.46 -22.88
C TYR P 449 -5.57 57.78 -23.65
N GLY P 450 -5.18 58.88 -23.03
CA GLY P 450 -5.41 60.19 -23.60
C GLY P 450 -6.83 60.69 -23.43
N ARG P 451 -7.66 59.99 -22.68
CA ARG P 451 -9.05 60.37 -22.45
C ARG P 451 -9.53 59.71 -21.17
N ARG P 452 -10.78 59.97 -20.83
CA ARG P 452 -11.49 59.19 -19.82
C ARG P 452 -12.65 58.45 -20.49
N MET P 453 -12.73 57.15 -20.22
CA MET P 453 -13.77 56.31 -20.80
C MET P 453 -15.00 56.34 -19.91
N PRO P 454 -16.16 56.75 -20.40
CA PRO P 454 -17.35 56.82 -19.54
C PRO P 454 -17.91 55.43 -19.24
N LEU P 455 -18.69 55.37 -18.15
CA LEU P 455 -19.14 54.07 -17.64
C LEU P 455 -19.89 53.27 -18.69
N ALA P 456 -20.78 53.93 -19.44
CA ALA P 456 -21.60 53.22 -20.42
C ALA P 456 -20.72 52.48 -21.42
N GLU P 457 -19.61 53.09 -21.83
CA GLU P 457 -18.74 52.46 -22.81
C GLU P 457 -18.12 51.19 -22.24
N PHE P 458 -17.61 51.27 -21.01
CA PHE P 458 -17.03 50.11 -20.36
C PHE P 458 -18.05 48.98 -20.25
N LEU P 459 -19.26 49.30 -19.81
CA LEU P 459 -20.29 48.27 -19.66
C LEU P 459 -20.67 47.67 -21.00
N LYS P 460 -20.81 48.50 -22.04
CA LYS P 460 -21.19 47.99 -23.35
C LYS P 460 -20.12 47.08 -23.92
N ARG P 461 -18.84 47.41 -23.70
CA ARG P 461 -17.78 46.56 -24.21
C ARG P 461 -17.64 45.28 -23.39
N LEU P 462 -17.97 45.34 -22.10
CA LEU P 462 -17.90 44.15 -21.26
C LEU P 462 -19.05 43.19 -21.57
N GLU P 463 -20.23 43.73 -21.89
CA GLU P 463 -21.41 42.89 -22.09
C GLU P 463 -21.17 41.83 -23.17
N VAL P 464 -20.58 42.23 -24.30
CA VAL P 464 -20.59 41.39 -25.50
C VAL P 464 -19.53 40.30 -25.49
N ILE P 465 -18.71 40.21 -24.44
CA ILE P 465 -17.73 39.14 -24.33
C ILE P 465 -18.44 37.88 -23.86
N ASP P 466 -18.29 36.80 -24.61
CA ASP P 466 -18.85 35.51 -24.24
C ASP P 466 -17.71 34.51 -23.98
N ALA P 467 -18.08 33.23 -23.84
CA ALA P 467 -17.09 32.20 -23.55
C ALA P 467 -16.12 31.99 -24.71
N GLU P 468 -16.64 31.95 -25.95
CA GLU P 468 -15.76 31.70 -27.08
C GLU P 468 -14.72 32.80 -27.24
N GLU P 469 -15.06 34.03 -26.85
CA GLU P 469 -14.10 35.13 -26.94
C GLU P 469 -12.98 34.99 -25.91
N VAL P 470 -13.33 34.61 -24.68
CA VAL P 470 -12.32 34.32 -23.66
C VAL P 470 -11.43 33.18 -24.11
N LYS P 471 -12.05 32.13 -24.65
CA LYS P 471 -11.36 30.95 -25.13
C LYS P 471 -10.54 31.23 -26.38
N ARG P 472 -10.78 32.37 -27.05
CA ARG P 472 -9.93 32.80 -28.15
C ARG P 472 -8.72 33.58 -27.63
N VAL P 473 -8.96 34.56 -26.77
CA VAL P 473 -7.85 35.39 -26.28
C VAL P 473 -6.86 34.54 -25.50
N ALA P 474 -7.35 33.71 -24.58
CA ALA P 474 -6.43 32.85 -23.84
C ALA P 474 -5.58 32.02 -24.79
N TRP P 475 -6.22 31.40 -25.78
CA TRP P 475 -5.49 30.63 -26.78
C TRP P 475 -4.48 31.49 -27.51
N LYS P 476 -4.72 32.80 -27.58
CA LYS P 476 -3.80 33.69 -28.27
C LYS P 476 -2.56 33.99 -27.43
N TYR P 477 -2.73 34.21 -26.12
CA TYR P 477 -1.62 34.71 -25.30
C TYR P 477 -1.10 33.74 -24.24
N LEU P 478 -1.93 32.84 -23.72
CA LEU P 478 -1.55 32.05 -22.55
C LEU P 478 -1.24 30.59 -22.84
N HIS P 479 -1.78 30.03 -23.91
CA HIS P 479 -1.55 28.62 -24.21
C HIS P 479 -0.14 28.43 -24.74
N ASP P 480 0.63 27.57 -24.08
CA ASP P 480 1.97 27.22 -24.52
C ASP P 480 2.88 28.44 -24.52
N ALA P 481 2.91 29.13 -23.40
CA ALA P 481 3.67 30.36 -23.23
C ALA P 481 4.82 30.16 -22.26
N GLU P 482 5.64 31.22 -22.14
CA GLU P 482 6.69 31.28 -21.15
C GLU P 482 6.15 31.86 -19.85
N VAL P 483 6.72 31.41 -18.73
CA VAL P 483 6.30 31.85 -17.41
C VAL P 483 7.53 32.20 -16.59
N ALA P 484 7.34 33.11 -15.64
CA ALA P 484 8.38 33.50 -14.71
C ALA P 484 7.90 33.24 -13.29
N VAL P 485 8.84 32.88 -12.42
CA VAL P 485 8.53 32.33 -11.11
C VAL P 485 9.40 33.00 -10.05
N ALA P 486 8.81 33.27 -8.89
CA ALA P 486 9.57 33.72 -7.73
C ALA P 486 8.97 33.11 -6.47
N GLY P 487 9.82 32.85 -5.49
CA GLY P 487 9.36 32.21 -4.26
C GLY P 487 10.27 32.42 -3.08
N LEU P 488 9.73 32.14 -1.90
CA LEU P 488 10.46 32.29 -0.66
C LEU P 488 9.96 31.30 0.38
N GLY P 489 10.90 30.67 1.09
CA GLY P 489 10.57 29.84 2.22
C GLY P 489 10.90 28.37 2.06
N PRO P 490 10.14 27.52 2.76
CA PRO P 490 10.40 26.07 2.69
C PRO P 490 10.10 25.46 1.33
N LEU P 491 10.98 25.69 0.35
CA LEU P 491 10.71 25.33 -1.03
C LEU P 491 11.22 23.94 -1.41
N PHE P 492 11.31 23.00 -0.47
CA PHE P 492 11.71 21.65 -0.85
C PHE P 492 10.67 21.02 -1.78
N GLY P 493 9.39 21.29 -1.52
CA GLY P 493 8.32 20.79 -2.35
C GLY P 493 8.30 21.34 -3.77
N MET P 494 8.96 22.47 -3.99
CA MET P 494 8.64 23.34 -5.12
C MET P 494 8.76 22.58 -6.44
N PRO P 495 7.84 22.81 -7.39
CA PRO P 495 7.97 22.17 -8.70
C PRO P 495 9.10 22.77 -9.53
N GLN P 496 9.48 22.02 -10.56
CA GLN P 496 10.48 22.48 -11.50
C GLN P 496 9.91 23.59 -12.38
N LEU P 497 10.79 24.41 -12.92
CA LEU P 497 10.38 25.38 -13.91
C LEU P 497 9.75 24.71 -15.11
N ILE P 498 10.34 23.59 -15.55
CA ILE P 498 9.83 22.90 -16.73
C ILE P 498 8.47 22.30 -16.46
N ASN P 499 8.19 21.92 -15.22
CA ASN P 499 6.84 21.46 -14.86
C ASN P 499 5.82 22.56 -15.08
N LEU P 500 6.08 23.74 -14.51
CA LEU P 500 5.17 24.86 -14.67
C LEU P 500 5.01 25.24 -16.14
N ARG P 501 6.07 25.10 -16.93
CA ARG P 501 5.98 25.51 -18.33
C ARG P 501 5.22 24.49 -19.18
N ARG P 502 5.45 23.19 -18.97
CA ARG P 502 4.68 22.18 -19.66
C ARG P 502 3.24 22.08 -19.15
N ALA P 503 2.94 22.70 -18.00
CA ALA P 503 1.56 22.75 -17.53
C ALA P 503 0.66 23.59 -18.43
N THR P 504 1.23 24.54 -19.18
CA THR P 504 0.42 25.52 -19.89
C THR P 504 -0.38 24.92 -21.03
N PHE P 505 -0.09 23.68 -21.43
CA PHE P 505 -0.90 22.96 -22.39
C PHE P 505 -1.36 21.64 -21.77
N TRP P 506 -2.47 21.12 -22.28
CA TRP P 506 -2.99 19.82 -21.90
C TRP P 506 -2.78 18.85 -23.06
N LEU P 507 -2.33 17.64 -22.74
CA LEU P 507 -2.21 16.60 -23.76
C LEU P 507 -3.56 15.97 -24.06
N ARG P 508 -4.46 15.89 -23.08
CA ARG P 508 -5.85 15.62 -23.39
C ARG P 508 -6.34 16.74 -24.32
N TYR P 509 -7.07 16.37 -25.35
CA TYR P 509 -7.42 17.31 -26.40
C TYR P 509 -6.14 17.73 -27.12
N PRO Q 67 -36.89 66.06 17.35
CA PRO Q 67 -38.04 65.81 16.46
C PRO Q 67 -37.84 64.57 15.61
N ALA Q 68 -38.80 63.66 15.65
CA ALA Q 68 -38.72 62.46 14.82
C ALA Q 68 -39.25 62.74 13.41
N PRO Q 69 -38.78 62.00 12.42
CA PRO Q 69 -39.26 62.23 11.05
C PRO Q 69 -40.72 61.84 10.90
N GLU Q 70 -41.37 62.49 9.93
CA GLU Q 70 -42.78 62.24 9.64
C GLU Q 70 -42.86 61.12 8.62
N TYR Q 71 -42.99 59.89 9.13
CA TYR Q 71 -43.00 58.72 8.26
C TYR Q 71 -44.24 58.71 7.38
N ARG Q 72 -44.05 58.33 6.11
CA ARG Q 72 -45.17 58.16 5.20
C ARG Q 72 -45.71 56.74 5.30
N ARG Q 73 -47.03 56.60 5.30
CA ARG Q 73 -47.65 55.29 5.45
C ARG Q 73 -47.55 54.50 4.15
N VAL Q 74 -47.36 53.18 4.30
CA VAL Q 74 -47.39 52.24 3.18
C VAL Q 74 -48.43 51.18 3.49
N PRO Q 75 -49.61 51.25 2.88
CA PRO Q 75 -50.65 50.27 3.21
C PRO Q 75 -50.46 48.93 2.51
N PHE Q 76 -50.95 47.89 3.17
CA PHE Q 76 -50.93 46.56 2.58
C PHE Q 76 -52.01 46.45 1.49
N VAL Q 77 -51.65 45.80 0.39
CA VAL Q 77 -52.56 45.55 -0.72
C VAL Q 77 -52.23 44.17 -1.27
N LYS Q 78 -53.27 43.44 -1.68
CA LYS Q 78 -53.10 42.11 -2.22
C LYS Q 78 -53.37 42.13 -3.73
N GLU Q 79 -52.53 41.41 -4.46
CA GLU Q 79 -52.47 41.53 -5.91
C GLU Q 79 -52.42 40.16 -6.55
N ASP Q 80 -52.68 40.12 -7.86
CA ASP Q 80 -52.61 38.89 -8.63
C ASP Q 80 -51.16 38.55 -8.90
N MET Q 81 -50.74 37.35 -8.48
CA MET Q 81 -49.34 36.98 -8.60
C MET Q 81 -48.89 36.94 -10.05
N GLU Q 82 -49.77 36.56 -10.97
CA GLU Q 82 -49.37 36.46 -12.37
C GLU Q 82 -49.19 37.83 -13.03
N LYS Q 83 -49.63 38.91 -12.38
CA LYS Q 83 -49.27 40.26 -12.81
C LYS Q 83 -48.06 40.81 -12.06
N VAL Q 84 -47.88 40.42 -10.80
CA VAL Q 84 -46.69 40.81 -10.06
C VAL Q 84 -45.46 40.15 -10.66
N MET Q 85 -45.64 39.00 -11.32
CA MET Q 85 -44.55 38.31 -11.98
C MET Q 85 -44.05 39.04 -13.22
N GLU Q 86 -44.78 40.05 -13.70
CA GLU Q 86 -44.27 40.87 -14.79
C GLU Q 86 -43.34 41.98 -14.30
N GLU Q 87 -43.21 42.16 -12.99
CA GLU Q 87 -42.32 43.17 -12.42
C GLU Q 87 -41.09 42.55 -11.78
N VAL Q 88 -40.93 41.23 -11.84
CA VAL Q 88 -39.77 40.55 -11.24
C VAL Q 88 -38.58 40.71 -12.19
N PRO Q 89 -37.39 41.06 -11.68
CA PRO Q 89 -36.21 41.05 -12.56
C PRO Q 89 -35.96 39.69 -13.18
N GLU Q 90 -35.31 39.72 -14.34
CA GLU Q 90 -34.87 38.50 -15.00
C GLU Q 90 -33.64 37.94 -14.30
N PHE Q 91 -33.59 36.62 -14.18
CA PHE Q 91 -32.51 35.94 -13.49
C PHE Q 91 -32.30 34.58 -14.14
N LYS Q 92 -31.04 34.22 -14.35
CA LYS Q 92 -30.69 32.97 -15.00
C LYS Q 92 -29.60 32.26 -14.20
N TYR Q 93 -29.73 30.94 -14.10
CA TYR Q 93 -28.74 30.10 -13.46
C TYR Q 93 -28.17 29.04 -14.39
N TYR Q 94 -28.94 28.59 -15.37
CA TYR Q 94 -28.44 27.79 -16.48
C TYR Q 94 -28.37 28.65 -17.72
N TYR Q 95 -27.44 28.31 -18.61
CA TYR Q 95 -27.36 28.92 -19.93
C TYR Q 95 -27.38 27.79 -20.94
N VAL Q 96 -28.59 27.35 -21.29
CA VAL Q 96 -28.78 26.32 -22.31
C VAL Q 96 -28.68 27.02 -23.66
N GLY Q 97 -27.52 26.93 -24.29
CA GLY Q 97 -27.27 27.68 -25.50
C GLY Q 97 -27.41 29.17 -25.29
N LYS Q 98 -27.26 29.93 -26.37
CA LYS Q 98 -27.38 31.39 -26.34
C LYS Q 98 -28.06 31.86 -27.61
N GLU Q 99 -28.93 32.87 -27.45
CA GLU Q 99 -29.76 33.33 -28.56
C GLU Q 99 -29.00 34.27 -29.48
N ASN Q 100 -28.10 35.07 -28.94
CA ASN Q 100 -27.34 36.06 -29.71
C ASN Q 100 -26.08 35.42 -30.28
N THR Q 101 -25.89 35.52 -31.59
CA THR Q 101 -24.76 34.91 -32.27
C THR Q 101 -23.73 35.91 -32.76
N LYS Q 102 -23.93 37.21 -32.50
CA LYS Q 102 -23.08 38.22 -33.13
C LYS Q 102 -21.69 38.29 -32.51
N GLY Q 103 -21.51 37.77 -31.30
CA GLY Q 103 -20.19 37.73 -30.71
C GLY Q 103 -19.69 39.09 -30.25
N ASN Q 104 -18.36 39.20 -30.16
CA ASN Q 104 -17.72 40.44 -29.74
C ASN Q 104 -17.80 41.43 -30.90
N VAL Q 105 -18.74 42.37 -30.79
CA VAL Q 105 -19.01 43.30 -31.89
C VAL Q 105 -18.00 44.43 -31.94
N TYR Q 106 -17.13 44.56 -30.93
CA TYR Q 106 -16.09 45.58 -30.92
C TYR Q 106 -14.71 44.96 -31.04
N GLU Q 107 -14.58 43.87 -31.77
CA GLU Q 107 -13.31 43.17 -31.88
C GLU Q 107 -12.32 44.00 -32.70
N GLY Q 108 -11.12 44.19 -32.15
CA GLY Q 108 -10.06 44.88 -32.86
C GLY Q 108 -10.08 46.38 -32.77
N ILE Q 109 -10.96 46.96 -31.96
CA ILE Q 109 -11.03 48.41 -31.77
C ILE Q 109 -10.18 48.77 -30.55
N PRO Q 110 -9.15 49.61 -30.71
CA PRO Q 110 -8.34 50.03 -29.55
C PRO Q 110 -9.19 50.74 -28.50
N LEU Q 111 -8.65 50.77 -27.29
CA LEU Q 111 -9.38 51.33 -26.15
C LEU Q 111 -9.30 52.83 -26.06
N ASP Q 112 -8.48 53.48 -26.89
CA ASP Q 112 -8.46 54.93 -26.97
C ASP Q 112 -9.28 55.43 -28.15
N GLN Q 113 -10.13 54.57 -28.71
CA GLN Q 113 -11.03 54.89 -29.81
C GLN Q 113 -12.45 54.54 -29.37
N SER Q 114 -13.31 55.56 -29.30
CA SER Q 114 -14.64 55.40 -28.72
C SER Q 114 -15.52 54.51 -29.61
N ILE Q 115 -16.52 53.88 -28.98
CA ILE Q 115 -17.47 53.05 -29.73
C ILE Q 115 -18.91 53.45 -29.41
N LEU Q 116 -19.11 54.58 -28.73
CA LEU Q 116 -20.46 55.03 -28.42
C LEU Q 116 -21.10 55.67 -29.64
N GLU Q 117 -22.39 55.38 -29.83
CA GLU Q 117 -23.22 56.03 -30.84
C GLU Q 117 -23.90 57.25 -30.25
N PRO Q 118 -24.34 58.20 -31.08
CA PRO Q 118 -25.00 59.38 -30.50
C PRO Q 118 -26.32 59.05 -29.83
N ALA Q 119 -26.89 57.87 -30.06
CA ALA Q 119 -28.11 57.50 -29.35
C ALA Q 119 -27.88 57.34 -27.86
N ASP Q 120 -26.66 56.98 -27.45
CA ASP Q 120 -26.38 56.66 -26.06
C ASP Q 120 -25.86 57.87 -25.27
N LEU Q 121 -26.03 59.07 -25.81
CA LEU Q 121 -25.73 60.29 -25.08
C LEU Q 121 -26.98 60.78 -24.36
N ARG Q 122 -26.78 61.49 -23.26
CA ARG Q 122 -27.87 62.00 -22.46
C ARG Q 122 -27.53 63.40 -21.97
N ASP Q 123 -28.57 64.13 -21.56
CA ASP Q 123 -28.42 65.41 -20.88
C ASP Q 123 -28.69 65.19 -19.39
N TYR Q 124 -27.69 65.47 -18.56
CA TYR Q 124 -27.68 64.98 -17.20
C TYR Q 124 -28.73 65.68 -16.33
N VAL Q 125 -29.48 64.88 -15.58
CA VAL Q 125 -30.43 65.36 -14.57
C VAL Q 125 -30.04 64.70 -13.25
N PRO Q 126 -29.68 65.46 -12.21
CA PRO Q 126 -29.34 64.82 -10.95
C PRO Q 126 -30.55 64.16 -10.32
N PRO Q 127 -30.36 63.12 -9.52
CA PRO Q 127 -31.39 62.71 -8.57
C PRO Q 127 -31.42 63.62 -7.35
N HIS Q 128 -32.44 63.44 -6.53
CA HIS Q 128 -32.60 64.18 -5.28
C HIS Q 128 -32.24 63.27 -4.12
N SER Q 129 -31.40 63.76 -3.21
CA SER Q 129 -30.68 62.90 -2.27
C SER Q 129 -30.94 63.24 -0.81
N ASN Q 130 -32.08 63.86 -0.49
CA ASN Q 130 -32.50 63.94 0.90
C ASN Q 130 -33.21 62.65 1.28
N ILE Q 131 -33.07 62.27 2.56
CA ILE Q 131 -33.56 60.97 3.00
C ILE Q 131 -35.08 60.94 2.90
N GLN Q 132 -35.62 59.78 2.50
CA GLN Q 132 -37.05 59.56 2.47
C GLN Q 132 -37.43 58.53 3.51
N TYR Q 133 -38.49 58.82 4.28
CA TYR Q 133 -38.89 58.06 5.46
C TYR Q 133 -40.30 57.50 5.30
N SER Q 134 -40.44 56.19 5.54
CA SER Q 134 -41.73 55.53 5.40
C SER Q 134 -41.88 54.44 6.46
N LYS Q 135 -43.10 53.92 6.56
CA LYS Q 135 -43.42 52.89 7.54
C LYS Q 135 -44.50 51.97 7.00
N LEU Q 136 -44.30 50.66 7.17
CA LEU Q 136 -45.34 49.68 6.89
C LEU Q 136 -46.36 49.65 8.01
N ASP Q 137 -47.50 49.01 7.75
CA ASP Q 137 -48.57 48.98 8.73
C ASP Q 137 -48.22 48.12 9.94
N ASN Q 138 -47.36 47.11 9.75
CA ASN Q 138 -47.04 46.23 10.87
C ASN Q 138 -45.99 46.82 11.81
N GLY Q 139 -45.21 47.80 11.35
CA GLY Q 139 -44.42 48.62 12.24
C GLY Q 139 -43.08 48.98 11.65
N LEU Q 140 -42.71 48.27 10.58
CA LEU Q 140 -41.36 48.36 10.03
C LEU Q 140 -41.10 49.77 9.49
N ARG Q 141 -39.94 50.32 9.86
CA ARG Q 141 -39.52 51.63 9.41
C ARG Q 141 -38.53 51.48 8.26
N ILE Q 142 -38.67 52.34 7.25
CA ILE Q 142 -37.90 52.27 6.02
C ILE Q 142 -37.30 53.64 5.75
N ALA Q 143 -36.02 53.65 5.37
CA ALA Q 143 -35.34 54.90 5.02
C ALA Q 143 -34.50 54.68 3.77
N SER Q 144 -34.50 55.68 2.88
CA SER Q 144 -33.83 55.49 1.61
C SER Q 144 -33.18 56.78 1.11
N MET Q 145 -32.13 56.57 0.31
CA MET Q 145 -31.45 57.65 -0.42
C MET Q 145 -31.03 57.14 -1.78
N ASP Q 146 -30.83 58.07 -2.72
CA ASP Q 146 -30.31 57.75 -4.04
C ASP Q 146 -29.23 58.76 -4.41
N ARG Q 147 -28.11 58.28 -4.94
CA ARG Q 147 -27.05 59.13 -5.46
C ARG Q 147 -26.72 58.82 -6.91
N GLY Q 148 -27.54 58.02 -7.58
CA GLY Q 148 -27.33 57.62 -8.95
C GLY Q 148 -26.13 56.74 -9.23
N GLY Q 149 -25.52 56.16 -8.21
CA GLY Q 149 -24.60 55.07 -8.44
C GLY Q 149 -25.28 53.84 -9.01
N LEU Q 150 -24.48 52.94 -9.57
CA LEU Q 150 -25.00 51.73 -10.17
C LEU Q 150 -25.18 50.58 -9.18
N THR Q 151 -24.44 50.57 -8.08
CA THR Q 151 -24.55 49.54 -7.07
C THR Q 151 -25.30 50.08 -5.86
N ALA Q 152 -26.15 49.25 -5.28
CA ALA Q 152 -26.94 49.64 -4.12
C ALA Q 152 -26.41 48.98 -2.86
N SER Q 153 -26.76 49.58 -1.73
CA SER Q 153 -26.45 49.05 -0.41
C SER Q 153 -27.76 48.83 0.35
N LEU Q 154 -27.98 47.60 0.83
CA LEU Q 154 -29.20 47.27 1.55
C LEU Q 154 -28.86 46.70 2.92
N GLY Q 155 -29.62 47.12 3.93
CA GLY Q 155 -29.37 46.67 5.28
C GLY Q 155 -30.57 46.63 6.22
N LEU Q 156 -30.64 45.57 7.01
CA LEU Q 156 -31.68 45.37 8.01
C LEU Q 156 -31.05 45.40 9.40
N PHE Q 157 -31.58 46.26 10.26
CA PHE Q 157 -31.04 46.52 11.59
C PHE Q 157 -32.05 46.08 12.64
N VAL Q 158 -31.58 45.25 13.57
CA VAL Q 158 -32.40 44.67 14.64
C VAL Q 158 -31.80 45.06 15.97
N HIS Q 159 -32.66 45.41 16.93
CA HIS Q 159 -32.24 45.88 18.25
C HIS Q 159 -32.03 44.71 19.21
N ALA Q 160 -31.15 43.78 18.81
CA ALA Q 160 -30.89 42.56 19.59
C ALA Q 160 -29.37 42.36 19.73
N GLY Q 161 -28.78 43.04 20.70
CA GLY Q 161 -27.39 42.80 21.07
C GLY Q 161 -27.24 41.82 22.24
N THR Q 162 -25.97 41.66 22.64
CA THR Q 162 -25.64 40.76 23.74
C THR Q 162 -25.93 41.35 25.11
N ARG Q 163 -26.10 42.67 25.23
CA ARG Q 163 -26.39 43.23 26.54
C ARG Q 163 -27.78 42.86 27.03
N PHE Q 164 -28.55 42.15 26.21
CA PHE Q 164 -29.90 41.73 26.57
C PHE Q 164 -30.00 40.28 27.00
N GLU Q 165 -28.86 39.57 27.12
CA GLU Q 165 -28.88 38.18 27.52
C GLU Q 165 -28.82 38.05 29.04
N ASP Q 166 -28.92 36.81 29.53
CA ASP Q 166 -28.89 36.54 30.97
C ASP Q 166 -28.24 35.17 31.18
N VAL Q 167 -28.24 34.71 32.44
CA VAL Q 167 -27.54 33.49 32.82
C VAL Q 167 -28.04 32.27 32.07
N THR Q 168 -29.27 32.29 31.58
CA THR Q 168 -29.84 31.17 30.84
C THR Q 168 -29.65 31.32 29.34
N ASN Q 169 -29.29 32.51 28.87
CA ASN Q 169 -29.25 32.84 27.46
C ASN Q 169 -27.84 32.97 26.89
N PHE Q 170 -26.84 33.22 27.73
CA PHE Q 170 -25.51 33.62 27.28
C PHE Q 170 -25.08 32.86 26.04
N GLY Q 171 -24.80 33.60 24.96
CA GLY Q 171 -24.33 33.05 23.72
C GLY Q 171 -25.35 32.94 22.61
N VAL Q 172 -26.61 33.28 22.87
CA VAL Q 172 -27.67 33.03 21.91
C VAL Q 172 -27.54 33.94 20.69
N THR Q 173 -27.17 35.20 20.91
CA THR Q 173 -27.04 36.13 19.79
C THR Q 173 -25.95 35.68 18.83
N HIS Q 174 -24.83 35.18 19.37
CA HIS Q 174 -23.78 34.65 18.51
C HIS Q 174 -24.30 33.48 17.69
N MET Q 175 -25.09 32.60 18.30
CA MET Q 175 -25.67 31.49 17.56
C MET Q 175 -26.52 31.98 16.40
N ILE Q 176 -27.39 32.97 16.67
CA ILE Q 176 -28.24 33.49 15.60
C ILE Q 176 -27.40 34.07 14.46
N GLN Q 177 -26.38 34.87 14.80
CA GLN Q 177 -25.54 35.43 13.74
C GLN Q 177 -24.83 34.34 12.97
N ASN Q 178 -24.34 33.32 13.65
CA ASN Q 178 -23.68 32.19 13.02
C ASN Q 178 -24.64 31.34 12.21
N LEU Q 179 -25.94 31.59 12.33
CA LEU Q 179 -26.95 30.89 11.54
C LEU Q 179 -27.59 31.76 10.46
N ALA Q 180 -27.03 32.93 10.17
CA ALA Q 180 -27.63 33.81 9.18
C ALA Q 180 -27.61 33.16 7.80
N PHE Q 181 -28.67 33.39 7.03
CA PHE Q 181 -28.82 32.83 5.69
C PHE Q 181 -28.82 31.32 5.69
N ALA Q 182 -29.29 30.73 6.79
CA ALA Q 182 -29.57 29.30 6.81
C ALA Q 182 -31.00 29.06 6.33
N SER Q 183 -31.43 27.80 6.36
CA SER Q 183 -32.72 27.43 5.80
C SER Q 183 -33.86 28.21 6.43
N THR Q 184 -34.80 28.64 5.59
CA THR Q 184 -36.02 29.31 6.03
C THR Q 184 -37.22 28.58 5.47
N ALA Q 185 -38.40 29.18 5.60
CA ALA Q 185 -39.62 28.49 5.21
C ALA Q 185 -39.60 28.08 3.75
N HIS Q 186 -39.17 28.98 2.86
CA HIS Q 186 -39.29 28.76 1.42
C HIS Q 186 -37.96 28.68 0.68
N LEU Q 187 -36.83 28.74 1.38
CA LEU Q 187 -35.52 28.55 0.75
C LEU Q 187 -34.65 27.69 1.65
N SER Q 188 -33.73 26.95 1.02
CA SER Q 188 -32.72 26.21 1.75
C SER Q 188 -31.48 27.08 1.94
N LEU Q 189 -30.57 26.59 2.79
CA LEU Q 189 -29.30 27.27 3.02
C LEU Q 189 -28.44 27.28 1.75
N LEU Q 190 -28.30 26.10 1.13
CA LEU Q 190 -27.46 25.98 -0.05
C LEU Q 190 -27.95 26.89 -1.16
N ARG Q 191 -29.24 26.83 -1.48
CA ARG Q 191 -29.79 27.65 -2.55
C ARG Q 191 -29.59 29.12 -2.25
N THR Q 192 -29.84 29.53 -1.01
CA THR Q 192 -29.68 30.93 -0.63
C THR Q 192 -28.27 31.42 -0.91
N VAL Q 193 -27.27 30.74 -0.35
CA VAL Q 193 -25.91 31.26 -0.46
C VAL Q 193 -25.41 31.16 -1.90
N LYS Q 194 -25.77 30.08 -2.60
CA LYS Q 194 -25.33 29.95 -3.98
C LYS Q 194 -25.93 31.04 -4.86
N THR Q 195 -27.20 31.38 -4.64
CA THR Q 195 -27.81 32.46 -5.41
C THR Q 195 -27.14 33.79 -5.11
N ILE Q 196 -26.86 34.06 -3.83
CA ILE Q 196 -26.18 35.30 -3.50
C ILE Q 196 -24.82 35.36 -4.18
N GLU Q 197 -24.12 34.23 -4.27
CA GLU Q 197 -22.83 34.19 -4.95
C GLU Q 197 -23.00 34.49 -6.43
N VAL Q 198 -23.99 33.87 -7.08
CA VAL Q 198 -24.10 33.96 -8.53
C VAL Q 198 -24.67 35.30 -8.99
N LEU Q 199 -25.44 35.98 -8.16
CA LEU Q 199 -25.82 37.35 -8.49
C LEU Q 199 -24.61 38.28 -8.48
N GLY Q 200 -23.54 37.89 -7.82
CA GLY Q 200 -22.32 38.67 -7.76
C GLY Q 200 -22.18 39.44 -6.47
N ALA Q 201 -23.09 39.25 -5.52
CA ALA Q 201 -23.16 40.10 -4.35
C ALA Q 201 -22.22 39.65 -3.24
N ASN Q 202 -22.04 40.55 -2.27
CA ASN Q 202 -21.39 40.24 -1.00
C ASN Q 202 -22.37 40.57 0.11
N ALA Q 203 -22.51 39.66 1.08
CA ALA Q 203 -23.53 39.77 2.10
C ALA Q 203 -22.98 39.25 3.41
N GLY Q 204 -23.62 39.66 4.51
CA GLY Q 204 -23.16 39.17 5.80
C GLY Q 204 -24.00 39.69 6.95
N CYS Q 205 -23.59 39.26 8.14
CA CYS Q 205 -24.26 39.57 9.40
C CYS Q 205 -23.21 39.91 10.44
N VAL Q 206 -23.54 40.86 11.33
CA VAL Q 206 -22.62 41.36 12.33
C VAL Q 206 -23.36 41.50 13.66
N VAL Q 207 -22.73 41.03 14.74
CA VAL Q 207 -23.22 41.19 16.10
C VAL Q 207 -22.49 42.34 16.76
N GLY Q 208 -23.23 43.16 17.50
CA GLY Q 208 -22.62 43.99 18.53
C GLY Q 208 -23.19 43.86 19.92
N ARG Q 209 -22.87 44.82 20.78
CA ARG Q 209 -23.40 44.88 22.14
C ARG Q 209 -24.80 45.49 22.21
N GLU Q 210 -25.25 46.15 21.14
CA GLU Q 210 -26.60 46.72 21.12
C GLU Q 210 -27.35 46.49 19.82
N HIS Q 211 -26.71 46.03 18.75
CA HIS Q 211 -27.38 45.85 17.47
C HIS Q 211 -26.97 44.54 16.84
N LEU Q 212 -27.85 44.05 15.95
CA LEU Q 212 -27.55 42.98 15.02
C LEU Q 212 -27.88 43.50 13.63
N VAL Q 213 -26.99 43.28 12.67
CA VAL Q 213 -27.13 43.87 11.35
C VAL Q 213 -26.94 42.81 10.28
N TYR Q 214 -27.87 42.76 9.31
CA TYR Q 214 -27.71 42.02 8.08
C TYR Q 214 -27.55 42.99 6.93
N SER Q 215 -26.74 42.65 5.93
CA SER Q 215 -26.63 43.54 4.79
C SER Q 215 -26.16 42.81 3.54
N ALA Q 216 -26.43 43.44 2.40
CA ALA Q 216 -26.02 42.95 1.09
C ALA Q 216 -25.73 44.12 0.14
N GLU Q 217 -25.15 43.78 -1.01
CA GLU Q 217 -24.64 44.77 -1.96
C GLU Q 217 -24.38 44.15 -3.33
N CYS Q 218 -24.98 44.73 -4.37
CA CYS Q 218 -24.60 44.50 -5.77
C CYS Q 218 -25.36 45.53 -6.62
N LEU Q 219 -25.36 45.34 -7.94
CA LEU Q 219 -26.07 46.25 -8.83
C LEU Q 219 -27.47 46.55 -8.29
N ARG Q 220 -27.97 47.76 -8.57
CA ARG Q 220 -29.25 48.19 -8.02
C ARG Q 220 -30.44 47.48 -8.67
N SER Q 221 -30.24 46.93 -9.87
CA SER Q 221 -31.34 46.27 -10.55
C SER Q 221 -31.69 44.93 -9.94
N HIS Q 222 -30.89 44.44 -9.01
CA HIS Q 222 -31.15 43.17 -8.34
C HIS Q 222 -31.86 43.35 -7.00
N MET Q 223 -32.19 44.58 -6.61
CA MET Q 223 -32.81 44.78 -5.30
C MET Q 223 -34.03 43.91 -5.05
N PRO Q 224 -34.96 43.73 -5.97
CA PRO Q 224 -36.14 42.89 -5.68
C PRO Q 224 -35.79 41.47 -5.31
N LEU Q 225 -34.65 40.95 -5.76
CA LEU Q 225 -34.25 39.59 -5.44
C LEU Q 225 -33.52 39.50 -4.10
N LEU Q 226 -33.09 40.62 -3.53
CA LEU Q 226 -32.33 40.63 -2.29
C LEU Q 226 -33.20 40.92 -1.07
N VAL Q 227 -34.29 41.66 -1.23
CA VAL Q 227 -35.14 41.98 -0.08
C VAL Q 227 -35.69 40.72 0.57
N PRO Q 228 -36.20 39.73 -0.17
CA PRO Q 228 -36.63 38.49 0.50
C PRO Q 228 -35.52 37.89 1.36
N MET Q 229 -34.36 37.64 0.77
CA MET Q 229 -33.29 36.91 1.45
C MET Q 229 -32.83 37.62 2.72
N LEU Q 230 -32.95 38.94 2.78
CA LEU Q 230 -32.61 39.64 4.01
C LEU Q 230 -33.72 39.50 5.05
N THR Q 231 -34.97 39.64 4.63
CA THR Q 231 -36.07 39.60 5.59
C THR Q 231 -36.37 38.18 6.04
N GLY Q 232 -36.20 37.19 5.16
CA GLY Q 232 -36.35 35.81 5.57
C GLY Q 232 -35.84 35.49 6.95
N ASN Q 233 -34.60 35.90 7.22
CA ASN Q 233 -33.92 35.48 8.44
C ASN Q 233 -34.70 35.86 9.69
N VAL Q 234 -35.47 36.95 9.64
CA VAL Q 234 -36.24 37.38 10.81
C VAL Q 234 -37.71 37.00 10.71
N LEU Q 235 -38.19 36.60 9.54
CA LEU Q 235 -39.61 36.30 9.37
C LEU Q 235 -39.92 34.84 9.66
N PHE Q 236 -39.14 33.91 9.11
CA PHE Q 236 -39.44 32.51 9.36
C PHE Q 236 -38.27 31.56 9.12
N PRO Q 237 -37.28 31.54 9.99
CA PRO Q 237 -36.25 30.51 9.94
C PRO Q 237 -36.74 29.20 10.54
N ARG Q 238 -36.13 28.10 10.10
CA ARG Q 238 -36.56 26.77 10.53
C ARG Q 238 -35.73 26.22 11.68
N PHE Q 239 -34.41 26.45 11.69
CA PHE Q 239 -33.52 25.96 12.74
C PHE Q 239 -33.56 24.43 12.82
N LEU Q 240 -33.23 23.80 11.70
CA LEU Q 240 -33.13 22.34 11.67
C LEU Q 240 -31.93 21.90 12.50
N PRO Q 241 -32.06 20.83 13.30
CA PRO Q 241 -30.93 20.48 14.18
C PRO Q 241 -29.60 20.22 13.46
N TRP Q 242 -29.62 19.56 12.30
CA TRP Q 242 -28.38 19.17 11.65
C TRP Q 242 -27.61 20.34 11.05
N GLU Q 243 -28.18 21.54 11.05
CA GLU Q 243 -27.46 22.74 10.66
C GLU Q 243 -26.79 23.40 11.85
N LEU Q 244 -27.52 23.49 12.97
CA LEU Q 244 -26.91 23.92 14.23
C LEU Q 244 -25.68 23.08 14.54
N LYS Q 245 -25.82 21.75 14.45
CA LYS Q 245 -24.70 20.90 14.85
C LYS Q 245 -23.49 21.12 13.94
N ALA Q 246 -23.71 21.27 12.63
CA ALA Q 246 -22.61 21.43 11.70
C ALA Q 246 -21.94 22.79 11.81
N CYS Q 247 -22.64 23.80 12.32
CA CYS Q 247 -22.11 25.16 12.38
C CYS Q 247 -21.38 25.48 13.69
N LYS Q 248 -21.09 24.49 14.54
CA LYS Q 248 -20.69 24.79 15.92
C LYS Q 248 -19.26 25.33 16.01
N GLU Q 249 -18.33 24.79 15.21
CA GLU Q 249 -16.90 25.12 15.39
C GLU Q 249 -16.60 26.60 15.16
N LYS Q 250 -17.44 27.27 14.35
CA LYS Q 250 -17.26 28.69 14.11
C LYS Q 250 -17.52 29.52 15.35
N LEU Q 251 -18.16 28.93 16.38
CA LEU Q 251 -18.35 29.65 17.64
C LEU Q 251 -17.04 29.76 18.42
N ILE Q 252 -16.12 28.81 18.22
CA ILE Q 252 -14.86 28.79 18.95
C ILE Q 252 -13.75 29.49 18.17
N MET Q 253 -13.74 29.31 16.85
CA MET Q 253 -12.69 29.98 16.07
C MET Q 253 -12.73 31.49 16.25
N ALA Q 254 -13.92 32.05 16.49
CA ALA Q 254 -14.06 33.50 16.64
C ALA Q 254 -13.13 34.05 17.71
N ARG Q 255 -12.98 33.33 18.82
CA ARG Q 255 -12.04 33.76 19.85
C ARG Q 255 -10.64 33.19 19.63
N LYS Q 256 -10.52 32.01 19.03
CA LYS Q 256 -9.18 31.47 18.79
C LYS Q 256 -8.34 32.43 17.95
N ARG Q 257 -8.97 33.23 17.09
CA ARG Q 257 -8.22 34.19 16.30
C ARG Q 257 -7.85 35.45 17.09
N LEU Q 258 -8.58 35.74 18.18
CA LEU Q 258 -8.27 36.93 18.96
C LEU Q 258 -6.92 36.81 19.66
N GLU Q 259 -6.36 35.61 19.75
CA GLU Q 259 -5.09 35.40 20.42
C GLU Q 259 -3.91 35.97 19.64
N HIS Q 260 -4.10 36.40 18.41
CA HIS Q 260 -3.09 37.18 17.68
C HIS Q 260 -3.72 38.48 17.15
N MET Q 261 -4.46 39.17 18.03
CA MET Q 261 -4.90 40.54 17.79
C MET Q 261 -4.92 41.28 19.11
N PRO Q 262 -3.75 41.64 19.63
CA PRO Q 262 -3.65 42.22 20.98
C PRO Q 262 -4.54 43.42 21.23
N ASP Q 263 -4.67 44.32 20.25
CA ASP Q 263 -5.44 45.54 20.42
C ASP Q 263 -6.90 45.22 20.74
N GLN Q 264 -7.53 44.38 19.91
CA GLN Q 264 -8.91 43.98 20.14
C GLN Q 264 -9.07 43.26 21.48
N MET Q 265 -8.08 42.41 21.80
CA MET Q 265 -8.08 41.71 23.08
C MET Q 265 -8.18 42.69 24.25
N VAL Q 266 -7.38 43.75 24.20
CA VAL Q 266 -7.41 44.76 25.25
C VAL Q 266 -8.77 45.45 25.29
N SER Q 267 -9.37 45.68 24.13
CA SER Q 267 -10.73 46.23 24.10
C SER Q 267 -11.67 45.37 24.94
N GLU Q 268 -11.67 44.06 24.69
CA GLU Q 268 -12.60 43.18 25.41
C GLU Q 268 -12.29 43.17 26.91
N LEU Q 269 -11.00 43.18 27.27
CA LEU Q 269 -10.65 43.26 28.68
C LEU Q 269 -11.22 44.52 29.32
N LEU Q 270 -11.08 45.66 28.63
CA LEU Q 270 -11.63 46.91 29.15
C LEU Q 270 -13.13 46.78 29.41
N HIS Q 271 -13.86 46.23 28.44
CA HIS Q 271 -15.31 46.13 28.62
C HIS Q 271 -15.66 45.26 29.82
N THR Q 272 -15.09 44.06 29.90
CA THR Q 272 -15.48 43.16 30.97
C THR Q 272 -15.02 43.65 32.34
N THR Q 273 -13.99 44.50 32.39
CA THR Q 273 -13.57 45.06 33.68
C THR Q 273 -14.40 46.27 34.07
N ALA Q 274 -14.91 47.03 33.09
CA ALA Q 274 -15.63 48.25 33.41
C ALA Q 274 -17.03 47.96 33.96
N TRP Q 275 -17.76 47.05 33.31
CA TRP Q 275 -19.10 46.66 33.74
C TRP Q 275 -19.03 45.17 34.08
N HIS Q 276 -18.66 44.86 35.32
CA HIS Q 276 -18.42 43.47 35.69
C HIS Q 276 -19.73 42.71 35.81
N ASN Q 277 -19.91 41.70 34.97
CA ASN Q 277 -21.01 40.74 35.04
C ASN Q 277 -22.38 41.34 34.72
N ASN Q 278 -22.47 42.49 34.04
CA ASN Q 278 -23.80 42.99 33.70
C ASN Q 278 -23.79 43.78 32.40
N THR Q 279 -24.91 43.67 31.67
CA THR Q 279 -25.21 44.40 30.44
C THR Q 279 -24.03 44.47 29.50
N LEU Q 280 -23.45 45.67 29.34
CA LEU Q 280 -22.37 45.84 28.37
C LEU Q 280 -21.16 44.97 28.69
N GLY Q 281 -21.02 44.58 29.95
CA GLY Q 281 -19.97 43.68 30.39
C GLY Q 281 -19.95 42.31 29.74
N HIS Q 282 -21.09 41.83 29.24
CA HIS Q 282 -21.14 40.45 28.76
C HIS Q 282 -20.17 40.26 27.58
N LYS Q 283 -19.73 39.02 27.41
CA LYS Q 283 -18.80 38.71 26.35
C LYS Q 283 -19.53 38.62 25.01
N LEU Q 284 -18.80 38.92 23.94
CA LEU Q 284 -19.36 38.92 22.59
C LEU Q 284 -19.32 37.54 21.94
N HIS Q 285 -18.98 36.49 22.69
CA HIS Q 285 -18.78 35.18 22.10
C HIS Q 285 -19.41 34.10 22.97
N CYS Q 286 -19.46 32.89 22.43
CA CYS Q 286 -19.88 31.71 23.17
C CYS Q 286 -18.69 31.12 23.92
N THR Q 287 -18.81 31.04 25.24
CA THR Q 287 -17.83 30.30 26.03
C THR Q 287 -18.18 28.82 26.01
N GLU Q 288 -17.39 28.02 26.72
CA GLU Q 288 -17.72 26.60 26.86
C GLU Q 288 -19.05 26.42 27.57
N ARG Q 289 -19.30 27.23 28.61
CA ARG Q 289 -20.57 27.18 29.32
C ARG Q 289 -21.74 27.59 28.42
N SER Q 290 -21.46 28.24 27.29
CA SER Q 290 -22.50 28.72 26.39
C SER Q 290 -22.94 27.69 25.36
N LEU Q 291 -22.27 26.55 25.27
CA LEU Q 291 -22.60 25.55 24.27
C LEU Q 291 -23.62 24.53 24.75
N GLY Q 292 -24.03 24.60 26.01
CA GLY Q 292 -25.12 23.77 26.49
C GLY Q 292 -26.44 24.16 25.84
N HIS Q 293 -26.87 25.39 26.14
CA HIS Q 293 -28.14 25.93 25.64
C HIS Q 293 -28.00 26.38 24.18
N TYR Q 294 -27.66 25.40 23.35
CA TYR Q 294 -27.51 25.58 21.90
C TYR Q 294 -28.59 24.79 21.17
N ASN Q 295 -29.80 24.75 21.78
CA ASN Q 295 -30.93 24.01 21.25
C ASN Q 295 -31.97 24.97 20.66
N PRO Q 296 -32.74 24.51 19.67
CA PRO Q 296 -33.62 25.44 18.94
C PRO Q 296 -34.62 26.19 19.82
N ASP Q 297 -35.09 25.60 20.91
CA ASP Q 297 -36.15 26.23 21.68
C ASP Q 297 -35.66 27.52 22.34
N VAL Q 298 -34.41 27.55 22.79
CA VAL Q 298 -33.89 28.76 23.42
C VAL Q 298 -33.68 29.86 22.39
N ILE Q 299 -33.12 29.51 21.23
CA ILE Q 299 -32.98 30.48 20.14
C ILE Q 299 -34.34 31.06 19.78
N ARG Q 300 -35.32 30.19 19.57
CA ARG Q 300 -36.65 30.63 19.14
C ARG Q 300 -37.32 31.48 20.21
N HIS Q 301 -37.21 31.09 21.47
CA HIS Q 301 -37.82 31.85 22.55
C HIS Q 301 -37.15 33.22 22.71
N TYR Q 302 -35.84 33.30 22.49
CA TYR Q 302 -35.16 34.59 22.51
C TYR Q 302 -35.64 35.47 21.36
N MET Q 303 -35.76 34.90 20.16
CA MET Q 303 -36.20 35.69 19.02
C MET Q 303 -37.61 36.22 19.21
N LEU Q 304 -38.49 35.42 19.81
CA LEU Q 304 -39.86 35.88 20.02
C LEU Q 304 -39.93 37.13 20.89
N GLN Q 305 -38.88 37.44 21.64
CA GLN Q 305 -38.88 38.59 22.53
C GLN Q 305 -38.28 39.85 21.91
N HIS Q 306 -37.61 39.75 20.77
CA HIS Q 306 -36.85 40.89 20.25
C HIS Q 306 -37.11 41.22 18.79
N PHE Q 307 -37.40 40.21 17.97
CA PHE Q 307 -37.41 40.37 16.52
C PHE Q 307 -38.77 40.80 15.96
N SER Q 308 -39.53 41.54 16.74
CA SER Q 308 -40.78 42.09 16.22
C SER Q 308 -40.51 43.32 15.35
N PRO Q 309 -41.41 43.63 14.42
CA PRO Q 309 -41.10 44.70 13.45
C PRO Q 309 -40.76 46.05 14.07
N GLU Q 310 -41.42 46.45 15.15
CA GLU Q 310 -41.15 47.79 15.68
C GLU Q 310 -39.77 47.91 16.31
N ASN Q 311 -38.98 46.84 16.34
CA ASN Q 311 -37.60 46.90 16.79
C ASN Q 311 -36.62 46.88 15.62
N MET Q 312 -37.08 47.19 14.41
CA MET Q 312 -36.28 47.02 13.21
C MET Q 312 -36.26 48.29 12.38
N VAL Q 313 -35.24 48.41 11.55
CA VAL Q 313 -35.16 49.43 10.50
C VAL Q 313 -34.59 48.80 9.25
N PHE Q 314 -35.13 49.19 8.09
CA PHE Q 314 -34.58 48.78 6.80
C PHE Q 314 -34.11 50.02 6.05
N VAL Q 315 -32.86 49.99 5.60
CA VAL Q 315 -32.20 51.14 5.00
C VAL Q 315 -31.66 50.76 3.63
N GLY Q 316 -31.86 51.65 2.66
CA GLY Q 316 -31.37 51.44 1.32
C GLY Q 316 -30.72 52.68 0.72
N VAL Q 317 -29.61 52.47 0.02
CA VAL Q 317 -28.89 53.54 -0.65
C VAL Q 317 -28.71 53.16 -2.11
N ASN Q 318 -29.03 54.11 -3.01
CA ASN Q 318 -29.04 53.92 -4.46
C ASN Q 318 -30.15 52.95 -4.88
N VAL Q 319 -31.37 53.25 -4.44
CA VAL Q 319 -32.56 52.57 -4.95
C VAL Q 319 -33.71 53.58 -4.98
N ASN Q 320 -34.68 53.30 -5.83
CA ASN Q 320 -35.85 54.16 -5.98
C ASN Q 320 -36.88 53.83 -4.91
N HIS Q 321 -37.29 54.84 -4.14
CA HIS Q 321 -37.96 54.59 -2.87
C HIS Q 321 -39.31 53.92 -3.04
N ASP Q 322 -40.05 54.25 -4.09
CA ASP Q 322 -41.37 53.64 -4.24
C ASP Q 322 -41.25 52.17 -4.58
N GLU Q 323 -40.22 51.77 -5.33
CA GLU Q 323 -40.00 50.36 -5.56
C GLU Q 323 -39.58 49.65 -4.28
N LEU Q 324 -38.75 50.29 -3.46
CA LEU Q 324 -38.34 49.68 -2.19
C LEU Q 324 -39.54 49.47 -1.29
N CYS Q 325 -40.37 50.50 -1.14
CA CYS Q 325 -41.59 50.37 -0.34
C CYS Q 325 -42.48 49.27 -0.89
N THR Q 326 -42.65 49.21 -2.21
CA THR Q 326 -43.52 48.20 -2.81
C THR Q 326 -43.02 46.79 -2.51
N TRP Q 327 -41.73 46.53 -2.76
CA TRP Q 327 -41.22 45.18 -2.58
C TRP Q 327 -41.07 44.80 -1.11
N LEU Q 328 -40.95 45.77 -0.21
CA LEU Q 328 -40.99 45.45 1.21
C LEU Q 328 -42.41 45.12 1.67
N MET Q 329 -43.38 45.90 1.21
CA MET Q 329 -44.77 45.62 1.55
C MET Q 329 -45.18 44.24 1.03
N ARG Q 330 -44.75 43.89 -0.18
CA ARG Q 330 -45.12 42.60 -0.75
C ARG Q 330 -44.47 41.43 -0.02
N ALA Q 331 -43.58 41.68 0.94
CA ALA Q 331 -42.92 40.62 1.66
C ALA Q 331 -43.67 40.20 2.92
N PHE Q 332 -44.27 41.16 3.63
CA PHE Q 332 -44.96 40.90 4.88
C PHE Q 332 -46.47 40.72 4.72
N VAL Q 333 -46.98 40.77 3.50
CA VAL Q 333 -48.43 40.85 3.33
C VAL Q 333 -49.11 39.51 3.59
N ASP Q 334 -48.44 38.40 3.32
CA ASP Q 334 -49.05 37.08 3.46
C ASP Q 334 -48.93 36.50 4.85
N TYR Q 335 -47.99 36.96 5.66
CA TYR Q 335 -47.53 36.22 6.82
C TYR Q 335 -47.73 37.02 8.10
N ASN Q 336 -47.79 36.29 9.21
CA ASN Q 336 -47.84 36.88 10.54
C ASN Q 336 -46.43 37.06 11.05
N ALA Q 337 -46.05 38.30 11.34
CA ALA Q 337 -44.76 38.58 11.92
C ALA Q 337 -44.76 38.30 13.42
N ILE Q 338 -43.58 38.34 14.02
CA ILE Q 338 -43.48 38.12 15.46
C ILE Q 338 -44.21 39.24 16.19
N PRO Q 339 -45.12 38.95 17.11
CA PRO Q 339 -45.94 40.01 17.71
C PRO Q 339 -45.13 40.88 18.66
N PRO Q 340 -45.55 42.12 18.88
CA PRO Q 340 -44.80 43.05 19.73
C PRO Q 340 -44.70 42.60 21.19
N SER Q 341 -43.74 43.20 21.88
CA SER Q 341 -43.48 42.95 23.29
C SER Q 341 -42.99 44.25 23.93
N LYS Q 342 -43.50 44.56 25.13
CA LYS Q 342 -43.14 45.80 25.82
C LYS Q 342 -41.95 45.56 26.75
N ARG Q 343 -40.80 45.30 26.14
CA ARG Q 343 -39.60 44.97 26.91
C ARG Q 343 -39.09 46.19 27.67
N THR Q 344 -38.39 45.91 28.77
CA THR Q 344 -37.73 46.92 29.58
C THR Q 344 -36.25 46.59 29.70
N VAL Q 345 -35.44 47.63 29.86
CA VAL Q 345 -33.98 47.52 29.86
C VAL Q 345 -33.44 48.14 31.14
N ALA Q 346 -32.48 47.45 31.76
CA ALA Q 346 -31.88 47.90 33.01
C ALA Q 346 -30.65 48.75 32.74
N SER Q 347 -30.38 49.68 33.66
CA SER Q 347 -29.22 50.54 33.54
C SER Q 347 -27.94 49.75 33.81
N PRO Q 348 -26.89 49.93 32.99
CA PRO Q 348 -25.60 49.35 33.34
C PRO Q 348 -25.08 49.82 34.69
N VAL Q 349 -24.38 48.92 35.38
CA VAL Q 349 -23.68 49.24 36.62
C VAL Q 349 -22.18 49.20 36.33
N TYR Q 350 -21.50 50.33 36.53
CA TYR Q 350 -20.07 50.44 36.28
C TYR Q 350 -19.30 50.08 37.54
N THR Q 351 -18.47 49.05 37.45
CA THR Q 351 -17.66 48.60 38.58
C THR Q 351 -16.24 49.15 38.54
N GLY Q 352 -15.63 49.20 37.36
CA GLY Q 352 -14.21 49.50 37.28
C GLY Q 352 -13.41 48.33 37.80
N GLY Q 353 -12.13 48.59 38.11
CA GLY Q 353 -11.29 47.53 38.61
C GLY Q 353 -10.00 47.44 37.81
N ASP Q 354 -9.39 46.27 37.87
CA ASP Q 354 -8.00 46.11 37.44
C ASP Q 354 -7.80 44.69 36.97
N VAL Q 355 -6.97 44.50 35.94
CA VAL Q 355 -6.74 43.16 35.41
C VAL Q 355 -5.45 43.13 34.60
N ARG Q 356 -4.81 41.96 34.59
CA ARG Q 356 -3.53 41.74 33.92
C ARG Q 356 -3.57 40.41 33.17
N LEU Q 357 -2.84 40.33 32.07
CA LEU Q 357 -2.77 39.10 31.29
C LEU Q 357 -1.42 39.04 30.58
N GLU Q 358 -0.59 38.07 30.98
CA GLU Q 358 0.78 37.99 30.51
C GLU Q 358 0.90 37.02 29.34
N THR Q 359 1.77 37.36 28.40
CA THR Q 359 2.04 36.56 27.21
C THR Q 359 3.32 37.12 26.57
N PRO Q 360 3.99 36.33 25.72
CA PRO Q 360 5.35 36.69 25.30
C PRO Q 360 5.51 37.96 24.47
N SER Q 361 4.47 38.78 24.35
CA SER Q 361 4.58 39.97 23.51
C SER Q 361 5.73 40.85 23.99
N PRO Q 362 6.48 41.49 23.09
CA PRO Q 362 7.67 42.25 23.49
C PRO Q 362 7.40 43.66 24.00
N HIS Q 363 6.15 44.05 24.20
CA HIS Q 363 5.83 45.34 24.80
C HIS Q 363 5.01 45.14 26.06
N ALA Q 364 5.03 46.16 26.91
CA ALA Q 364 4.02 46.29 27.96
C ALA Q 364 2.89 47.11 27.36
N HIS Q 365 1.75 46.46 27.11
CA HIS Q 365 0.55 47.14 26.66
C HIS Q 365 -0.26 47.55 27.89
N MET Q 366 -0.66 48.82 27.95
CA MET Q 366 -1.39 49.31 29.10
C MET Q 366 -2.53 50.21 28.65
N ALA Q 367 -3.62 50.18 29.43
CA ALA Q 367 -4.76 51.05 29.17
C ALA Q 367 -5.43 51.43 30.47
N ILE Q 368 -5.85 52.70 30.55
CA ILE Q 368 -6.58 53.23 31.69
C ILE Q 368 -7.79 54.00 31.18
N ALA Q 369 -8.90 53.91 31.92
CA ALA Q 369 -10.17 54.43 31.42
C ALA Q 369 -11.05 54.89 32.56
N PHE Q 370 -11.98 55.80 32.22
CA PHE Q 370 -13.03 56.26 33.12
C PHE Q 370 -14.35 56.26 32.38
N GLU Q 371 -15.44 56.34 33.15
CA GLU Q 371 -16.77 56.18 32.58
C GLU Q 371 -17.32 57.51 32.07
N THR Q 372 -18.07 57.42 30.98
CA THR Q 372 -18.88 58.52 30.47
C THR Q 372 -20.30 58.34 30.99
N PRO Q 373 -20.76 59.18 31.93
CA PRO Q 373 -22.14 59.09 32.41
C PRO Q 373 -23.13 59.49 31.33
N GLY Q 374 -24.05 58.57 31.01
CA GLY Q 374 -25.20 58.86 30.20
C GLY Q 374 -25.06 58.36 28.78
N GLY Q 375 -23.82 58.22 28.31
CA GLY Q 375 -23.52 57.71 27.01
C GLY Q 375 -24.07 58.58 25.89
N TRP Q 376 -24.46 57.91 24.81
CA TRP Q 376 -24.89 58.61 23.60
C TRP Q 376 -26.08 59.52 23.88
N ASN Q 377 -26.89 59.20 24.88
CA ASN Q 377 -28.03 60.04 25.25
C ASN Q 377 -27.66 61.16 26.21
N GLY Q 378 -26.40 61.21 26.64
CA GLY Q 378 -25.94 62.38 27.37
C GLY Q 378 -25.63 63.55 26.45
N GLY Q 379 -25.82 64.76 26.98
CA GLY Q 379 -25.68 65.95 26.17
C GLY Q 379 -24.27 66.26 25.72
N ASP Q 380 -23.26 65.69 26.38
CA ASP Q 380 -21.86 66.06 26.15
C ASP Q 380 -21.18 65.11 25.16
N LEU Q 381 -21.92 64.61 24.17
CA LEU Q 381 -21.36 63.73 23.16
C LEU Q 381 -20.29 64.42 22.31
N VAL Q 382 -20.38 65.74 22.17
CA VAL Q 382 -19.44 66.50 21.34
C VAL Q 382 -18.17 66.83 22.12
N ALA Q 383 -18.29 67.05 23.42
CA ALA Q 383 -17.13 67.42 24.23
C ALA Q 383 -16.06 66.34 24.17
N TYR Q 384 -16.45 65.08 24.42
CA TYR Q 384 -15.48 64.00 24.40
C TYR Q 384 -14.85 63.84 23.03
N SER Q 385 -15.65 63.97 21.97
CA SER Q 385 -15.14 63.75 20.62
C SER Q 385 -14.20 64.87 20.16
N VAL Q 386 -14.36 66.07 20.73
CA VAL Q 386 -13.38 67.13 20.48
C VAL Q 386 -12.10 66.88 21.28
N LEU Q 387 -12.27 66.50 22.54
CA LEU Q 387 -11.12 66.27 23.41
C LEU Q 387 -10.24 65.15 22.86
N GLN Q 388 -10.85 64.12 22.28
CA GLN Q 388 -10.06 63.02 21.71
C GLN Q 388 -9.10 63.54 20.64
N THR Q 389 -9.52 64.54 19.87
CA THR Q 389 -8.67 65.07 18.81
C THR Q 389 -7.67 66.08 19.37
N ILE Q 390 -7.99 66.75 20.47
CA ILE Q 390 -6.95 67.52 21.15
C ILE Q 390 -5.82 66.58 21.58
N LEU Q 391 -6.18 65.41 22.12
CA LEU Q 391 -5.17 64.51 22.68
C LEU Q 391 -4.44 63.73 21.59
N GLY Q 392 -5.18 63.11 20.68
CA GLY Q 392 -4.58 62.32 19.62
C GLY Q 392 -5.36 61.04 19.42
N GLY Q 393 -6.02 60.92 18.28
CA GLY Q 393 -6.80 59.74 17.96
C GLY Q 393 -5.93 58.57 17.51
N GLY Q 394 -6.62 57.52 17.08
CA GLY Q 394 -5.99 56.29 16.66
C GLY Q 394 -4.79 56.48 15.75
N GLY Q 405 -2.10 63.02 13.20
CA GLY Q 405 -1.41 64.29 13.13
C GLY Q 405 -0.12 64.29 13.93
N MET Q 406 0.60 65.41 13.91
CA MET Q 406 1.87 65.54 14.61
C MET Q 406 1.97 66.85 15.38
N TYR Q 407 0.84 67.51 15.62
CA TYR Q 407 0.78 68.68 16.49
C TYR Q 407 -0.28 68.48 17.57
N THR Q 408 -0.44 67.24 18.00
CA THR Q 408 -1.40 66.86 19.04
C THR Q 408 -0.71 66.81 20.40
N ARG Q 409 -1.53 66.85 21.45
CA ARG Q 409 -1.00 66.97 22.81
C ARG Q 409 -0.11 65.77 23.16
N LEU Q 410 -0.59 64.55 22.88
CA LEU Q 410 0.22 63.37 23.20
C LEU Q 410 1.47 63.31 22.34
N TYR Q 411 1.35 63.60 21.05
CA TYR Q 411 2.51 63.52 20.16
C TYR Q 411 3.61 64.48 20.60
N LEU Q 412 3.23 65.70 21.01
CA LEU Q 412 4.22 66.67 21.42
C LEU Q 412 4.78 66.38 22.80
N ASN Q 413 3.92 66.04 23.75
CA ASN Q 413 4.29 66.01 25.16
C ASN Q 413 4.62 64.62 25.69
N VAL Q 414 4.50 63.57 24.85
CA VAL Q 414 4.91 62.23 25.26
C VAL Q 414 5.91 61.66 24.26
N LEU Q 415 5.46 61.47 23.02
CA LEU Q 415 6.24 60.69 22.07
C LEU Q 415 7.54 61.38 21.69
N ASN Q 416 7.57 62.71 21.67
CA ASN Q 416 8.77 63.46 21.33
C ASN Q 416 9.66 63.73 22.54
N GLN Q 417 9.29 63.26 23.73
CA GLN Q 417 10.06 63.51 24.94
C GLN Q 417 10.47 62.24 25.67
N ASN Q 418 10.20 61.07 25.10
CA ASN Q 418 10.61 59.82 25.70
C ASN Q 418 11.03 58.84 24.62
N GLU Q 419 12.12 58.12 24.86
CA GLU Q 419 12.70 57.23 23.87
C GLU Q 419 12.05 55.85 23.84
N TRP Q 420 11.29 55.49 24.88
CA TRP Q 420 10.94 54.10 25.12
C TRP Q 420 9.45 53.80 24.98
N VAL Q 421 8.68 54.70 24.37
CA VAL Q 421 7.28 54.45 24.07
C VAL Q 421 7.12 54.31 22.56
N GLU Q 422 6.42 53.25 22.15
CA GLU Q 422 6.16 53.04 20.72
C GLU Q 422 4.92 53.76 20.25
N SER Q 423 3.95 54.02 21.13
CA SER Q 423 2.67 54.59 20.70
C SER Q 423 1.85 54.96 21.94
N ALA Q 424 1.19 56.11 21.85
CA ALA Q 424 0.25 56.59 22.85
C ALA Q 424 -0.98 57.11 22.14
N MET Q 425 -2.15 56.91 22.74
CA MET Q 425 -3.41 57.11 22.04
C MET Q 425 -4.51 57.42 23.04
N ALA Q 426 -5.51 58.18 22.59
CA ALA Q 426 -6.74 58.36 23.32
C ALA Q 426 -7.87 57.61 22.64
N PHE Q 427 -8.74 56.99 23.43
CA PHE Q 427 -9.85 56.21 22.92
C PHE Q 427 -11.14 56.63 23.60
N ASN Q 428 -12.25 56.44 22.87
CA ASN Q 428 -13.56 56.93 23.26
C ASN Q 428 -14.60 55.98 22.68
N THR Q 429 -15.30 55.24 23.54
CA THR Q 429 -16.34 54.32 23.07
C THR Q 429 -17.62 54.63 23.82
N GLN Q 430 -18.72 54.75 23.06
CA GLN Q 430 -19.99 55.19 23.58
C GLN Q 430 -21.09 54.22 23.19
N TYR Q 431 -22.08 54.09 24.08
CA TYR Q 431 -23.26 53.28 23.85
C TYR Q 431 -24.48 54.11 24.23
N THR Q 432 -25.66 53.52 24.05
CA THR Q 432 -26.90 54.27 24.18
C THR Q 432 -26.99 55.00 25.53
N ASP Q 433 -26.46 54.39 26.60
CA ASP Q 433 -26.70 54.93 27.93
C ASP Q 433 -25.48 54.88 28.85
N SER Q 434 -24.29 54.62 28.33
CA SER Q 434 -23.05 54.72 29.11
C SER Q 434 -21.89 54.62 28.13
N GLY Q 435 -20.74 55.13 28.55
CA GLY Q 435 -19.52 54.86 27.81
C GLY Q 435 -18.24 54.82 28.61
N ILE Q 436 -17.10 54.83 27.91
CA ILE Q 436 -15.80 55.02 28.54
C ILE Q 436 -14.88 55.84 27.65
N PHE Q 437 -13.91 56.48 28.30
CA PHE Q 437 -12.95 57.38 27.68
C PHE Q 437 -11.61 57.15 28.40
N GLY Q 438 -10.53 57.00 27.64
CA GLY Q 438 -9.25 56.81 28.29
C GLY Q 438 -8.04 56.89 27.37
N LEU Q 439 -6.93 56.38 27.90
CA LEU Q 439 -5.63 56.40 27.23
C LEU Q 439 -5.06 54.98 27.12
N TYR Q 440 -4.29 54.77 26.05
CA TYR Q 440 -3.71 53.48 25.71
C TYR Q 440 -2.27 53.69 25.27
N MET Q 441 -1.39 52.74 25.60
CA MET Q 441 0.03 52.94 25.36
C MET Q 441 0.74 51.61 25.21
N LEU Q 442 1.81 51.62 24.41
CA LEU Q 442 2.76 50.52 24.32
C LEU Q 442 4.12 51.01 24.75
N ALA Q 443 4.80 50.25 25.61
CA ALA Q 443 6.07 50.71 26.16
C ALA Q 443 7.08 49.58 26.26
N ASP Q 444 8.34 49.97 26.44
CA ASP Q 444 9.40 49.03 26.76
C ASP Q 444 9.06 48.31 28.07
N PRO Q 445 9.08 46.97 28.10
CA PRO Q 445 8.58 46.27 29.29
C PRO Q 445 9.40 46.50 30.55
N THR Q 446 10.59 47.09 30.45
CA THR Q 446 11.41 47.36 31.63
C THR Q 446 11.04 48.66 32.32
N LYS Q 447 10.15 49.45 31.74
CA LYS Q 447 9.87 50.80 32.22
C LYS Q 447 8.38 51.04 32.42
N SER Q 448 7.63 50.01 32.80
CA SER Q 448 6.19 50.17 33.00
C SER Q 448 5.90 51.16 34.12
N ALA Q 449 6.73 51.16 35.17
CA ALA Q 449 6.50 52.08 36.28
C ALA Q 449 6.63 53.53 35.84
N ASN Q 450 7.43 53.79 34.79
CA ASN Q 450 7.48 55.12 34.21
C ASN Q 450 6.28 55.38 33.31
N ALA Q 451 5.79 54.34 32.63
CA ALA Q 451 4.60 54.48 31.80
C ALA Q 451 3.42 54.94 32.64
N VAL Q 452 3.26 54.36 33.83
CA VAL Q 452 2.15 54.76 34.70
C VAL Q 452 2.28 56.22 35.09
N LYS Q 453 3.50 56.67 35.39
CA LYS Q 453 3.71 58.06 35.78
C LYS Q 453 3.33 59.00 34.64
N VAL Q 454 3.74 58.66 33.41
CA VAL Q 454 3.40 59.49 32.26
C VAL Q 454 1.89 59.58 32.10
N MET Q 455 1.21 58.42 32.16
CA MET Q 455 -0.25 58.42 32.04
C MET Q 455 -0.90 59.26 33.13
N ALA Q 456 -0.39 59.16 34.36
CA ALA Q 456 -0.97 59.91 35.46
C ALA Q 456 -0.83 61.40 35.24
N GLU Q 457 0.32 61.85 34.77
CA GLU Q 457 0.46 63.27 34.44
C GLU Q 457 -0.56 63.68 33.39
N GLN Q 458 -0.64 62.91 32.30
CA GLN Q 458 -1.55 63.26 31.21
C GLN Q 458 -2.98 63.40 31.72
N PHE Q 459 -3.47 62.41 32.48
CA PHE Q 459 -4.80 62.54 33.05
C PHE Q 459 -4.89 63.76 33.96
N GLY Q 460 -3.89 63.95 34.81
CA GLY Q 460 -3.72 65.16 35.59
C GLY Q 460 -4.09 66.45 34.89
N LYS Q 461 -3.66 66.60 33.63
CA LYS Q 461 -3.86 67.90 32.98
C LYS Q 461 -4.70 67.82 31.71
N MET Q 462 -5.82 67.11 31.76
CA MET Q 462 -6.81 67.21 30.68
C MET Q 462 -7.81 68.32 30.96
N GLY Q 463 -8.10 68.61 32.22
CA GLY Q 463 -8.96 69.71 32.61
C GLY Q 463 -8.81 71.07 31.95
N SER Q 464 -7.67 71.38 31.37
CA SER Q 464 -7.38 72.74 30.94
C SER Q 464 -6.84 72.73 29.51
N VAL Q 465 -7.29 73.72 28.73
CA VAL Q 465 -7.02 73.78 27.30
C VAL Q 465 -6.77 75.23 26.90
N THR Q 466 -6.00 75.41 25.83
CA THR Q 466 -5.74 76.73 25.26
C THR Q 466 -6.37 76.84 23.88
N LYS Q 467 -6.73 78.06 23.49
CA LYS Q 467 -7.62 78.24 22.36
C LYS Q 467 -6.95 77.86 21.03
N GLU Q 468 -5.63 77.94 20.93
CA GLU Q 468 -4.97 77.47 19.71
C GLU Q 468 -5.27 76.01 19.46
N GLU Q 469 -5.00 75.16 20.46
CA GLU Q 469 -5.28 73.73 20.31
C GLU Q 469 -6.77 73.48 20.10
N LEU Q 470 -7.62 74.21 20.82
CA LEU Q 470 -9.06 74.00 20.72
C LEU Q 470 -9.56 74.30 19.31
N GLN Q 471 -9.10 75.41 18.72
CA GLN Q 471 -9.49 75.74 17.35
C GLN Q 471 -8.94 74.74 16.36
N ARG Q 472 -7.66 74.36 16.52
CA ARG Q 472 -7.09 73.31 15.68
C ARG Q 472 -7.98 72.07 15.69
N ALA Q 473 -8.42 71.67 16.89
CA ALA Q 473 -9.20 70.45 17.03
C ALA Q 473 -10.59 70.60 16.40
N LYS Q 474 -11.24 71.75 16.61
CA LYS Q 474 -12.58 71.92 16.06
C LYS Q 474 -12.56 71.90 14.54
N ASN Q 475 -11.58 72.60 13.93
CA ASN Q 475 -11.46 72.57 12.47
C ASN Q 475 -11.18 71.15 11.98
N SER Q 476 -10.22 70.47 12.61
CA SER Q 476 -9.89 69.11 12.22
C SER Q 476 -11.11 68.20 12.28
N LEU Q 477 -11.89 68.31 13.34
CA LEU Q 477 -13.04 67.44 13.52
C LEU Q 477 -14.11 67.72 12.47
N LYS Q 478 -14.35 69.00 12.15
CA LYS Q 478 -15.29 69.31 11.08
C LYS Q 478 -14.86 68.66 9.77
N SER Q 479 -13.58 68.82 9.41
CA SER Q 479 -13.08 68.21 8.19
C SER Q 479 -13.33 66.71 8.18
N SER Q 480 -12.97 66.04 9.26
CA SER Q 480 -13.13 64.59 9.34
C SER Q 480 -14.60 64.20 9.21
N ILE Q 481 -15.48 64.91 9.91
CA ILE Q 481 -16.91 64.64 9.83
C ILE Q 481 -17.35 64.64 8.37
N PHE Q 482 -17.07 65.72 7.66
CA PHE Q 482 -17.57 65.82 6.29
C PHE Q 482 -16.95 64.76 5.39
N MET Q 483 -15.65 64.50 5.54
CA MET Q 483 -14.97 63.61 4.61
C MET Q 483 -15.24 62.14 4.89
N ASN Q 484 -15.70 61.78 6.09
CA ASN Q 484 -15.95 60.38 6.38
C ASN Q 484 -17.24 59.89 5.74
N LEU Q 485 -18.20 60.79 5.47
CA LEU Q 485 -19.50 60.41 4.92
C LEU Q 485 -19.54 60.44 3.40
N GLU Q 486 -18.40 60.33 2.73
CA GLU Q 486 -18.36 60.26 1.27
C GLU Q 486 -18.34 58.82 0.78
N CYS Q 487 -19.05 57.92 1.48
CA CYS Q 487 -18.91 56.49 1.22
C CYS Q 487 -20.20 55.80 1.67
N ARG Q 488 -20.78 55.02 0.75
CA ARG Q 488 -22.18 54.63 0.89
C ARG Q 488 -22.41 53.68 2.07
N GLY Q 489 -21.52 52.70 2.26
CA GLY Q 489 -21.72 51.77 3.35
C GLY Q 489 -21.69 52.44 4.70
N ILE Q 490 -20.72 53.34 4.89
CA ILE Q 490 -20.62 54.09 6.14
C ILE Q 490 -21.91 54.89 6.37
N VAL Q 491 -22.44 55.49 5.31
CA VAL Q 491 -23.66 56.28 5.42
C VAL Q 491 -24.84 55.39 5.81
N MET Q 492 -24.96 54.24 5.15
CA MET Q 492 -26.05 53.31 5.45
C MET Q 492 -26.03 52.93 6.92
N GLU Q 493 -24.89 52.46 7.40
CA GLU Q 493 -24.83 52.00 8.78
C GLU Q 493 -25.02 53.14 9.76
N ASP Q 494 -24.48 54.32 9.45
CA ASP Q 494 -24.71 55.49 10.30
C ASP Q 494 -26.20 55.77 10.45
N VAL Q 495 -26.91 55.83 9.33
CA VAL Q 495 -28.33 56.19 9.37
C VAL Q 495 -29.11 55.14 10.17
N GLY Q 496 -28.94 53.86 9.82
CA GLY Q 496 -29.48 52.78 10.63
C GLY Q 496 -29.26 52.89 12.12
N ARG Q 497 -27.98 52.99 12.50
CA ARG Q 497 -27.60 53.00 13.91
C ARG Q 497 -28.25 54.18 14.64
N GLN Q 498 -28.25 55.35 14.01
CA GLN Q 498 -28.88 56.51 14.66
C GLN Q 498 -30.37 56.30 14.83
N LEU Q 499 -31.04 55.75 13.82
CA LEU Q 499 -32.48 55.55 13.95
C LEU Q 499 -32.80 54.57 15.07
N LEU Q 500 -32.00 53.51 15.21
CA LEU Q 500 -32.22 52.60 16.33
C LEU Q 500 -31.95 53.31 17.66
N MET Q 501 -30.91 54.13 17.73
CA MET Q 501 -30.52 54.67 19.03
C MET Q 501 -31.48 55.73 19.53
N SER Q 502 -31.91 56.67 18.67
CA SER Q 502 -32.83 57.68 19.18
C SER Q 502 -33.94 58.08 18.20
N ASN Q 503 -34.21 57.33 17.15
CA ASN Q 503 -35.33 57.62 16.25
C ASN Q 503 -35.13 58.93 15.48
N ARG Q 504 -33.90 59.44 15.42
CA ARG Q 504 -33.60 60.65 14.67
C ARG Q 504 -32.23 60.51 14.04
N VAL Q 505 -32.07 61.13 12.88
CA VAL Q 505 -30.79 61.20 12.18
C VAL Q 505 -30.28 62.63 12.30
N ILE Q 506 -29.02 62.79 12.70
CA ILE Q 506 -28.38 64.09 12.82
C ILE Q 506 -27.59 64.33 11.54
N SER Q 507 -28.01 65.31 10.76
CA SER Q 507 -27.33 65.66 9.53
C SER Q 507 -26.01 66.37 9.84
N PRO Q 508 -24.99 66.19 9.00
CA PRO Q 508 -23.67 66.74 9.34
C PRO Q 508 -23.66 68.23 9.61
N GLN Q 509 -24.51 69.02 8.95
CA GLN Q 509 -24.56 70.44 9.27
C GLN Q 509 -24.89 70.65 10.73
N GLU Q 510 -25.79 69.82 11.28
CA GLU Q 510 -26.12 69.94 12.69
C GLU Q 510 -24.95 69.52 13.57
N PHE Q 511 -24.21 68.48 13.16
CA PHE Q 511 -23.00 68.10 13.89
C PHE Q 511 -22.02 69.26 13.94
N CYS Q 512 -21.84 69.95 12.81
CA CYS Q 512 -20.92 71.08 12.78
C CYS Q 512 -21.40 72.22 13.67
N THR Q 513 -22.70 72.53 13.61
CA THR Q 513 -23.24 73.57 14.48
C THR Q 513 -23.06 73.21 15.94
N ALA Q 514 -23.12 71.92 16.28
CA ALA Q 514 -22.88 71.51 17.66
C ALA Q 514 -21.41 71.62 18.03
N ILE Q 515 -20.52 71.18 17.14
CA ILE Q 515 -19.09 71.28 17.40
C ILE Q 515 -18.69 72.72 17.63
N ASP Q 516 -19.24 73.64 16.84
CA ASP Q 516 -18.83 75.04 16.94
C ASP Q 516 -19.14 75.63 18.30
N ALA Q 517 -20.09 75.07 19.03
CA ALA Q 517 -20.56 75.66 20.28
C ALA Q 517 -19.77 75.22 21.50
N VAL Q 518 -18.86 74.26 21.36
CA VAL Q 518 -18.12 73.75 22.51
C VAL Q 518 -17.21 74.82 23.05
N THR Q 519 -17.27 75.04 24.36
CA THR Q 519 -16.52 76.10 25.01
C THR Q 519 -15.27 75.54 25.67
N GLU Q 520 -14.38 76.46 26.06
CA GLU Q 520 -13.19 76.08 26.81
C GLU Q 520 -13.55 75.55 28.19
N ALA Q 521 -14.55 76.16 28.83
CA ALA Q 521 -14.93 75.76 30.18
C ALA Q 521 -15.56 74.37 30.22
N ASP Q 522 -16.36 74.04 29.20
CA ASP Q 522 -17.12 72.79 29.24
C ASP Q 522 -16.20 71.58 29.34
N ILE Q 523 -14.97 71.70 28.84
CA ILE Q 523 -14.03 70.59 28.94
C ILE Q 523 -13.73 70.26 30.41
N LYS Q 524 -13.41 71.30 31.20
CA LYS Q 524 -13.22 71.09 32.63
C LYS Q 524 -14.51 70.61 33.28
N ARG Q 525 -15.64 71.20 32.90
CA ARG Q 525 -16.91 70.81 33.49
C ARG Q 525 -17.22 69.34 33.25
N VAL Q 526 -16.72 68.78 32.15
CA VAL Q 526 -16.94 67.37 31.84
C VAL Q 526 -15.95 66.48 32.57
N VAL Q 527 -14.67 66.86 32.57
CA VAL Q 527 -13.63 65.99 33.13
C VAL Q 527 -13.77 65.90 34.65
N ASP Q 528 -14.11 67.01 35.30
CA ASP Q 528 -14.36 66.98 36.73
C ASP Q 528 -15.44 65.97 37.07
N ALA Q 529 -16.39 65.76 36.17
CA ALA Q 529 -17.43 64.74 36.35
C ALA Q 529 -16.94 63.35 35.97
N MET Q 530 -16.00 63.27 35.03
CA MET Q 530 -15.52 61.96 34.60
C MET Q 530 -14.73 61.27 35.69
N TYR Q 531 -13.96 62.03 36.47
CA TYR Q 531 -13.06 61.39 37.44
C TYR Q 531 -13.74 61.02 38.76
N LYS Q 532 -15.06 60.99 38.86
CA LYS Q 532 -15.72 60.77 40.13
C LYS Q 532 -15.98 59.31 40.46
N LYS Q 533 -15.62 58.38 39.58
CA LYS Q 533 -15.73 56.95 39.85
C LYS Q 533 -14.38 56.28 39.66
N PRO Q 534 -14.16 55.11 40.27
CA PRO Q 534 -12.86 54.45 40.14
C PRO Q 534 -12.46 54.19 38.70
N PRO Q 535 -11.16 54.06 38.46
CA PRO Q 535 -10.63 53.79 37.12
C PRO Q 535 -10.82 52.34 36.71
N THR Q 536 -10.63 52.11 35.41
CA THR Q 536 -10.47 50.78 34.86
C THR Q 536 -9.05 50.65 34.34
N VAL Q 537 -8.36 49.59 34.76
CA VAL Q 537 -6.94 49.42 34.48
C VAL Q 537 -6.71 48.05 33.87
N VAL Q 538 -6.00 48.02 32.75
CA VAL Q 538 -5.69 46.77 32.05
C VAL Q 538 -4.23 46.77 31.65
N ALA Q 539 -3.56 45.63 31.87
CA ALA Q 539 -2.24 45.41 31.30
C ALA Q 539 -2.17 44.08 30.58
N TYR Q 540 -1.34 44.05 29.54
CA TYR Q 540 -1.25 42.91 28.64
C TYR Q 540 0.18 42.78 28.15
N GLY Q 541 0.59 41.52 27.94
CA GLY Q 541 1.92 41.24 27.41
C GLY Q 541 2.96 40.94 28.47
N ASP Q 542 4.16 41.50 28.32
CA ASP Q 542 5.21 41.34 29.32
C ASP Q 542 4.98 42.37 30.41
N VAL Q 543 4.15 42.00 31.38
CA VAL Q 543 3.69 42.90 32.44
C VAL Q 543 4.59 42.77 33.67
N SER Q 544 5.77 42.19 33.48
CA SER Q 544 6.60 41.80 34.63
C SER Q 544 6.99 42.97 35.54
N THR Q 545 6.82 44.22 35.11
CA THR Q 545 7.25 45.37 35.90
C THR Q 545 6.10 46.31 36.27
N VAL Q 546 4.86 45.92 36.04
CA VAL Q 546 3.74 46.83 36.27
C VAL Q 546 3.53 46.99 37.77
N PRO Q 547 3.35 48.22 38.27
CA PRO Q 547 3.11 48.39 39.71
C PRO Q 547 1.83 47.68 40.14
N HIS Q 548 1.62 47.65 41.45
CA HIS Q 548 0.45 47.01 42.02
C HIS Q 548 -0.75 47.96 41.97
N TYR Q 549 -1.94 47.37 42.07
CA TYR Q 549 -3.20 48.11 42.05
C TYR Q 549 -3.14 49.37 42.91
N GLU Q 550 -2.77 49.21 44.18
CA GLU Q 550 -2.71 50.35 45.07
C GLU Q 550 -1.69 51.37 44.59
N GLU Q 551 -0.56 50.90 44.04
CA GLU Q 551 0.44 51.83 43.54
C GLU Q 551 -0.09 52.64 42.36
N VAL Q 552 -0.84 51.99 41.47
CA VAL Q 552 -1.40 52.69 40.30
C VAL Q 552 -2.41 53.73 40.76
N ARG Q 553 -3.31 53.33 41.65
CA ARG Q 553 -4.33 54.28 42.08
C ARG Q 553 -3.73 55.40 42.92
N ALA Q 554 -2.63 55.14 43.64
CA ALA Q 554 -1.96 56.21 44.37
C ALA Q 554 -1.20 57.13 43.42
N ALA Q 555 -0.64 56.60 42.34
CA ALA Q 555 -0.01 57.47 41.34
C ALA Q 555 -1.04 58.38 40.70
N LEU Q 556 -2.21 57.85 40.35
CA LEU Q 556 -3.28 58.69 39.82
C LEU Q 556 -3.72 59.71 40.86
N ARG Q 557 -3.84 59.30 42.12
CA ARG Q 557 -4.26 60.21 43.17
C ARG Q 557 -3.27 61.35 43.35
N ALA Q 558 -1.97 61.05 43.27
CA ALA Q 558 -0.95 62.07 43.47
C ALA Q 558 -1.00 63.11 42.36
N ALA Q 559 -1.27 62.69 41.13
CA ALA Q 559 -1.39 63.59 40.00
C ALA Q 559 -2.72 64.34 39.98
N GLY Q 560 -3.54 64.19 41.02
CA GLY Q 560 -4.77 64.94 41.14
C GLY Q 560 -5.95 64.36 40.41
N VAL Q 561 -5.83 63.17 39.84
CA VAL Q 561 -6.92 62.55 39.12
C VAL Q 561 -8.05 62.20 40.07
N SER R 2 25.24 -19.78 -38.03
CA SER R 2 23.86 -19.35 -38.23
C SER R 2 23.72 -18.64 -39.57
N TYR R 3 24.56 -17.62 -39.80
CA TYR R 3 24.53 -16.91 -41.07
C TYR R 3 25.31 -17.67 -42.14
N PRO R 4 24.94 -17.53 -43.41
CA PRO R 4 25.73 -18.19 -44.47
C PRO R 4 27.13 -17.60 -44.61
N TYR R 5 27.31 -16.32 -44.28
CA TYR R 5 28.60 -15.66 -44.37
C TYR R 5 28.53 -14.41 -43.49
N TYR R 6 29.67 -13.78 -43.31
CA TYR R 6 29.76 -12.53 -42.55
C TYR R 6 30.38 -11.45 -43.42
N CYS R 7 29.84 -10.23 -43.29
CA CYS R 7 30.22 -9.15 -44.17
C CYS R 7 31.67 -8.73 -43.95
N GLU R 8 32.34 -8.37 -45.04
CA GLU R 8 33.70 -7.88 -45.01
C GLU R 8 33.74 -6.46 -45.54
N PHE R 9 34.45 -5.59 -44.82
CA PHE R 9 34.50 -4.18 -45.18
C PHE R 9 35.55 -3.94 -46.25
N PHE R 10 35.26 -2.99 -47.13
CA PHE R 10 36.24 -2.45 -48.07
C PHE R 10 36.80 -3.51 -49.00
N VAL R 11 36.00 -4.51 -49.36
CA VAL R 11 36.44 -5.49 -50.33
C VAL R 11 36.54 -4.85 -51.70
N LYS R 12 37.47 -5.34 -52.52
CA LYS R 12 37.72 -4.82 -53.86
C LYS R 12 37.25 -5.86 -54.87
N PHE R 13 36.38 -5.43 -55.79
CA PHE R 13 35.73 -6.35 -56.72
C PHE R 13 36.30 -6.17 -58.11
N PRO R 14 36.85 -7.22 -58.72
CA PRO R 14 37.59 -7.06 -59.97
C PRO R 14 36.69 -6.88 -61.19
N ASN R 15 37.24 -6.17 -62.18
CA ASN R 15 36.65 -6.12 -63.51
C ASN R 15 37.15 -7.31 -64.33
N TYR R 16 36.24 -7.91 -65.08
CA TYR R 16 36.54 -9.12 -65.85
C TYR R 16 37.49 -8.78 -66.99
N ILE R 17 38.75 -9.16 -66.85
CA ILE R 17 39.75 -8.96 -67.90
C ILE R 17 39.39 -9.89 -69.05
N PRO R 18 39.01 -9.39 -70.22
CA PRO R 18 38.65 -10.30 -71.32
C PRO R 18 39.80 -11.18 -71.71
N PRO R 19 39.56 -12.45 -72.04
CA PRO R 19 40.61 -13.26 -72.66
C PRO R 19 40.97 -12.73 -74.04
N LYS R 20 42.27 -12.76 -74.35
CA LYS R 20 42.75 -12.27 -75.64
C LYS R 20 42.37 -13.20 -76.79
N ASP R 21 41.99 -14.44 -76.50
CA ASP R 21 41.59 -15.41 -77.52
C ASP R 21 40.41 -16.18 -76.92
N PRO R 22 39.29 -16.30 -77.64
CA PRO R 22 38.16 -17.07 -77.11
C PRO R 22 38.55 -18.45 -76.59
N ALA R 23 39.64 -19.01 -77.09
CA ALA R 23 40.14 -20.29 -76.63
C ALA R 23 41.02 -20.20 -75.40
N GLU R 24 41.32 -18.98 -74.93
CA GLU R 24 42.40 -18.79 -73.97
C GLU R 24 42.11 -19.41 -72.61
N ARG R 25 40.83 -19.55 -72.24
CA ARG R 25 40.49 -20.02 -70.89
C ARG R 25 39.77 -21.37 -70.93
N LEU R 26 40.03 -22.16 -71.97
CA LEU R 26 39.85 -23.61 -71.88
C LEU R 26 40.89 -24.24 -70.97
N VAL R 27 41.93 -23.50 -70.60
CA VAL R 27 42.94 -23.94 -69.64
C VAL R 27 42.83 -23.07 -68.39
N ASP R 28 43.03 -23.70 -67.24
CA ASP R 28 42.74 -23.08 -65.95
C ASP R 28 43.59 -21.81 -65.75
N PRO R 29 42.97 -20.67 -65.45
CA PRO R 29 43.76 -19.45 -65.20
C PRO R 29 44.73 -19.58 -64.04
N ARG R 30 44.50 -20.47 -63.08
CA ARG R 30 45.43 -20.62 -61.96
C ARG R 30 46.85 -20.85 -62.48
N GLN R 31 46.99 -21.62 -63.56
CA GLN R 31 48.30 -21.93 -64.11
C GLN R 31 49.08 -20.67 -64.47
N LYS R 32 48.39 -19.58 -64.79
CA LYS R 32 49.05 -18.34 -65.17
C LYS R 32 49.40 -17.47 -63.98
N LEU R 33 48.80 -17.71 -62.81
CA LEU R 33 49.16 -16.99 -61.61
C LEU R 33 50.14 -17.75 -60.74
N GLU R 34 50.24 -19.07 -60.91
CA GLU R 34 51.05 -19.87 -60.00
C GLU R 34 52.54 -19.54 -60.05
N PRO R 35 53.17 -19.35 -61.22
CA PRO R 35 54.62 -19.09 -61.21
C PRO R 35 55.03 -17.95 -60.29
N GLY R 36 54.47 -16.75 -60.50
CA GLY R 36 54.83 -15.62 -59.65
C GLY R 36 54.79 -15.96 -58.17
N CYS R 37 53.66 -16.49 -57.70
CA CYS R 37 53.55 -16.83 -56.29
C CYS R 37 54.57 -17.90 -55.90
N THR R 38 54.80 -18.88 -56.77
CA THR R 38 55.86 -19.84 -56.50
C THR R 38 57.18 -19.13 -56.23
N ALA R 39 57.47 -18.07 -56.99
CA ALA R 39 58.71 -17.33 -56.76
C ALA R 39 58.67 -16.55 -55.46
N ARG R 40 57.49 -16.09 -55.04
CA ARG R 40 57.41 -15.27 -53.83
C ARG R 40 57.59 -16.09 -52.57
N CYS R 41 57.18 -17.37 -52.59
CA CYS R 41 57.24 -18.24 -51.40
C CYS R 41 58.48 -19.12 -51.41
N SER R 42 59.63 -18.59 -51.86
CA SER R 42 60.81 -19.42 -52.03
C SER R 42 61.40 -19.90 -50.71
N LEU R 43 61.26 -19.13 -49.63
CA LEU R 43 61.84 -19.55 -48.37
C LEU R 43 61.22 -20.86 -47.88
N TRP R 44 59.92 -21.04 -48.12
CA TRP R 44 59.27 -22.28 -47.73
C TRP R 44 59.76 -23.44 -48.59
N VAL R 45 60.02 -23.20 -49.87
CA VAL R 45 60.64 -24.24 -50.71
C VAL R 45 62.01 -24.61 -50.14
N ASN R 46 62.79 -23.60 -49.77
CA ASN R 46 64.10 -23.84 -49.18
C ASN R 46 63.99 -24.75 -47.96
N GLU R 47 63.10 -24.40 -47.03
CA GLU R 47 63.02 -25.19 -45.80
C GLU R 47 62.46 -26.58 -46.06
N TYR R 48 61.52 -26.72 -47.00
CA TYR R 48 61.00 -28.05 -47.30
C TYR R 48 62.10 -28.94 -47.88
N ASP R 49 62.92 -28.41 -48.79
CA ASP R 49 64.01 -29.21 -49.33
C ASP R 49 65.03 -29.54 -48.25
N ALA R 50 65.31 -28.60 -47.35
CA ALA R 50 66.19 -28.89 -46.23
C ALA R 50 65.67 -30.07 -45.41
N CYS R 51 64.40 -30.00 -45.00
CA CYS R 51 63.83 -31.08 -44.18
C CYS R 51 63.85 -32.39 -44.94
N THR R 52 63.55 -32.35 -46.24
CA THR R 52 63.60 -33.56 -47.06
C THR R 52 64.97 -34.21 -46.97
N LYS R 53 66.02 -33.40 -47.16
CA LYS R 53 67.38 -33.94 -47.06
C LYS R 53 67.63 -34.55 -45.68
N ARG R 54 67.33 -33.80 -44.63
CA ARG R 54 67.64 -34.28 -43.28
C ARG R 54 66.86 -35.55 -42.94
N VAL R 55 65.59 -35.62 -43.35
CA VAL R 55 64.80 -36.82 -43.12
C VAL R 55 65.41 -38.01 -43.86
N ARG R 56 65.80 -37.81 -45.11
CA ARG R 56 66.41 -38.90 -45.86
C ARG R 56 67.73 -39.35 -45.24
N ALA R 57 68.39 -38.48 -44.46
CA ALA R 57 69.69 -38.81 -43.93
C ALA R 57 69.66 -39.54 -42.58
N ARG R 58 68.73 -39.20 -41.69
CA ARG R 58 68.90 -39.51 -40.27
C ARG R 58 69.02 -41.01 -40.00
N THR R 59 68.39 -41.87 -40.80
CA THR R 59 68.63 -43.30 -40.82
C THR R 59 68.01 -44.04 -39.63
N ASP R 60 67.48 -43.37 -38.61
CA ASP R 60 66.73 -44.09 -37.59
C ASP R 60 65.30 -44.40 -38.05
N ASN R 61 64.97 -44.07 -39.31
CA ASN R 61 63.78 -44.58 -39.99
C ASN R 61 62.48 -44.03 -39.42
N LYS R 62 62.48 -42.77 -38.97
CA LYS R 62 61.24 -42.06 -38.68
C LYS R 62 61.46 -40.58 -38.97
N GLY R 63 60.53 -39.98 -39.70
CA GLY R 63 60.63 -38.58 -40.08
C GLY R 63 59.66 -38.19 -41.19
N ASN R 64 59.28 -36.93 -41.24
CA ASN R 64 58.40 -36.43 -42.30
C ASN R 64 58.49 -34.90 -42.31
N CYS R 65 58.07 -34.31 -43.43
CA CYS R 65 58.09 -32.86 -43.64
C CYS R 65 56.74 -32.36 -44.12
N SER R 66 55.68 -32.73 -43.39
CA SER R 66 54.35 -32.26 -43.73
C SER R 66 54.13 -30.81 -43.28
N GLY R 67 54.61 -30.42 -42.09
CA GLY R 67 54.64 -29.01 -41.73
C GLY R 67 55.03 -28.01 -42.80
N GLN R 68 56.28 -28.08 -43.23
CA GLN R 68 56.82 -27.09 -44.16
C GLN R 68 56.07 -27.13 -45.49
N TYR R 69 55.64 -28.32 -45.90
CA TYR R 69 54.83 -28.46 -47.11
C TYR R 69 53.51 -27.69 -46.98
N GLU R 70 52.83 -27.88 -45.84
CA GLU R 70 51.60 -27.17 -45.57
C GLU R 70 51.82 -25.66 -45.64
N GLU R 71 52.90 -25.18 -45.02
CA GLU R 71 53.18 -23.76 -45.04
C GLU R 71 53.42 -23.26 -46.47
N LEU R 72 54.21 -24.02 -47.24
CA LEU R 72 54.48 -23.65 -48.62
C LEU R 72 53.19 -23.44 -49.40
N HIS R 73 52.28 -24.41 -49.33
CA HIS R 73 51.09 -24.31 -50.17
C HIS R 73 50.10 -23.29 -49.64
N VAL R 74 50.03 -23.09 -48.32
CA VAL R 74 49.21 -22.00 -47.80
C VAL R 74 49.71 -20.66 -48.32
N CYS R 75 51.04 -20.46 -48.33
CA CYS R 75 51.60 -19.24 -48.90
C CYS R 75 51.18 -19.08 -50.36
N ILE R 76 51.38 -20.11 -51.16
CA ILE R 76 51.09 -19.99 -52.59
C ILE R 76 49.62 -19.66 -52.82
N ASP R 77 48.73 -20.33 -52.10
CA ASP R 77 47.30 -20.09 -52.27
C ASP R 77 46.92 -18.67 -51.85
N ARG R 78 47.41 -18.23 -50.69
CA ARG R 78 47.13 -16.88 -50.24
C ARG R 78 47.67 -15.84 -51.20
N CYS R 79 48.67 -16.18 -52.01
CA CYS R 79 49.08 -15.27 -53.08
C CYS R 79 48.13 -15.33 -54.26
N VAL R 80 47.78 -16.54 -54.70
CA VAL R 80 46.94 -16.70 -55.89
C VAL R 80 45.59 -16.03 -55.70
N ALA R 81 45.08 -16.01 -54.47
CA ALA R 81 43.72 -15.54 -54.25
C ALA R 81 43.54 -14.07 -54.64
N LYS R 82 44.63 -13.32 -54.78
CA LYS R 82 44.52 -11.89 -55.08
C LYS R 82 44.02 -11.64 -56.51
N ASP R 83 44.39 -12.48 -57.48
CA ASP R 83 44.13 -12.20 -58.88
C ASP R 83 43.23 -13.22 -59.58
N ILE R 84 42.84 -14.30 -58.91
CA ILE R 84 42.16 -15.36 -59.64
C ILE R 84 40.79 -14.90 -60.12
N PHE R 85 40.09 -14.08 -59.34
CA PHE R 85 38.74 -13.68 -59.71
C PHE R 85 38.71 -12.63 -60.81
N LYS R 86 39.86 -12.07 -61.20
CA LYS R 86 39.89 -11.18 -62.36
C LYS R 86 39.67 -11.93 -63.67
N TYR R 87 39.93 -13.23 -63.68
CA TYR R 87 39.87 -14.05 -64.89
C TYR R 87 38.60 -14.89 -64.99
N LEU R 88 37.71 -14.79 -64.00
CA LEU R 88 36.47 -15.54 -63.99
C LEU R 88 35.29 -14.59 -64.06
N LYS R 89 34.24 -14.99 -64.77
CA LYS R 89 33.07 -14.15 -64.96
C LYS R 89 32.24 -14.04 -63.67
N GLN S 3 20.35 -32.50 35.58
CA GLN S 3 19.79 -31.23 35.13
C GLN S 3 20.77 -30.51 34.20
N PHE S 4 20.56 -30.76 32.91
CA PHE S 4 21.48 -30.33 31.85
C PHE S 4 21.75 -28.82 31.92
N HIS S 5 20.69 -28.03 31.98
CA HIS S 5 20.83 -26.57 31.84
C HIS S 5 21.64 -25.98 32.99
N ARG S 6 21.38 -26.41 34.22
CA ARG S 6 22.13 -25.86 35.35
C ARG S 6 23.60 -26.29 35.31
N GLU S 7 23.89 -27.48 34.79
CA GLU S 7 25.28 -27.92 34.67
C GLU S 7 26.05 -27.06 33.67
N ILE S 8 25.45 -26.81 32.50
CA ILE S 8 26.15 -25.95 31.55
C ILE S 8 26.23 -24.51 32.08
N GLY S 9 25.21 -24.07 32.81
CA GLY S 9 25.35 -22.87 33.64
C GLY S 9 26.63 -22.87 34.46
N LYS S 10 26.90 -23.98 35.14
CA LYS S 10 28.09 -24.05 35.99
C LYS S 10 29.36 -23.85 35.17
N LEU S 11 29.43 -24.51 34.01
CA LEU S 11 30.58 -24.31 33.13
C LEU S 11 30.78 -22.83 32.81
N PHE S 12 29.72 -22.21 32.27
CA PHE S 12 29.79 -20.80 31.90
C PHE S 12 30.22 -19.94 33.07
N ALA S 13 29.64 -20.18 34.25
CA ALA S 13 29.91 -19.34 35.41
C ALA S 13 31.35 -19.42 35.85
N SER S 14 31.92 -20.63 35.89
CA SER S 14 33.31 -20.75 36.30
C SER S 14 34.23 -20.03 35.31
N TYR S 15 33.98 -20.18 34.01
CA TYR S 15 34.81 -19.48 33.05
C TYR S 15 34.73 -17.97 33.23
N SER S 16 33.51 -17.45 33.42
CA SER S 16 33.35 -16.01 33.62
C SER S 16 34.09 -15.55 34.88
N ASN S 17 34.08 -16.37 35.93
CA ASN S 17 34.76 -15.96 37.16
C ASN S 17 36.27 -15.92 36.96
N LYS S 18 36.81 -16.85 36.17
CA LYS S 18 38.22 -16.75 35.81
C LYS S 18 38.51 -15.41 35.13
N ILE S 19 37.71 -15.10 34.09
CA ILE S 19 37.96 -13.85 33.38
C ILE S 19 37.84 -12.66 34.32
N THR S 20 36.90 -12.70 35.25
CA THR S 20 36.73 -11.59 36.19
C THR S 20 37.93 -11.44 37.10
N ALA S 21 38.48 -12.54 37.60
CA ALA S 21 39.55 -12.46 38.58
C ALA S 21 40.81 -11.79 38.04
N ASN S 22 41.00 -11.82 36.73
CA ASN S 22 42.19 -11.28 36.10
C ASN S 22 42.06 -9.81 35.72
N SER S 23 41.00 -9.14 36.14
CA SER S 23 40.75 -7.78 35.68
C SER S 23 41.74 -6.80 36.29
N PRO S 24 42.37 -5.94 35.50
CA PRO S 24 43.14 -4.83 36.07
C PRO S 24 42.22 -3.75 36.63
N VAL S 25 42.82 -2.86 37.43
CA VAL S 25 42.12 -1.75 38.05
C VAL S 25 42.54 -0.42 37.44
N GLN S 26 43.36 -0.43 36.39
CA GLN S 26 43.87 0.78 35.80
C GLN S 26 44.35 0.45 34.39
N TYR S 27 44.67 1.49 33.63
CA TYR S 27 45.08 1.31 32.24
C TYR S 27 46.37 0.51 32.18
N VAL S 28 46.42 -0.46 31.27
CA VAL S 28 47.63 -1.22 31.00
C VAL S 28 47.80 -1.35 29.49
N PRO S 29 48.99 -1.07 28.95
CA PRO S 29 49.18 -1.04 27.50
C PRO S 29 48.84 -2.38 26.85
N SER S 30 48.28 -2.30 25.66
CA SER S 30 47.81 -3.49 24.96
C SER S 30 48.99 -4.36 24.53
N PRO S 31 48.80 -5.68 24.47
CA PRO S 31 49.86 -6.53 23.94
C PRO S 31 50.00 -6.32 22.44
N PRO S 32 51.23 -6.41 21.92
CA PRO S 32 51.43 -6.17 20.47
C PRO S 32 50.49 -6.94 19.56
N THR S 33 50.28 -6.40 18.36
CA THR S 33 49.38 -6.99 17.37
C THR S 33 50.03 -8.12 16.58
N LYS S 34 51.35 -8.22 16.60
CA LYS S 34 52.07 -9.23 15.84
C LYS S 34 53.02 -9.99 16.76
N GLY S 35 53.17 -11.29 16.50
CA GLY S 35 54.08 -12.10 17.27
C GLY S 35 55.53 -11.71 17.02
N LYS S 36 56.40 -12.19 17.91
CA LYS S 36 57.78 -11.74 17.89
C LYS S 36 58.51 -12.19 16.62
N VAL S 37 58.10 -13.31 16.03
CA VAL S 37 58.74 -13.77 14.79
C VAL S 37 58.56 -12.75 13.69
N ARG S 38 57.33 -12.30 13.46
CA ARG S 38 57.06 -11.38 12.37
C ARG S 38 57.65 -10.00 12.65
N ARG S 39 57.66 -9.57 13.92
CA ARG S 39 58.34 -8.34 14.27
C ARG S 39 59.81 -8.43 13.92
N ALA S 40 60.45 -9.56 14.23
CA ALA S 40 61.85 -9.76 13.87
C ALA S 40 62.07 -9.68 12.37
N LEU S 41 61.23 -10.40 11.60
CA LEU S 41 61.43 -10.44 10.15
C LEU S 41 61.25 -9.05 9.53
N SER S 42 60.20 -8.35 9.92
CA SER S 42 60.00 -6.99 9.42
C SER S 42 61.18 -6.09 9.77
N SER S 43 61.60 -6.13 11.05
CA SER S 43 62.72 -5.30 11.46
C SER S 43 63.97 -5.60 10.64
N ALA S 44 64.16 -6.86 10.25
CA ALA S 44 65.32 -7.21 9.45
C ALA S 44 65.21 -6.64 8.04
N LEU S 45 64.06 -6.81 7.41
CA LEU S 45 63.91 -6.40 6.00
C LEU S 45 63.56 -4.93 5.81
N MET S 46 63.44 -4.16 6.89
CA MET S 46 63.06 -2.75 6.75
C MET S 46 63.88 -1.96 5.74
N PRO S 47 65.22 -1.94 5.80
CA PRO S 47 65.95 -0.97 4.96
C PRO S 47 65.67 -1.09 3.46
N VAL S 48 65.43 -2.29 2.96
CA VAL S 48 65.12 -2.47 1.55
C VAL S 48 63.65 -2.19 1.29
N TRP S 49 62.78 -2.76 2.12
CA TRP S 49 61.36 -2.73 1.84
C TRP S 49 60.80 -1.31 1.93
N PHE S 50 61.22 -0.54 2.93
CA PHE S 50 60.69 0.81 3.06
C PHE S 50 61.25 1.75 2.00
N LYS S 51 62.52 1.55 1.61
CA LYS S 51 63.13 2.44 0.63
C LYS S 51 62.57 2.18 -0.76
N PHE S 52 62.44 0.91 -1.14
CA PHE S 52 62.05 0.59 -2.50
C PHE S 52 60.55 0.49 -2.70
N PHE S 53 59.80 -0.09 -1.76
CA PHE S 53 58.40 -0.43 -2.01
C PHE S 53 57.42 0.34 -1.13
N ARG S 54 57.51 0.24 0.20
CA ARG S 54 56.47 0.83 1.03
C ARG S 54 56.49 2.36 0.98
N GLY S 55 57.69 2.95 0.99
CA GLY S 55 57.85 4.38 0.93
C GLY S 55 57.08 5.04 -0.22
N PRO S 56 57.44 4.66 -1.45
CA PRO S 56 56.79 5.22 -2.63
C PRO S 56 55.31 4.89 -2.73
N LEU S 57 54.90 3.69 -2.31
CA LEU S 57 53.48 3.37 -2.28
C LEU S 57 52.72 4.35 -1.38
N ASP S 58 53.21 4.56 -0.16
CA ASP S 58 52.51 5.44 0.76
C ASP S 58 52.60 6.91 0.34
N ARG S 59 53.59 7.29 -0.47
CA ARG S 59 53.62 8.68 -0.95
C ARG S 59 52.71 8.88 -2.15
N TRP S 60 52.76 7.96 -3.13
CA TRP S 60 51.86 8.01 -4.27
C TRP S 60 50.40 8.04 -3.81
N ASN S 61 50.07 7.26 -2.78
CA ASN S 61 48.68 7.20 -2.33
C ASN S 61 48.19 8.58 -1.90
N LEU S 62 48.98 9.27 -1.07
CA LEU S 62 48.54 10.59 -0.61
C LEU S 62 48.50 11.59 -1.76
N ALA S 63 49.41 11.48 -2.73
CA ALA S 63 49.33 12.37 -3.88
C ALA S 63 48.01 12.19 -4.62
N VAL S 64 47.65 10.95 -4.91
CA VAL S 64 46.40 10.64 -5.62
C VAL S 64 45.21 11.20 -4.85
N MET S 65 45.14 10.89 -3.56
CA MET S 65 44.00 11.34 -2.76
C MET S 65 43.91 12.86 -2.74
N ALA S 66 45.02 13.53 -2.48
CA ALA S 66 44.98 14.99 -2.37
C ALA S 66 44.52 15.62 -3.67
N LYS S 67 45.07 15.17 -4.80
CA LYS S 67 44.69 15.81 -6.06
C LYS S 67 43.21 15.60 -6.36
N TYR S 68 42.70 14.38 -6.13
CA TYR S 68 41.29 14.16 -6.40
C TYR S 68 40.41 15.02 -5.50
N LEU S 69 40.78 15.17 -4.23
CA LEU S 69 39.97 16.01 -3.34
C LEU S 69 40.06 17.49 -3.72
N ARG S 70 41.21 17.93 -4.22
CA ARG S 70 41.37 19.35 -4.53
C ARG S 70 40.67 19.73 -5.83
N ASP S 71 40.66 18.83 -6.81
CA ASP S 71 39.92 19.08 -8.03
C ASP S 71 38.49 19.51 -7.73
N HIS S 72 37.85 18.82 -6.80
CA HIS S 72 36.44 18.98 -6.47
C HIS S 72 36.20 19.94 -5.31
N GLY S 73 37.24 20.27 -4.56
CA GLY S 73 37.10 21.12 -3.38
C GLY S 73 36.49 20.45 -2.18
N LEU S 74 36.62 19.14 -2.05
CA LEU S 74 36.14 18.42 -0.87
C LEU S 74 37.24 18.33 0.19
N MET S 75 36.81 18.06 1.42
CA MET S 75 37.69 17.58 2.47
C MET S 75 37.66 16.06 2.51
N TYR S 76 38.54 15.49 3.34
CA TYR S 76 38.54 14.03 3.46
C TYR S 76 37.29 13.54 4.19
N ASP S 77 36.93 14.20 5.29
CA ASP S 77 35.77 13.79 6.07
C ASP S 77 34.45 14.09 5.38
N ASP S 78 34.48 14.55 4.13
CA ASP S 78 33.29 14.64 3.30
C ASP S 78 33.00 13.34 2.57
N LEU S 79 33.84 12.33 2.73
CA LEU S 79 33.67 11.05 2.06
C LEU S 79 32.81 10.08 2.86
N TYR S 80 32.54 10.37 4.13
CA TYR S 80 31.74 9.48 4.95
C TYR S 80 30.26 9.77 4.76
N SER S 81 29.47 8.69 4.77
CA SER S 81 28.03 8.74 4.56
C SER S 81 27.29 8.89 5.89
N ASP S 82 26.00 9.23 5.78
CA ASP S 82 25.09 9.19 6.91
C ASP S 82 24.22 7.94 6.91
N LYS S 83 24.44 7.02 5.99
CA LYS S 83 23.90 5.67 6.10
C LYS S 83 24.64 4.84 7.15
N GLU S 84 25.60 5.45 7.85
CA GLU S 84 26.39 4.81 8.88
C GLU S 84 25.91 5.32 10.24
N PRO S 85 25.37 4.48 11.12
CA PRO S 85 24.75 5.00 12.35
C PRO S 85 25.65 5.93 13.18
N VAL S 86 26.91 5.56 13.37
CA VAL S 86 27.81 6.36 14.21
C VAL S 86 27.94 7.77 13.63
N PHE S 87 28.16 7.85 12.33
CA PHE S 87 28.34 9.14 11.67
C PHE S 87 27.04 9.92 11.62
N ALA S 88 25.91 9.22 11.52
CA ALA S 88 24.62 9.88 11.64
C ALA S 88 24.49 10.60 12.97
N ARG S 89 24.83 9.92 14.07
CA ARG S 89 24.84 10.58 15.37
C ARG S 89 25.79 11.77 15.38
N ALA S 90 27.02 11.55 14.89
CA ALA S 90 28.01 12.62 14.86
C ALA S 90 27.46 13.85 14.15
N LEU S 91 26.80 13.65 13.02
CA LEU S 91 26.19 14.75 12.28
C LEU S 91 25.06 15.39 13.06
N GLU S 92 24.31 14.60 13.84
CA GLU S 92 23.29 15.21 14.69
C GLU S 92 23.92 16.15 15.72
N LEU S 93 25.13 15.86 16.17
CA LEU S 93 25.74 16.63 17.23
C LEU S 93 26.51 17.86 16.73
N LEU S 94 26.53 18.11 15.43
CA LEU S 94 27.34 19.17 14.86
C LEU S 94 26.79 20.55 15.21
N PRO S 95 27.63 21.58 15.15
CA PRO S 95 27.14 22.95 15.34
C PRO S 95 26.74 23.55 14.01
N PRO S 96 26.04 24.69 14.02
CA PRO S 96 25.50 25.22 12.74
C PRO S 96 26.53 25.48 11.65
N ASP S 97 27.63 26.16 11.97
CA ASP S 97 28.55 26.63 10.92
C ASP S 97 29.20 25.46 10.19
N ILE S 98 29.76 24.51 10.93
CA ILE S 98 30.40 23.35 10.32
C ILE S 98 29.41 22.62 9.43
N GLN S 99 28.17 22.47 9.91
CA GLN S 99 27.13 21.77 9.17
C GLN S 99 26.83 22.47 7.85
N ALA S 100 26.67 23.79 7.89
CA ALA S 100 26.37 24.54 6.68
C ALA S 100 27.50 24.44 5.67
N ALA S 101 28.75 24.58 6.13
CA ALA S 101 29.88 24.50 5.22
C ALA S 101 29.96 23.12 4.56
N ARG S 102 29.71 22.06 5.33
CA ARG S 102 29.71 20.72 4.74
C ARG S 102 28.65 20.60 3.66
N PHE S 103 27.44 21.09 3.94
CA PHE S 103 26.38 21.08 2.94
C PHE S 103 26.82 21.77 1.66
N ARG S 104 27.42 22.96 1.78
CA ARG S 104 27.84 23.72 0.62
C ARG S 104 28.91 22.97 -0.18
N ARG S 105 29.91 22.42 0.50
CA ARG S 105 30.97 21.71 -0.20
C ARG S 105 30.43 20.53 -0.96
N LEU S 106 29.48 19.79 -0.37
CA LEU S 106 28.91 18.65 -1.07
C LEU S 106 28.16 19.08 -2.31
N MET S 107 27.40 20.17 -2.22
CA MET S 107 26.73 20.70 -3.41
C MET S 107 27.73 21.00 -4.52
N ARG S 108 28.77 21.77 -4.20
CA ARG S 108 29.75 22.15 -5.22
C ARG S 108 30.42 20.93 -5.82
N GLY S 109 30.75 19.93 -5.00
CA GLY S 109 31.39 18.74 -5.52
C GLY S 109 30.50 18.01 -6.50
N THR S 110 29.21 17.89 -6.18
CA THR S 110 28.29 17.26 -7.11
C THR S 110 28.28 17.99 -8.44
N TYR S 111 28.17 19.32 -8.41
CA TYR S 111 28.10 20.08 -9.66
C TYR S 111 29.39 19.92 -10.47
N LEU S 112 30.55 20.00 -9.81
CA LEU S 112 31.81 19.88 -10.52
C LEU S 112 31.99 18.50 -11.13
N ASN S 113 31.63 17.44 -10.40
CA ASN S 113 31.73 16.12 -11.01
C ASN S 113 30.74 15.97 -12.16
N HIS S 114 29.63 16.70 -12.14
CA HIS S 114 28.75 16.69 -13.30
C HIS S 114 29.44 17.33 -14.51
N LEU S 115 30.04 18.50 -14.31
CA LEU S 115 30.65 19.20 -15.45
C LEU S 115 31.95 18.55 -15.90
N ARG S 116 32.70 17.94 -14.97
CA ARG S 116 34.02 17.38 -15.28
C ARG S 116 34.97 18.48 -15.75
N LEU S 117 35.03 19.56 -14.98
CA LEU S 117 35.95 20.66 -15.22
C LEU S 117 36.81 20.88 -13.97
N TYR S 118 38.12 20.99 -14.16
CA TYR S 118 39.01 21.27 -13.04
C TYR S 118 38.75 22.68 -12.49
N LEU S 119 39.07 22.85 -11.22
CA LEU S 119 39.13 24.16 -10.61
C LEU S 119 40.46 24.83 -10.93
N PRO S 120 40.51 26.16 -10.88
CA PRO S 120 41.81 26.84 -11.01
C PRO S 120 42.73 26.47 -9.86
N VAL S 121 44.03 26.47 -10.15
CA VAL S 121 45.00 26.02 -9.16
C VAL S 121 45.00 26.91 -7.93
N HIS S 122 44.58 28.16 -8.06
CA HIS S 122 44.53 29.04 -6.91
C HIS S 122 43.33 28.77 -6.01
N GLU S 123 42.37 27.96 -6.48
CA GLU S 123 41.29 27.48 -5.64
C GLU S 123 41.65 26.20 -4.90
N GLN S 124 42.77 25.58 -5.24
CA GLN S 124 43.17 24.29 -4.69
C GLN S 124 44.21 24.41 -3.58
N ASN S 125 44.44 25.61 -3.06
CA ASN S 125 45.51 25.84 -2.08
C ASN S 125 44.96 25.68 -0.66
N TYR S 126 44.75 24.43 -0.27
CA TYR S 126 44.33 24.13 1.07
C TYR S 126 44.69 22.69 1.39
N ASP S 127 44.73 22.38 2.67
CA ASP S 127 44.99 21.00 3.11
C ASP S 127 43.68 20.27 3.27
N PRO S 128 43.43 19.21 2.50
CA PRO S 128 42.14 18.51 2.60
C PRO S 128 42.02 17.53 3.78
N PHE S 129 43.10 17.19 4.46
CA PHE S 129 43.08 16.10 5.43
C PHE S 129 42.93 16.58 6.87
N ILE S 130 42.40 17.77 7.08
CA ILE S 130 42.12 18.20 8.46
C ILE S 130 41.04 17.30 9.06
N PRO S 131 41.22 16.78 10.28
CA PRO S 131 40.14 15.97 10.92
C PRO S 131 39.09 16.79 11.66
N TYR S 132 38.09 17.29 10.93
CA TYR S 132 37.11 18.18 11.56
C TYR S 132 35.95 17.44 12.20
N MET S 133 35.80 16.13 11.96
CA MET S 133 34.70 15.35 12.54
C MET S 133 35.08 14.57 13.78
N ALA S 134 36.35 14.55 14.18
CA ALA S 134 36.80 13.61 15.22
C ALA S 134 36.09 13.82 16.56
N PRO S 135 36.07 15.02 17.14
CA PRO S 135 35.45 15.16 18.47
C PRO S 135 34.04 14.63 18.54
N TYR S 136 33.33 14.63 17.41
CA TYR S 136 31.94 14.19 17.36
C TYR S 136 31.83 12.68 17.14
N VAL S 137 32.73 12.10 16.35
CA VAL S 137 32.71 10.66 16.16
C VAL S 137 33.00 9.93 17.46
N GLU S 138 33.95 10.46 18.26
CA GLU S 138 34.24 9.77 19.52
C GLU S 138 33.02 9.77 20.45
N GLU S 139 32.34 10.91 20.57
CA GLU S 139 31.13 10.97 21.37
C GLU S 139 30.06 10.01 20.85
N ALA S 140 29.86 9.98 19.53
CA ALA S 140 28.88 9.06 18.97
C ALA S 140 29.22 7.62 19.33
N LYS S 141 30.50 7.26 19.28
CA LYS S 141 30.90 5.90 19.62
C LYS S 141 30.56 5.57 21.06
N PHE S 142 30.87 6.49 21.98
CA PHE S 142 30.51 6.29 23.39
C PHE S 142 29.01 6.05 23.54
N GLN S 143 28.21 6.95 22.97
CA GLN S 143 26.77 6.90 23.16
C GLN S 143 26.19 5.62 22.60
N LEU S 144 26.69 5.16 21.45
CA LEU S 144 26.14 3.95 20.84
C LEU S 144 26.72 2.67 21.44
N GLN S 145 27.85 2.75 22.14
CA GLN S 145 28.35 1.57 22.84
C GLN S 145 27.55 1.30 24.10
N GLU S 146 27.22 2.35 24.85
CA GLU S 146 26.48 2.13 26.09
C GLU S 146 25.12 1.51 25.83
N GLU S 147 24.46 1.84 24.71
CA GLU S 147 23.16 1.25 24.43
C GLU S 147 23.29 -0.25 24.18
N GLU S 148 24.32 -0.68 23.46
CA GLU S 148 24.56 -2.11 23.31
C GLU S 148 24.75 -2.76 24.67
N GLU S 149 25.58 -2.16 25.53
CA GLU S 149 25.84 -2.77 26.82
C GLU S 149 24.57 -2.92 27.64
N LEU S 150 23.74 -1.87 27.68
CA LEU S 150 22.62 -1.82 28.60
C LEU S 150 21.30 -2.34 28.03
N LEU S 151 21.22 -2.60 26.73
CA LEU S 151 19.96 -3.07 26.15
C LEU S 151 20.11 -4.27 25.21
N GLY S 152 21.24 -4.36 24.53
CA GLY S 152 21.41 -5.35 23.48
C GLY S 152 22.06 -6.67 23.90
N TYR S 153 22.13 -6.94 25.19
CA TYR S 153 22.91 -8.07 25.68
C TYR S 153 22.21 -9.42 25.54
N HIS S 154 20.99 -9.45 24.99
CA HIS S 154 20.25 -10.70 24.85
C HIS S 154 19.47 -10.68 23.55
N MET S 155 19.05 -11.86 23.11
CA MET S 155 18.23 -12.01 21.93
C MET S 155 16.77 -11.99 22.37
N TRP S 156 16.17 -10.79 22.33
CA TRP S 156 14.83 -10.61 22.87
C TRP S 156 13.78 -11.19 21.95
N GLU S 157 12.64 -11.57 22.55
CA GLU S 157 11.56 -12.27 21.88
C GLU S 157 10.39 -11.33 21.66
N GLY S 158 9.78 -11.40 20.47
CA GLY S 158 8.68 -10.51 20.13
C GLY S 158 7.53 -11.21 19.42
N VAL S 159 6.48 -10.42 19.18
CA VAL S 159 5.32 -10.82 18.41
C VAL S 159 5.63 -10.64 16.93
N TRP S 160 5.31 -11.63 16.11
CA TRP S 160 5.69 -11.63 14.71
C TRP S 160 4.68 -10.90 13.85
N TYR S 161 5.17 -10.21 12.83
CA TYR S 161 4.36 -9.57 11.80
C TYR S 161 3.15 -8.86 12.38
N SER S 162 3.44 -7.88 13.24
CA SER S 162 2.43 -7.03 13.84
C SER S 162 2.97 -5.61 13.93
N GLY S 163 2.11 -4.64 13.65
CA GLY S 163 2.48 -3.24 13.71
C GLY S 163 3.27 -2.74 12.52
N GLY S 164 3.36 -3.53 11.45
CA GLY S 164 4.18 -3.18 10.31
C GLY S 164 5.63 -3.61 10.41
N VAL S 165 6.03 -4.21 11.52
CA VAL S 165 7.41 -4.67 11.73
C VAL S 165 7.38 -6.19 11.84
N THR S 166 8.47 -6.82 11.37
CA THR S 166 8.50 -8.28 11.30
C THR S 166 8.41 -8.91 12.68
N GLY S 167 8.99 -8.27 13.69
CA GLY S 167 8.93 -8.72 15.07
C GLY S 167 10.23 -9.26 15.58
N PHE S 168 11.21 -9.44 14.70
CA PHE S 168 12.52 -9.93 15.06
C PHE S 168 13.50 -8.81 15.42
N GLY S 169 13.02 -7.56 15.58
CA GLY S 169 13.89 -6.51 16.06
C GLY S 169 13.72 -5.14 15.41
N ASP S 170 13.07 -5.07 14.26
CA ASP S 170 12.96 -3.78 13.57
C ASP S 170 12.04 -2.81 14.31
N LYS S 171 12.32 -1.52 14.14
CA LYS S 171 11.53 -0.46 14.74
C LYS S 171 11.02 0.57 13.75
N GLU S 172 11.33 0.42 12.46
CA GLU S 172 10.77 1.25 11.40
C GLU S 172 9.85 0.41 10.55
N PRO S 173 8.61 0.84 10.30
CA PRO S 173 7.71 0.00 9.50
C PRO S 173 8.16 -0.19 8.05
N GLY S 174 7.65 -1.27 7.47
CA GLY S 174 7.86 -1.66 6.09
C GLY S 174 9.22 -1.45 5.46
N GLU S 175 10.28 -1.73 6.21
CA GLU S 175 11.63 -1.72 5.66
C GLU S 175 12.07 -3.07 5.14
N HIS S 176 11.23 -4.09 5.24
CA HIS S 176 11.57 -5.42 4.77
C HIS S 176 10.43 -5.94 3.89
N PHE S 177 10.77 -6.87 2.99
CA PHE S 177 9.87 -7.23 1.91
C PHE S 177 8.58 -7.84 2.43
N LEU S 178 8.66 -8.71 3.43
CA LEU S 178 7.47 -9.38 3.91
C LEU S 178 6.52 -8.45 4.66
N VAL S 179 6.89 -7.19 4.86
CA VAL S 179 5.98 -6.18 5.38
C VAL S 179 5.81 -5.03 4.39
N ALA S 180 6.06 -5.29 3.11
CA ALA S 180 5.77 -4.32 2.08
C ALA S 180 4.25 -4.13 1.93
N LEU S 181 3.89 -3.09 1.18
CA LEU S 181 2.51 -2.85 0.78
C LEU S 181 1.58 -2.89 1.98
N PRO S 182 1.62 -1.88 2.84
CA PRO S 182 0.81 -1.91 4.07
C PRO S 182 -0.67 -1.74 3.85
N ASN S 183 -1.09 -1.14 2.73
CA ASN S 183 -2.49 -0.82 2.49
C ASN S 183 -2.91 -1.35 1.13
N LEU S 184 -4.22 -1.55 0.99
CA LEU S 184 -4.83 -1.88 -0.28
C LEU S 184 -5.81 -0.83 -0.78
N TYR S 185 -6.37 -0.03 0.12
CA TYR S 185 -7.26 1.07 -0.21
C TYR S 185 -6.76 2.33 0.47
N GLY S 186 -7.47 3.43 0.28
CA GLY S 186 -7.11 4.68 0.94
C GLY S 186 -5.93 5.39 0.30
N ALA S 187 -5.37 6.32 1.08
CA ALA S 187 -4.30 7.20 0.62
C ALA S 187 -2.94 6.88 1.25
N GLY S 188 -2.85 5.87 2.09
CA GLY S 188 -1.59 5.60 2.77
C GLY S 188 -1.31 6.63 3.85
N GLY S 189 -0.09 7.13 3.89
CA GLY S 189 0.39 7.82 5.06
C GLY S 189 1.89 7.68 5.16
N SER S 190 2.46 8.34 6.18
CA SER S 190 3.89 8.27 6.40
C SER S 190 4.17 8.06 7.89
N PRO S 191 5.23 7.31 8.23
CA PRO S 191 5.53 7.11 9.65
C PRO S 191 5.85 8.40 10.39
N MET S 192 6.44 9.39 9.71
CA MET S 192 6.89 10.60 10.39
C MET S 192 5.74 11.50 10.83
N GLN S 193 4.52 11.25 10.39
CA GLN S 193 3.38 12.10 10.70
C GLN S 193 2.43 11.48 11.71
N ALA S 194 2.78 10.34 12.29
CA ALA S 194 1.99 9.76 13.35
C ALA S 194 2.03 10.64 14.59
N GLY T 27 16.36 7.14 1.27
CA GLY T 27 16.36 7.22 2.72
C GLY T 27 17.12 8.42 3.24
N ALA T 28 16.89 8.76 4.51
CA ALA T 28 17.60 9.84 5.16
C ALA T 28 17.51 9.65 6.67
N PRO T 29 18.46 10.18 7.44
CA PRO T 29 18.34 10.11 8.89
C PRO T 29 17.06 10.78 9.37
N LYS T 30 16.56 10.29 10.51
CA LYS T 30 15.26 10.76 11.01
C LYS T 30 15.27 12.25 11.32
N PHE T 31 16.43 12.80 11.69
CA PHE T 31 16.48 14.22 12.01
C PHE T 31 16.51 15.11 10.77
N GLU T 32 16.71 14.53 9.58
CA GLU T 32 16.60 15.28 8.34
C GLU T 32 15.22 15.19 7.71
N ARG T 33 14.56 14.02 7.81
CA ARG T 33 13.26 13.81 7.17
C ARG T 33 12.09 14.25 8.06
N LYS T 34 12.35 15.03 9.10
CA LYS T 34 11.28 15.60 9.91
C LYS T 34 10.82 16.90 9.27
N MET T 35 9.54 16.96 8.92
CA MET T 35 8.98 18.07 8.15
C MET T 35 8.58 19.23 9.06
N LEU T 36 8.54 20.42 8.45
CA LEU T 36 8.00 21.61 9.11
C LEU T 36 6.49 21.71 8.92
N GLY T 37 6.00 21.47 7.70
CA GLY T 37 4.58 21.39 7.45
C GLY T 37 3.91 20.23 8.16
N SER T 38 2.57 20.25 8.10
CA SER T 38 1.75 19.20 8.67
C SER T 38 0.66 18.71 7.74
N TYR T 39 0.72 19.07 6.45
CA TYR T 39 -0.24 18.64 5.46
C TYR T 39 0.08 17.21 5.01
N PRO T 40 -0.94 16.36 4.81
CA PRO T 40 -0.67 14.95 4.52
C PRO T 40 0.04 14.75 3.19
N VAL T 41 1.12 13.97 3.23
CA VAL T 41 1.87 13.67 2.03
C VAL T 41 1.05 12.76 1.14
N SER T 42 0.85 13.18 -0.11
CA SER T 42 0.07 12.39 -1.04
C SER T 42 0.88 11.19 -1.52
N PRO T 43 0.21 10.08 -1.84
CA PRO T 43 0.95 8.86 -2.18
C PRO T 43 1.94 9.04 -3.33
N GLU T 44 1.56 9.79 -4.37
CA GLU T 44 2.44 9.92 -5.52
C GLU T 44 3.73 10.69 -5.20
N PHE T 45 3.83 11.26 -3.99
CA PHE T 45 5.03 11.96 -3.56
C PHE T 45 5.83 11.17 -2.53
N GLU T 46 5.54 9.89 -2.34
CA GLU T 46 6.21 9.10 -1.31
C GLU T 46 7.72 9.31 -1.34
N MET T 47 8.35 8.84 -2.42
CA MET T 47 9.80 8.88 -2.50
C MET T 47 10.34 10.28 -2.29
N VAL T 48 9.54 11.30 -2.58
CA VAL T 48 10.04 12.67 -2.48
C VAL T 48 10.37 13.02 -1.03
N TRP T 49 9.51 12.60 -0.10
CA TRP T 49 9.67 13.03 1.28
C TRP T 49 10.34 11.98 2.16
N ARG T 50 10.56 10.78 1.66
CA ARG T 50 11.44 9.84 2.35
C ARG T 50 12.88 10.32 2.30
N ASP T 51 13.23 11.12 1.29
CA ASP T 51 14.60 11.59 1.07
C ASP T 51 14.76 13.08 1.36
N ARG T 52 13.94 13.62 2.27
CA ARG T 52 14.01 15.04 2.58
C ARG T 52 15.34 15.36 3.26
N LEU T 53 15.89 16.53 2.93
CA LEU T 53 17.12 17.02 3.52
C LEU T 53 16.98 18.52 3.80
N THR T 54 17.63 18.96 4.87
CA THR T 54 17.58 20.36 5.25
C THR T 54 18.58 21.18 4.42
N ALA T 55 18.21 22.43 4.16
CA ALA T 55 19.08 23.38 3.48
C ALA T 55 19.76 24.22 4.53
N HIS T 56 20.83 23.67 5.09
CA HIS T 56 21.58 24.34 6.15
C HIS T 56 22.20 25.63 5.61
N GLY T 57 21.70 26.78 6.08
CA GLY T 57 22.19 28.06 5.66
C GLY T 57 21.40 28.71 4.53
N GLY T 58 20.51 27.95 3.87
CA GLY T 58 19.74 28.49 2.77
C GLY T 58 20.54 28.74 1.52
N TYR T 59 19.87 28.96 0.39
CA TYR T 59 20.58 29.28 -0.85
C TYR T 59 19.62 29.90 -1.85
N ILE T 60 20.21 30.45 -2.90
CA ILE T 60 19.51 31.16 -3.98
C ILE T 60 19.88 30.49 -5.29
N GLN T 61 18.89 30.23 -6.14
CA GLN T 61 19.16 29.60 -7.43
C GLN T 61 18.39 30.28 -8.55
N GLN T 62 18.98 30.23 -9.75
CA GLN T 62 18.42 30.81 -10.96
C GLN T 62 18.49 29.80 -12.09
N THR T 63 17.43 29.72 -12.88
CA THR T 63 17.39 28.84 -14.03
C THR T 63 16.69 29.57 -15.17
N ILE T 64 17.11 29.27 -16.41
CA ILE T 64 16.50 29.83 -17.60
C ILE T 64 15.76 28.73 -18.34
N SER T 65 14.59 29.06 -18.88
CA SER T 65 13.81 28.12 -19.64
C SER T 65 14.63 27.58 -20.81
N PRO T 66 14.58 26.28 -21.10
CA PRO T 66 15.39 25.74 -22.21
C PRO T 66 14.98 26.27 -23.57
N TYR T 67 13.82 26.91 -23.70
CA TYR T 67 13.46 27.54 -24.96
C TYR T 67 14.22 28.83 -25.20
N GLN T 68 14.91 29.35 -24.18
CA GLN T 68 15.66 30.59 -24.27
C GLN T 68 17.14 30.38 -23.97
N LEU T 69 17.67 29.21 -24.32
CA LEU T 69 19.08 28.90 -24.16
C LEU T 69 19.59 28.21 -25.42
N LYS T 70 20.87 28.42 -25.71
CA LYS T 70 21.59 27.59 -26.65
C LYS T 70 21.93 26.27 -25.98
N PHE T 71 21.78 25.15 -26.72
CA PHE T 71 21.95 23.84 -26.09
C PHE T 71 22.83 22.84 -26.81
N ILE T 72 23.43 23.18 -27.95
CA ILE T 72 24.47 22.35 -28.53
C ILE T 72 25.81 23.07 -28.61
N TYR T 73 25.84 24.38 -28.54
CA TYR T 73 27.08 25.15 -28.50
C TYR T 73 27.75 25.05 -27.14
N PRO T 74 27.00 25.04 -26.03
CA PRO T 74 27.67 24.91 -24.72
C PRO T 74 28.41 23.59 -24.56
N PHE T 75 27.97 22.53 -25.26
CA PHE T 75 28.64 21.24 -25.17
C PHE T 75 29.98 21.27 -25.87
N TRP T 76 30.02 21.78 -27.10
CA TRP T 76 31.28 21.84 -27.84
C TRP T 76 32.21 22.92 -27.33
N HIS T 77 31.65 23.99 -26.76
CA HIS T 77 32.48 25.06 -26.22
C HIS T 77 33.38 24.55 -25.11
N THR T 78 32.91 23.59 -24.32
CA THR T 78 33.64 23.02 -23.19
C THR T 78 34.17 21.62 -23.49
N PHE T 79 34.39 21.29 -24.77
CA PHE T 79 34.74 19.92 -25.10
C PHE T 79 36.15 19.56 -24.66
N PHE T 80 37.12 20.42 -24.98
CA PHE T 80 38.51 20.05 -24.75
C PHE T 80 38.80 19.87 -23.26
N ALA T 81 38.27 20.75 -22.42
CA ALA T 81 38.46 20.62 -20.98
C ALA T 81 37.91 19.29 -20.47
N ARG T 82 36.66 18.98 -20.83
CA ARG T 82 36.02 17.76 -20.39
C ARG T 82 36.81 16.53 -20.84
N CYS T 83 37.26 16.54 -22.09
CA CYS T 83 37.97 15.40 -22.65
C CYS T 83 39.33 15.21 -22.00
N TRP T 84 40.05 16.31 -21.78
CA TRP T 84 41.32 16.25 -21.04
C TRP T 84 41.10 15.61 -19.67
N CYS T 85 40.09 16.09 -18.93
CA CYS T 85 39.82 15.54 -17.61
C CYS T 85 39.54 14.03 -17.68
N LYS T 86 38.60 13.64 -18.54
CA LYS T 86 38.22 12.23 -18.60
C LYS T 86 39.40 11.34 -18.97
N CYS T 87 40.15 11.73 -20.01
CA CYS T 87 41.25 10.88 -20.46
C CYS T 87 42.38 10.83 -19.45
N SER T 88 42.69 11.97 -18.82
CA SER T 88 43.70 12.00 -17.77
C SER T 88 43.34 11.05 -16.64
N ALA T 89 42.06 11.02 -16.26
CA ALA T 89 41.67 10.21 -15.11
C ALA T 89 41.87 8.72 -15.35
N TYR T 90 41.76 8.25 -16.59
CA TYR T 90 41.72 6.82 -16.88
C TYR T 90 43.05 6.22 -17.32
N ALA T 91 44.10 7.04 -17.49
CA ALA T 91 45.32 6.54 -18.10
C ALA T 91 45.95 5.39 -17.31
N TRP T 92 46.49 5.69 -16.13
CA TRP T 92 47.13 4.67 -15.31
C TRP T 92 46.21 3.50 -15.00
N PRO T 93 44.98 3.71 -14.50
CA PRO T 93 44.19 2.59 -13.98
C PRO T 93 43.74 1.61 -15.03
N TRP T 94 43.45 2.06 -16.25
CA TRP T 94 42.90 1.20 -17.28
C TRP T 94 43.90 0.80 -18.36
N VAL T 95 44.81 1.68 -18.76
CA VAL T 95 45.63 1.42 -19.94
C VAL T 95 46.87 0.60 -19.59
N TRP T 96 47.57 0.98 -18.52
CA TRP T 96 48.82 0.31 -18.17
C TRP T 96 48.62 -1.18 -17.91
N PRO T 97 47.67 -1.61 -17.08
CA PRO T 97 47.36 -3.04 -17.04
C PRO T 97 46.91 -3.60 -18.37
N GLY T 98 46.20 -2.80 -19.19
CA GLY T 98 45.88 -3.26 -20.53
C GLY T 98 47.11 -3.56 -21.37
N LEU T 99 48.09 -2.66 -21.33
CA LEU T 99 49.32 -2.89 -22.09
C LEU T 99 50.03 -4.14 -21.60
N ILE T 100 50.06 -4.35 -20.28
CA ILE T 100 50.72 -5.54 -19.73
C ILE T 100 50.01 -6.80 -20.22
N THR T 101 48.67 -6.79 -20.21
CA THR T 101 47.93 -7.96 -20.67
C THR T 101 48.18 -8.25 -22.15
N PHE T 102 48.19 -7.19 -22.97
CA PHE T 102 48.49 -7.36 -24.39
C PHE T 102 49.88 -7.96 -24.59
N GLY T 103 50.87 -7.43 -23.87
CA GLY T 103 52.17 -8.08 -23.80
C GLY T 103 52.08 -9.57 -23.55
N LEU T 104 51.37 -9.95 -22.49
CA LEU T 104 51.29 -11.36 -22.11
C LEU T 104 50.73 -12.21 -23.24
N VAL T 105 49.72 -11.68 -23.96
CA VAL T 105 49.15 -12.44 -25.07
C VAL T 105 50.19 -12.65 -26.15
N LYS T 106 50.95 -11.60 -26.47
CA LYS T 106 51.97 -11.75 -27.51
C LYS T 106 53.01 -12.80 -27.12
N LYS T 107 53.45 -12.78 -25.85
CA LYS T 107 54.44 -13.76 -25.41
C LYS T 107 53.89 -15.18 -25.43
N MET T 108 52.60 -15.34 -25.07
CA MET T 108 51.98 -16.65 -25.15
C MET T 108 51.97 -17.16 -26.59
N ASN T 109 51.64 -16.29 -27.54
CA ASN T 109 51.69 -16.68 -28.95
C ASN T 109 53.09 -17.14 -29.34
N HIS T 110 54.11 -16.41 -28.90
CA HIS T 110 55.49 -16.83 -29.16
C HIS T 110 55.74 -18.25 -28.66
N ASP T 111 55.41 -18.48 -27.39
CA ASP T 111 55.67 -19.78 -26.78
C ASP T 111 54.97 -20.89 -27.56
N VAL T 112 53.74 -20.65 -27.98
CA VAL T 112 53.00 -21.69 -28.70
C VAL T 112 53.61 -21.97 -30.05
N GLU T 113 53.96 -20.91 -30.80
CA GLU T 113 54.51 -21.13 -32.13
C GLU T 113 55.89 -21.78 -32.07
N GLU T 114 56.59 -21.69 -30.94
CA GLU T 114 57.83 -22.45 -30.81
C GLU T 114 57.56 -23.90 -30.41
N ASP T 115 56.64 -24.11 -29.46
CA ASP T 115 56.24 -25.45 -29.09
C ASP T 115 55.85 -26.27 -30.31
N ILE T 116 54.98 -25.73 -31.16
CA ILE T 116 54.39 -26.52 -32.22
C ILE T 116 55.44 -27.06 -33.18
N ARG T 117 56.61 -26.43 -33.25
CA ARG T 117 57.71 -26.95 -34.07
C ARG T 117 58.58 -27.91 -33.29
N ASP T 118 58.91 -27.57 -32.04
CA ASP T 118 59.72 -28.48 -31.21
C ASP T 118 59.08 -29.86 -31.13
N HIS T 119 57.77 -29.92 -30.88
CA HIS T 119 57.10 -31.19 -30.57
C HIS T 119 56.89 -32.05 -31.80
N TYR T 120 56.71 -31.45 -32.98
CA TYR T 120 56.20 -32.19 -34.14
C TYR T 120 56.99 -32.03 -35.42
N TRP T 121 58.00 -31.16 -35.48
CA TRP T 121 58.85 -31.04 -36.66
C TRP T 121 60.18 -31.74 -36.41
N TYR T 122 60.62 -32.51 -37.40
CA TYR T 122 61.91 -33.18 -37.33
C TYR T 122 63.03 -32.24 -37.75
N ILE U 33 -53.39 -28.37 6.35
CA ILE U 33 -51.94 -28.52 6.03
C ILE U 33 -51.18 -27.26 6.43
N ARG U 34 -50.37 -27.37 7.47
CA ARG U 34 -49.52 -26.26 7.90
C ARG U 34 -48.17 -26.24 7.21
N PHE U 35 -47.70 -27.39 6.72
CA PHE U 35 -46.36 -27.47 6.15
C PHE U 35 -46.28 -26.69 4.84
N GLY U 36 -45.24 -25.87 4.72
CA GLY U 36 -44.97 -25.17 3.47
C GLY U 36 -46.06 -24.23 3.04
N ASN U 37 -46.87 -23.74 3.97
CA ASN U 37 -48.04 -22.93 3.66
C ASN U 37 -47.92 -21.58 4.34
N PRO U 38 -47.75 -20.48 3.60
CA PRO U 38 -47.57 -19.18 4.25
C PRO U 38 -48.79 -18.71 5.02
N TRP U 39 -49.95 -19.29 4.78
CA TRP U 39 -51.16 -18.88 5.49
C TRP U 39 -51.29 -19.53 6.86
N ARG U 40 -50.58 -20.63 7.12
CA ARG U 40 -50.80 -21.42 8.32
C ARG U 40 -49.56 -21.97 9.02
N ASP U 41 -48.38 -21.90 8.41
CA ASP U 41 -47.23 -22.67 8.87
C ASP U 41 -46.89 -22.38 10.33
N ASP U 42 -46.68 -23.46 11.10
CA ASP U 42 -46.17 -23.42 12.46
C ASP U 42 -45.71 -24.83 12.82
N TYR U 43 -44.87 -24.93 13.84
CA TYR U 43 -44.35 -26.23 14.23
C TYR U 43 -45.46 -27.10 14.81
N PRO U 44 -45.40 -28.41 14.59
CA PRO U 44 -46.23 -29.33 15.39
C PRO U 44 -45.89 -29.21 16.86
N GLU U 45 -46.86 -29.54 17.70
CA GLU U 45 -46.65 -29.43 19.15
C GLU U 45 -45.53 -30.35 19.62
N TRP U 46 -45.33 -31.49 18.96
CA TRP U 46 -44.28 -32.39 19.41
C TRP U 46 -42.90 -31.84 19.09
N ILE U 47 -42.76 -31.05 18.02
CA ILE U 47 -41.50 -30.35 17.78
C ILE U 47 -41.30 -29.23 18.79
N TRP U 48 -42.38 -28.51 19.16
CA TRP U 48 -42.26 -27.51 20.20
C TRP U 48 -41.87 -28.14 21.53
N LYS U 49 -42.26 -29.39 21.75
CA LYS U 49 -41.91 -30.07 23.00
C LYS U 49 -40.50 -30.60 22.98
N SER U 50 -40.02 -31.08 21.83
CA SER U 50 -38.66 -31.61 21.75
C SER U 50 -37.64 -30.55 22.16
N LEU U 51 -37.97 -29.27 22.01
CA LEU U 51 -37.05 -28.20 22.39
C LEU U 51 -37.07 -27.90 23.87
N ARG U 52 -38.05 -28.41 24.61
CA ARG U 52 -38.12 -28.18 26.05
C ARG U 52 -37.32 -29.20 26.86
N VAL U 53 -36.92 -30.31 26.24
CA VAL U 53 -36.20 -31.34 26.96
C VAL U 53 -34.81 -30.85 27.36
N SER U 54 -34.27 -31.44 28.42
CA SER U 54 -33.09 -30.93 29.11
C SER U 54 -32.19 -32.09 29.47
N ARG U 55 -30.88 -31.91 29.31
CA ARG U 55 -29.88 -32.82 29.83
C ARG U 55 -28.82 -32.07 30.63
N LYS U 56 -29.24 -31.06 31.39
CA LYS U 56 -28.29 -30.24 32.11
C LYS U 56 -27.62 -31.03 33.24
N ASP U 57 -26.33 -30.77 33.43
CA ASP U 57 -25.52 -31.46 34.43
C ASP U 57 -25.70 -32.98 34.34
N LYS U 58 -25.67 -33.49 33.12
CA LYS U 58 -25.52 -34.92 32.86
C LYS U 58 -24.51 -35.11 31.75
N ASP U 59 -23.83 -36.25 31.78
CA ASP U 59 -22.86 -36.60 30.74
C ASP U 59 -22.66 -38.11 30.78
N MET U 60 -22.87 -38.78 29.64
CA MET U 60 -22.87 -40.23 29.59
C MET U 60 -21.60 -40.82 29.00
N PHE U 61 -20.67 -39.99 28.50
CA PHE U 61 -19.40 -40.48 27.98
C PHE U 61 -18.23 -40.18 28.91
N ALA U 62 -18.50 -39.75 30.14
CA ALA U 62 -17.41 -39.40 31.06
C ALA U 62 -16.41 -40.52 31.27
N PRO U 63 -16.80 -41.81 31.33
CA PRO U 63 -15.78 -42.84 31.52
C PRO U 63 -14.70 -42.84 30.44
N PHE U 64 -15.08 -42.61 29.18
CA PHE U 64 -14.11 -42.58 28.09
C PHE U 64 -13.12 -41.44 28.26
N PHE U 65 -13.63 -40.25 28.58
CA PHE U 65 -12.75 -39.10 28.77
C PHE U 65 -11.84 -39.31 29.98
N LYS U 66 -12.35 -39.94 31.03
CA LYS U 66 -11.50 -40.25 32.19
C LYS U 66 -10.38 -41.20 31.80
N LEU U 67 -10.70 -42.24 31.02
CA LEU U 67 -9.67 -43.16 30.55
C LEU U 67 -8.59 -42.41 29.76
N LEU U 68 -9.01 -41.65 28.75
CA LEU U 68 -8.06 -40.91 27.92
C LEU U 68 -7.20 -39.98 28.78
N ASN U 69 -7.83 -39.26 29.71
CA ASN U 69 -7.07 -38.38 30.59
C ASN U 69 -6.11 -39.15 31.48
N ALA U 70 -6.43 -40.41 31.78
CA ALA U 70 -5.54 -41.21 32.61
C ALA U 70 -4.30 -41.65 31.85
N THR U 71 -4.40 -41.80 30.52
CA THR U 71 -3.20 -42.23 29.79
C THR U 71 -2.08 -41.19 29.82
N LYS U 72 -2.37 -39.94 30.17
CA LYS U 72 -1.36 -38.87 30.19
C LYS U 72 -0.64 -38.76 28.84
N LEU U 73 -1.41 -38.82 27.76
CA LEU U 73 -0.86 -38.54 26.44
C LEU U 73 -0.63 -37.04 26.26
N TYR U 74 -1.51 -36.22 26.83
CA TYR U 74 -1.40 -34.77 26.71
C TYR U 74 -0.15 -34.25 27.39
N GLU U 75 0.08 -34.68 28.64
CA GLU U 75 1.22 -34.17 29.40
C GLU U 75 2.53 -34.39 28.66
N TYR U 76 2.69 -35.58 28.07
CA TYR U 76 3.98 -35.98 27.54
C TYR U 76 4.17 -35.68 26.06
N CYS U 77 3.11 -35.72 25.24
CA CYS U 77 3.29 -35.67 23.80
C CYS U 77 2.54 -34.56 23.07
N LEU U 78 1.52 -33.95 23.68
CA LEU U 78 0.69 -32.98 22.96
C LEU U 78 0.68 -31.58 23.56
N LYS U 79 1.24 -31.37 24.75
CA LYS U 79 1.21 -30.04 25.35
C LYS U 79 2.27 -29.11 24.79
N ASP U 80 3.32 -29.66 24.16
CA ASP U 80 4.38 -28.86 23.55
C ASP U 80 4.37 -29.11 22.05
N ASN U 81 4.44 -28.02 21.28
CA ASN U 81 4.15 -28.09 19.85
C ASN U 81 5.25 -28.80 19.08
N ARG U 82 6.50 -28.71 19.52
CA ARG U 82 7.56 -29.51 18.92
C ARG U 82 7.26 -31.00 19.07
N ARG U 83 6.83 -31.42 20.27
CA ARG U 83 6.44 -32.81 20.46
C ARG U 83 5.16 -33.14 19.72
N TYR U 84 4.23 -32.18 19.63
CA TYR U 84 3.04 -32.37 18.82
C TYR U 84 3.42 -32.73 17.39
N CYS U 85 4.37 -32.00 16.82
CA CYS U 85 4.82 -32.29 15.46
C CYS U 85 5.53 -33.63 15.38
N MET U 86 6.39 -33.95 16.36
CA MET U 86 7.04 -35.28 16.37
C MET U 86 5.99 -36.39 16.34
N PHE U 87 4.98 -36.26 17.19
CA PHE U 87 3.90 -37.22 17.27
C PHE U 87 3.19 -37.36 15.93
N VAL U 88 2.80 -36.22 15.34
CA VAL U 88 2.11 -36.25 14.05
C VAL U 88 2.94 -37.02 13.04
N MET U 89 4.22 -36.68 12.92
CA MET U 89 5.04 -37.29 11.88
C MET U 89 5.18 -38.79 12.09
N GLY U 90 5.51 -39.21 13.32
CA GLY U 90 5.77 -40.62 13.54
C GLY U 90 4.51 -41.47 13.43
N VAL U 91 3.41 -40.98 13.99
CA VAL U 91 2.15 -41.71 13.89
C VAL U 91 1.71 -41.80 12.44
N GLY U 92 1.82 -40.71 11.68
CA GLY U 92 1.67 -40.82 10.24
C GLY U 92 2.45 -41.97 9.65
N LEU U 93 3.76 -41.93 9.89
CA LEU U 93 4.66 -42.92 9.29
C LEU U 93 4.16 -44.33 9.52
N VAL U 94 3.82 -44.66 10.77
CA VAL U 94 3.48 -46.04 11.09
C VAL U 94 2.06 -46.39 10.65
N SER U 95 1.11 -45.50 10.93
CA SER U 95 -0.29 -45.76 10.61
C SER U 95 -0.50 -45.98 9.12
N SER U 96 0.12 -45.14 8.29
CA SER U 96 -0.02 -45.27 6.84
C SER U 96 0.33 -46.68 6.38
N TRP U 97 1.46 -47.18 6.85
CA TRP U 97 1.94 -48.50 6.42
C TRP U 97 1.03 -49.61 6.94
N MET U 98 0.57 -49.51 8.18
CA MET U 98 -0.35 -50.52 8.69
C MET U 98 -1.65 -50.54 7.86
N TRP U 99 -2.23 -49.37 7.63
CA TRP U 99 -3.42 -49.24 6.81
C TRP U 99 -3.22 -49.86 5.43
N SER U 100 -2.07 -49.59 4.81
CA SER U 100 -1.74 -50.13 3.49
C SER U 100 -1.71 -51.65 3.49
N GLU U 101 -0.97 -52.24 4.44
CA GLU U 101 -0.86 -53.69 4.46
C GLU U 101 -2.21 -54.35 4.75
N TRP U 102 -3.02 -53.72 5.60
CA TRP U 102 -4.35 -54.25 5.88
C TRP U 102 -5.22 -54.25 4.62
N TRP U 103 -5.21 -53.15 3.86
CA TRP U 103 -5.99 -53.13 2.64
C TRP U 103 -5.44 -54.12 1.62
N ASN U 104 -4.11 -54.31 1.57
CA ASN U 104 -3.55 -55.36 0.75
C ASN U 104 -4.16 -56.71 1.08
N SER U 105 -4.20 -57.04 2.37
CA SER U 105 -4.73 -58.33 2.79
C SER U 105 -6.19 -58.48 2.41
N VAL U 106 -6.98 -57.41 2.57
CA VAL U 106 -8.38 -57.46 2.16
C VAL U 106 -8.49 -57.70 0.65
N TRP U 107 -7.68 -56.99 -0.13
CA TRP U 107 -7.72 -57.14 -1.57
C TRP U 107 -7.37 -58.56 -1.99
N ARG U 108 -6.49 -59.23 -1.24
CA ARG U 108 -6.20 -60.63 -1.54
C ARG U 108 -7.30 -61.57 -1.04
N ARG U 109 -7.98 -61.19 0.04
CA ARG U 109 -8.99 -62.05 0.64
C ARG U 109 -10.26 -62.08 -0.21
N ILE U 110 -10.69 -60.93 -0.71
CA ILE U 110 -11.92 -60.87 -1.50
C ILE U 110 -11.73 -61.52 -2.87
N ASN U 111 -10.53 -61.43 -3.44
CA ASN U 111 -10.28 -61.82 -4.83
C ASN U 111 -9.58 -63.18 -4.93
N LYS U 112 -9.79 -64.07 -3.97
CA LYS U 112 -9.05 -65.33 -3.96
C LYS U 112 -9.35 -66.16 -5.19
N GLY U 113 -8.30 -66.64 -5.85
CA GLY U 113 -8.44 -67.45 -7.04
C GLY U 113 -8.67 -66.66 -8.31
N LYS U 114 -8.74 -65.33 -8.22
CA LYS U 114 -8.86 -64.47 -9.38
C LYS U 114 -7.54 -63.81 -9.78
N LEU U 115 -6.66 -63.59 -8.81
CA LEU U 115 -5.41 -62.87 -9.05
C LEU U 115 -4.38 -63.80 -9.70
N TYR U 116 -3.28 -63.18 -10.17
CA TYR U 116 -2.29 -63.91 -10.94
C TYR U 116 -1.56 -64.95 -10.09
N ASN U 117 -1.22 -64.60 -8.86
CA ASN U 117 -0.47 -65.51 -8.01
C ASN U 117 -1.27 -66.75 -7.65
N ASP U 118 -2.59 -66.62 -7.51
CA ASP U 118 -3.39 -67.70 -6.95
C ASP U 118 -3.59 -68.87 -7.89
N VAL U 119 -3.35 -68.69 -9.19
CA VAL U 119 -3.63 -69.73 -10.18
C VAL U 119 -2.44 -69.88 -11.10
N PRO U 120 -1.41 -70.63 -10.70
CA PRO U 120 -0.21 -70.76 -11.53
C PRO U 120 -0.51 -71.28 -12.93
N TYR U 121 0.29 -70.81 -13.89
CA TYR U 121 0.29 -71.36 -15.23
C TYR U 121 1.09 -72.66 -15.26
N VAL U 122 0.56 -73.67 -15.95
CA VAL U 122 1.22 -74.96 -16.10
C VAL U 122 1.54 -75.14 -17.58
N TYR U 123 2.82 -75.39 -17.88
CA TYR U 123 3.28 -75.42 -19.24
C TYR U 123 2.81 -76.69 -19.96
N PRO U 124 2.56 -76.61 -21.27
CA PRO U 124 2.16 -77.79 -22.05
C PRO U 124 3.32 -78.74 -22.31
N SER V 2 -41.73 37.57 -1.28
CA SER V 2 -42.92 37.53 -2.11
C SER V 2 -43.01 36.20 -2.85
N ARG V 3 -44.25 35.72 -3.04
CA ARG V 3 -44.45 34.48 -3.78
C ARG V 3 -43.79 34.52 -5.15
N ALA V 4 -43.88 35.67 -5.84
CA ALA V 4 -43.38 35.76 -7.20
C ALA V 4 -41.89 35.48 -7.27
N VAL V 5 -41.12 36.10 -6.37
CA VAL V 5 -39.67 35.96 -6.40
C VAL V 5 -39.26 34.54 -6.03
N TYR V 6 -39.88 33.98 -4.98
CA TYR V 6 -39.59 32.61 -4.61
C TYR V 6 -39.92 31.65 -5.75
N ALA V 7 -41.01 31.90 -6.47
CA ALA V 7 -41.34 31.07 -7.61
C ALA V 7 -40.25 31.14 -8.68
N LYS V 8 -39.78 32.35 -8.97
CA LYS V 8 -38.70 32.49 -9.95
C LYS V 8 -37.46 31.73 -9.51
N LEU V 9 -37.08 31.87 -8.24
CA LEU V 9 -35.89 31.18 -7.74
C LEU V 9 -36.06 29.66 -7.80
N TRP V 10 -37.23 29.15 -7.40
CA TRP V 10 -37.49 27.72 -7.51
C TRP V 10 -37.35 27.25 -8.95
N ALA V 11 -37.96 27.99 -9.88
CA ALA V 11 -38.00 27.60 -11.28
C ALA V 11 -36.65 27.72 -11.99
N SER V 12 -35.70 28.44 -11.40
CA SER V 12 -34.42 28.66 -12.08
C SER V 12 -33.77 27.38 -12.58
N THR V 13 -33.97 26.25 -11.91
CA THR V 13 -33.29 25.00 -12.26
C THR V 13 -34.23 23.93 -12.82
N ALA V 14 -35.42 24.32 -13.28
CA ALA V 14 -36.38 23.33 -13.73
C ALA V 14 -35.85 22.50 -14.89
N GLN V 15 -34.97 23.08 -15.71
CA GLN V 15 -34.54 22.48 -16.99
C GLN V 15 -33.21 21.75 -16.86
N TYR V 16 -33.01 21.08 -15.73
CA TYR V 16 -31.76 20.37 -15.46
C TYR V 16 -31.37 19.43 -16.61
N THR V 17 -32.32 18.64 -17.11
CA THR V 17 -32.02 17.65 -18.13
C THR V 17 -31.52 18.30 -19.42
N GLN V 18 -32.07 19.46 -19.77
CA GLN V 18 -31.62 20.15 -20.98
C GLN V 18 -30.17 20.60 -20.84
N ARG V 19 -29.84 21.18 -19.69
CA ARG V 19 -28.46 21.58 -19.43
C ARG V 19 -27.52 20.39 -19.49
N ARG V 20 -27.97 19.23 -19.00
CA ARG V 20 -27.14 18.03 -19.08
C ARG V 20 -26.95 17.56 -20.52
N HIS V 21 -27.98 17.68 -21.36
CA HIS V 21 -27.81 17.37 -22.78
C HIS V 21 -26.80 18.30 -23.42
N TYR V 22 -26.86 19.59 -23.08
CA TYR V 22 -25.88 20.55 -23.57
C TYR V 22 -24.47 20.14 -23.16
N ALA V 23 -24.31 19.68 -21.92
CA ALA V 23 -23.02 19.18 -21.46
C ALA V 23 -22.54 17.99 -22.30
N TRP V 24 -23.44 17.04 -22.56
CA TRP V 24 -23.10 15.94 -23.46
C TRP V 24 -22.53 16.48 -24.77
N TYR V 25 -23.25 17.43 -25.38
CA TYR V 25 -22.82 17.99 -26.65
C TYR V 25 -21.41 18.56 -26.55
N GLN V 26 -21.17 19.39 -25.55
CA GLN V 26 -19.87 20.04 -25.42
C GLN V 26 -18.74 19.02 -25.31
N ILE V 27 -18.88 18.06 -24.39
CA ILE V 27 -17.76 17.15 -24.15
C ILE V 27 -17.53 16.27 -25.37
N TRP V 28 -18.60 15.85 -26.04
CA TRP V 28 -18.39 15.04 -27.24
C TRP V 28 -17.75 15.85 -28.35
N SER V 29 -18.06 17.15 -28.44
CA SER V 29 -17.40 17.97 -29.45
C SER V 29 -15.91 18.07 -29.16
N ARG V 30 -15.54 18.22 -27.89
CA ARG V 30 -14.11 18.23 -27.56
C ARG V 30 -13.46 16.89 -27.87
N VAL V 31 -14.17 15.79 -27.63
CA VAL V 31 -13.55 14.47 -27.65
C VAL V 31 -13.40 13.93 -29.06
N ILE V 32 -14.42 14.11 -29.91
CA ILE V 32 -14.58 13.26 -31.09
C ILE V 32 -13.46 13.40 -32.12
N PRO V 33 -12.71 14.51 -32.19
CA PRO V 33 -11.65 14.57 -33.21
C PRO V 33 -10.55 13.54 -33.02
N TRP V 34 -10.41 12.95 -31.83
CA TRP V 34 -9.45 11.87 -31.63
C TRP V 34 -9.67 10.70 -32.59
N SER V 35 -10.80 10.66 -33.28
CA SER V 35 -11.09 9.57 -34.19
C SER V 35 -10.21 9.57 -35.43
N VAL V 36 -9.54 10.68 -35.73
CA VAL V 36 -8.79 10.82 -36.97
C VAL V 36 -7.43 10.14 -36.85
N PRO V 37 -6.61 10.47 -35.84
CA PRO V 37 -5.38 9.70 -35.65
C PRO V 37 -5.61 8.19 -35.65
N TRP V 38 -6.51 7.74 -34.78
CA TRP V 38 -6.75 6.31 -34.64
C TRP V 38 -7.35 5.72 -35.90
N GLY V 39 -8.18 6.48 -36.62
CA GLY V 39 -8.69 5.99 -37.88
C GLY V 39 -7.58 5.79 -38.90
N ILE V 40 -6.66 6.74 -39.00
CA ILE V 40 -5.53 6.58 -39.90
C ILE V 40 -4.75 5.33 -39.54
N PHE V 41 -4.53 5.09 -38.25
CA PHE V 41 -3.72 3.93 -37.91
C PHE V 41 -4.45 2.62 -38.22
N ALA V 42 -5.75 2.56 -37.95
CA ALA V 42 -6.53 1.41 -38.38
C ALA V 42 -6.32 1.13 -39.85
N MET V 43 -6.52 2.16 -40.68
CA MET V 43 -6.38 1.98 -42.12
C MET V 43 -4.95 1.60 -42.50
N TRP V 44 -3.97 2.19 -41.82
CA TRP V 44 -2.57 1.86 -42.05
C TRP V 44 -2.34 0.37 -41.89
N MET V 45 -2.84 -0.20 -40.78
CA MET V 45 -2.62 -1.62 -40.52
C MET V 45 -3.40 -2.50 -41.50
N VAL V 46 -4.63 -2.10 -41.87
CA VAL V 46 -5.47 -3.00 -42.64
C VAL V 46 -5.33 -2.82 -44.16
N PHE V 47 -4.55 -1.83 -44.61
CA PHE V 47 -4.33 -1.63 -46.04
C PHE V 47 -3.69 -2.83 -46.72
N PRO V 48 -2.61 -3.42 -46.20
CA PRO V 48 -1.95 -4.53 -46.91
C PRO V 48 -2.75 -5.83 -46.87
N ALA V 49 -3.89 -5.85 -46.17
CA ALA V 49 -4.79 -6.99 -46.21
C ALA V 49 -5.78 -6.93 -47.37
N MET V 50 -5.97 -5.76 -47.96
CA MET V 50 -6.95 -5.59 -49.01
C MET V 50 -6.43 -6.12 -50.34
N PRO V 51 -7.32 -6.38 -51.30
CA PRO V 51 -6.87 -6.82 -52.62
C PRO V 51 -5.97 -5.78 -53.27
N VAL V 52 -5.07 -6.26 -54.13
CA VAL V 52 -4.13 -5.37 -54.80
C VAL V 52 -4.89 -4.29 -55.56
N GLU V 53 -6.00 -4.66 -56.20
CA GLU V 53 -6.80 -3.70 -56.93
C GLU V 53 -7.33 -2.60 -56.02
N TYR V 54 -7.78 -2.98 -54.82
CA TYR V 54 -8.32 -1.98 -53.89
C TYR V 54 -7.22 -1.09 -53.35
N ARG V 55 -6.01 -1.62 -53.14
CA ARG V 55 -4.89 -0.77 -52.77
C ARG V 55 -4.59 0.24 -53.86
N GLN V 56 -4.59 -0.20 -55.13
CA GLN V 56 -4.36 0.72 -56.23
C GLN V 56 -5.46 1.78 -56.31
N ALA V 57 -6.71 1.38 -56.09
CA ALA V 57 -7.83 2.30 -56.24
C ALA V 57 -7.86 3.33 -55.11
N LEU V 58 -7.70 2.88 -53.86
CA LEU V 58 -7.87 3.77 -52.72
C LEU V 58 -6.79 4.84 -52.66
N THR V 59 -5.65 4.61 -53.30
CA THR V 59 -4.57 5.59 -53.41
C THR V 59 -4.58 6.28 -54.76
N PHE V 60 -5.68 6.20 -55.50
CA PHE V 60 -5.84 6.87 -56.79
C PHE V 60 -4.70 6.50 -57.74
N GLY V 61 -4.24 5.25 -57.67
CA GLY V 61 -3.22 4.75 -58.55
C GLY V 61 -1.80 5.08 -58.17
N ILE V 62 -1.57 5.74 -57.04
CA ILE V 62 -0.21 6.07 -56.63
C ILE V 62 0.53 4.81 -56.19
N TRP V 63 -0.15 3.95 -55.42
CA TRP V 63 0.49 2.75 -54.90
C TRP V 63 0.56 1.68 -55.99
N GLN V 64 1.72 1.01 -56.06
CA GLN V 64 1.93 -0.10 -56.98
C GLN V 64 2.81 -1.12 -56.30
N LYS V 65 2.85 -2.32 -56.86
CA LYS V 65 3.62 -3.39 -56.26
C LYS V 65 5.09 -2.99 -56.17
N PRO V 66 5.74 -3.10 -55.01
CA PRO V 66 7.17 -2.78 -54.92
C PRO V 66 8.00 -3.55 -55.94
N ASN V 67 9.03 -2.89 -56.45
CA ASN V 67 9.94 -3.46 -57.43
C ASN V 67 11.25 -3.78 -56.73
N ILE V 68 11.50 -5.07 -56.50
CA ILE V 68 12.66 -5.56 -55.77
C ILE V 68 13.57 -6.42 -56.63
N GLY V 69 13.28 -6.51 -57.92
CA GLY V 69 14.08 -7.31 -58.84
C GLY V 69 13.89 -8.80 -58.77
N THR V 70 12.66 -9.28 -58.53
CA THR V 70 12.35 -10.70 -58.57
C THR V 70 10.95 -10.92 -59.14
N HIS V 71 10.72 -12.14 -59.61
CA HIS V 71 9.41 -12.60 -60.08
C HIS V 71 8.94 -11.82 -61.32
N GLY V 72 9.86 -11.53 -62.23
CA GLY V 72 9.53 -10.87 -63.48
C GLY V 72 8.85 -11.79 -64.47
N PRO V 73 8.35 -11.22 -65.56
CA PRO V 73 7.66 -12.02 -66.58
C PRO V 73 8.56 -13.08 -67.18
N ASP V 74 7.91 -14.10 -67.76
CA ASP V 74 8.58 -15.22 -68.40
C ASP V 74 8.28 -15.18 -69.90
N PRO V 75 9.29 -15.04 -70.78
CA PRO V 75 8.98 -14.93 -72.22
C PRO V 75 8.18 -16.10 -72.77
N LYS W 65 58.25 28.77 8.48
CA LYS W 65 58.59 28.57 9.88
C LYS W 65 58.08 27.22 10.38
N LEU W 66 56.79 26.97 10.21
CA LEU W 66 56.18 25.73 10.65
C LEU W 66 56.11 24.72 9.52
N GLU W 67 56.19 23.44 9.88
CA GLU W 67 56.07 22.37 8.92
C GLU W 67 54.61 22.17 8.53
N GLY W 68 54.40 21.78 7.28
CA GLY W 68 53.06 21.53 6.81
C GLY W 68 52.28 22.80 6.52
N SER W 69 50.96 22.65 6.56
CA SER W 69 50.01 23.68 6.15
C SER W 69 49.57 24.58 7.29
N LEU W 70 50.36 24.67 8.35
CA LEU W 70 50.03 25.50 9.49
C LEU W 70 50.61 26.90 9.31
N LEU W 71 49.94 27.88 9.92
CA LEU W 71 50.43 29.24 10.03
C LEU W 71 50.40 29.64 11.49
N PRO W 72 51.34 30.47 11.92
CA PRO W 72 51.46 30.78 13.35
C PRO W 72 50.15 31.27 13.92
N PRO W 73 49.67 30.70 15.02
CA PRO W 73 48.34 31.05 15.52
C PRO W 73 48.34 32.41 16.19
N PRO W 74 47.25 33.16 16.09
CA PRO W 74 47.12 34.36 16.93
C PRO W 74 46.98 33.99 18.40
N HIS W 75 47.44 34.89 19.26
CA HIS W 75 47.31 34.72 20.71
C HIS W 75 45.97 35.33 21.14
N ILE W 76 45.00 34.47 21.40
CA ILE W 76 43.65 34.87 21.79
C ILE W 76 43.43 34.37 23.22
N PRO W 77 43.16 35.24 24.19
CA PRO W 77 42.97 34.76 25.57
C PRO W 77 41.69 33.94 25.71
N GLY W 78 41.82 32.78 26.34
CA GLY W 78 40.74 31.83 26.47
C GLY W 78 40.84 30.64 25.55
N ILE W 79 41.84 30.60 24.66
CA ILE W 79 42.08 29.47 23.77
C ILE W 79 43.46 28.93 24.10
N ARG W 80 43.55 27.62 24.29
CA ARG W 80 44.80 26.94 24.62
C ARG W 80 45.33 26.25 23.38
N ARG W 81 46.59 26.53 23.05
CA ARG W 81 47.17 26.11 21.79
C ARG W 81 48.00 24.85 21.97
N ALA W 82 47.85 23.91 21.05
CA ALA W 82 48.71 22.75 21.01
C ALA W 82 50.07 23.15 20.42
N PRO W 83 51.13 22.43 20.78
CA PRO W 83 52.43 22.69 20.14
C PRO W 83 52.40 22.28 18.68
N ARG W 84 53.18 23.01 17.87
CA ARG W 84 53.15 22.88 16.43
C ARG W 84 54.55 22.63 15.90
N GLU W 85 54.63 21.84 14.83
CA GLU W 85 55.92 21.38 14.32
C GLU W 85 56.68 22.52 13.63
N PRO W 86 57.97 22.69 13.91
CA PRO W 86 58.80 23.55 13.07
C PRO W 86 59.18 22.87 11.77
N ALA W 87 59.55 23.70 10.79
CA ALA W 87 59.88 23.19 9.46
C ALA W 87 61.18 22.40 9.47
N SER W 88 61.29 21.47 8.52
CA SER W 88 62.45 20.60 8.38
C SER W 88 63.01 20.70 6.97
N PRO W 89 64.30 20.38 6.79
CA PRO W 89 64.91 20.49 5.46
C PRO W 89 64.43 19.38 4.52
N LYS W 90 64.07 19.78 3.30
CA LYS W 90 63.56 18.84 2.30
C LYS W 90 64.71 18.12 1.60
N MET W 91 64.40 16.95 1.05
CA MET W 91 65.37 16.13 0.35
C MET W 91 65.30 16.35 -1.16
N ALA W 92 66.32 15.81 -1.83
CA ALA W 92 66.40 15.81 -3.28
C ALA W 92 65.33 14.92 -3.89
N GLY W 93 64.80 15.33 -5.04
CA GLY W 93 63.88 14.54 -5.82
C GLY W 93 62.48 15.09 -5.79
N MET W 94 62.23 16.11 -4.98
CA MET W 94 60.94 16.76 -4.85
C MET W 94 60.90 18.10 -5.59
N GLU W 95 61.77 18.29 -6.57
CA GLU W 95 61.74 19.51 -7.39
C GLU W 95 60.57 19.43 -8.36
N GLY W 96 59.66 20.40 -8.26
CA GLY W 96 58.63 20.56 -9.25
C GLY W 96 57.46 19.61 -9.13
N ARG W 97 57.19 19.08 -7.94
CA ARG W 97 56.11 18.13 -7.72
C ARG W 97 55.20 18.65 -6.62
N MET W 98 53.96 18.19 -6.63
CA MET W 98 53.02 18.52 -5.58
C MET W 98 53.58 17.99 -4.25
N PRO W 99 53.85 18.85 -3.28
CA PRO W 99 54.64 18.41 -2.12
C PRO W 99 53.86 17.51 -1.17
N VAL W 100 54.53 16.44 -0.72
CA VAL W 100 53.98 15.47 0.21
C VAL W 100 55.04 15.23 1.28
N ARG W 101 54.66 15.39 2.54
CA ARG W 101 55.66 15.56 3.60
C ARG W 101 56.48 14.30 3.83
N LEU W 102 57.62 14.50 4.51
CA LEU W 102 58.54 13.47 4.95
C LEU W 102 58.29 13.11 6.40
N PRO W 103 58.79 11.97 6.87
CA PRO W 103 58.54 11.56 8.25
C PRO W 103 59.22 12.51 9.23
N PRO W 104 58.82 12.50 10.50
CA PRO W 104 59.49 13.35 11.48
C PRO W 104 60.98 13.09 11.57
N GLU W 105 61.69 14.07 12.14
CA GLU W 105 63.16 14.05 12.17
C GLU W 105 63.72 13.01 13.14
N GLY W 106 62.90 12.49 14.04
CA GLY W 106 63.40 11.58 15.05
C GLY W 106 62.80 10.19 14.91
N SER W 107 62.23 9.93 13.74
CA SER W 107 61.65 8.63 13.43
C SER W 107 62.71 7.69 12.85
N ARG W 108 62.33 6.41 12.75
CA ARG W 108 63.12 5.44 12.01
C ARG W 108 62.83 5.50 10.52
N PHE W 109 61.64 5.95 10.14
CA PHE W 109 61.28 6.03 8.72
C PHE W 109 62.18 7.01 7.98
N ARG W 110 62.53 8.12 8.62
CA ARG W 110 63.35 9.14 7.95
C ARG W 110 64.78 8.68 7.71
N GLN W 111 65.16 7.50 8.21
CA GLN W 111 66.46 6.92 7.91
C GLN W 111 66.48 6.21 6.57
N TYR W 112 65.31 5.86 6.02
CA TYR W 112 65.23 5.05 4.83
C TYR W 112 64.32 5.61 3.75
N VAL W 113 63.71 6.77 3.96
CA VAL W 113 62.88 7.37 2.93
C VAL W 113 63.77 7.92 1.82
N ASP W 114 63.32 7.80 0.58
CA ASP W 114 64.09 8.23 -0.58
C ASP W 114 63.11 8.67 -1.66
N PRO W 115 62.82 9.98 -1.74
CA PRO W 115 61.84 10.43 -2.74
C PRO W 115 62.22 10.04 -4.17
N ARG W 116 63.50 9.97 -4.49
CA ARG W 116 63.92 9.65 -5.86
C ARG W 116 63.41 8.30 -6.32
N ALA W 117 62.87 7.47 -5.44
CA ALA W 117 62.34 6.18 -5.84
C ALA W 117 60.92 6.25 -6.36
N ASP W 118 60.21 7.37 -6.15
CA ASP W 118 58.84 7.46 -6.60
C ASP W 118 58.73 7.47 -8.12
N VAL W 119 59.85 7.60 -8.82
CA VAL W 119 59.84 7.68 -10.28
C VAL W 119 59.85 6.29 -10.90
N TYR W 120 60.53 5.34 -10.27
CA TYR W 120 60.61 3.99 -10.77
C TYR W 120 59.49 3.09 -10.25
N PHE W 121 58.69 3.57 -9.30
CA PHE W 121 57.69 2.71 -8.66
C PHE W 121 56.73 2.07 -9.64
N PRO W 122 56.24 2.74 -10.68
CA PRO W 122 55.32 2.07 -11.61
C PRO W 122 55.86 0.77 -12.19
N LEU W 123 57.19 0.62 -12.24
CA LEU W 123 57.80 -0.63 -12.66
C LEU W 123 58.03 -1.57 -11.48
N THR W 124 58.43 -1.02 -10.35
CA THR W 124 58.67 -1.81 -9.15
C THR W 124 57.43 -2.61 -8.77
N ALA W 125 56.26 -1.97 -8.80
CA ALA W 125 55.03 -2.66 -8.40
C ALA W 125 54.82 -3.93 -9.23
N VAL W 126 54.90 -3.79 -10.56
CA VAL W 126 54.65 -4.93 -11.43
C VAL W 126 55.71 -5.99 -11.22
N LEU W 127 56.98 -5.59 -11.28
CA LEU W 127 58.05 -6.57 -11.06
C LEU W 127 57.77 -7.37 -9.81
N VAL W 128 57.66 -6.70 -8.67
CA VAL W 128 57.55 -7.39 -7.39
C VAL W 128 56.32 -8.29 -7.35
N THR W 129 55.15 -7.77 -7.73
CA THR W 129 53.90 -8.49 -7.45
C THR W 129 53.49 -9.46 -8.55
N LEU W 130 54.10 -9.41 -9.74
CA LEU W 130 53.71 -10.29 -10.82
C LEU W 130 54.85 -11.10 -11.41
N GLY W 131 56.12 -10.69 -11.25
CA GLY W 131 57.23 -11.43 -11.75
C GLY W 131 57.42 -12.75 -11.04
N PRO W 132 57.40 -12.76 -9.71
CA PRO W 132 57.55 -14.04 -9.00
C PRO W 132 56.49 -15.06 -9.36
N LEU W 133 55.24 -14.61 -9.54
CA LEU W 133 54.19 -15.53 -9.96
C LEU W 133 54.49 -16.09 -11.35
N TYR W 134 54.98 -15.23 -12.25
CA TYR W 134 55.35 -15.70 -13.59
C TYR W 134 56.46 -16.73 -13.52
N MET W 135 57.48 -16.47 -12.69
CA MET W 135 58.58 -17.41 -12.55
C MET W 135 58.10 -18.75 -12.02
N PHE W 136 57.30 -18.72 -10.94
CA PHE W 136 56.75 -19.94 -10.38
C PHE W 136 55.95 -20.72 -11.41
N SER W 137 55.06 -20.02 -12.13
CA SER W 137 54.23 -20.66 -13.14
C SER W 137 55.06 -21.32 -14.22
N LYS W 138 56.03 -20.58 -14.78
CA LYS W 138 56.86 -21.15 -15.83
C LYS W 138 57.67 -22.32 -15.31
N ALA W 139 57.98 -22.33 -14.00
CA ALA W 139 58.74 -23.43 -13.45
C ALA W 139 57.90 -24.69 -13.29
N PHE W 140 56.64 -24.55 -12.83
CA PHE W 140 55.87 -25.72 -12.43
C PHE W 140 54.60 -25.98 -13.21
N PHE W 141 54.01 -24.97 -13.85
CA PHE W 141 52.78 -25.19 -14.61
C PHE W 141 53.09 -25.34 -16.10
N SER X 53 22.84 -5.22 16.11
CA SER X 53 22.72 -4.03 16.94
C SER X 53 21.28 -3.94 17.46
N TYR X 54 21.11 -3.24 18.58
CA TYR X 54 19.79 -3.08 19.17
C TYR X 54 18.96 -2.09 18.35
N GLY X 55 17.71 -2.45 18.10
CA GLY X 55 16.81 -1.58 17.36
C GLY X 55 16.97 -1.67 15.86
N ASN X 56 17.21 -2.88 15.37
CA ASN X 56 17.47 -3.13 13.95
C ASN X 56 16.85 -4.47 13.58
N GLY X 57 16.46 -4.61 12.32
CA GLY X 57 15.70 -5.76 11.89
C GLY X 57 16.45 -6.76 11.04
N THR X 58 17.72 -6.48 10.73
CA THR X 58 18.53 -7.39 9.91
C THR X 58 19.09 -8.48 10.81
N VAL X 59 18.62 -9.71 10.61
CA VAL X 59 18.87 -10.80 11.54
C VAL X 59 19.33 -12.06 10.81
N LEU X 60 19.16 -12.09 9.49
CA LEU X 60 19.44 -13.28 8.71
C LEU X 60 20.70 -13.17 7.86
N MET X 61 21.22 -11.96 7.65
CA MET X 61 22.46 -11.79 6.90
C MET X 61 23.68 -12.14 7.76
N PRO X 62 23.67 -11.86 9.06
CA PRO X 62 24.78 -12.34 9.91
C PRO X 62 24.98 -13.84 9.87
N ILE X 63 23.88 -14.59 9.92
CA ILE X 63 23.97 -16.05 9.84
C ILE X 63 24.60 -16.46 8.51
N VAL X 64 24.19 -15.82 7.42
CA VAL X 64 24.74 -16.15 6.11
C VAL X 64 26.20 -15.79 6.04
N ARG X 65 26.60 -14.70 6.70
CA ARG X 65 28.00 -14.34 6.78
C ARG X 65 28.83 -15.47 7.39
N ARG X 66 28.40 -15.94 8.57
CA ARG X 66 29.16 -16.99 9.24
C ARG X 66 29.15 -18.28 8.42
N VAL X 67 28.02 -18.62 7.81
CA VAL X 67 27.95 -19.84 7.00
C VAL X 67 28.89 -19.74 5.81
N PHE X 68 28.94 -18.57 5.15
CA PHE X 68 29.81 -18.42 3.99
C PHE X 68 31.28 -18.54 4.39
N ILE X 69 31.67 -17.91 5.49
CA ILE X 69 33.07 -17.97 5.91
C ILE X 69 33.45 -19.41 6.26
N GLY X 70 32.66 -20.06 7.11
CA GLY X 70 32.72 -21.50 7.24
C GLY X 70 32.94 -22.28 5.96
N ALA X 71 32.06 -22.06 4.99
CA ALA X 71 32.06 -22.87 3.78
C ALA X 71 33.33 -22.65 2.97
N LEU X 72 33.82 -21.42 2.94
CA LEU X 72 35.07 -21.17 2.23
C LEU X 72 36.24 -21.86 2.92
N VAL X 73 36.28 -21.82 4.25
CA VAL X 73 37.36 -22.52 4.97
C VAL X 73 37.32 -24.00 4.63
N GLY X 74 36.14 -24.63 4.78
CA GLY X 74 35.90 -25.96 4.27
C GLY X 74 36.44 -26.26 2.89
N ILE X 75 36.00 -25.47 1.92
CA ILE X 75 36.32 -25.71 0.52
C ILE X 75 37.82 -25.64 0.30
N TYR X 76 38.48 -24.65 0.91
CA TYR X 76 39.91 -24.52 0.72
C TYR X 76 40.67 -25.68 1.38
N ALA X 77 40.24 -26.10 2.57
CA ALA X 77 40.87 -27.28 3.17
C ALA X 77 40.78 -28.47 2.23
N TYR X 78 39.57 -28.77 1.76
CA TYR X 78 39.40 -29.95 0.91
C TYR X 78 40.18 -29.80 -0.38
N ALA X 79 40.23 -28.60 -0.93
CA ALA X 79 40.95 -28.40 -2.19
C ALA X 79 42.45 -28.59 -2.01
N ALA X 80 42.99 -28.13 -0.88
CA ALA X 80 44.39 -28.38 -0.59
C ALA X 80 44.67 -29.86 -0.46
N THR X 81 43.76 -30.59 0.21
CA THR X 81 43.93 -32.03 0.32
C THR X 81 43.86 -32.72 -1.04
N ASP X 82 42.91 -32.30 -1.88
CA ASP X 82 42.61 -33.02 -3.11
C ASP X 82 43.63 -32.72 -4.20
N VAL X 83 43.89 -31.44 -4.46
CA VAL X 83 44.65 -31.05 -5.64
C VAL X 83 46.15 -31.01 -5.42
N VAL X 84 46.60 -30.89 -4.18
CA VAL X 84 48.02 -30.67 -3.89
C VAL X 84 48.58 -31.80 -3.05
N LEU X 85 48.04 -31.99 -1.84
CA LEU X 85 48.71 -32.81 -0.83
C LEU X 85 48.72 -34.28 -1.22
N ILE X 86 47.58 -34.83 -1.64
CA ILE X 86 47.53 -36.25 -1.97
C ILE X 86 48.50 -36.59 -3.10
N PRO X 87 48.53 -35.84 -4.22
CA PRO X 87 49.62 -36.04 -5.21
C PRO X 87 51.01 -35.83 -4.64
N GLY X 88 51.21 -34.74 -3.90
CA GLY X 88 52.50 -34.50 -3.28
C GLY X 88 53.02 -35.71 -2.53
N TYR X 89 52.14 -36.41 -1.81
CA TYR X 89 52.56 -37.60 -1.08
C TYR X 89 52.96 -38.74 -2.00
N ALA X 90 52.57 -38.67 -3.28
CA ALA X 90 53.12 -39.59 -4.27
C ALA X 90 54.47 -39.12 -4.77
N GLN X 91 54.75 -37.81 -4.70
CA GLN X 91 56.08 -37.31 -5.05
C GLN X 91 57.04 -37.23 -3.87
N LEU X 92 56.55 -37.36 -2.64
CA LEU X 92 57.42 -37.28 -1.46
C LEU X 92 58.24 -38.56 -1.30
#